data_5Q0C
#
_entry.id   5Q0C
#
_cell.length_a   222.475
_cell.length_b   240.518
_cell.length_c   138.979
_cell.angle_alpha   90.000
_cell.angle_beta   90.000
_cell.angle_gamma   90.000
#
_symmetry.space_group_name_H-M   'C 2 2 21'
#
loop_
_entity.id
_entity.type
_entity.pdbx_description
1 polymer 'Fructose-1,6-bisphosphatase isozyme 2'
2 non-polymer N-[(5-bromo-1,3-thiazol-2-yl)carbamoyl]-5-(4-methoxyphenyl)thiophene-2-sulfonamide
3 non-polymer 2,6-di-O-phosphono-beta-D-fructofuranose
4 water water
#
_entity_poly.entity_id   1
_entity_poly.type   'polypeptide(L)'
_entity_poly.pdbx_seq_one_letter_code
;MTDRSPFETDMLTLTRYVMEKGRQAKGTGELTQLLNSMLTAIKAISSAVRKAGLAHLYGIAGSVNVTGDEVKKLDVLSNS
LVINMLQSSYSTCVLVSEENKDAIITAKEKRGKYVVCFDPLDGSSNIDCLASIGTIFAIYRKTSEDEPSEKDALQCGRNI
VAAGYALYGSATLVALSTGQGVDLFMLDPALGEFVLVEKDVKIKKKGKIYSLNEGYAKYFDAATTEYVQKKKFPEDGSAP
YGARYVGSMVADVHRTLVYGGIFLYPANQKSPKGKLRLLYECNPVAYIIEQAGGLATTGTQPVLDVKPEAIHQRVPLILG
SPEDVQEYLTCVQKNQAGS
;
_entity_poly.pdbx_strand_id   A,B,C,D,E,F,G,H
#
loop_
_chem_comp.id
_chem_comp.type
_chem_comp.name
_chem_comp.formula
96G non-polymer N-[(5-bromo-1,3-thiazol-2-yl)carbamoyl]-5-(4-methoxyphenyl)thiophene-2-sulfonamide 'C15 H12 Br N3 O4 S3'
FDP D-saccharide, beta linking 2,6-di-O-phosphono-beta-D-fructofuranose 'C6 H14 O12 P2'
#
# COMPACT_ATOMS: atom_id res chain seq x y z
N THR A 9 6.83 -13.01 33.91
CA THR A 9 7.22 -12.93 32.50
C THR A 9 6.22 -13.70 31.61
N ASP A 10 6.67 -14.17 30.45
CA ASP A 10 5.76 -14.76 29.48
C ASP A 10 5.42 -16.21 29.81
N MET A 11 4.20 -16.60 29.43
CA MET A 11 3.76 -18.00 29.48
C MET A 11 4.15 -18.71 28.19
N LEU A 12 4.98 -19.73 28.29
CA LEU A 12 5.49 -20.39 27.11
C LEU A 12 4.98 -21.83 27.05
N THR A 13 4.49 -22.20 25.88
CA THR A 13 4.16 -23.57 25.56
C THR A 13 5.40 -24.24 24.99
N LEU A 14 5.39 -25.58 24.97
CA LEU A 14 6.59 -26.32 24.55
C LEU A 14 6.98 -25.95 23.12
N THR A 15 6.00 -25.94 22.21
CA THR A 15 6.31 -25.69 20.80
C THR A 15 6.72 -24.23 20.57
N ARG A 16 6.17 -23.28 21.33
CA ARG A 16 6.64 -21.90 21.22
C ARG A 16 8.09 -21.83 21.68
N TYR A 17 8.40 -22.47 22.81
CA TYR A 17 9.76 -22.50 23.37
C TYR A 17 10.75 -23.14 22.40
N VAL A 18 10.33 -24.24 21.75
CA VAL A 18 11.21 -24.92 20.80
C VAL A 18 11.42 -24.10 19.52
N MET A 19 10.34 -23.49 18.98
CA MET A 19 10.46 -22.66 17.79
C MET A 19 11.43 -21.52 18.01
N GLU A 20 11.33 -20.86 19.17
CA GLU A 20 12.23 -19.76 19.48
C GLU A 20 13.68 -20.21 19.45
N LYS A 21 13.99 -21.37 20.06
CA LYS A 21 15.35 -21.90 20.05
C LYS A 21 15.78 -22.31 18.64
N GLY A 22 14.88 -22.95 17.89
CA GLY A 22 15.20 -23.32 16.52
C GLY A 22 15.39 -22.11 15.62
N ARG A 23 14.72 -20.99 15.93
CA ARG A 23 14.94 -19.77 15.16
C ARG A 23 16.29 -19.15 15.46
N GLN A 24 16.63 -18.97 16.74
CA GLN A 24 17.89 -18.33 17.08
C GLN A 24 19.09 -19.17 16.65
N ALA A 25 18.92 -20.49 16.56
CA ALA A 25 19.94 -21.38 16.02
C ALA A 25 19.88 -21.47 14.50
N LYS A 26 18.93 -20.79 13.86
CA LYS A 26 18.84 -20.73 12.40
C LYS A 26 18.78 -22.13 11.79
N GLY A 27 18.01 -23.04 12.41
CA GLY A 27 17.86 -24.37 11.86
C GLY A 27 16.91 -24.47 10.69
N THR A 28 16.89 -25.65 10.07
CA THR A 28 16.01 -25.89 8.92
C THR A 28 14.55 -26.05 9.34
N GLY A 29 14.28 -26.32 10.62
CA GLY A 29 12.95 -26.61 11.11
C GLY A 29 12.64 -28.08 11.34
N GLU A 30 13.55 -28.99 10.95
CA GLU A 30 13.22 -30.41 10.89
C GLU A 30 13.10 -31.03 12.29
N LEU A 31 13.92 -30.59 13.24
CA LEU A 31 13.80 -31.07 14.61
C LEU A 31 12.53 -30.56 15.26
N THR A 32 12.26 -29.25 15.12
CA THR A 32 11.04 -28.65 15.64
C THR A 32 9.81 -29.39 15.12
N GLN A 33 9.83 -29.73 13.84
CA GLN A 33 8.71 -30.46 13.27
C GLN A 33 8.64 -31.87 13.82
N LEU A 34 9.79 -32.51 14.00
CA LEU A 34 9.79 -33.84 14.60
C LEU A 34 9.24 -33.79 16.02
N LEU A 35 9.77 -32.88 16.86
CA LEU A 35 9.30 -32.78 18.24
C LEU A 35 7.82 -32.46 18.30
N ASN A 36 7.35 -31.56 17.43
CA ASN A 36 5.94 -31.22 17.40
C ASN A 36 5.06 -32.45 17.14
N SER A 37 5.50 -33.31 16.22
CA SER A 37 4.77 -34.56 15.97
C SER A 37 4.85 -35.51 17.18
N MET A 38 6.01 -35.57 17.84
CA MET A 38 6.11 -36.44 19.01
C MET A 38 5.16 -35.98 20.12
N LEU A 39 5.07 -34.67 20.33
CA LEU A 39 4.21 -34.15 21.38
C LEU A 39 2.73 -34.35 21.07
N THR A 40 2.37 -34.32 19.79
CA THR A 40 1.01 -34.66 19.43
C THR A 40 0.71 -36.12 19.75
N ALA A 41 1.66 -37.02 19.46
CA ALA A 41 1.49 -38.42 19.84
C ALA A 41 1.36 -38.58 21.34
N ILE A 42 2.20 -37.86 22.10
CA ILE A 42 2.16 -37.97 23.56
C ILE A 42 0.82 -37.50 24.11
N LYS A 43 0.32 -36.36 23.60
CA LYS A 43 -0.99 -35.91 24.04
C LYS A 43 -2.07 -36.93 23.72
N ALA A 44 -1.98 -37.56 22.54
CA ALA A 44 -2.96 -38.58 22.21
C ALA A 44 -2.83 -39.80 23.13
N ILE A 45 -1.60 -40.19 23.48
CA ILE A 45 -1.39 -41.31 24.42
C ILE A 45 -1.94 -40.94 25.80
N SER A 46 -1.61 -39.75 26.27
CA SER A 46 -2.11 -39.30 27.57
C SER A 46 -3.64 -39.38 27.65
N SER A 47 -4.33 -38.97 26.59
CA SER A 47 -5.79 -39.02 26.61
C SER A 47 -6.31 -40.45 26.69
N ALA A 48 -5.68 -41.37 25.95
CA ALA A 48 -6.08 -42.77 26.00
C ALA A 48 -5.72 -43.39 27.35
N VAL A 49 -4.57 -43.02 27.91
CA VAL A 49 -4.18 -43.56 29.22
C VAL A 49 -5.18 -43.15 30.30
N ARG A 50 -5.65 -41.90 30.27
CA ARG A 50 -6.65 -41.43 31.21
C ARG A 50 -8.04 -41.99 30.93
N LYS A 51 -8.18 -42.82 29.89
CA LYS A 51 -9.40 -43.59 29.59
C LYS A 51 -10.51 -42.74 28.98
N ALA A 52 -10.15 -41.70 28.25
CA ALA A 52 -11.14 -40.95 27.49
C ALA A 52 -11.91 -41.90 26.59
N GLY A 53 -13.24 -41.81 26.61
CA GLY A 53 -14.08 -42.65 25.78
C GLY A 53 -14.38 -44.02 26.33
N LEU A 54 -13.99 -44.31 27.58
CA LEU A 54 -14.25 -45.62 28.15
C LEU A 54 -15.75 -45.96 28.15
N ALA A 55 -16.63 -44.96 28.32
CA ALA A 55 -18.06 -45.21 28.38
C ALA A 55 -18.58 -45.85 27.09
N HIS A 56 -17.95 -45.55 25.95
CA HIS A 56 -18.36 -46.15 24.69
C HIS A 56 -17.91 -47.61 24.58
N LEU A 57 -16.80 -47.98 25.24
CA LEU A 57 -16.42 -49.38 25.30
C LEU A 57 -17.40 -50.19 26.14
N TYR A 58 -18.03 -49.58 27.14
CA TYR A 58 -18.92 -50.31 28.02
C TYR A 58 -20.39 -50.13 27.64
N GLY A 59 -20.65 -49.70 26.40
CA GLY A 59 -21.99 -49.77 25.84
C GLY A 59 -22.90 -48.58 26.06
N ILE A 60 -22.36 -47.37 26.19
CA ILE A 60 -23.23 -46.23 26.46
C ILE A 60 -24.18 -46.02 25.29
N ALA A 61 -23.74 -46.31 24.07
CA ALA A 61 -24.58 -46.18 22.89
C ALA A 61 -25.09 -47.52 22.38
N GLY A 62 -24.94 -48.58 23.17
CA GLY A 62 -25.41 -49.90 22.81
C GLY A 62 -24.37 -50.85 22.23
N SER A 63 -23.11 -50.43 22.10
CA SER A 63 -22.05 -51.29 21.58
C SER A 63 -21.07 -51.58 22.71
N VAL A 64 -21.22 -52.75 23.33
CA VAL A 64 -20.33 -53.17 24.40
C VAL A 64 -19.08 -53.77 23.75
N ASN A 65 -17.91 -53.32 24.19
CA ASN A 65 -16.66 -53.74 23.60
C ASN A 65 -15.57 -53.62 24.67
N VAL A 66 -15.70 -54.42 25.74
CA VAL A 66 -14.74 -54.37 26.84
C VAL A 66 -13.44 -55.05 26.41
N THR A 67 -12.32 -54.37 26.65
CA THR A 67 -11.02 -54.88 26.21
C THR A 67 -10.54 -55.95 27.20
N GLY A 68 -10.24 -57.14 26.67
CA GLY A 68 -9.75 -58.22 27.52
C GLY A 68 -8.35 -57.98 28.03
N ASP A 69 -7.50 -57.33 27.23
CA ASP A 69 -6.13 -56.99 27.62
C ASP A 69 -5.95 -55.48 27.49
N GLU A 70 -5.91 -54.79 28.64
CA GLU A 70 -5.66 -53.36 28.64
C GLU A 70 -4.23 -53.04 28.26
N VAL A 71 -3.27 -53.85 28.72
CA VAL A 71 -1.86 -53.58 28.47
C VAL A 71 -1.50 -53.86 27.01
N LYS A 72 -2.20 -54.79 26.36
CA LYS A 72 -1.94 -55.05 24.94
C LYS A 72 -2.53 -53.96 24.05
N LYS A 73 -3.76 -53.53 24.35
CA LYS A 73 -4.38 -52.51 23.50
C LYS A 73 -3.63 -51.18 23.59
N LEU A 74 -3.23 -50.78 24.81
CA LEU A 74 -2.64 -49.47 25.00
C LEU A 74 -1.22 -49.38 24.43
N ASP A 75 -0.40 -50.40 24.62
CA ASP A 75 0.93 -50.30 24.01
C ASP A 75 0.86 -50.47 22.50
N VAL A 76 -0.09 -51.25 21.99
CA VAL A 76 -0.25 -51.29 20.53
C VAL A 76 -0.74 -49.95 20.01
N LEU A 77 -1.71 -49.35 20.72
CA LEU A 77 -2.21 -48.04 20.32
C LEU A 77 -1.13 -46.97 20.46
N SER A 78 -0.41 -46.97 21.59
CA SER A 78 0.73 -46.07 21.78
C SER A 78 1.74 -46.18 20.66
N ASN A 79 2.15 -47.41 20.37
CA ASN A 79 3.15 -47.64 19.33
C ASN A 79 2.69 -47.06 17.98
N SER A 80 1.42 -47.29 17.62
CA SER A 80 0.91 -46.76 16.35
C SER A 80 0.89 -45.24 16.36
N LEU A 81 0.53 -44.64 17.49
CA LEU A 81 0.49 -43.18 17.57
C LEU A 81 1.86 -42.57 17.31
N VAL A 82 2.90 -43.08 17.99
CA VAL A 82 4.24 -42.55 17.81
C VAL A 82 4.73 -42.79 16.39
N ILE A 83 4.62 -44.02 15.91
CA ILE A 83 5.15 -44.35 14.58
C ILE A 83 4.49 -43.48 13.52
N ASN A 84 3.16 -43.38 13.59
CA ASN A 84 2.42 -42.64 12.59
C ASN A 84 2.74 -41.14 12.66
N MET A 85 2.79 -40.57 13.87
CA MET A 85 3.08 -39.14 13.99
C MET A 85 4.51 -38.83 13.55
N LEU A 86 5.46 -39.70 13.88
CA LEU A 86 6.84 -39.43 13.53
C LEU A 86 7.06 -39.55 12.02
N GLN A 87 6.56 -40.63 11.43
CA GLN A 87 6.72 -40.82 9.99
C GLN A 87 6.06 -39.68 9.22
N SER A 88 4.87 -39.27 9.67
CA SER A 88 4.14 -38.20 9.01
C SER A 88 4.79 -36.84 9.19
N SER A 89 5.80 -36.72 10.07
CA SER A 89 6.49 -35.45 10.28
C SER A 89 7.43 -35.09 9.13
N TYR A 90 7.76 -36.06 8.27
CA TYR A 90 8.77 -35.91 7.20
C TYR A 90 10.17 -35.65 7.75
N SER A 91 10.42 -35.98 9.01
CA SER A 91 11.70 -35.72 9.64
C SER A 91 12.49 -36.98 9.94
N THR A 92 11.94 -38.16 9.66
CA THR A 92 12.55 -39.38 10.14
C THR A 92 12.98 -40.25 8.98
N CYS A 93 14.02 -41.05 9.22
CA CYS A 93 14.37 -42.10 8.29
C CYS A 93 14.35 -43.47 8.91
N VAL A 94 14.64 -43.57 10.21
CA VAL A 94 14.71 -44.84 10.93
C VAL A 94 14.09 -44.68 12.30
N LEU A 95 13.22 -45.61 12.66
CA LEU A 95 12.65 -45.70 13.99
C LEU A 95 13.05 -47.02 14.62
N VAL A 96 13.39 -46.98 15.90
CA VAL A 96 13.54 -48.18 16.70
C VAL A 96 12.51 -48.08 17.81
N SER A 97 11.65 -49.08 17.89
CA SER A 97 10.61 -49.13 18.88
C SER A 97 10.80 -50.36 19.74
N GLU A 98 10.57 -50.20 21.04
CA GLU A 98 10.49 -51.33 21.95
C GLU A 98 9.56 -52.41 21.42
N GLU A 99 8.57 -52.04 20.61
CA GLU A 99 7.51 -52.95 20.20
C GLU A 99 7.79 -53.71 18.91
N ASN A 100 8.86 -53.37 18.19
CA ASN A 100 9.14 -53.91 16.86
C ASN A 100 10.51 -54.60 16.87
N LYS A 101 10.57 -55.83 16.35
CA LYS A 101 11.82 -56.58 16.38
C LYS A 101 12.92 -55.88 15.60
N ASP A 102 12.62 -55.42 14.40
CA ASP A 102 13.57 -54.71 13.54
C ASP A 102 13.31 -53.22 13.53
N ALA A 103 14.34 -52.49 13.13
CA ALA A 103 14.17 -51.06 12.90
C ALA A 103 13.14 -50.84 11.81
N ILE A 104 12.47 -49.70 11.87
CA ILE A 104 11.41 -49.36 10.95
C ILE A 104 11.94 -48.27 10.02
N ILE A 105 12.09 -48.60 8.75
CA ILE A 105 12.63 -47.64 7.79
C ILE A 105 11.49 -46.84 7.19
N THR A 106 11.58 -45.52 7.30
CA THR A 106 10.57 -44.63 6.75
C THR A 106 10.50 -44.77 5.23
N ALA A 107 9.29 -44.70 4.68
CA ALA A 107 9.12 -44.72 3.24
C ALA A 107 9.90 -43.58 2.58
N LYS A 108 10.40 -43.85 1.36
CA LYS A 108 11.36 -42.95 0.71
C LYS A 108 10.81 -41.53 0.59
N GLU A 109 9.52 -41.40 0.27
CA GLU A 109 8.92 -40.09 0.07
C GLU A 109 8.67 -39.31 1.37
N LYS A 110 8.75 -39.96 2.52
CA LYS A 110 8.59 -39.28 3.81
C LYS A 110 9.89 -39.15 4.56
N ARG A 111 11.02 -39.51 3.94
CA ARG A 111 12.29 -39.59 4.66
C ARG A 111 12.81 -38.21 5.06
N GLY A 112 13.29 -38.11 6.30
CA GLY A 112 14.01 -36.95 6.77
C GLY A 112 15.32 -37.41 7.37
N LYS A 113 16.02 -36.54 8.10
CA LYS A 113 17.39 -36.84 8.50
C LYS A 113 17.52 -37.43 9.90
N TYR A 114 16.43 -37.72 10.61
CA TYR A 114 16.53 -38.09 12.01
C TYR A 114 16.12 -39.54 12.29
N VAL A 115 16.82 -40.10 13.27
CA VAL A 115 16.59 -41.43 13.81
C VAL A 115 15.95 -41.26 15.18
N VAL A 116 14.90 -42.02 15.47
CA VAL A 116 14.22 -41.96 16.77
C VAL A 116 14.14 -43.34 17.38
N CYS A 117 14.62 -43.47 18.62
CA CYS A 117 14.50 -44.66 19.44
C CYS A 117 13.51 -44.38 20.56
N PHE A 118 12.50 -45.22 20.70
CA PHE A 118 11.49 -44.89 21.69
C PHE A 118 10.86 -46.14 22.28
N ASP A 119 10.49 -46.01 23.55
CA ASP A 119 9.60 -46.95 24.22
C ASP A 119 8.24 -46.25 24.29
N PRO A 120 7.24 -46.70 23.54
CA PRO A 120 5.98 -45.93 23.49
C PRO A 120 5.16 -46.00 24.77
N LEU A 121 5.24 -47.10 25.52
CA LEU A 121 4.48 -47.18 26.77
C LEU A 121 5.31 -48.00 27.76
N ASP A 122 6.18 -47.30 28.47
CA ASP A 122 7.04 -47.91 29.45
C ASP A 122 6.30 -48.15 30.77
N GLY A 123 6.66 -49.25 31.42
CA GLY A 123 6.09 -49.63 32.70
C GLY A 123 4.85 -50.47 32.50
N SER A 124 4.93 -51.44 31.58
CA SER A 124 3.71 -52.12 31.13
C SER A 124 3.04 -52.91 32.25
N SER A 125 3.82 -53.46 33.20
CA SER A 125 3.25 -54.17 34.33
C SER A 125 2.47 -53.26 35.30
N ASN A 126 2.57 -51.94 35.16
CA ASN A 126 1.81 -50.99 35.98
C ASN A 126 0.52 -50.51 35.30
N ILE A 127 0.21 -50.97 34.08
CA ILE A 127 -0.97 -50.45 33.36
C ILE A 127 -2.28 -50.86 34.05
N ASP A 128 -2.40 -52.14 34.43
CA ASP A 128 -3.66 -52.64 34.97
C ASP A 128 -3.93 -52.19 36.41
N CYS A 129 -2.91 -51.78 37.17
CA CYS A 129 -3.09 -51.26 38.51
C CYS A 129 -3.05 -49.73 38.56
N LEU A 130 -2.94 -49.07 37.40
CA LEU A 130 -3.10 -47.62 37.24
C LEU A 130 -1.97 -46.83 37.90
N ALA A 131 -0.81 -47.45 38.11
CA ALA A 131 0.33 -46.69 38.58
C ALA A 131 0.94 -45.93 37.41
N SER A 132 1.90 -45.05 37.70
CA SER A 132 2.43 -44.16 36.68
C SER A 132 3.07 -44.97 35.56
N ILE A 133 2.91 -44.47 34.33
CA ILE A 133 3.54 -45.05 33.13
C ILE A 133 4.06 -43.90 32.27
N GLY A 134 4.74 -44.24 31.18
CA GLY A 134 5.36 -43.18 30.42
C GLY A 134 5.77 -43.57 29.01
N THR A 135 6.39 -42.59 28.34
CA THR A 135 6.93 -42.69 26.98
C THR A 135 8.36 -42.14 27.03
N ILE A 136 9.30 -42.84 26.39
CA ILE A 136 10.70 -42.46 26.43
C ILE A 136 11.20 -42.37 25.00
N PHE A 137 12.01 -41.35 24.71
CA PHE A 137 12.55 -41.20 23.36
C PHE A 137 13.93 -40.56 23.34
N ALA A 138 14.70 -40.96 22.35
CA ALA A 138 16.00 -40.38 22.04
C ALA A 138 16.10 -40.18 20.54
N ILE A 139 16.65 -39.03 20.13
CA ILE A 139 16.71 -38.60 18.74
C ILE A 139 18.17 -38.46 18.34
N TYR A 140 18.52 -39.05 17.20
CA TYR A 140 19.85 -38.96 16.60
C TYR A 140 19.77 -38.43 15.17
N ARG A 141 20.86 -37.82 14.69
CA ARG A 141 20.98 -37.49 13.28
C ARG A 141 21.54 -38.69 12.53
N LYS A 142 20.92 -39.00 11.40
CA LYS A 142 21.48 -39.99 10.49
C LYS A 142 22.89 -39.58 10.11
N THR A 143 23.83 -40.50 10.23
CA THR A 143 25.23 -40.21 9.95
C THR A 143 25.74 -40.84 8.66
N SER A 144 25.20 -41.99 8.28
CA SER A 144 25.61 -42.64 7.04
C SER A 144 25.15 -41.86 5.81
N GLU A 145 25.93 -41.99 4.73
CA GLU A 145 25.56 -41.45 3.43
C GLU A 145 24.69 -42.41 2.62
N ASP A 146 24.63 -43.67 3.05
CA ASP A 146 23.97 -44.76 2.33
C ASP A 146 22.44 -44.70 2.44
N GLU A 147 21.82 -45.84 2.18
CA GLU A 147 20.42 -46.05 2.45
C GLU A 147 20.22 -46.13 3.96
N PRO A 148 19.07 -45.68 4.47
CA PRO A 148 18.78 -45.88 5.90
C PRO A 148 18.77 -47.35 6.29
N SER A 149 19.41 -47.67 7.41
CA SER A 149 19.33 -49.02 7.95
C SER A 149 19.43 -48.93 9.47
N GLU A 150 19.25 -50.09 10.13
CA GLU A 150 19.27 -50.08 11.57
C GLU A 150 20.63 -49.66 12.13
N LYS A 151 21.69 -49.66 11.31
CA LYS A 151 22.97 -49.16 11.75
C LYS A 151 22.91 -47.67 12.14
N ASP A 152 21.94 -46.91 11.60
CA ASP A 152 21.81 -45.52 11.99
C ASP A 152 21.32 -45.35 13.43
N ALA A 153 20.67 -46.36 13.99
CA ALA A 153 20.23 -46.34 15.37
C ALA A 153 21.27 -46.87 16.36
N LEU A 154 22.38 -47.44 15.88
CA LEU A 154 23.39 -48.03 16.76
C LEU A 154 24.48 -47.05 17.13
N GLN A 155 24.15 -45.77 17.26
CA GLN A 155 25.07 -44.79 17.79
C GLN A 155 25.01 -44.77 19.31
N CYS A 156 26.12 -44.44 19.92
CA CYS A 156 26.10 -44.36 21.36
C CYS A 156 25.53 -43.02 21.81
N GLY A 157 25.05 -43.02 23.07
CA GLY A 157 24.28 -41.91 23.60
C GLY A 157 24.99 -40.56 23.61
N ARG A 158 26.31 -40.55 23.49
CA ARG A 158 27.01 -39.27 23.39
C ARG A 158 26.55 -38.48 22.17
N ASN A 159 25.99 -39.13 21.15
CA ASN A 159 25.59 -38.46 19.92
C ASN A 159 24.14 -38.02 19.90
N ILE A 160 23.44 -38.01 21.04
CA ILE A 160 22.01 -37.67 21.09
C ILE A 160 21.81 -36.22 20.69
N VAL A 161 20.87 -36.00 19.77
CA VAL A 161 20.47 -34.63 19.43
C VAL A 161 19.44 -34.11 20.43
N ALA A 162 18.43 -34.91 20.73
CA ALA A 162 17.44 -34.54 21.73
C ALA A 162 16.91 -35.83 22.35
N ALA A 163 16.55 -35.76 23.63
CA ALA A 163 15.99 -36.91 24.33
C ALA A 163 15.05 -36.40 25.41
N GLY A 164 14.13 -37.25 25.82
CA GLY A 164 13.21 -36.87 26.88
C GLY A 164 12.23 -38.00 27.20
N TYR A 165 11.27 -37.69 28.05
CA TYR A 165 10.24 -38.66 28.39
C TYR A 165 8.94 -37.93 28.72
N ALA A 166 7.83 -38.65 28.53
CA ALA A 166 6.52 -38.23 29.04
C ALA A 166 6.15 -39.13 30.21
N LEU A 167 5.69 -38.53 31.30
CA LEU A 167 5.21 -39.25 32.47
C LEU A 167 3.70 -39.08 32.58
N TYR A 168 2.96 -40.19 32.43
CA TYR A 168 1.52 -40.20 32.62
C TYR A 168 1.24 -40.64 34.06
N GLY A 169 1.44 -39.69 34.97
CA GLY A 169 1.24 -39.91 36.40
C GLY A 169 0.02 -39.20 36.96
N SER A 170 0.10 -38.65 38.18
CA SER A 170 -1.04 -37.90 38.69
C SER A 170 -1.34 -36.71 37.79
N ALA A 171 -0.32 -36.15 37.13
CA ALA A 171 -0.51 -35.27 35.98
C ALA A 171 0.45 -35.72 34.87
N THR A 172 0.32 -35.11 33.69
CA THR A 172 1.17 -35.49 32.55
C THR A 172 2.31 -34.49 32.40
N LEU A 173 3.54 -34.99 32.41
CA LEU A 173 4.71 -34.15 32.34
C LEU A 173 5.62 -34.63 31.21
N VAL A 174 6.31 -33.68 30.58
CA VAL A 174 7.38 -34.02 29.65
C VAL A 174 8.68 -33.37 30.14
N ALA A 175 9.74 -34.16 30.19
CA ALA A 175 11.08 -33.63 30.40
C ALA A 175 11.82 -33.68 29.07
N LEU A 176 12.54 -32.60 28.75
CA LEU A 176 13.16 -32.48 27.43
C LEU A 176 14.53 -31.81 27.54
N SER A 177 15.51 -32.37 26.83
CA SER A 177 16.82 -31.76 26.74
C SER A 177 17.30 -31.84 25.30
N THR A 178 17.83 -30.72 24.80
CA THR A 178 18.54 -30.67 23.53
C THR A 178 20.03 -30.44 23.74
N GLY A 179 20.51 -30.52 24.97
CA GLY A 179 21.91 -30.36 25.26
C GLY A 179 22.23 -29.21 26.19
N GLN A 180 21.25 -28.47 26.67
CA GLN A 180 21.50 -27.30 27.50
C GLN A 180 20.76 -27.42 28.82
N GLY A 181 20.80 -28.61 29.43
CA GLY A 181 20.07 -28.86 30.66
C GLY A 181 18.72 -29.51 30.38
N VAL A 182 17.93 -29.61 31.44
CA VAL A 182 16.65 -30.31 31.41
C VAL A 182 15.53 -29.32 31.70
N ASP A 183 14.53 -29.30 30.83
CA ASP A 183 13.35 -28.49 31.07
C ASP A 183 12.12 -29.37 31.32
N LEU A 184 11.26 -28.91 32.22
CA LEU A 184 10.04 -29.64 32.57
C LEU A 184 8.82 -28.88 32.06
N PHE A 185 7.88 -29.62 31.48
CA PHE A 185 6.64 -29.09 30.96
C PHE A 185 5.48 -29.90 31.50
N MET A 186 4.38 -29.22 31.82
CA MET A 186 3.15 -29.84 32.27
C MET A 186 2.05 -29.63 31.23
N LEU A 187 1.31 -30.71 30.97
CA LEU A 187 0.12 -30.65 30.12
C LEU A 187 -1.03 -30.05 30.89
N ASP A 188 -1.57 -28.93 30.40
CA ASP A 188 -2.80 -28.35 30.92
C ASP A 188 -3.96 -28.97 30.14
N PRO A 189 -4.72 -29.90 30.72
CA PRO A 189 -5.74 -30.57 29.92
C PRO A 189 -6.83 -29.63 29.43
N ALA A 190 -7.10 -28.53 30.15
CA ALA A 190 -8.08 -27.57 29.71
C ALA A 190 -7.57 -26.72 28.57
N LEU A 191 -6.26 -26.54 28.49
CA LEU A 191 -5.69 -25.82 27.35
C LEU A 191 -5.34 -26.78 26.22
N GLY A 192 -4.93 -28.00 26.53
CA GLY A 192 -4.48 -28.92 25.51
C GLY A 192 -3.05 -28.72 25.08
N GLU A 193 -2.24 -28.00 25.87
CA GLU A 193 -0.86 -27.76 25.51
C GLU A 193 0.05 -27.88 26.73
N PHE A 194 1.31 -28.22 26.46
CA PHE A 194 2.32 -28.33 27.50
C PHE A 194 2.91 -26.96 27.83
N VAL A 195 2.90 -26.61 29.11
CA VAL A 195 3.39 -25.33 29.61
C VAL A 195 4.74 -25.56 30.28
N LEU A 196 5.71 -24.68 29.95
CA LEU A 196 7.01 -24.72 30.60
C LEU A 196 6.87 -24.30 32.06
N VAL A 197 7.26 -25.19 32.97
CA VAL A 197 7.09 -24.94 34.40
C VAL A 197 8.42 -24.84 35.14
N GLU A 198 9.50 -25.37 34.58
CA GLU A 198 10.79 -25.29 35.24
C GLU A 198 11.91 -25.32 34.20
N LYS A 199 12.80 -24.33 34.25
CA LYS A 199 13.93 -24.27 33.33
C LYS A 199 15.20 -24.75 34.01
N ASP A 200 15.98 -25.57 33.29
CA ASP A 200 17.31 -25.99 33.71
C ASP A 200 17.30 -26.65 35.10
N VAL A 201 16.57 -27.76 35.20
CA VAL A 201 16.49 -28.52 36.46
C VAL A 201 17.85 -29.10 36.80
N LYS A 202 18.20 -29.09 38.08
CA LYS A 202 19.46 -29.64 38.56
C LYS A 202 19.19 -30.67 39.64
N ILE A 203 19.74 -31.88 39.48
CA ILE A 203 19.57 -32.91 40.51
C ILE A 203 20.44 -32.57 41.72
N LYS A 204 19.97 -32.95 42.92
CA LYS A 204 20.73 -32.81 44.16
C LYS A 204 22.03 -33.58 44.07
N LYS A 205 23.07 -33.06 44.74
CA LYS A 205 24.35 -33.75 44.75
C LYS A 205 24.23 -35.12 45.39
N LYS A 206 23.44 -35.22 46.46
CA LYS A 206 23.26 -36.44 47.22
C LYS A 206 21.81 -36.51 47.67
N GLY A 207 21.20 -37.70 47.59
CA GLY A 207 19.82 -37.88 47.96
C GLY A 207 19.65 -38.69 49.24
N LYS A 208 18.38 -39.05 49.49
CA LYS A 208 18.01 -39.85 50.65
C LYS A 208 17.00 -40.93 50.30
N ILE A 209 16.90 -41.29 49.01
CA ILE A 209 16.00 -42.32 48.52
C ILE A 209 16.83 -43.25 47.66
N TYR A 210 16.64 -44.56 47.85
CA TYR A 210 17.23 -45.55 46.98
C TYR A 210 16.10 -46.38 46.39
N SER A 211 16.25 -46.77 45.13
CA SER A 211 15.14 -47.31 44.34
C SER A 211 15.65 -48.48 43.51
N LEU A 212 15.25 -49.69 43.88
CA LEU A 212 15.57 -50.88 43.10
C LEU A 212 14.66 -51.99 43.58
N ASN A 213 14.50 -53.00 42.73
CA ASN A 213 13.69 -54.17 43.06
C ASN A 213 14.48 -55.11 43.95
N GLU A 214 14.24 -55.07 45.26
CA GLU A 214 14.99 -55.93 46.17
C GLU A 214 14.52 -57.39 46.16
N GLY A 215 13.44 -57.69 45.45
CA GLY A 215 13.09 -59.06 45.25
C GLY A 215 14.13 -59.82 44.44
N TYR A 216 15.16 -59.17 43.92
CA TYR A 216 16.25 -59.90 43.27
C TYR A 216 17.47 -60.07 44.17
N ALA A 217 17.31 -59.84 45.48
CA ALA A 217 18.46 -59.77 46.37
C ALA A 217 19.28 -61.04 46.33
N LYS A 218 18.64 -62.20 46.18
CA LYS A 218 19.39 -63.44 46.17
C LYS A 218 20.21 -63.59 44.89
N TYR A 219 20.01 -62.71 43.91
CA TYR A 219 20.76 -62.74 42.67
C TYR A 219 21.74 -61.58 42.54
N PHE A 220 21.79 -60.66 43.51
CA PHE A 220 22.67 -59.49 43.42
C PHE A 220 24.14 -59.89 43.49
N ASP A 221 24.99 -59.07 42.89
CA ASP A 221 26.41 -59.28 43.15
C ASP A 221 26.77 -58.69 44.51
N ALA A 222 28.02 -58.92 44.92
CA ALA A 222 28.41 -58.52 46.26
C ALA A 222 28.37 -57.01 46.43
N ALA A 223 28.74 -56.27 45.38
CA ALA A 223 28.79 -54.81 45.51
C ALA A 223 27.40 -54.24 45.71
N THR A 224 26.42 -54.73 44.94
CA THR A 224 25.04 -54.29 45.10
C THR A 224 24.54 -54.62 46.49
N THR A 225 24.80 -55.86 46.93
CA THR A 225 24.42 -56.27 48.28
C THR A 225 25.04 -55.35 49.33
N GLU A 226 26.32 -55.00 49.16
CA GLU A 226 26.97 -54.13 50.13
C GLU A 226 26.37 -52.73 50.08
N TYR A 227 26.16 -52.18 48.89
CA TYR A 227 25.62 -50.83 48.79
C TYR A 227 24.23 -50.74 49.42
N VAL A 228 23.36 -51.72 49.13
CA VAL A 228 22.02 -51.69 49.71
C VAL A 228 22.10 -51.74 51.24
N GLN A 229 22.95 -52.62 51.77
CA GLN A 229 23.11 -52.74 53.21
C GLN A 229 23.57 -51.42 53.83
N LYS A 230 24.49 -50.71 53.16
CA LYS A 230 24.90 -49.40 53.62
C LYS A 230 23.74 -48.40 53.67
N LYS A 231 22.77 -48.52 52.73
CA LYS A 231 21.63 -47.59 52.75
C LYS A 231 20.70 -47.86 53.93
N LYS A 232 20.59 -49.12 54.38
CA LYS A 232 19.73 -49.45 55.51
C LYS A 232 20.45 -49.31 56.85
N PHE A 233 21.74 -49.66 56.90
CA PHE A 233 22.52 -49.64 58.13
C PHE A 233 23.74 -48.77 57.92
N PRO A 234 23.58 -47.45 57.91
CA PRO A 234 24.72 -46.56 57.71
C PRO A 234 25.67 -46.66 58.90
N GLU A 235 26.96 -46.59 58.62
CA GLU A 235 27.97 -46.65 59.66
C GLU A 235 28.42 -45.28 60.17
N ASP A 236 27.62 -44.23 59.98
CA ASP A 236 28.08 -42.89 60.29
C ASP A 236 26.99 -42.07 60.96
N GLY A 237 26.30 -42.68 61.93
CA GLY A 237 25.14 -42.07 62.58
C GLY A 237 24.06 -41.39 61.77
N SER A 238 24.22 -41.25 60.45
CA SER A 238 23.16 -40.67 59.64
C SER A 238 21.98 -41.63 59.54
N ALA A 239 20.81 -41.07 59.22
CA ALA A 239 19.61 -41.88 59.11
C ALA A 239 19.64 -42.76 57.85
N PRO A 240 19.03 -43.94 57.90
CA PRO A 240 18.98 -44.76 56.69
C PRO A 240 18.12 -44.08 55.62
N TYR A 241 18.43 -44.40 54.36
CA TYR A 241 17.62 -43.88 53.27
C TYR A 241 16.22 -44.46 53.32
N GLY A 242 15.25 -43.70 52.78
CA GLY A 242 13.97 -44.27 52.43
C GLY A 242 14.03 -45.04 51.11
N ALA A 243 13.12 -46.01 50.95
CA ALA A 243 13.02 -46.80 49.73
C ALA A 243 11.75 -46.43 48.95
N ARG A 244 11.88 -46.40 47.62
CA ARG A 244 10.74 -46.22 46.72
C ARG A 244 11.02 -47.05 45.48
N TYR A 245 10.02 -47.79 45.00
CA TYR A 245 10.18 -48.51 43.73
C TYR A 245 8.79 -48.63 43.13
N VAL A 246 8.46 -47.68 42.27
CA VAL A 246 7.15 -47.67 41.61
C VAL A 246 7.01 -48.85 40.66
N GLY A 247 8.11 -49.24 40.00
CA GLY A 247 8.04 -50.29 39.00
C GLY A 247 7.91 -49.81 37.58
N SER A 248 7.82 -48.51 37.35
CA SER A 248 7.90 -47.89 36.03
C SER A 248 9.16 -47.04 36.00
N MET A 249 10.06 -47.34 35.06
CA MET A 249 11.33 -46.62 35.00
C MET A 249 11.13 -45.11 34.92
N VAL A 250 10.20 -44.66 34.08
CA VAL A 250 10.02 -43.22 33.90
C VAL A 250 9.63 -42.58 35.24
N ALA A 251 8.71 -43.21 35.97
CA ALA A 251 8.28 -42.64 37.24
C ALA A 251 9.41 -42.61 38.25
N ASP A 252 10.14 -43.72 38.40
CA ASP A 252 11.21 -43.78 39.39
C ASP A 252 12.37 -42.87 39.02
N VAL A 253 12.71 -42.80 37.72
CA VAL A 253 13.79 -41.92 37.29
C VAL A 253 13.40 -40.45 37.50
N HIS A 254 12.15 -40.09 37.19
CA HIS A 254 11.73 -38.71 37.36
C HIS A 254 11.76 -38.30 38.83
N ARG A 255 11.28 -39.17 39.72
CA ARG A 255 11.45 -38.90 41.16
C ARG A 255 12.92 -38.69 41.51
N THR A 256 13.79 -39.51 40.94
CA THR A 256 15.22 -39.36 41.18
C THR A 256 15.68 -37.98 40.73
N LEU A 257 15.23 -37.54 39.54
CA LEU A 257 15.61 -36.23 39.04
C LEU A 257 15.17 -35.12 40.00
N VAL A 258 13.90 -35.13 40.41
CA VAL A 258 13.40 -33.98 41.17
C VAL A 258 13.57 -34.11 42.69
N TYR A 259 13.72 -35.32 43.23
CA TYR A 259 13.94 -35.42 44.67
C TYR A 259 15.38 -35.76 45.05
N GLY A 260 16.16 -36.29 44.11
CA GLY A 260 17.50 -36.78 44.39
C GLY A 260 17.51 -38.24 44.80
N GLY A 261 18.71 -38.78 44.89
CA GLY A 261 18.85 -40.17 45.24
C GLY A 261 19.41 -41.01 44.11
N ILE A 262 19.08 -42.30 44.13
CA ILE A 262 19.66 -43.25 43.19
C ILE A 262 18.59 -44.24 42.74
N PHE A 263 18.65 -44.62 41.47
CA PHE A 263 17.82 -45.66 40.90
C PHE A 263 18.77 -46.70 40.30
N LEU A 264 18.50 -47.98 40.55
CA LEU A 264 19.38 -49.05 40.11
C LEU A 264 18.58 -50.16 39.44
N TYR A 265 19.04 -50.62 38.29
CA TYR A 265 18.64 -51.92 37.78
C TYR A 265 19.92 -52.58 37.34
N PRO A 266 20.70 -53.09 38.28
CA PRO A 266 21.99 -53.69 37.97
C PRO A 266 21.81 -55.07 37.35
N ALA A 267 22.91 -55.58 36.80
CA ALA A 267 22.93 -56.98 36.40
C ALA A 267 22.70 -57.86 37.62
N ASN A 268 22.11 -59.02 37.39
CA ASN A 268 22.00 -60.02 38.44
C ASN A 268 22.09 -61.38 37.78
N GLN A 269 22.15 -62.42 38.60
CA GLN A 269 22.33 -63.78 38.08
C GLN A 269 21.27 -64.15 37.05
N LYS A 270 20.03 -63.71 37.25
CA LYS A 270 19.00 -64.05 36.28
C LYS A 270 18.95 -63.08 35.10
N SER A 271 19.48 -61.86 35.26
CA SER A 271 19.59 -60.89 34.16
C SER A 271 21.04 -60.43 34.08
N PRO A 272 21.94 -61.30 33.58
CA PRO A 272 23.38 -61.02 33.68
C PRO A 272 23.81 -59.83 32.87
N LYS A 273 22.98 -59.37 31.93
CA LYS A 273 23.21 -58.15 31.16
C LYS A 273 22.30 -57.00 31.59
N GLY A 274 21.63 -57.12 32.75
CA GLY A 274 20.60 -56.17 33.12
C GLY A 274 19.27 -56.49 32.42
N LYS A 275 18.24 -55.71 32.75
CA LYS A 275 16.97 -55.81 32.07
C LYS A 275 16.68 -54.66 31.12
N LEU A 276 17.01 -53.43 31.50
CA LEU A 276 16.56 -52.26 30.76
C LEU A 276 17.32 -52.14 29.43
N ARG A 277 16.66 -51.54 28.44
CA ARG A 277 17.17 -51.47 27.07
C ARG A 277 18.01 -50.24 26.84
N LEU A 278 19.15 -50.44 26.18
CA LEU A 278 20.10 -49.36 25.99
C LEU A 278 19.52 -48.26 25.08
N LEU A 279 18.90 -48.62 23.96
CA LEU A 279 18.58 -47.60 22.96
C LEU A 279 17.46 -46.67 23.40
N TYR A 280 16.34 -47.22 23.89
CA TYR A 280 15.12 -46.42 24.10
C TYR A 280 14.69 -46.39 25.56
N GLU A 281 15.48 -46.96 26.47
CA GLU A 281 15.25 -46.79 27.89
C GLU A 281 16.45 -46.15 28.59
N CYS A 282 17.61 -46.80 28.56
CA CYS A 282 18.73 -46.35 29.39
C CYS A 282 19.40 -45.09 28.84
N ASN A 283 19.71 -45.08 27.54
CA ASN A 283 20.34 -43.90 26.94
C ASN A 283 19.51 -42.65 27.12
N PRO A 284 18.21 -42.63 26.82
CA PRO A 284 17.45 -41.38 27.01
C PRO A 284 17.47 -40.86 28.44
N VAL A 285 17.24 -41.72 29.45
CA VAL A 285 17.22 -41.23 30.82
C VAL A 285 18.62 -40.94 31.29
N ALA A 286 19.62 -41.64 30.75
CA ALA A 286 21.00 -41.29 31.05
C ALA A 286 21.31 -39.87 30.57
N TYR A 287 20.91 -39.55 29.34
CA TYR A 287 21.08 -38.20 28.83
C TYR A 287 20.41 -37.16 29.72
N ILE A 288 19.15 -37.40 30.09
CA ILE A 288 18.43 -36.45 30.95
C ILE A 288 19.17 -36.26 32.28
N ILE A 289 19.54 -37.36 32.93
CA ILE A 289 20.13 -37.27 34.27
C ILE A 289 21.50 -36.57 34.21
N GLU A 290 22.28 -36.85 33.17
CA GLU A 290 23.56 -36.16 33.05
C GLU A 290 23.35 -34.68 32.73
N GLN A 291 22.41 -34.36 31.84
CA GLN A 291 22.13 -32.96 31.54
C GLN A 291 21.77 -32.18 32.80
N ALA A 292 21.20 -32.85 33.80
CA ALA A 292 20.83 -32.25 35.07
C ALA A 292 21.92 -32.28 36.12
N GLY A 293 23.12 -32.73 35.75
CA GLY A 293 24.24 -32.78 36.66
C GLY A 293 24.39 -34.05 37.44
N GLY A 294 23.71 -35.13 37.06
CA GLY A 294 23.84 -36.41 37.71
C GLY A 294 24.75 -37.34 36.94
N LEU A 295 24.79 -38.60 37.40
CA LEU A 295 25.59 -39.63 36.77
C LEU A 295 24.72 -40.81 36.35
N ALA A 296 25.15 -41.48 35.29
CA ALA A 296 24.47 -42.66 34.78
C ALA A 296 25.52 -43.66 34.34
N THR A 297 25.62 -44.78 35.05
CA THR A 297 26.65 -45.77 34.77
C THR A 297 26.02 -47.15 34.63
N THR A 298 26.72 -48.02 33.88
CA THR A 298 26.44 -49.45 33.87
C THR A 298 27.18 -50.20 34.95
N GLY A 299 27.99 -49.52 35.75
CA GLY A 299 28.87 -50.19 36.69
C GLY A 299 30.29 -50.39 36.20
N THR A 300 30.52 -50.33 34.88
CA THR A 300 31.88 -50.35 34.37
C THR A 300 32.21 -49.14 33.50
N GLN A 301 31.21 -48.44 32.96
CA GLN A 301 31.44 -47.23 32.17
C GLN A 301 30.15 -46.43 32.14
N PRO A 302 30.22 -45.16 31.77
CA PRO A 302 28.99 -44.36 31.58
C PRO A 302 28.08 -44.97 30.52
N VAL A 303 26.77 -44.95 30.80
CA VAL A 303 25.79 -45.50 29.85
C VAL A 303 25.95 -44.86 28.48
N LEU A 304 26.14 -43.54 28.45
CA LEU A 304 26.22 -42.84 27.17
C LEU A 304 27.47 -43.21 26.37
N ASP A 305 28.48 -43.84 26.97
CA ASP A 305 29.66 -44.25 26.24
C ASP A 305 29.59 -45.68 25.67
N VAL A 306 28.56 -46.45 25.99
CA VAL A 306 28.45 -47.80 25.47
C VAL A 306 28.15 -47.74 23.97
N LYS A 307 28.91 -48.48 23.18
CA LYS A 307 28.64 -48.62 21.76
C LYS A 307 27.58 -49.69 21.55
N PRO A 308 26.40 -49.34 21.06
CA PRO A 308 25.35 -50.35 20.87
C PRO A 308 25.80 -51.37 19.85
N GLU A 309 25.34 -52.60 20.05
CA GLU A 309 25.64 -53.69 19.14
C GLU A 309 24.39 -54.27 18.51
N ALA A 310 23.25 -54.18 19.18
CA ALA A 310 21.99 -54.58 18.59
C ALA A 310 20.92 -53.64 19.13
N ILE A 311 19.85 -53.46 18.35
CA ILE A 311 18.89 -52.41 18.69
C ILE A 311 18.18 -52.72 20.01
N HIS A 312 18.05 -53.99 20.39
CA HIS A 312 17.39 -54.32 21.64
C HIS A 312 18.37 -54.75 22.73
N GLN A 313 19.63 -54.34 22.62
CA GLN A 313 20.61 -54.66 23.63
C GLN A 313 20.19 -54.17 25.00
N ARG A 314 20.44 -55.00 26.02
CA ARG A 314 20.26 -54.69 27.43
C ARG A 314 21.56 -54.20 28.05
N VAL A 315 21.44 -53.46 29.14
CA VAL A 315 22.62 -52.94 29.80
C VAL A 315 22.22 -52.70 31.25
N PRO A 316 23.13 -52.87 32.21
CA PRO A 316 22.82 -52.45 33.59
C PRO A 316 22.71 -50.94 33.66
N LEU A 317 21.92 -50.45 34.64
CA LEU A 317 21.64 -49.03 34.78
C LEU A 317 21.68 -48.64 36.25
N ILE A 318 22.56 -47.71 36.58
CA ILE A 318 22.64 -47.08 37.90
C ILE A 318 22.78 -45.58 37.66
N LEU A 319 21.82 -44.79 38.16
CA LEU A 319 21.81 -43.38 37.86
C LEU A 319 21.24 -42.59 39.01
N GLY A 320 21.53 -41.29 39.00
CA GLY A 320 20.96 -40.39 40.00
C GLY A 320 21.91 -39.33 40.51
N SER A 321 21.71 -38.94 41.75
CA SER A 321 22.57 -37.94 42.37
C SER A 321 24.02 -38.37 42.28
N PRO A 322 24.94 -37.47 41.91
CA PRO A 322 26.32 -37.88 41.62
C PRO A 322 27.02 -38.54 42.80
N GLU A 323 26.85 -38.02 44.01
CA GLU A 323 27.52 -38.60 45.18
C GLU A 323 27.01 -39.98 45.51
N ASP A 324 25.72 -40.24 45.26
CA ASP A 324 25.17 -41.57 45.51
C ASP A 324 25.69 -42.57 44.49
N VAL A 325 25.72 -42.18 43.21
CA VAL A 325 26.22 -43.09 42.19
C VAL A 325 27.69 -43.42 42.45
N GLN A 326 28.45 -42.42 42.88
CA GLN A 326 29.86 -42.63 43.20
C GLN A 326 30.04 -43.61 44.36
N GLU A 327 29.21 -43.52 45.41
CA GLU A 327 29.33 -44.50 46.49
C GLU A 327 29.04 -45.91 45.98
N TYR A 328 28.10 -46.03 45.04
CA TYR A 328 27.84 -47.32 44.43
C TYR A 328 29.03 -47.80 43.61
N LEU A 329 29.59 -46.92 42.78
CA LEU A 329 30.77 -47.29 42.00
C LEU A 329 31.94 -47.64 42.91
N THR A 330 32.03 -46.98 44.06
CA THR A 330 33.06 -47.37 45.03
C THR A 330 32.85 -48.79 45.52
N CYS A 331 31.59 -49.19 45.76
CA CYS A 331 31.33 -50.58 46.12
C CYS A 331 31.71 -51.53 44.98
N VAL A 332 31.49 -51.11 43.73
CA VAL A 332 31.82 -51.99 42.62
C VAL A 332 33.33 -52.23 42.55
N GLN A 333 34.16 -51.17 42.67
CA GLN A 333 35.62 -51.35 42.67
C GLN A 333 36.10 -52.13 43.88
N LYS A 334 35.48 -51.90 45.04
CA LYS A 334 35.88 -52.58 46.26
C LYS A 334 35.67 -54.09 46.18
N ASN A 335 34.71 -54.56 45.38
CA ASN A 335 34.46 -55.99 45.23
C ASN A 335 35.04 -56.54 43.95
N GLN A 336 36.03 -55.84 43.37
CA GLN A 336 36.84 -56.32 42.26
C GLN A 336 36.13 -56.31 40.90
N THR B 9 -24.12 -56.42 28.81
CA THR B 9 -25.26 -55.79 29.46
C THR B 9 -25.23 -54.26 29.31
N ASP B 10 -25.89 -53.58 30.24
CA ASP B 10 -26.05 -52.14 30.20
C ASP B 10 -24.85 -51.41 30.77
N MET B 11 -24.63 -50.19 30.29
CA MET B 11 -23.59 -49.30 30.80
C MET B 11 -24.11 -48.61 32.06
N LEU B 12 -23.45 -48.84 33.18
CA LEU B 12 -23.90 -48.29 34.44
C LEU B 12 -22.86 -47.29 34.95
N THR B 13 -23.34 -46.11 35.32
CA THR B 13 -22.50 -45.14 36.02
C THR B 13 -22.64 -45.37 37.53
N LEU B 14 -21.70 -44.81 38.29
CA LEU B 14 -21.65 -45.09 39.73
C LEU B 14 -22.95 -44.66 40.41
N THR B 15 -23.40 -43.44 40.13
CA THR B 15 -24.57 -42.94 40.84
C THR B 15 -25.84 -43.66 40.41
N ARG B 16 -25.93 -44.09 39.16
CA ARG B 16 -27.04 -44.95 38.79
C ARG B 16 -26.96 -46.27 39.53
N TYR B 17 -25.78 -46.89 39.55
CA TYR B 17 -25.59 -48.18 40.20
C TYR B 17 -25.96 -48.12 41.67
N VAL B 18 -25.58 -47.03 42.36
CA VAL B 18 -25.95 -46.85 43.76
C VAL B 18 -27.45 -46.61 43.92
N MET B 19 -28.05 -45.76 43.06
CA MET B 19 -29.49 -45.49 43.17
C MET B 19 -30.31 -46.77 43.09
N GLU B 20 -29.98 -47.66 42.16
CA GLU B 20 -30.70 -48.91 42.02
C GLU B 20 -30.62 -49.74 43.32
N LYS B 21 -29.44 -49.80 43.94
CA LYS B 21 -29.31 -50.54 45.20
C LYS B 21 -30.07 -49.85 46.32
N GLY B 22 -29.98 -48.53 46.41
CA GLY B 22 -30.72 -47.81 47.44
C GLY B 22 -32.22 -47.91 47.27
N ARG B 23 -32.69 -48.07 46.02
CA ARG B 23 -34.12 -48.23 45.79
C ARG B 23 -34.61 -49.59 46.26
N GLN B 24 -33.94 -50.67 45.82
CA GLN B 24 -34.41 -51.99 46.20
C GLN B 24 -34.31 -52.21 47.71
N ALA B 25 -33.37 -51.53 48.37
CA ALA B 25 -33.30 -51.57 49.82
C ALA B 25 -34.27 -50.59 50.47
N LYS B 26 -34.95 -49.77 49.67
CA LYS B 26 -35.98 -48.84 50.13
C LYS B 26 -35.52 -47.94 51.28
N GLY B 27 -34.27 -47.49 51.21
CA GLY B 27 -33.73 -46.57 52.20
C GLY B 27 -34.20 -45.15 51.97
N THR B 28 -33.80 -44.27 52.89
CA THR B 28 -34.24 -42.88 52.82
C THR B 28 -33.61 -42.08 51.67
N GLY B 29 -32.50 -42.56 51.10
CA GLY B 29 -31.79 -41.80 50.09
C GLY B 29 -30.59 -41.03 50.63
N GLU B 30 -30.41 -41.01 51.95
CA GLU B 30 -29.42 -40.13 52.57
C GLU B 30 -28.00 -40.59 52.25
N LEU B 31 -27.79 -41.90 52.24
CA LEU B 31 -26.47 -42.44 51.91
C LEU B 31 -26.13 -42.18 50.44
N THR B 32 -27.11 -42.41 49.56
CA THR B 32 -26.94 -42.10 48.14
C THR B 32 -26.56 -40.65 47.93
N GLN B 33 -27.22 -39.73 48.65
CA GLN B 33 -26.92 -38.31 48.48
C GLN B 33 -25.53 -38.00 48.98
N LEU B 34 -25.14 -38.64 50.08
CA LEU B 34 -23.78 -38.47 50.59
C LEU B 34 -22.75 -38.94 49.57
N LEU B 35 -22.91 -40.17 49.08
CA LEU B 35 -21.92 -40.71 48.14
C LEU B 35 -21.84 -39.86 46.89
N ASN B 36 -23.00 -39.42 46.38
CA ASN B 36 -23.02 -38.58 45.20
C ASN B 36 -22.22 -37.30 45.45
N SER B 37 -22.35 -36.73 46.64
CA SER B 37 -21.59 -35.54 46.99
C SER B 37 -20.10 -35.84 47.06
N MET B 38 -19.75 -37.00 47.62
CA MET B 38 -18.35 -37.41 47.70
C MET B 38 -17.75 -37.58 46.30
N LEU B 39 -18.49 -38.17 45.37
CA LEU B 39 -17.96 -38.36 44.02
C LEU B 39 -17.75 -37.04 43.31
N THR B 40 -18.60 -36.03 43.59
CA THR B 40 -18.38 -34.73 43.02
C THR B 40 -17.08 -34.12 43.52
N ALA B 41 -16.79 -34.29 44.82
CA ALA B 41 -15.51 -33.81 45.33
C ALA B 41 -14.35 -34.53 44.65
N ILE B 42 -14.48 -35.84 44.47
CA ILE B 42 -13.43 -36.63 43.83
C ILE B 42 -13.24 -36.20 42.38
N LYS B 43 -14.33 -35.98 41.64
CA LYS B 43 -14.18 -35.46 40.28
C LYS B 43 -13.46 -34.11 40.28
N ALA B 44 -13.80 -33.23 41.23
CA ALA B 44 -13.14 -31.94 41.31
C ALA B 44 -11.67 -32.09 41.69
N ILE B 45 -11.36 -33.02 42.59
CA ILE B 45 -9.98 -33.24 42.98
C ILE B 45 -9.17 -33.76 41.79
N SER B 46 -9.69 -34.77 41.10
CA SER B 46 -9.00 -35.33 39.94
C SER B 46 -8.67 -34.24 38.92
N SER B 47 -9.61 -33.33 38.67
CA SER B 47 -9.38 -32.28 37.69
C SER B 47 -8.23 -31.37 38.13
N ALA B 48 -8.18 -31.03 39.43
CA ALA B 48 -7.10 -30.18 39.93
C ALA B 48 -5.77 -30.93 39.97
N VAL B 49 -5.83 -32.23 40.33
CA VAL B 49 -4.62 -33.06 40.39
C VAL B 49 -3.98 -33.15 39.01
N ARG B 50 -4.79 -33.28 37.95
CA ARG B 50 -4.30 -33.32 36.57
C ARG B 50 -3.87 -31.96 36.07
N LYS B 51 -3.99 -30.91 36.89
CA LYS B 51 -3.48 -29.55 36.64
C LYS B 51 -4.31 -28.76 35.62
N ALA B 52 -5.61 -29.04 35.53
CA ALA B 52 -6.48 -28.21 34.70
C ALA B 52 -6.36 -26.75 35.14
N GLY B 53 -6.20 -25.86 34.16
CA GLY B 53 -6.05 -24.45 34.44
C GLY B 53 -4.65 -23.99 34.79
N LEU B 54 -3.66 -24.87 34.72
CA LEU B 54 -2.29 -24.48 35.05
C LEU B 54 -1.77 -23.32 34.19
N ALA B 55 -2.16 -23.27 32.91
CA ALA B 55 -1.69 -22.19 32.04
C ALA B 55 -2.07 -20.81 32.59
N HIS B 56 -3.20 -20.72 33.29
CA HIS B 56 -3.58 -19.45 33.90
C HIS B 56 -2.71 -19.08 35.10
N LEU B 57 -2.17 -20.08 35.82
CA LEU B 57 -1.20 -19.75 36.85
C LEU B 57 0.10 -19.22 36.25
N TYR B 58 0.42 -19.62 35.02
CA TYR B 58 1.69 -19.22 34.43
C TYR B 58 1.55 -18.02 33.49
N GLY B 59 0.44 -17.29 33.57
CA GLY B 59 0.36 -16.00 32.91
C GLY B 59 -0.13 -16.00 31.48
N ILE B 60 -0.98 -16.94 31.09
CA ILE B 60 -1.45 -16.98 29.71
C ILE B 60 -2.28 -15.73 29.40
N ALA B 61 -2.96 -15.18 30.41
CA ALA B 61 -3.71 -13.93 30.26
C ALA B 61 -2.97 -12.75 30.87
N GLY B 62 -1.72 -12.93 31.27
CA GLY B 62 -0.95 -11.84 31.84
C GLY B 62 -0.92 -11.78 33.35
N SER B 63 -1.58 -12.72 34.05
CA SER B 63 -1.61 -12.74 35.51
C SER B 63 -0.84 -13.98 35.99
N VAL B 64 0.43 -13.78 36.36
CA VAL B 64 1.27 -14.88 36.85
C VAL B 64 0.97 -15.10 38.34
N ASN B 65 0.77 -16.36 38.70
CA ASN B 65 0.42 -16.78 40.05
C ASN B 65 0.97 -18.18 40.28
N VAL B 66 2.30 -18.30 40.21
CA VAL B 66 2.98 -19.58 40.40
C VAL B 66 2.97 -19.93 41.88
N THR B 67 2.52 -21.13 42.21
CA THR B 67 2.43 -21.58 43.60
C THR B 67 3.76 -22.18 44.05
N GLY B 68 4.17 -21.82 45.26
CA GLY B 68 5.39 -22.36 45.84
C GLY B 68 5.21 -23.77 46.36
N ASP B 69 4.31 -23.95 47.33
CA ASP B 69 4.06 -25.26 47.93
C ASP B 69 2.88 -25.91 47.21
N GLU B 70 3.18 -26.89 46.36
CA GLU B 70 2.14 -27.57 45.60
C GLU B 70 1.39 -28.60 46.45
N VAL B 71 2.12 -29.29 47.35
CA VAL B 71 1.49 -30.25 48.26
C VAL B 71 0.58 -29.54 49.24
N LYS B 72 0.91 -28.30 49.64
CA LYS B 72 0.05 -27.56 50.55
C LYS B 72 -1.22 -27.06 49.85
N LYS B 73 -1.10 -26.57 48.61
CA LYS B 73 -2.28 -26.07 47.92
C LYS B 73 -3.26 -27.20 47.62
N LEU B 74 -2.76 -28.34 47.15
CA LEU B 74 -3.64 -29.41 46.69
C LEU B 74 -4.32 -30.12 47.85
N ASP B 75 -3.62 -30.38 48.96
CA ASP B 75 -4.30 -31.01 50.08
C ASP B 75 -5.24 -30.04 50.80
N VAL B 76 -4.96 -28.74 50.77
CA VAL B 76 -5.93 -27.78 51.30
C VAL B 76 -7.14 -27.70 50.38
N LEU B 77 -6.92 -27.68 49.07
CA LEU B 77 -8.04 -27.62 48.15
C LEU B 77 -8.86 -28.89 48.25
N SER B 78 -8.20 -30.05 48.24
CA SER B 78 -8.89 -31.33 48.42
C SER B 78 -9.73 -31.32 49.68
N ASN B 79 -9.13 -30.92 50.79
CA ASN B 79 -9.84 -30.93 52.07
C ASN B 79 -11.09 -30.06 52.01
N SER B 80 -10.97 -28.86 51.41
CA SER B 80 -12.11 -27.97 51.27
C SER B 80 -13.19 -28.56 50.39
N LEU B 81 -12.80 -29.19 49.26
CA LEU B 81 -13.77 -29.80 48.38
C LEU B 81 -14.57 -30.87 49.10
N VAL B 82 -13.87 -31.76 49.82
CA VAL B 82 -14.57 -32.84 50.52
C VAL B 82 -15.49 -32.27 51.59
N ILE B 83 -14.97 -31.36 52.42
CA ILE B 83 -15.77 -30.83 53.53
C ILE B 83 -17.01 -30.11 53.01
N ASN B 84 -16.84 -29.27 52.00
CA ASN B 84 -17.99 -28.51 51.50
C ASN B 84 -19.01 -29.42 50.80
N MET B 85 -18.55 -30.36 49.97
CA MET B 85 -19.50 -31.23 49.30
C MET B 85 -20.24 -32.11 50.29
N LEU B 86 -19.54 -32.62 51.30
CA LEU B 86 -20.17 -33.51 52.26
C LEU B 86 -21.15 -32.75 53.15
N GLN B 87 -20.73 -31.59 53.66
CA GLN B 87 -21.65 -30.83 54.51
C GLN B 87 -22.90 -30.41 53.74
N SER B 88 -22.71 -29.98 52.49
CA SER B 88 -23.83 -29.55 51.67
C SER B 88 -24.74 -30.72 51.27
N SER B 89 -24.33 -31.95 51.51
CA SER B 89 -25.19 -33.07 51.15
C SER B 89 -26.39 -33.20 52.09
N TYR B 90 -26.34 -32.54 53.23
CA TYR B 90 -27.32 -32.65 54.31
C TYR B 90 -27.40 -34.07 54.87
N SER B 91 -26.33 -34.86 54.71
CA SER B 91 -26.31 -36.24 55.16
C SER B 91 -25.34 -36.48 56.32
N THR B 92 -24.63 -35.46 56.79
CA THR B 92 -23.54 -35.67 57.72
C THR B 92 -23.80 -34.93 59.03
N CYS B 93 -23.25 -35.48 60.09
CA CYS B 93 -23.22 -34.81 61.37
C CYS B 93 -21.80 -34.60 61.88
N VAL B 94 -20.88 -35.51 61.56
CA VAL B 94 -19.50 -35.45 62.04
C VAL B 94 -18.56 -35.84 60.90
N LEU B 95 -17.52 -35.02 60.69
CA LEU B 95 -16.44 -35.31 59.75
C LEU B 95 -15.11 -35.33 60.51
N VAL B 96 -14.27 -36.30 60.19
CA VAL B 96 -12.90 -36.38 60.66
C VAL B 96 -12.00 -36.37 59.43
N SER B 97 -11.10 -35.41 59.38
CA SER B 97 -10.21 -35.26 58.25
C SER B 97 -8.77 -35.42 58.71
N GLU B 98 -7.95 -36.06 57.87
CA GLU B 98 -6.52 -36.07 58.07
C GLU B 98 -5.95 -34.68 58.29
N GLU B 99 -6.59 -33.65 57.73
CA GLU B 99 -6.07 -32.28 57.71
C GLU B 99 -6.52 -31.42 58.89
N ASN B 100 -7.44 -31.89 59.73
CA ASN B 100 -8.01 -31.10 60.83
C ASN B 100 -7.80 -31.80 62.16
N LYS B 101 -7.25 -31.05 63.14
CA LYS B 101 -6.94 -31.62 64.45
C LYS B 101 -8.21 -32.08 65.16
N ASP B 102 -9.26 -31.27 65.14
CA ASP B 102 -10.49 -31.64 65.82
C ASP B 102 -11.52 -32.15 64.81
N ALA B 103 -12.48 -32.90 65.33
CA ALA B 103 -13.60 -33.34 64.50
C ALA B 103 -14.37 -32.12 64.03
N ILE B 104 -15.01 -32.23 62.88
CA ILE B 104 -15.77 -31.13 62.30
C ILE B 104 -17.23 -31.49 62.45
N ILE B 105 -17.93 -30.76 63.30
CA ILE B 105 -19.35 -31.03 63.53
C ILE B 105 -20.16 -30.21 62.54
N THR B 106 -21.03 -30.89 61.81
CA THR B 106 -21.88 -30.22 60.83
C THR B 106 -22.82 -29.25 61.55
N ALA B 107 -23.04 -28.10 60.92
CA ALA B 107 -24.01 -27.13 61.42
C ALA B 107 -25.39 -27.79 61.52
N LYS B 108 -26.17 -27.32 62.50
CA LYS B 108 -27.43 -27.94 62.88
C LYS B 108 -28.39 -28.05 61.69
N GLU B 109 -28.47 -27.01 60.87
CA GLU B 109 -29.43 -26.98 59.77
C GLU B 109 -29.04 -27.89 58.62
N LYS B 110 -27.80 -28.40 58.60
CA LYS B 110 -27.37 -29.32 57.56
C LYS B 110 -27.15 -30.73 58.10
N ARG B 111 -27.51 -30.98 59.36
CA ARG B 111 -27.18 -32.26 59.99
C ARG B 111 -27.95 -33.42 59.37
N GLY B 112 -27.23 -34.50 59.10
CA GLY B 112 -27.82 -35.77 58.72
C GLY B 112 -27.24 -36.83 59.63
N LYS B 113 -27.38 -38.11 59.29
CA LYS B 113 -27.08 -39.18 60.24
C LYS B 113 -25.71 -39.81 60.08
N TYR B 114 -24.87 -39.34 59.16
CA TYR B 114 -23.66 -40.08 58.86
C TYR B 114 -22.41 -39.34 59.34
N VAL B 115 -21.44 -40.14 59.75
CA VAL B 115 -20.11 -39.72 60.15
C VAL B 115 -19.16 -40.16 59.04
N VAL B 116 -18.26 -39.27 58.63
CA VAL B 116 -17.31 -39.59 57.56
C VAL B 116 -15.88 -39.32 58.04
N CYS B 117 -15.03 -40.34 57.93
CA CYS B 117 -13.60 -40.22 58.18
C CYS B 117 -12.91 -40.28 56.83
N PHE B 118 -12.08 -39.28 56.53
CA PHE B 118 -11.48 -39.28 55.20
C PHE B 118 -10.08 -38.68 55.23
N ASP B 119 -9.23 -39.21 54.34
CA ASP B 119 -7.96 -38.62 53.99
C ASP B 119 -8.15 -38.01 52.60
N PRO B 120 -8.21 -36.68 52.47
CA PRO B 120 -8.58 -36.10 51.16
C PRO B 120 -7.51 -36.26 50.09
N LEU B 121 -6.23 -36.32 50.48
CA LEU B 121 -5.16 -36.42 49.49
C LEU B 121 -4.06 -37.27 50.12
N ASP B 122 -4.17 -38.57 49.93
CA ASP B 122 -3.20 -39.50 50.46
C ASP B 122 -1.96 -39.56 49.58
N GLY B 123 -0.81 -39.72 50.22
CA GLY B 123 0.42 -39.89 49.47
C GLY B 123 1.04 -38.56 49.10
N SER B 124 1.04 -37.64 50.06
CA SER B 124 1.40 -36.26 49.78
C SER B 124 2.86 -36.10 49.37
N SER B 125 3.76 -36.97 49.86
CA SER B 125 5.17 -36.94 49.45
C SER B 125 5.35 -37.29 47.97
N ASN B 126 4.32 -37.82 47.32
CA ASN B 126 4.35 -38.15 45.91
C ASN B 126 3.74 -37.07 45.02
N ILE B 127 3.29 -35.95 45.59
CA ILE B 127 2.62 -34.92 44.79
C ILE B 127 3.60 -34.24 43.82
N ASP B 128 4.77 -33.84 44.33
CA ASP B 128 5.67 -33.06 43.48
C ASP B 128 6.36 -33.91 42.42
N CYS B 129 6.49 -35.21 42.61
CA CYS B 129 7.10 -36.03 41.58
C CYS B 129 6.06 -36.73 40.70
N LEU B 130 4.77 -36.42 40.89
CA LEU B 130 3.66 -36.85 40.02
C LEU B 130 3.39 -38.34 40.10
N ALA B 131 3.78 -38.99 41.19
CA ALA B 131 3.36 -40.37 41.36
C ALA B 131 1.89 -40.40 41.79
N SER B 132 1.32 -41.60 41.79
CA SER B 132 -0.10 -41.73 42.06
C SER B 132 -0.43 -41.25 43.47
N ILE B 133 -1.60 -40.64 43.62
CA ILE B 133 -2.11 -40.20 44.91
C ILE B 133 -3.60 -40.56 44.97
N GLY B 134 -4.22 -40.29 46.10
CA GLY B 134 -5.60 -40.74 46.24
C GLY B 134 -6.35 -40.07 47.37
N THR B 135 -7.60 -40.50 47.52
CA THR B 135 -8.55 -40.05 48.52
C THR B 135 -9.14 -41.30 49.17
N ILE B 136 -9.25 -41.30 50.50
CA ILE B 136 -9.76 -42.45 51.26
C ILE B 136 -10.87 -41.99 52.19
N PHE B 137 -11.92 -42.80 52.32
CA PHE B 137 -13.06 -42.42 53.16
C PHE B 137 -13.74 -43.67 53.72
N ALA B 138 -14.34 -43.52 54.90
CA ALA B 138 -15.18 -44.53 55.51
C ALA B 138 -16.36 -43.79 56.11
N ILE B 139 -17.53 -44.40 55.99
CA ILE B 139 -18.80 -43.80 56.37
C ILE B 139 -19.43 -44.67 57.45
N TYR B 140 -19.81 -44.04 58.56
CA TYR B 140 -20.52 -44.69 59.67
C TYR B 140 -21.84 -43.99 59.93
N ARG B 141 -22.81 -44.75 60.45
CA ARG B 141 -24.04 -44.15 60.96
C ARG B 141 -23.82 -43.70 62.40
N LYS B 142 -24.21 -42.45 62.69
CA LYS B 142 -24.22 -42.01 64.08
C LYS B 142 -25.12 -42.92 64.88
N THR B 143 -24.58 -43.52 65.92
CA THR B 143 -25.35 -44.47 66.73
C THR B 143 -25.68 -43.92 68.11
N SER B 144 -24.89 -42.99 68.63
CA SER B 144 -25.20 -42.37 69.90
C SER B 144 -26.47 -41.52 69.78
N GLU B 145 -27.20 -41.41 70.89
CA GLU B 145 -28.38 -40.56 70.99
C GLU B 145 -28.03 -39.13 71.36
N ASP B 146 -26.79 -38.88 71.78
CA ASP B 146 -26.37 -37.58 72.31
C ASP B 146 -26.26 -36.53 71.20
N GLU B 147 -25.54 -35.47 71.48
CA GLU B 147 -25.14 -34.49 70.49
C GLU B 147 -23.98 -35.04 69.66
N PRO B 148 -23.88 -34.67 68.38
CA PRO B 148 -22.72 -35.08 67.58
C PRO B 148 -21.43 -34.60 68.20
N SER B 149 -20.48 -35.53 68.31
CA SER B 149 -19.17 -35.23 68.82
C SER B 149 -18.19 -36.18 68.17
N GLU B 150 -16.91 -35.99 68.47
CA GLU B 150 -15.90 -36.84 67.88
C GLU B 150 -16.04 -38.31 68.29
N LYS B 151 -16.74 -38.58 69.40
CA LYS B 151 -16.94 -39.97 69.81
C LYS B 151 -17.75 -40.75 68.79
N ASP B 152 -18.55 -40.06 67.97
CA ASP B 152 -19.29 -40.72 66.92
C ASP B 152 -18.37 -41.26 65.83
N ALA B 153 -17.16 -40.74 65.73
CA ALA B 153 -16.15 -41.23 64.80
C ALA B 153 -15.30 -42.35 65.40
N LEU B 154 -15.46 -42.65 66.69
CA LEU B 154 -14.62 -43.66 67.32
C LEU B 154 -15.25 -45.04 67.31
N GLN B 155 -16.03 -45.37 66.29
CA GLN B 155 -16.51 -46.72 66.11
C GLN B 155 -15.46 -47.56 65.41
N CYS B 156 -15.43 -48.84 65.73
CA CYS B 156 -14.47 -49.67 65.04
C CYS B 156 -14.97 -50.08 63.66
N GLY B 157 -14.01 -50.49 62.82
CA GLY B 157 -14.24 -50.70 61.41
C GLY B 157 -15.29 -51.74 61.08
N ARG B 158 -15.63 -52.64 62.02
CA ARG B 158 -16.73 -53.58 61.79
C ARG B 158 -18.04 -52.86 61.55
N ASN B 159 -18.17 -51.62 62.01
CA ASN B 159 -19.43 -50.89 61.90
C ASN B 159 -19.51 -50.03 60.65
N ILE B 160 -18.60 -50.20 59.69
CA ILE B 160 -18.60 -49.37 58.49
C ILE B 160 -19.87 -49.61 57.68
N VAL B 161 -20.54 -48.51 57.30
CA VAL B 161 -21.67 -48.57 56.38
C VAL B 161 -21.18 -48.61 54.93
N ALA B 162 -20.25 -47.74 54.58
CA ALA B 162 -19.64 -47.77 53.26
C ALA B 162 -18.23 -47.23 53.36
N ALA B 163 -17.33 -47.77 52.53
CA ALA B 163 -15.95 -47.31 52.46
C ALA B 163 -15.43 -47.44 51.04
N GLY B 164 -14.38 -46.69 50.75
CA GLY B 164 -13.77 -46.78 49.45
C GLY B 164 -12.61 -45.81 49.30
N TYR B 165 -12.09 -45.74 48.08
CA TYR B 165 -11.02 -44.80 47.79
C TYR B 165 -11.07 -44.38 46.34
N ALA B 166 -10.48 -43.21 46.07
CA ALA B 166 -10.18 -42.74 44.72
C ALA B 166 -8.67 -42.84 44.50
N LEU B 167 -8.28 -43.40 43.35
CA LEU B 167 -6.89 -43.47 42.94
C LEU B 167 -6.69 -42.52 41.74
N TYR B 168 -5.89 -41.48 41.95
CA TYR B 168 -5.50 -40.54 40.88
C TYR B 168 -4.15 -40.98 40.31
N GLY B 169 -4.21 -42.00 39.47
CA GLY B 169 -3.01 -42.53 38.85
C GLY B 169 -2.94 -42.22 37.36
N SER B 170 -2.53 -43.23 36.58
CA SER B 170 -2.56 -43.06 35.14
C SER B 170 -3.98 -42.82 34.65
N ALA B 171 -4.97 -43.41 35.33
CA ALA B 171 -6.36 -43.02 35.21
C ALA B 171 -6.92 -42.87 36.61
N THR B 172 -8.14 -42.34 36.70
CA THR B 172 -8.81 -42.15 37.98
C THR B 172 -9.81 -43.29 38.21
N LEU B 173 -9.68 -43.99 39.33
CA LEU B 173 -10.51 -45.12 39.66
C LEU B 173 -11.14 -44.93 41.04
N VAL B 174 -12.35 -45.47 41.23
CA VAL B 174 -12.92 -45.52 42.57
C VAL B 174 -13.22 -46.98 42.93
N ALA B 175 -12.78 -47.39 44.11
CA ALA B 175 -13.15 -48.67 44.71
C ALA B 175 -14.21 -48.39 45.77
N LEU B 176 -15.30 -49.17 45.76
CA LEU B 176 -16.42 -48.87 46.64
C LEU B 176 -17.00 -50.16 47.17
N SER B 177 -17.29 -50.16 48.47
CA SER B 177 -17.99 -51.29 49.08
C SER B 177 -19.02 -50.78 50.07
N THR B 178 -20.22 -51.34 49.99
CA THR B 178 -21.26 -51.10 50.97
C THR B 178 -21.55 -52.35 51.80
N GLY B 179 -20.72 -53.38 51.68
CA GLY B 179 -20.86 -54.59 52.46
C GLY B 179 -21.07 -55.85 51.66
N GLN B 180 -21.12 -55.76 50.32
CA GLN B 180 -21.40 -56.91 49.46
C GLN B 180 -20.29 -57.10 48.43
N GLY B 181 -19.03 -57.02 48.86
CA GLY B 181 -17.91 -57.11 47.95
C GLY B 181 -17.43 -55.72 47.54
N VAL B 182 -16.50 -55.71 46.59
CA VAL B 182 -15.82 -54.50 46.12
C VAL B 182 -16.11 -54.30 44.64
N ASP B 183 -16.60 -53.10 44.29
CA ASP B 183 -16.80 -52.73 42.90
C ASP B 183 -15.82 -51.63 42.50
N LEU B 184 -15.35 -51.68 41.26
CA LEU B 184 -14.40 -50.73 40.71
C LEU B 184 -15.06 -49.90 39.62
N PHE B 185 -14.78 -48.59 39.64
CA PHE B 185 -15.33 -47.62 38.69
C PHE B 185 -14.19 -46.77 38.14
N MET B 186 -14.23 -46.50 36.83
CA MET B 186 -13.26 -45.66 36.15
C MET B 186 -13.90 -44.37 35.70
N LEU B 187 -13.20 -43.25 35.92
CA LEU B 187 -13.68 -41.96 35.45
C LEU B 187 -13.41 -41.85 33.97
N ASP B 188 -14.45 -41.70 33.16
CA ASP B 188 -14.28 -41.37 31.75
C ASP B 188 -14.21 -39.86 31.63
N PRO B 189 -13.03 -39.28 31.38
CA PRO B 189 -12.95 -37.80 31.35
C PRO B 189 -13.77 -37.17 30.24
N ALA B 190 -14.07 -37.90 29.16
CA ALA B 190 -14.90 -37.33 28.10
C ALA B 190 -16.37 -37.28 28.50
N LEU B 191 -16.81 -38.20 29.36
CA LEU B 191 -18.17 -38.21 29.85
C LEU B 191 -18.33 -37.42 31.15
N GLY B 192 -17.30 -37.42 32.00
CA GLY B 192 -17.44 -36.78 33.29
C GLY B 192 -18.11 -37.66 34.31
N GLU B 193 -18.17 -38.97 34.08
CA GLU B 193 -18.84 -39.84 35.03
C GLU B 193 -18.04 -41.13 35.21
N PHE B 194 -18.20 -41.72 36.39
CA PHE B 194 -17.54 -42.98 36.71
C PHE B 194 -18.35 -44.14 36.15
N VAL B 195 -17.70 -44.97 35.35
CA VAL B 195 -18.33 -46.11 34.71
C VAL B 195 -17.95 -47.36 35.50
N LEU B 196 -18.94 -48.21 35.79
CA LEU B 196 -18.69 -49.48 36.45
C LEU B 196 -17.91 -50.41 35.51
N VAL B 197 -16.69 -50.80 35.90
CA VAL B 197 -15.84 -51.61 35.04
C VAL B 197 -15.65 -53.01 35.60
N GLU B 198 -15.86 -53.24 36.90
CA GLU B 198 -15.67 -54.56 37.48
C GLU B 198 -16.52 -54.72 38.74
N LYS B 199 -17.31 -55.79 38.78
CA LYS B 199 -18.17 -56.05 39.92
C LYS B 199 -17.56 -57.14 40.79
N ASP B 200 -17.62 -56.93 42.11
CA ASP B 200 -17.29 -57.94 43.10
C ASP B 200 -15.88 -58.52 42.85
N VAL B 201 -14.88 -57.65 42.95
CA VAL B 201 -13.50 -58.07 42.77
C VAL B 201 -13.07 -58.97 43.92
N LYS B 202 -12.32 -60.01 43.61
CA LYS B 202 -11.81 -60.93 44.62
C LYS B 202 -10.29 -60.99 44.51
N ILE B 203 -9.61 -60.77 45.63
CA ILE B 203 -8.15 -60.82 45.68
C ILE B 203 -7.68 -62.27 45.55
N LYS B 204 -6.51 -62.45 44.94
CA LYS B 204 -5.90 -63.78 44.85
C LYS B 204 -5.64 -64.34 46.25
N LYS B 205 -5.74 -65.66 46.37
CA LYS B 205 -5.45 -66.32 47.65
C LYS B 205 -4.02 -66.06 48.08
N LYS B 206 -3.08 -66.10 47.12
CA LYS B 206 -1.67 -65.88 47.39
C LYS B 206 -1.07 -65.09 46.22
N GLY B 207 -0.23 -64.10 46.53
CA GLY B 207 0.37 -63.27 45.52
C GLY B 207 1.86 -63.56 45.34
N LYS B 208 2.50 -62.67 44.57
CA LYS B 208 3.94 -62.75 44.33
C LYS B 208 4.62 -61.39 44.42
N ILE B 209 4.00 -60.42 45.11
CA ILE B 209 4.54 -59.08 45.29
C ILE B 209 4.50 -58.75 46.77
N TYR B 210 5.60 -58.22 47.29
CA TYR B 210 5.59 -57.71 48.64
C TYR B 210 5.96 -56.23 48.57
N SER B 211 5.37 -55.46 49.47
CA SER B 211 5.36 -54.00 49.37
C SER B 211 5.55 -53.42 50.75
N LEU B 212 6.73 -52.87 51.02
CA LEU B 212 6.94 -52.14 52.27
C LEU B 212 8.17 -51.27 52.07
N ASN B 213 8.30 -50.26 52.93
CA ASN B 213 9.48 -49.38 52.91
C ASN B 213 10.64 -50.09 53.64
N GLU B 214 11.53 -50.71 52.88
CA GLU B 214 12.63 -51.42 53.52
C GLU B 214 13.72 -50.48 54.02
N GLY B 215 13.60 -49.19 53.78
CA GLY B 215 14.52 -48.27 54.41
C GLY B 215 14.42 -48.23 55.92
N TYR B 216 13.43 -48.89 56.52
CA TYR B 216 13.30 -48.99 57.98
C TYR B 216 13.81 -50.31 58.52
N ALA B 217 14.59 -51.05 57.73
CA ALA B 217 14.96 -52.42 58.08
C ALA B 217 15.69 -52.49 59.42
N LYS B 218 16.54 -51.50 59.72
CA LYS B 218 17.25 -51.55 60.99
C LYS B 218 16.31 -51.33 62.17
N TYR B 219 15.08 -50.93 61.92
CA TYR B 219 14.11 -50.66 62.97
C TYR B 219 13.02 -51.71 63.02
N PHE B 220 13.04 -52.70 62.13
CA PHE B 220 12.02 -53.74 62.10
C PHE B 220 12.10 -54.64 63.33
N ASP B 221 10.95 -55.24 63.69
CA ASP B 221 10.98 -56.32 64.66
C ASP B 221 11.43 -57.61 63.98
N ALA B 222 11.61 -58.66 64.78
CA ALA B 222 12.23 -59.87 64.27
C ALA B 222 11.32 -60.57 63.26
N ALA B 223 10.01 -60.54 63.49
CA ALA B 223 9.10 -61.24 62.60
C ALA B 223 9.09 -60.60 61.22
N THR B 224 9.03 -59.26 61.18
CA THR B 224 9.10 -58.55 59.91
C THR B 224 10.41 -58.82 59.20
N THR B 225 11.53 -58.75 59.94
CA THR B 225 12.82 -59.08 59.36
C THR B 225 12.81 -60.48 58.77
N GLU B 226 12.24 -61.44 59.50
CA GLU B 226 12.19 -62.82 59.01
C GLU B 226 11.26 -62.96 57.81
N TYR B 227 10.09 -62.34 57.86
CA TYR B 227 9.17 -62.44 56.74
C TYR B 227 9.78 -61.86 55.46
N VAL B 228 10.39 -60.67 55.55
CA VAL B 228 11.02 -60.08 54.38
C VAL B 228 12.13 -60.98 53.85
N GLN B 229 12.91 -61.56 54.76
CA GLN B 229 13.97 -62.48 54.37
C GLN B 229 13.41 -63.70 53.64
N LYS B 230 12.29 -64.26 54.12
CA LYS B 230 11.67 -65.38 53.43
C LYS B 230 11.20 -65.02 52.03
N LYS B 231 10.75 -63.78 51.83
CA LYS B 231 10.27 -63.39 50.50
C LYS B 231 11.41 -63.31 49.51
N LYS B 232 12.60 -62.93 49.95
CA LYS B 232 13.71 -62.82 49.04
C LYS B 232 14.44 -64.15 48.89
N PHE B 233 14.51 -64.94 49.95
CA PHE B 233 15.25 -66.21 49.92
C PHE B 233 14.29 -67.32 50.30
N PRO B 234 13.39 -67.70 49.40
CA PRO B 234 12.43 -68.76 49.72
C PRO B 234 13.16 -70.08 49.96
N GLU B 235 12.69 -70.81 50.97
CA GLU B 235 13.29 -72.10 51.31
C GLU B 235 12.60 -73.28 50.64
N ASP B 236 11.86 -73.09 49.54
CA ASP B 236 11.04 -74.18 49.03
C ASP B 236 11.07 -74.28 47.51
N GLY B 237 12.16 -73.84 46.87
CA GLY B 237 12.27 -73.84 45.43
C GLY B 237 11.44 -72.82 44.66
N SER B 238 10.50 -72.13 45.32
CA SER B 238 9.77 -71.10 44.58
C SER B 238 10.65 -69.87 44.33
N ALA B 239 10.25 -69.10 43.33
CA ALA B 239 10.96 -67.89 43.02
C ALA B 239 10.71 -66.86 44.12
N PRO B 240 11.67 -65.97 44.37
CA PRO B 240 11.41 -64.89 45.34
C PRO B 240 10.34 -63.96 44.80
N TYR B 241 9.65 -63.29 45.72
CA TYR B 241 8.66 -62.31 45.32
C TYR B 241 9.31 -61.11 44.65
N GLY B 242 8.56 -60.46 43.75
CA GLY B 242 8.94 -59.13 43.32
C GLY B 242 8.55 -58.10 44.36
N ALA B 243 9.28 -56.99 44.37
CA ALA B 243 9.04 -55.90 45.30
C ALA B 243 8.47 -54.70 44.56
N ARG B 244 7.52 -54.02 45.20
CA ARG B 244 6.95 -52.77 44.70
C ARG B 244 6.62 -51.88 45.91
N TYR B 245 6.97 -50.59 45.84
CA TYR B 245 6.54 -49.66 46.88
C TYR B 245 6.41 -48.28 46.23
N VAL B 246 5.19 -47.95 45.82
CA VAL B 246 4.96 -46.65 45.20
C VAL B 246 5.15 -45.54 46.21
N GLY B 247 4.82 -45.79 47.47
CA GLY B 247 4.89 -44.74 48.46
C GLY B 247 3.60 -44.02 48.71
N SER B 248 2.54 -44.36 47.97
CA SER B 248 1.20 -43.89 48.26
C SER B 248 0.38 -45.10 48.64
N MET B 249 -0.15 -45.07 49.86
CA MET B 249 -0.92 -46.19 50.37
C MET B 249 -2.03 -46.59 49.39
N VAL B 250 -2.74 -45.63 48.78
CA VAL B 250 -3.85 -46.00 47.91
C VAL B 250 -3.34 -46.76 46.70
N ALA B 251 -2.25 -46.28 46.10
CA ALA B 251 -1.70 -46.95 44.93
C ALA B 251 -1.21 -48.34 45.29
N ASP B 252 -0.46 -48.47 46.39
CA ASP B 252 0.09 -49.78 46.76
C ASP B 252 -1.02 -50.74 47.19
N VAL B 253 -2.01 -50.25 47.94
CA VAL B 253 -3.12 -51.09 48.36
C VAL B 253 -3.94 -51.53 47.15
N HIS B 254 -4.20 -50.61 46.21
CA HIS B 254 -4.98 -50.97 45.04
C HIS B 254 -4.26 -52.01 44.18
N ARG B 255 -2.95 -51.85 43.96
CA ARG B 255 -2.19 -52.90 43.29
C ARG B 255 -2.32 -54.22 44.02
N THR B 256 -2.23 -54.19 45.34
CA THR B 256 -2.40 -55.41 46.12
C THR B 256 -3.77 -56.04 45.83
N LEU B 257 -4.81 -55.21 45.76
CA LEU B 257 -6.16 -55.72 45.50
C LEU B 257 -6.23 -56.44 44.14
N VAL B 258 -5.78 -55.78 43.07
CA VAL B 258 -6.01 -56.32 41.74
C VAL B 258 -4.91 -57.27 41.25
N TYR B 259 -3.70 -57.23 41.83
CA TYR B 259 -2.67 -58.18 41.44
C TYR B 259 -2.41 -59.28 42.46
N GLY B 260 -2.82 -59.10 43.71
CA GLY B 260 -2.43 -60.00 44.79
C GLY B 260 -1.12 -59.59 45.45
N GLY B 261 -0.81 -60.29 46.54
CA GLY B 261 0.40 -60.02 47.29
C GLY B 261 0.11 -59.40 48.64
N ILE B 262 1.09 -58.67 49.15
CA ILE B 262 1.01 -58.17 50.51
C ILE B 262 1.56 -56.74 50.56
N PHE B 263 0.93 -55.93 51.40
CA PHE B 263 1.40 -54.59 51.69
C PHE B 263 1.57 -54.50 53.20
N LEU B 264 2.71 -53.97 53.66
CA LEU B 264 2.99 -53.91 55.08
C LEU B 264 3.46 -52.51 55.44
N TYR B 265 2.90 -51.96 56.50
CA TYR B 265 3.51 -50.85 57.22
C TYR B 265 3.42 -51.25 58.69
N PRO B 266 4.31 -52.14 59.12
CA PRO B 266 4.28 -52.60 60.51
C PRO B 266 4.85 -51.55 61.44
N ALA B 267 4.65 -51.78 62.74
CA ALA B 267 5.35 -51.00 63.74
C ALA B 267 6.86 -51.21 63.57
N ASN B 268 7.63 -50.20 63.97
CA ASN B 268 9.08 -50.31 64.04
C ASN B 268 9.53 -49.44 65.19
N GLN B 269 10.83 -49.49 65.49
CA GLN B 269 11.36 -48.77 66.65
C GLN B 269 11.05 -47.27 66.59
N LYS B 270 11.07 -46.69 65.39
CA LYS B 270 10.79 -45.27 65.27
C LYS B 270 9.31 -44.96 65.21
N SER B 271 8.48 -45.92 64.85
CA SER B 271 7.02 -45.76 64.82
C SER B 271 6.40 -46.91 65.59
N PRO B 272 6.51 -46.90 66.91
CA PRO B 272 6.14 -48.09 67.70
C PRO B 272 4.66 -48.43 67.66
N LYS B 273 3.80 -47.51 67.20
CA LYS B 273 2.38 -47.81 66.97
C LYS B 273 2.03 -47.85 65.49
N GLY B 274 3.02 -47.95 64.61
CA GLY B 274 2.80 -47.77 63.18
C GLY B 274 2.78 -46.29 62.80
N LYS B 275 2.65 -46.04 61.49
CA LYS B 275 2.53 -44.68 60.97
C LYS B 275 1.12 -44.35 60.52
N LEU B 276 0.45 -45.29 59.83
CA LEU B 276 -0.80 -45.01 59.15
C LEU B 276 -1.93 -44.81 60.16
N ARG B 277 -2.93 -44.02 59.75
CA ARG B 277 -4.01 -43.61 60.65
C ARG B 277 -5.18 -44.59 60.59
N LEU B 278 -5.68 -44.95 61.77
CA LEU B 278 -6.72 -45.98 61.88
C LEU B 278 -8.04 -45.53 61.25
N LEU B 279 -8.47 -44.30 61.53
CA LEU B 279 -9.83 -43.91 61.20
C LEU B 279 -10.02 -43.75 59.70
N TYR B 280 -9.12 -43.03 59.04
CA TYR B 280 -9.32 -42.62 57.64
C TYR B 280 -8.26 -43.17 56.69
N GLU B 281 -7.37 -44.04 57.14
CA GLU B 281 -6.47 -44.77 56.26
C GLU B 281 -6.62 -46.28 56.42
N CYS B 282 -6.39 -46.82 57.63
CA CYS B 282 -6.30 -48.27 57.78
C CYS B 282 -7.66 -48.94 57.72
N ASN B 283 -8.64 -48.43 58.47
CA ASN B 283 -9.97 -49.03 58.44
C ASN B 283 -10.58 -49.05 57.04
N PRO B 284 -10.57 -47.95 56.27
CA PRO B 284 -11.18 -48.03 54.93
C PRO B 284 -10.54 -49.07 54.02
N VAL B 285 -9.21 -49.13 53.95
CA VAL B 285 -8.62 -50.11 53.03
C VAL B 285 -8.71 -51.51 53.61
N ALA B 286 -8.72 -51.62 54.94
CA ALA B 286 -8.97 -52.92 55.57
C ALA B 286 -10.36 -53.41 55.21
N TYR B 287 -11.35 -52.53 55.27
CA TYR B 287 -12.68 -52.88 54.84
C TYR B 287 -12.68 -53.35 53.39
N ILE B 288 -12.05 -52.58 52.50
CA ILE B 288 -12.02 -52.94 51.08
C ILE B 288 -11.35 -54.30 50.88
N ILE B 289 -10.16 -54.48 51.46
CA ILE B 289 -9.42 -55.72 51.24
C ILE B 289 -10.20 -56.92 51.80
N GLU B 290 -10.83 -56.75 52.96
CA GLU B 290 -11.59 -57.88 53.52
C GLU B 290 -12.84 -58.17 52.69
N GLN B 291 -13.53 -57.13 52.21
CA GLN B 291 -14.68 -57.34 51.35
C GLN B 291 -14.31 -58.12 50.10
N ALA B 292 -13.05 -58.02 49.65
CA ALA B 292 -12.59 -58.76 48.49
C ALA B 292 -12.01 -60.12 48.84
N GLY B 293 -12.12 -60.54 50.10
CA GLY B 293 -11.64 -61.86 50.48
C GLY B 293 -10.20 -61.91 50.93
N GLY B 294 -9.61 -60.76 51.27
CA GLY B 294 -8.27 -60.71 51.83
C GLY B 294 -8.31 -60.49 53.33
N LEU B 295 -7.12 -60.29 53.90
CA LEU B 295 -6.99 -60.04 55.33
C LEU B 295 -6.27 -58.72 55.59
N ALA B 296 -6.61 -58.11 56.72
CA ALA B 296 -5.98 -56.88 57.16
C ALA B 296 -5.80 -56.96 58.67
N THR B 297 -4.55 -57.01 59.12
CA THR B 297 -4.24 -57.24 60.52
C THR B 297 -3.28 -56.18 61.01
N THR B 298 -3.32 -55.91 62.32
CA THR B 298 -2.30 -55.14 63.00
C THR B 298 -1.10 -55.97 63.41
N GLY B 299 -1.12 -57.27 63.18
CA GLY B 299 -0.12 -58.15 63.75
C GLY B 299 -0.55 -58.82 65.04
N THR B 300 -1.55 -58.24 65.75
CA THR B 300 -2.13 -58.90 66.91
C THR B 300 -3.64 -59.11 66.83
N GLN B 301 -4.36 -58.37 65.99
CA GLN B 301 -5.80 -58.56 65.80
C GLN B 301 -6.19 -57.97 64.45
N PRO B 302 -7.36 -58.33 63.91
CA PRO B 302 -7.83 -57.69 62.67
C PRO B 302 -8.00 -56.20 62.87
N VAL B 303 -7.60 -55.43 61.84
CA VAL B 303 -7.69 -53.97 61.91
C VAL B 303 -9.12 -53.54 62.20
N LEU B 304 -10.10 -54.17 61.56
CA LEU B 304 -11.49 -53.75 61.70
C LEU B 304 -12.03 -53.95 63.10
N ASP B 305 -11.36 -54.74 63.94
CA ASP B 305 -11.80 -54.99 65.31
C ASP B 305 -11.20 -54.04 66.35
N VAL B 306 -10.20 -53.24 65.96
CA VAL B 306 -9.59 -52.32 66.91
C VAL B 306 -10.59 -51.24 67.29
N LYS B 307 -10.80 -51.07 68.60
CA LYS B 307 -11.68 -50.00 69.07
C LYS B 307 -10.90 -48.71 69.11
N PRO B 308 -11.22 -47.73 68.26
CA PRO B 308 -10.44 -46.49 68.25
C PRO B 308 -10.58 -45.77 69.58
N GLU B 309 -9.49 -45.11 69.97
CA GLU B 309 -9.49 -44.30 71.18
C GLU B 309 -9.20 -42.83 70.94
N ALA B 310 -8.59 -42.48 69.81
CA ALA B 310 -8.43 -41.09 69.43
C ALA B 310 -8.61 -40.98 67.92
N ILE B 311 -9.08 -39.83 67.45
CA ILE B 311 -9.47 -39.74 66.04
C ILE B 311 -8.24 -39.83 65.13
N HIS B 312 -7.07 -39.40 65.59
CA HIS B 312 -5.84 -39.47 64.82
C HIS B 312 -4.92 -40.60 65.28
N GLN B 313 -5.47 -41.61 65.94
CA GLN B 313 -4.70 -42.76 66.35
C GLN B 313 -4.02 -43.46 65.17
N ARG B 314 -2.79 -43.93 65.40
CA ARG B 314 -2.04 -44.76 64.47
C ARG B 314 -2.19 -46.25 64.80
N VAL B 315 -1.94 -47.08 63.80
CA VAL B 315 -2.04 -48.52 64.02
C VAL B 315 -1.09 -49.19 63.02
N PRO B 316 -0.45 -50.30 63.34
CA PRO B 316 0.28 -51.05 62.31
C PRO B 316 -0.70 -51.66 61.32
N LEU B 317 -0.23 -51.86 60.08
CA LEU B 317 -1.09 -52.33 58.99
C LEU B 317 -0.34 -53.36 58.16
N ILE B 318 -0.91 -54.56 58.06
CA ILE B 318 -0.46 -55.62 57.15
C ILE B 318 -1.69 -56.19 56.45
N LEU B 319 -1.72 -56.11 55.11
CA LEU B 319 -2.92 -56.54 54.40
C LEU B 319 -2.59 -57.13 53.03
N GLY B 320 -3.57 -57.82 52.46
CA GLY B 320 -3.46 -58.39 51.13
C GLY B 320 -4.04 -59.78 51.02
N SER B 321 -3.48 -60.58 50.12
CA SER B 321 -3.91 -61.95 49.93
C SER B 321 -3.90 -62.72 51.25
N PRO B 322 -4.91 -63.55 51.53
CA PRO B 322 -4.99 -64.21 52.85
C PRO B 322 -3.81 -65.12 53.15
N GLU B 323 -3.37 -65.92 52.18
CA GLU B 323 -2.23 -66.80 52.45
C GLU B 323 -0.96 -66.02 52.71
N ASP B 324 -0.80 -64.86 52.08
CA ASP B 324 0.40 -64.05 52.35
C ASP B 324 0.34 -63.41 53.73
N VAL B 325 -0.80 -62.85 54.12
CA VAL B 325 -0.92 -62.28 55.47
C VAL B 325 -0.74 -63.37 56.53
N GLN B 326 -1.30 -64.56 56.29
CA GLN B 326 -1.15 -65.66 57.23
C GLN B 326 0.30 -66.07 57.39
N GLU B 327 1.07 -66.10 56.30
CA GLU B 327 2.49 -66.37 56.47
C GLU B 327 3.15 -65.28 57.30
N TYR B 328 2.71 -64.03 57.16
CA TYR B 328 3.25 -62.99 58.02
C TYR B 328 2.87 -63.21 59.47
N LEU B 329 1.59 -63.51 59.71
CA LEU B 329 1.14 -63.76 61.09
C LEU B 329 1.87 -64.95 61.70
N THR B 330 2.20 -65.96 60.89
CA THR B 330 2.96 -67.08 61.43
C THR B 330 4.33 -66.60 61.93
N CYS B 331 4.98 -65.68 61.20
CA CYS B 331 6.23 -65.12 61.69
C CYS B 331 6.03 -64.36 62.99
N VAL B 332 4.92 -63.63 63.13
CA VAL B 332 4.69 -62.88 64.36
C VAL B 332 4.60 -63.82 65.56
N GLN B 333 3.82 -64.91 65.44
CA GLN B 333 3.71 -65.89 66.53
C GLN B 333 5.05 -66.58 66.78
N LYS B 334 5.78 -66.89 65.70
CA LYS B 334 7.06 -67.59 65.82
C LYS B 334 8.10 -66.77 66.59
N ASN B 335 8.00 -65.44 66.61
CA ASN B 335 8.98 -64.62 67.32
C ASN B 335 8.44 -64.09 68.65
N GLN B 336 7.36 -64.68 69.17
CA GLN B 336 6.78 -64.35 70.47
C GLN B 336 6.05 -63.00 70.48
N THR C 9 -4.36 -40.48 3.66
CA THR C 9 -3.05 -39.87 3.96
C THR C 9 -2.90 -39.57 5.44
N ASP C 10 -2.04 -38.60 5.77
CA ASP C 10 -1.67 -38.29 7.14
C ASP C 10 -2.63 -37.34 7.85
N MET C 11 -2.68 -37.49 9.18
CA MET C 11 -3.42 -36.59 10.07
C MET C 11 -2.55 -35.39 10.39
N LEU C 12 -3.01 -34.19 10.03
CA LEU C 12 -2.21 -32.99 10.20
C LEU C 12 -2.89 -32.05 11.20
N THR C 13 -2.12 -31.54 12.15
CA THR C 13 -2.56 -30.45 13.01
C THR C 13 -2.21 -29.11 12.36
N LEU C 14 -2.83 -28.05 12.88
CA LEU C 14 -2.68 -26.73 12.28
C LEU C 14 -1.23 -26.25 12.33
N THR C 15 -0.57 -26.36 13.48
CA THR C 15 0.78 -25.81 13.59
C THR C 15 1.77 -26.62 12.75
N ARG C 16 1.58 -27.92 12.63
CA ARG C 16 2.40 -28.67 11.70
C ARG C 16 2.14 -28.25 10.27
N TYR C 17 0.86 -28.08 9.90
CA TYR C 17 0.51 -27.66 8.54
C TYR C 17 1.12 -26.31 8.21
N VAL C 18 1.08 -25.38 9.16
CA VAL C 18 1.69 -24.07 8.97
C VAL C 18 3.21 -24.18 8.91
N MET C 19 3.81 -24.96 9.82
CA MET C 19 5.27 -25.12 9.80
C MET C 19 5.75 -25.65 8.46
N GLU C 20 5.04 -26.65 7.91
CA GLU C 20 5.46 -27.21 6.63
C GLU C 20 5.45 -26.15 5.54
N LYS C 21 4.39 -25.32 5.49
CA LYS C 21 4.31 -24.25 4.50
C LYS C 21 5.36 -23.16 4.74
N GLY C 22 5.57 -22.77 6.00
CA GLY C 22 6.57 -21.75 6.28
C GLY C 22 7.98 -22.21 5.97
N ARG C 23 8.25 -23.50 6.11
CA ARG C 23 9.56 -24.05 5.79
C ARG C 23 9.77 -24.12 4.29
N GLN C 24 8.78 -24.64 3.54
CA GLN C 24 8.93 -24.76 2.09
C GLN C 24 9.10 -23.41 1.43
N ALA C 25 8.54 -22.35 2.01
CA ALA C 25 8.73 -20.97 1.59
C ALA C 25 10.00 -20.36 2.17
N LYS C 26 10.72 -21.08 3.01
CA LYS C 26 11.98 -20.62 3.60
C LYS C 26 11.83 -19.26 4.26
N GLY C 27 10.69 -19.04 4.95
CA GLY C 27 10.49 -17.83 5.70
C GLY C 27 11.26 -17.84 7.03
N THR C 28 11.19 -16.69 7.72
CA THR C 28 11.92 -16.50 8.98
C THR C 28 11.32 -17.30 10.14
N GLY C 29 10.07 -17.75 10.04
CA GLY C 29 9.39 -18.37 11.15
C GLY C 29 8.46 -17.45 11.91
N GLU C 30 8.48 -16.15 11.60
CA GLU C 30 7.81 -15.15 12.44
C GLU C 30 6.31 -15.22 12.29
N LEU C 31 5.82 -15.48 11.07
CA LEU C 31 4.38 -15.66 10.89
C LEU C 31 3.94 -16.95 11.59
N THR C 32 4.69 -18.04 11.40
CA THR C 32 4.38 -19.28 12.10
C THR C 32 4.34 -19.06 13.61
N GLN C 33 5.27 -18.28 14.13
CA GLN C 33 5.27 -18.07 15.58
C GLN C 33 4.05 -17.25 15.99
N LEU C 34 3.71 -16.24 15.19
CA LEU C 34 2.54 -15.43 15.49
C LEU C 34 1.26 -16.27 15.48
N LEU C 35 1.05 -17.05 14.41
CA LEU C 35 -0.16 -17.87 14.30
C LEU C 35 -0.24 -18.89 15.42
N ASN C 36 0.88 -19.52 15.78
CA ASN C 36 0.87 -20.50 16.86
C ASN C 36 0.42 -19.86 18.17
N SER C 37 0.84 -18.61 18.41
CA SER C 37 0.43 -17.90 19.62
C SER C 37 -1.07 -17.56 19.59
N MET C 38 -1.59 -17.18 18.42
CA MET C 38 -3.01 -16.84 18.28
C MET C 38 -3.88 -18.06 18.58
N LEU C 39 -3.46 -19.23 18.09
CA LEU C 39 -4.17 -20.46 18.33
C LEU C 39 -4.13 -20.85 19.80
N THR C 40 -3.04 -20.54 20.50
CA THR C 40 -3.01 -20.80 21.95
C THR C 40 -4.01 -19.91 22.68
N ALA C 41 -4.13 -18.65 22.27
CA ALA C 41 -5.17 -17.80 22.82
C ALA C 41 -6.55 -18.35 22.46
N ILE C 42 -6.71 -18.84 21.22
CA ILE C 42 -8.02 -19.32 20.80
C ILE C 42 -8.42 -20.55 21.61
N LYS C 43 -7.48 -21.48 21.85
CA LYS C 43 -7.78 -22.63 22.69
C LYS C 43 -8.17 -22.18 24.09
N ALA C 44 -7.47 -21.17 24.62
CA ALA C 44 -7.79 -20.69 25.97
C ALA C 44 -9.15 -20.02 26.03
N ILE C 45 -9.49 -19.24 24.99
CA ILE C 45 -10.79 -18.60 24.92
C ILE C 45 -11.89 -19.66 24.83
N SER C 46 -11.70 -20.63 23.94
CA SER C 46 -12.69 -21.70 23.77
C SER C 46 -12.96 -22.41 25.09
N SER C 47 -11.90 -22.72 25.85
CA SER C 47 -12.10 -23.40 27.12
C SER C 47 -12.90 -22.54 28.11
N ALA C 48 -12.65 -21.23 28.15
CA ALA C 48 -13.44 -20.37 29.04
C ALA C 48 -14.88 -20.22 28.54
N VAL C 49 -15.06 -20.12 27.22
CA VAL C 49 -16.39 -20.00 26.65
C VAL C 49 -17.24 -21.21 26.99
N ARG C 50 -16.64 -22.41 26.94
CA ARG C 50 -17.35 -23.63 27.30
C ARG C 50 -17.54 -23.77 28.81
N LYS C 51 -17.08 -22.81 29.62
CA LYS C 51 -17.37 -22.72 31.05
C LYS C 51 -16.58 -23.67 31.96
N ALA C 52 -15.38 -24.05 31.54
CA ALA C 52 -14.48 -24.77 32.43
C ALA C 52 -14.26 -23.95 33.71
N GLY C 53 -14.34 -24.62 34.85
CA GLY C 53 -14.14 -24.02 36.16
C GLY C 53 -15.35 -23.36 36.78
N LEU C 54 -16.52 -23.42 36.11
CA LEU C 54 -17.72 -22.76 36.60
C LEU C 54 -18.15 -23.26 37.98
N ALA C 55 -17.97 -24.56 38.26
CA ALA C 55 -18.32 -25.08 39.58
C ALA C 55 -17.54 -24.36 40.69
N HIS C 56 -16.31 -23.91 40.41
CA HIS C 56 -15.57 -23.17 41.42
C HIS C 56 -16.10 -21.75 41.59
N LEU C 57 -16.69 -21.18 40.55
CA LEU C 57 -17.36 -19.89 40.73
C LEU C 57 -18.61 -20.02 41.60
N TYR C 58 -19.25 -21.20 41.60
CA TYR C 58 -20.49 -21.41 42.36
C TYR C 58 -20.25 -22.12 43.70
N GLY C 59 -19.01 -22.12 44.20
CA GLY C 59 -18.76 -22.49 45.58
C GLY C 59 -18.54 -23.96 45.87
N ILE C 60 -17.98 -24.73 44.93
CA ILE C 60 -17.79 -26.15 45.17
C ILE C 60 -16.82 -26.38 46.33
N ALA C 61 -15.84 -25.49 46.49
CA ALA C 61 -14.87 -25.55 47.59
C ALA C 61 -15.19 -24.56 48.69
N GLY C 62 -16.37 -23.94 48.66
CA GLY C 62 -16.79 -23.00 49.68
C GLY C 62 -16.61 -21.54 49.34
N SER C 63 -16.11 -21.20 48.14
CA SER C 63 -15.90 -19.79 47.75
C SER C 63 -16.83 -19.43 46.60
N VAL C 64 -17.95 -18.78 46.92
CA VAL C 64 -18.91 -18.34 45.90
C VAL C 64 -18.42 -17.04 45.26
N ASN C 65 -18.44 -17.01 43.93
CA ASN C 65 -17.96 -15.92 43.10
C ASN C 65 -18.77 -15.93 41.80
N VAL C 66 -20.09 -15.71 41.92
CA VAL C 66 -20.98 -15.73 40.75
C VAL C 66 -20.79 -14.46 39.93
N THR C 67 -20.75 -14.62 38.61
CA THR C 67 -20.35 -13.57 37.69
C THR C 67 -21.54 -12.70 37.31
N GLY C 68 -21.34 -11.38 37.34
CA GLY C 68 -22.40 -10.44 37.08
C GLY C 68 -22.62 -10.09 35.61
N ASP C 69 -21.56 -9.59 34.95
CA ASP C 69 -21.60 -9.18 33.54
C ASP C 69 -20.73 -10.17 32.76
N GLU C 70 -21.34 -11.29 32.37
CA GLU C 70 -20.57 -12.39 31.78
C GLU C 70 -20.10 -12.09 30.37
N VAL C 71 -20.76 -11.16 29.68
CA VAL C 71 -20.22 -10.65 28.42
C VAL C 71 -18.98 -9.77 28.68
N LYS C 72 -18.98 -9.06 29.81
CA LYS C 72 -17.81 -8.23 30.17
C LYS C 72 -16.64 -9.09 30.68
N LYS C 73 -16.92 -10.08 31.54
CA LYS C 73 -15.83 -10.95 31.98
C LYS C 73 -15.19 -11.65 30.79
N LEU C 74 -16.00 -12.17 29.88
CA LEU C 74 -15.47 -12.97 28.79
C LEU C 74 -14.76 -12.11 27.74
N ASP C 75 -15.31 -10.95 27.37
CA ASP C 75 -14.60 -10.16 26.36
C ASP C 75 -13.34 -9.52 26.93
N VAL C 76 -13.34 -9.21 28.23
CA VAL C 76 -12.11 -8.72 28.86
C VAL C 76 -11.05 -9.82 28.92
N LEU C 77 -11.46 -11.03 29.29
CA LEU C 77 -10.51 -12.14 29.35
C LEU C 77 -9.98 -12.46 27.97
N SER C 78 -10.88 -12.59 26.99
CA SER C 78 -10.51 -12.84 25.61
C SER C 78 -9.49 -11.84 25.12
N ASN C 79 -9.77 -10.56 25.34
CA ASN C 79 -8.88 -9.50 24.90
C ASN C 79 -7.49 -9.68 25.49
N SER C 80 -7.42 -9.98 26.80
CA SER C 80 -6.12 -10.20 27.45
C SER C 80 -5.42 -11.43 26.90
N LEU C 81 -6.16 -12.52 26.65
CA LEU C 81 -5.52 -13.71 26.10
C LEU C 81 -4.88 -13.40 24.75
N VAL C 82 -5.63 -12.75 23.86
CA VAL C 82 -5.08 -12.43 22.55
C VAL C 82 -3.91 -11.45 22.68
N ILE C 83 -4.10 -10.36 23.42
CA ILE C 83 -3.05 -9.34 23.52
C ILE C 83 -1.77 -9.94 24.11
N ASN C 84 -1.92 -10.69 25.21
CA ASN C 84 -0.75 -11.25 25.87
C ASN C 84 -0.04 -12.29 25.00
N MET C 85 -0.80 -13.18 24.34
CA MET C 85 -0.16 -14.20 23.52
C MET C 85 0.54 -13.58 22.31
N LEU C 86 -0.07 -12.55 21.70
CA LEU C 86 0.52 -11.94 20.52
C LEU C 86 1.79 -11.16 20.88
N GLN C 87 1.72 -10.34 21.95
CA GLN C 87 2.90 -9.57 22.35
C GLN C 87 4.06 -10.47 22.70
N SER C 88 3.78 -11.59 23.39
CA SER C 88 4.81 -12.54 23.79
C SER C 88 5.37 -13.33 22.60
N SER C 89 4.74 -13.26 21.44
CA SER C 89 5.24 -13.99 20.30
C SER C 89 6.50 -13.38 19.71
N TYR C 90 6.81 -12.13 20.07
CA TYR C 90 7.89 -11.36 19.45
C TYR C 90 7.67 -11.15 17.96
N SER C 91 6.42 -11.21 17.49
CA SER C 91 6.14 -11.11 16.06
C SER C 91 5.40 -9.85 15.69
N THR C 92 5.03 -9.02 16.66
CA THR C 92 4.08 -7.94 16.43
C THR C 92 4.69 -6.58 16.74
N CYS C 93 4.18 -5.55 16.06
CA CYS C 93 4.52 -4.17 16.41
C CYS C 93 3.31 -3.32 16.76
N VAL C 94 2.16 -3.57 16.14
CA VAL C 94 0.95 -2.80 16.37
C VAL C 94 -0.23 -3.77 16.44
N LEU C 95 -1.08 -3.61 17.46
CA LEU C 95 -2.32 -4.37 17.59
C LEU C 95 -3.51 -3.41 17.60
N VAL C 96 -4.58 -3.81 16.93
CA VAL C 96 -5.87 -3.13 17.01
C VAL C 96 -6.90 -4.11 17.52
N SER C 97 -7.57 -3.75 18.60
CA SER C 97 -8.59 -4.61 19.19
C SER C 97 -9.94 -3.90 19.19
N GLU C 98 -11.00 -4.65 18.91
CA GLU C 98 -12.35 -4.15 19.09
C GLU C 98 -12.53 -3.56 20.49
N GLU C 99 -11.76 -4.02 21.47
CA GLU C 99 -11.94 -3.66 22.87
C GLU C 99 -11.14 -2.44 23.32
N ASN C 100 -10.25 -1.90 22.49
CA ASN C 100 -9.36 -0.81 22.89
C ASN C 100 -9.54 0.40 21.99
N LYS C 101 -9.71 1.58 22.60
CA LYS C 101 -9.92 2.81 21.85
C LYS C 101 -8.76 3.10 20.91
N ASP C 102 -7.53 2.95 21.39
CA ASP C 102 -6.33 3.25 20.63
C ASP C 102 -5.61 1.97 20.21
N ALA C 103 -4.76 2.12 19.19
CA ALA C 103 -3.88 1.03 18.81
C ALA C 103 -2.91 0.74 19.93
N ILE C 104 -2.49 -0.51 20.03
CA ILE C 104 -1.59 -0.99 21.08
C ILE C 104 -0.24 -1.24 20.42
N ILE C 105 0.75 -0.45 20.80
CA ILE C 105 2.08 -0.57 20.21
C ILE C 105 2.89 -1.52 21.07
N THR C 106 3.47 -2.52 20.44
CA THR C 106 4.26 -3.50 21.17
C THR C 106 5.50 -2.84 21.77
N ALA C 107 5.88 -3.27 22.97
CA ALA C 107 7.10 -2.80 23.58
C ALA C 107 8.28 -3.11 22.66
N LYS C 108 9.25 -2.20 22.64
CA LYS C 108 10.32 -2.27 21.64
C LYS C 108 11.08 -3.60 21.72
N GLU C 109 11.27 -4.13 22.93
CA GLU C 109 12.05 -5.36 23.07
C GLU C 109 11.29 -6.60 22.62
N LYS C 110 9.97 -6.52 22.43
CA LYS C 110 9.21 -7.64 21.92
C LYS C 110 8.74 -7.42 20.49
N ARG C 111 9.20 -6.35 19.84
CA ARG C 111 8.68 -5.94 18.54
C ARG C 111 9.04 -6.93 17.43
N GLY C 112 8.05 -7.24 16.59
CA GLY C 112 8.24 -7.99 15.37
C GLY C 112 7.66 -7.25 14.18
N LYS C 113 7.48 -7.92 13.04
CA LYS C 113 7.18 -7.20 11.82
C LYS C 113 5.70 -7.18 11.44
N TYR C 114 4.80 -7.74 12.26
CA TYR C 114 3.42 -7.90 11.83
C TYR C 114 2.46 -7.04 12.65
N VAL C 115 1.40 -6.58 11.96
CA VAL C 115 0.29 -5.84 12.54
C VAL C 115 -0.90 -6.80 12.61
N VAL C 116 -1.60 -6.80 13.74
CA VAL C 116 -2.76 -7.68 13.90
C VAL C 116 -3.97 -6.85 14.34
N CYS C 117 -5.05 -6.95 13.58
CA CYS C 117 -6.35 -6.37 13.90
C CYS C 117 -7.30 -7.51 14.28
N PHE C 118 -7.95 -7.41 15.43
CA PHE C 118 -8.77 -8.54 15.84
C PHE C 118 -9.96 -8.13 16.68
N ASP C 119 -11.03 -8.91 16.57
CA ASP C 119 -12.12 -8.86 17.53
C ASP C 119 -11.99 -10.07 18.44
N PRO C 120 -11.64 -9.90 19.72
CA PRO C 120 -11.39 -11.08 20.56
C PRO C 120 -12.63 -11.90 20.84
N LEU C 121 -13.83 -11.28 20.89
CA LEU C 121 -15.07 -12.02 21.17
C LEU C 121 -16.21 -11.37 20.38
N ASP C 122 -16.38 -11.82 19.15
CA ASP C 122 -17.43 -11.35 18.29
C ASP C 122 -18.76 -12.01 18.66
N GLY C 123 -19.85 -11.23 18.54
CA GLY C 123 -21.19 -11.71 18.79
C GLY C 123 -21.57 -11.59 20.24
N SER C 124 -21.26 -10.46 20.86
CA SER C 124 -21.37 -10.35 22.31
C SER C 124 -22.82 -10.42 22.79
N SER C 125 -23.78 -9.98 21.97
CA SER C 125 -25.18 -10.11 22.36
C SER C 125 -25.63 -11.57 22.43
N ASN C 126 -24.83 -12.53 21.96
CA ASN C 126 -25.11 -13.96 22.04
C ASN C 126 -24.45 -14.66 23.23
N ILE C 127 -23.69 -13.96 24.07
CA ILE C 127 -22.97 -14.63 25.16
C ILE C 127 -23.95 -15.18 26.20
N ASP C 128 -24.90 -14.36 26.64
CA ASP C 128 -25.78 -14.74 27.74
C ASP C 128 -26.82 -15.79 27.33
N CYS C 129 -27.17 -15.90 26.07
CA CYS C 129 -28.11 -16.91 25.62
C CYS C 129 -27.43 -18.14 25.02
N LEU C 130 -26.09 -18.17 25.05
CA LEU C 130 -25.22 -19.30 24.67
C LEU C 130 -25.23 -19.63 23.19
N ALA C 131 -25.62 -18.68 22.34
CA ALA C 131 -25.48 -18.94 20.92
C ALA C 131 -24.00 -18.76 20.49
N SER C 132 -23.72 -19.10 19.23
CA SER C 132 -22.34 -19.13 18.76
C SER C 132 -21.69 -17.75 18.86
N ILE C 133 -20.41 -17.72 19.22
CA ILE C 133 -19.60 -16.52 19.26
C ILE C 133 -18.23 -16.83 18.67
N GLY C 134 -17.38 -15.81 18.54
CA GLY C 134 -16.15 -16.05 17.80
C GLY C 134 -15.06 -15.03 18.03
N THR C 135 -13.93 -15.27 17.36
CA THR C 135 -12.74 -14.42 17.38
C THR C 135 -12.35 -14.22 15.92
N ILE C 136 -12.04 -12.98 15.52
CA ILE C 136 -11.73 -12.65 14.12
C ILE C 136 -10.39 -11.93 14.09
N PHE C 137 -9.56 -12.23 13.09
CA PHE C 137 -8.26 -11.56 13.04
C PHE C 137 -7.78 -11.43 11.60
N ALA C 138 -7.00 -10.37 11.36
CA ALA C 138 -6.33 -10.12 10.09
C ALA C 138 -4.92 -9.64 10.38
N ILE C 139 -3.95 -10.14 9.61
CA ILE C 139 -2.53 -9.90 9.83
C ILE C 139 -1.94 -9.17 8.64
N TYR C 140 -1.22 -8.09 8.92
CA TYR C 140 -0.50 -7.33 7.93
C TYR C 140 0.98 -7.23 8.29
N ARG C 141 1.83 -7.11 7.27
CA ARG C 141 3.21 -6.69 7.53
C ARG C 141 3.27 -5.18 7.65
N LYS C 142 4.00 -4.70 8.66
CA LYS C 142 4.35 -3.28 8.70
C LYS C 142 5.15 -2.92 7.45
N THR C 143 4.69 -1.91 6.71
CA THR C 143 5.35 -1.45 5.49
C THR C 143 5.98 -0.09 5.60
N SER C 144 5.47 0.78 6.47
CA SER C 144 6.07 2.09 6.65
C SER C 144 7.46 1.93 7.27
N GLU C 145 8.34 2.88 6.96
CA GLU C 145 9.68 2.87 7.53
C GLU C 145 9.76 3.57 8.88
N ASP C 146 8.72 4.32 9.27
CA ASP C 146 8.75 5.13 10.49
C ASP C 146 8.64 4.27 11.73
N GLU C 147 8.30 4.90 12.86
CA GLU C 147 7.99 4.17 14.07
C GLU C 147 6.62 3.48 13.95
N PRO C 148 6.46 2.32 14.57
CA PRO C 148 5.13 1.69 14.58
C PRO C 148 4.10 2.60 15.21
N SER C 149 2.98 2.78 14.51
CA SER C 149 1.86 3.55 15.02
C SER C 149 0.59 2.98 14.41
N GLU C 150 -0.55 3.53 14.83
CA GLU C 150 -1.83 3.06 14.34
C GLU C 150 -1.96 3.23 12.83
N LYS C 151 -1.14 4.07 12.20
CA LYS C 151 -1.18 4.14 10.74
C LYS C 151 -0.77 2.84 10.08
N ASP C 152 0.03 2.00 10.75
CA ASP C 152 0.40 0.73 10.15
C ASP C 152 -0.79 -0.23 10.05
N ALA C 153 -1.83 0.00 10.83
CA ALA C 153 -3.04 -0.80 10.78
C ALA C 153 -4.03 -0.29 9.74
N LEU C 154 -3.73 0.82 9.09
CA LEU C 154 -4.63 1.44 8.12
C LEU C 154 -4.38 1.01 6.69
N GLN C 155 -3.92 -0.22 6.47
CA GLN C 155 -3.79 -0.74 5.12
C GLN C 155 -5.12 -1.31 4.63
N CYS C 156 -5.30 -1.28 3.32
CA CYS C 156 -6.52 -1.85 2.81
C CYS C 156 -6.41 -3.37 2.74
N GLY C 157 -7.57 -4.03 2.70
CA GLY C 157 -7.63 -5.48 2.86
C GLY C 157 -6.88 -6.27 1.80
N ARG C 158 -6.60 -5.68 0.64
CA ARG C 158 -5.79 -6.37 -0.37
C ARG C 158 -4.39 -6.71 0.13
N ASN C 159 -3.91 -6.05 1.18
CA ASN C 159 -2.57 -6.27 1.72
C ASN C 159 -2.56 -7.26 2.88
N ILE C 160 -3.64 -8.03 3.07
CA ILE C 160 -3.67 -8.98 4.18
C ILE C 160 -2.60 -10.04 3.97
N VAL C 161 -1.82 -10.31 5.01
CA VAL C 161 -0.88 -11.43 4.93
C VAL C 161 -1.57 -12.75 5.26
N ALA C 162 -2.33 -12.78 6.35
CA ALA C 162 -3.13 -13.94 6.72
C ALA C 162 -4.34 -13.43 7.46
N ALA C 163 -5.45 -14.14 7.33
CA ALA C 163 -6.65 -13.77 8.06
C ALA C 163 -7.46 -15.03 8.37
N GLY C 164 -8.28 -14.93 9.41
CA GLY C 164 -9.11 -16.05 9.74
C GLY C 164 -9.99 -15.75 10.94
N TYR C 165 -10.70 -16.80 11.36
CA TYR C 165 -11.57 -16.67 12.51
C TYR C 165 -11.66 -18.00 13.23
N ALA C 166 -11.99 -17.91 14.52
CA ALA C 166 -12.40 -19.03 15.36
C ALA C 166 -13.89 -18.93 15.60
N LEU C 167 -14.60 -20.04 15.44
CA LEU C 167 -16.02 -20.11 15.74
C LEU C 167 -16.18 -21.02 16.95
N TYR C 168 -16.67 -20.45 18.06
CA TYR C 168 -17.00 -21.25 19.22
C TYR C 168 -18.49 -21.58 19.10
N GLY C 169 -18.79 -22.57 18.26
CA GLY C 169 -20.14 -23.00 18.03
C GLY C 169 -20.43 -24.28 18.78
N SER C 170 -21.19 -25.18 18.14
CA SER C 170 -21.40 -26.48 18.76
C SER C 170 -20.08 -27.24 18.88
N ALA C 171 -19.15 -26.99 17.96
CA ALA C 171 -17.76 -27.38 18.08
C ALA C 171 -16.92 -26.15 17.79
N THR C 172 -15.61 -26.23 18.02
CA THR C 172 -14.71 -25.09 17.79
C THR C 172 -13.97 -25.28 16.49
N LEU C 173 -14.11 -24.33 15.58
CA LEU C 173 -13.49 -24.40 14.27
C LEU C 173 -12.64 -23.16 14.04
N VAL C 174 -11.56 -23.33 13.27
CA VAL C 174 -10.79 -22.20 12.78
C VAL C 174 -10.76 -22.26 11.26
N ALA C 175 -11.08 -21.13 10.63
CA ALA C 175 -10.85 -20.95 9.20
C ALA C 175 -9.64 -20.04 9.05
N LEU C 176 -8.74 -20.39 8.13
CA LEU C 176 -7.48 -19.67 7.96
C LEU C 176 -7.13 -19.57 6.49
N SER C 177 -6.67 -18.38 6.09
CA SER C 177 -6.15 -18.16 4.75
C SER C 177 -4.87 -17.34 4.84
N THR C 178 -3.85 -17.76 4.07
CA THR C 178 -2.62 -17.03 3.86
C THR C 178 -2.48 -16.53 2.43
N GLY C 179 -3.54 -16.64 1.64
CA GLY C 179 -3.55 -16.17 0.26
C GLY C 179 -3.78 -17.26 -0.76
N GLN C 180 -3.92 -18.52 -0.36
CA GLN C 180 -4.03 -19.65 -1.28
C GLN C 180 -5.32 -20.44 -1.01
N GLY C 181 -6.41 -19.74 -0.78
CA GLY C 181 -7.65 -20.41 -0.44
C GLY C 181 -7.87 -20.47 1.06
N VAL C 182 -8.93 -21.21 1.43
CA VAL C 182 -9.38 -21.30 2.81
C VAL C 182 -9.26 -22.75 3.27
N ASP C 183 -8.63 -22.94 4.44
CA ASP C 183 -8.55 -24.25 5.10
C ASP C 183 -9.33 -24.20 6.42
N LEU C 184 -10.00 -25.31 6.75
CA LEU C 184 -10.81 -25.43 7.96
C LEU C 184 -10.17 -26.44 8.91
N PHE C 185 -10.20 -26.09 10.20
CA PHE C 185 -9.63 -26.91 11.25
C PHE C 185 -10.63 -27.06 12.40
N MET C 186 -10.72 -28.27 12.96
CA MET C 186 -11.58 -28.54 14.10
C MET C 186 -10.74 -28.82 15.31
N LEU C 187 -11.13 -28.23 16.43
CA LEU C 187 -10.48 -28.49 17.70
C LEU C 187 -10.95 -29.83 18.23
N ASP C 188 -10.00 -30.78 18.39
CA ASP C 188 -10.32 -32.02 19.09
C ASP C 188 -10.02 -31.81 20.56
N PRO C 189 -11.05 -31.62 21.40
CA PRO C 189 -10.77 -31.30 22.81
C PRO C 189 -10.04 -32.41 23.56
N ALA C 190 -10.19 -33.68 23.13
CA ALA C 190 -9.47 -34.78 23.79
C ALA C 190 -8.00 -34.78 23.41
N LEU C 191 -7.66 -34.26 22.24
CA LEU C 191 -6.28 -34.10 21.85
C LEU C 191 -5.73 -32.75 22.28
N GLY C 192 -6.57 -31.71 22.28
CA GLY C 192 -6.12 -30.37 22.55
C GLY C 192 -5.51 -29.67 21.36
N GLU C 193 -5.77 -30.14 20.15
CA GLU C 193 -5.16 -29.52 18.98
C GLU C 193 -6.15 -29.45 17.84
N PHE C 194 -5.92 -28.49 16.95
CA PHE C 194 -6.76 -28.32 15.78
C PHE C 194 -6.29 -29.27 14.69
N VAL C 195 -7.22 -30.05 14.17
CA VAL C 195 -6.96 -31.03 13.12
C VAL C 195 -7.41 -30.42 11.78
N LEU C 196 -6.59 -30.56 10.74
CA LEU C 196 -7.00 -30.10 9.41
C LEU C 196 -8.11 -30.99 8.87
N VAL C 197 -9.24 -30.37 8.61
CA VAL C 197 -10.46 -31.08 8.26
C VAL C 197 -10.91 -30.82 6.81
N GLU C 198 -10.51 -29.72 6.20
CA GLU C 198 -10.92 -29.43 4.83
C GLU C 198 -9.91 -28.49 4.19
N LYS C 199 -9.41 -28.88 3.02
CA LYS C 199 -8.44 -28.06 2.31
C LYS C 199 -9.11 -27.30 1.17
N ASP C 200 -8.77 -26.02 1.06
CA ASP C 200 -9.14 -25.20 -0.09
C ASP C 200 -10.66 -25.24 -0.34
N VAL C 201 -11.41 -24.79 0.68
CA VAL C 201 -12.87 -24.77 0.59
C VAL C 201 -13.30 -23.75 -0.45
N LYS C 202 -14.34 -24.10 -1.20
CA LYS C 202 -14.89 -23.24 -2.24
C LYS C 202 -16.37 -23.00 -1.96
N ILE C 203 -16.76 -21.72 -1.92
CA ILE C 203 -18.15 -21.38 -1.68
C ILE C 203 -18.98 -21.74 -2.92
N LYS C 204 -20.24 -22.08 -2.70
CA LYS C 204 -21.14 -22.34 -3.82
C LYS C 204 -21.29 -21.09 -4.65
N LYS C 205 -21.44 -21.27 -5.96
CA LYS C 205 -21.62 -20.12 -6.85
C LYS C 205 -22.88 -19.34 -6.49
N LYS C 206 -23.93 -20.05 -6.11
CA LYS C 206 -25.21 -19.48 -5.72
C LYS C 206 -25.76 -20.33 -4.60
N GLY C 207 -26.30 -19.67 -3.57
CA GLY C 207 -26.87 -20.35 -2.44
C GLY C 207 -28.38 -20.23 -2.42
N LYS C 208 -28.96 -20.62 -1.27
CA LYS C 208 -30.39 -20.55 -1.08
C LYS C 208 -30.76 -19.97 0.29
N ILE C 209 -29.81 -19.30 0.94
CA ILE C 209 -30.00 -18.70 2.26
C ILE C 209 -29.57 -17.25 2.18
N TYR C 210 -30.40 -16.35 2.72
CA TYR C 210 -30.06 -14.94 2.86
C TYR C 210 -30.11 -14.61 4.34
N SER C 211 -29.19 -13.73 4.76
CA SER C 211 -28.90 -13.55 6.18
C SER C 211 -28.75 -12.07 6.50
N LEU C 212 -29.74 -11.48 7.18
CA LEU C 212 -29.65 -10.10 7.63
C LEU C 212 -30.71 -9.85 8.69
N ASN C 213 -30.50 -8.79 9.46
CA ASN C 213 -31.44 -8.35 10.50
C ASN C 213 -32.56 -7.53 9.85
N GLU C 214 -33.72 -8.14 9.64
CA GLU C 214 -34.82 -7.45 8.97
C GLU C 214 -35.57 -6.49 9.88
N GLY C 215 -35.24 -6.44 11.17
CA GLY C 215 -35.80 -5.40 12.01
C GLY C 215 -35.40 -3.98 11.61
N TYR C 216 -34.50 -3.81 10.65
CA TYR C 216 -34.12 -2.50 10.16
C TYR C 216 -34.82 -2.16 8.85
N ALA C 217 -35.89 -2.88 8.51
CA ALA C 217 -36.52 -2.75 7.20
C ALA C 217 -36.97 -1.32 6.92
N LYS C 218 -37.48 -0.63 7.94
CA LYS C 218 -37.92 0.74 7.72
C LYS C 218 -36.78 1.71 7.49
N TYR C 219 -35.54 1.28 7.69
CA TYR C 219 -34.37 2.13 7.47
C TYR C 219 -33.58 1.71 6.24
N PHE C 220 -33.97 0.64 5.56
CA PHE C 220 -33.22 0.15 4.42
C PHE C 220 -33.27 1.14 3.27
N ASP C 221 -32.24 1.10 2.43
CA ASP C 221 -32.41 1.80 1.17
C ASP C 221 -33.26 0.95 0.22
N ALA C 222 -33.58 1.53 -0.94
CA ALA C 222 -34.50 0.89 -1.87
C ALA C 222 -33.90 -0.35 -2.49
N ALA C 223 -32.57 -0.37 -2.69
CA ALA C 223 -31.93 -1.54 -3.27
C ALA C 223 -32.01 -2.73 -2.31
N THR C 224 -31.70 -2.51 -1.03
CA THR C 224 -31.82 -3.57 -0.03
C THR C 224 -33.27 -4.05 0.07
N THR C 225 -34.22 -3.12 0.14
CA THR C 225 -35.63 -3.50 0.18
C THR C 225 -35.99 -4.34 -1.03
N GLU C 226 -35.51 -3.96 -2.21
CA GLU C 226 -35.81 -4.73 -3.40
C GLU C 226 -35.16 -6.12 -3.33
N TYR C 227 -33.89 -6.18 -2.91
CA TYR C 227 -33.21 -7.48 -2.90
C TYR C 227 -33.92 -8.47 -1.99
N VAL C 228 -34.32 -8.03 -0.79
CA VAL C 228 -35.05 -8.92 0.13
C VAL C 228 -36.37 -9.34 -0.48
N GLN C 229 -37.05 -8.43 -1.18
CA GLN C 229 -38.30 -8.78 -1.86
C GLN C 229 -38.09 -9.88 -2.89
N LYS C 230 -37.01 -9.82 -3.66
CA LYS C 230 -36.71 -10.86 -4.64
C LYS C 230 -36.45 -12.21 -3.97
N LYS C 231 -35.87 -12.20 -2.77
CA LYS C 231 -35.57 -13.46 -2.08
C LYS C 231 -36.84 -14.16 -1.60
N LYS C 232 -37.84 -13.38 -1.20
CA LYS C 232 -39.10 -13.91 -0.72
C LYS C 232 -40.08 -14.19 -1.84
N PHE C 233 -40.14 -13.31 -2.85
CA PHE C 233 -41.09 -13.39 -3.94
C PHE C 233 -40.29 -13.44 -5.24
N PRO C 234 -39.70 -14.59 -5.57
CA PRO C 234 -38.88 -14.65 -6.79
C PRO C 234 -39.72 -14.32 -8.01
N GLU C 235 -39.11 -13.59 -8.93
CA GLU C 235 -39.71 -13.08 -10.16
C GLU C 235 -39.60 -14.18 -11.22
N ASP C 236 -39.53 -15.40 -10.74
CA ASP C 236 -38.82 -16.52 -11.36
C ASP C 236 -39.61 -17.82 -11.32
N GLY C 237 -40.54 -17.98 -10.40
CA GLY C 237 -41.17 -19.25 -10.17
C GLY C 237 -40.36 -20.18 -9.30
N SER C 238 -39.09 -19.84 -9.01
CA SER C 238 -38.25 -20.63 -8.13
C SER C 238 -38.70 -20.49 -6.67
N ALA C 239 -38.25 -21.41 -5.84
CA ALA C 239 -38.62 -21.35 -4.43
C ALA C 239 -37.93 -20.15 -3.75
N PRO C 240 -38.60 -19.52 -2.79
CA PRO C 240 -37.94 -18.45 -2.05
C PRO C 240 -36.80 -19.00 -1.20
N TYR C 241 -35.83 -18.13 -0.94
CA TYR C 241 -34.73 -18.50 -0.07
C TYR C 241 -35.23 -18.73 1.34
N GLY C 242 -34.52 -19.59 2.09
CA GLY C 242 -34.65 -19.59 3.53
C GLY C 242 -33.85 -18.43 4.15
N ALA C 243 -34.29 -18.00 5.35
CA ALA C 243 -33.64 -16.95 6.11
C ALA C 243 -32.95 -17.53 7.34
N ARG C 244 -31.75 -17.03 7.63
CA ARG C 244 -31.00 -17.36 8.84
C ARG C 244 -30.28 -16.12 9.32
N TYR C 245 -30.35 -15.87 10.63
CA TYR C 245 -29.57 -14.77 11.20
C TYR C 245 -29.28 -15.13 12.66
N VAL C 246 -28.13 -15.76 12.87
CA VAL C 246 -27.74 -16.16 14.21
C VAL C 246 -27.50 -14.94 15.08
N GLY C 247 -27.03 -13.83 14.49
CA GLY C 247 -26.68 -12.67 15.27
C GLY C 247 -25.24 -12.57 15.66
N SER C 248 -24.42 -13.57 15.29
CA SER C 248 -22.97 -13.48 15.38
C SER C 248 -22.40 -13.49 13.98
N MET C 249 -21.68 -12.43 13.63
CA MET C 249 -21.13 -12.33 12.29
C MET C 249 -20.33 -13.58 11.93
N VAL C 250 -19.47 -14.04 12.85
CA VAL C 250 -18.64 -15.21 12.56
C VAL C 250 -19.51 -16.42 12.26
N ALA C 251 -20.57 -16.63 13.06
CA ALA C 251 -21.45 -17.78 12.82
C ALA C 251 -22.15 -17.68 11.48
N ASP C 252 -22.73 -16.51 11.18
CA ASP C 252 -23.48 -16.32 9.93
C ASP C 252 -22.57 -16.39 8.70
N VAL C 253 -21.37 -15.79 8.79
CA VAL C 253 -20.43 -15.80 7.67
C VAL C 253 -19.93 -17.22 7.41
N HIS C 254 -19.63 -17.96 8.46
CA HIS C 254 -19.15 -19.33 8.28
C HIS C 254 -20.23 -20.21 7.64
N ARG C 255 -21.49 -20.08 8.10
CA ARG C 255 -22.58 -20.78 7.44
C ARG C 255 -22.64 -20.42 5.97
N THR C 256 -22.51 -19.12 5.67
CA THR C 256 -22.46 -18.66 4.28
C THR C 256 -21.32 -19.34 3.52
N LEU C 257 -20.16 -19.45 4.15
CA LEU C 257 -19.03 -20.08 3.49
C LEU C 257 -19.33 -21.54 3.15
N VAL C 258 -19.82 -22.30 4.14
CA VAL C 258 -19.95 -23.75 3.94
C VAL C 258 -21.29 -24.17 3.32
N TYR C 259 -22.32 -23.33 3.41
CA TYR C 259 -23.59 -23.63 2.73
C TYR C 259 -23.85 -22.79 1.49
N GLY C 260 -23.14 -21.69 1.29
CA GLY C 260 -23.47 -20.77 0.23
C GLY C 260 -24.56 -19.83 0.70
N GLY C 261 -24.86 -18.85 -0.14
CA GLY C 261 -25.84 -17.85 0.21
C GLY C 261 -25.19 -16.48 0.35
N ILE C 262 -25.85 -15.60 1.11
CA ILE C 262 -25.43 -14.20 1.21
C ILE C 262 -25.62 -13.72 2.64
N PHE C 263 -24.69 -12.86 3.09
CA PHE C 263 -24.82 -12.20 4.38
C PHE C 263 -24.74 -10.70 4.15
N LEU C 264 -25.63 -9.94 4.80
CA LEU C 264 -25.73 -8.50 4.62
C LEU C 264 -25.83 -7.79 5.97
N TYR C 265 -25.04 -6.74 6.14
CA TYR C 265 -25.28 -5.71 7.15
C TYR C 265 -25.12 -4.39 6.40
N PRO C 266 -26.12 -4.02 5.61
CA PRO C 266 -25.99 -2.80 4.80
C PRO C 266 -26.11 -1.55 5.65
N ALA C 267 -25.73 -0.42 5.05
CA ALA C 267 -26.08 0.86 5.64
C ALA C 267 -27.59 0.98 5.73
N ASN C 268 -28.06 1.74 6.73
CA ASN C 268 -29.46 2.07 6.84
C ASN C 268 -29.55 3.48 7.42
N GLN C 269 -30.76 4.04 7.48
CA GLN C 269 -30.91 5.44 7.90
C GLN C 269 -30.25 5.73 9.23
N LYS C 270 -30.34 4.80 10.18
CA LYS C 270 -29.75 4.99 11.49
C LYS C 270 -28.28 4.58 11.56
N SER C 271 -27.81 3.75 10.63
CA SER C 271 -26.40 3.36 10.54
C SER C 271 -25.91 3.64 9.12
N PRO C 272 -25.71 4.92 8.78
CA PRO C 272 -25.44 5.27 7.37
C PRO C 272 -24.12 4.76 6.84
N LYS C 273 -23.19 4.35 7.70
CA LYS C 273 -21.95 3.74 7.24
C LYS C 273 -21.89 2.26 7.56
N GLY C 274 -23.04 1.66 7.88
CA GLY C 274 -23.09 0.29 8.36
C GLY C 274 -22.77 0.24 9.84
N LYS C 275 -22.81 -0.97 10.38
CA LYS C 275 -22.42 -1.19 11.77
C LYS C 275 -21.06 -1.84 11.89
N LEU C 276 -20.76 -2.82 11.06
CA LEU C 276 -19.61 -3.67 11.27
C LEU C 276 -18.32 -2.91 11.02
N ARG C 277 -17.26 -3.33 11.71
CA ARG C 277 -15.98 -2.62 11.71
C ARG C 277 -15.07 -3.09 10.58
N LEU C 278 -14.50 -2.14 9.86
CA LEU C 278 -13.72 -2.47 8.68
C LEU C 278 -12.47 -3.27 9.04
N LEU C 279 -11.71 -2.82 10.04
CA LEU C 279 -10.36 -3.37 10.25
C LEU C 279 -10.42 -4.81 10.73
N TYR C 280 -11.24 -5.08 11.75
CA TYR C 280 -11.16 -6.36 12.46
C TYR C 280 -12.45 -7.17 12.38
N GLU C 281 -13.43 -6.73 11.59
CA GLU C 281 -14.60 -7.56 11.30
C GLU C 281 -14.80 -7.79 9.81
N CYS C 282 -14.95 -6.73 9.02
CA CYS C 282 -15.30 -6.90 7.61
C CYS C 282 -14.11 -7.37 6.77
N ASN C 283 -12.96 -6.73 6.92
CA ASN C 283 -11.81 -7.13 6.11
C ASN C 283 -11.44 -8.59 6.29
N PRO C 284 -11.28 -9.15 7.50
CA PRO C 284 -10.92 -10.57 7.60
C PRO C 284 -11.95 -11.50 6.95
N VAL C 285 -13.25 -11.30 7.20
CA VAL C 285 -14.21 -12.24 6.61
C VAL C 285 -14.36 -11.97 5.12
N ALA C 286 -14.16 -10.73 4.68
CA ALA C 286 -14.14 -10.46 3.25
C ALA C 286 -12.98 -11.20 2.60
N TYR C 287 -11.80 -11.16 3.24
CA TYR C 287 -10.66 -11.92 2.77
C TYR C 287 -10.96 -13.41 2.71
N ILE C 288 -11.51 -13.98 3.79
CA ILE C 288 -11.82 -15.42 3.80
C ILE C 288 -12.78 -15.77 2.67
N ILE C 289 -13.88 -15.03 2.56
CA ILE C 289 -14.88 -15.41 1.58
C ILE C 289 -14.34 -15.28 0.17
N GLU C 290 -13.56 -14.24 -0.11
CA GLU C 290 -13.06 -14.06 -1.47
C GLU C 290 -12.02 -15.11 -1.81
N GLN C 291 -11.16 -15.49 -0.86
CA GLN C 291 -10.22 -16.59 -1.09
C GLN C 291 -10.94 -17.88 -1.42
N ALA C 292 -12.17 -18.06 -0.92
CA ALA C 292 -12.96 -19.25 -1.23
C ALA C 292 -13.81 -19.08 -2.49
N GLY C 293 -13.60 -18.00 -3.25
CA GLY C 293 -14.33 -17.80 -4.49
C GLY C 293 -15.61 -17.00 -4.36
N GLY C 294 -15.79 -16.25 -3.28
CA GLY C 294 -16.95 -15.41 -3.11
C GLY C 294 -16.65 -13.96 -3.38
N LEU C 295 -17.64 -13.12 -3.08
CA LEU C 295 -17.52 -11.68 -3.24
C LEU C 295 -17.84 -10.97 -1.94
N ALA C 296 -17.22 -9.80 -1.74
CA ALA C 296 -17.47 -8.95 -0.59
C ALA C 296 -17.47 -7.49 -1.02
N THR C 297 -18.60 -6.82 -0.87
CA THR C 297 -18.79 -5.46 -1.31
C THR C 297 -19.40 -4.63 -0.19
N THR C 298 -19.16 -3.31 -0.23
CA THR C 298 -19.94 -2.36 0.56
C THR C 298 -21.24 -1.98 -0.14
N GLY C 299 -21.45 -2.47 -1.36
CA GLY C 299 -22.52 -2.02 -2.23
C GLY C 299 -22.09 -1.03 -3.30
N THR C 300 -20.97 -0.32 -3.09
CA THR C 300 -20.39 0.55 -4.11
C THR C 300 -18.95 0.20 -4.47
N GLN C 301 -18.24 -0.56 -3.64
CA GLN C 301 -16.87 -0.96 -3.97
C GLN C 301 -16.54 -2.21 -3.19
N PRO C 302 -15.53 -2.96 -3.62
CA PRO C 302 -15.07 -4.11 -2.84
C PRO C 302 -14.57 -3.68 -1.46
N VAL C 303 -14.93 -4.47 -0.44
CA VAL C 303 -14.52 -4.17 0.93
C VAL C 303 -13.00 -4.12 1.03
N LEU C 304 -12.30 -5.07 0.41
CA LEU C 304 -10.85 -5.16 0.55
C LEU C 304 -10.12 -4.00 -0.15
N ASP C 305 -10.81 -3.27 -1.02
CA ASP C 305 -10.17 -2.14 -1.70
C ASP C 305 -10.35 -0.82 -0.96
N VAL C 306 -11.18 -0.79 0.09
CA VAL C 306 -11.37 0.42 0.88
C VAL C 306 -10.08 0.79 1.60
N LYS C 307 -9.66 2.05 1.46
CA LYS C 307 -8.53 2.57 2.23
C LYS C 307 -9.04 3.01 3.58
N PRO C 308 -8.67 2.32 4.66
CA PRO C 308 -9.18 2.71 5.98
C PRO C 308 -8.67 4.09 6.37
N GLU C 309 -9.51 4.82 7.11
CA GLU C 309 -9.11 6.12 7.63
C GLU C 309 -9.04 6.19 9.14
N ALA C 310 -9.76 5.33 9.86
CA ALA C 310 -9.65 5.26 11.30
C ALA C 310 -9.74 3.80 11.72
N ILE C 311 -9.09 3.47 12.83
CA ILE C 311 -8.95 2.06 13.19
C ILE C 311 -10.31 1.45 13.54
N HIS C 312 -11.28 2.26 14.00
CA HIS C 312 -12.61 1.79 14.33
C HIS C 312 -13.65 2.21 13.29
N GLN C 313 -13.22 2.49 12.07
CA GLN C 313 -14.14 2.84 10.99
C GLN C 313 -15.14 1.73 10.71
N ARG C 314 -16.39 2.13 10.44
CA ARG C 314 -17.46 1.24 10.02
C ARG C 314 -17.61 1.22 8.50
N VAL C 315 -18.22 0.15 8.00
CA VAL C 315 -18.47 -0.02 6.57
C VAL C 315 -19.67 -0.94 6.38
N PRO C 316 -20.50 -0.73 5.35
CA PRO C 316 -21.54 -1.73 5.04
C PRO C 316 -20.88 -2.98 4.52
N LEU C 317 -21.55 -4.13 4.71
CA LEU C 317 -20.97 -5.42 4.35
C LEU C 317 -22.02 -6.30 3.69
N ILE C 318 -21.72 -6.75 2.49
CA ILE C 318 -22.54 -7.72 1.76
C ILE C 318 -21.58 -8.76 1.19
N LEU C 319 -21.75 -10.02 1.59
CA LEU C 319 -20.79 -11.01 1.11
C LEU C 319 -21.41 -12.40 0.96
N GLY C 320 -20.70 -13.24 0.23
CA GLY C 320 -21.13 -14.60 0.06
C GLY C 320 -20.91 -15.14 -1.33
N SER C 321 -21.81 -16.04 -1.73
CA SER C 321 -21.76 -16.68 -3.02
C SER C 321 -21.75 -15.62 -4.12
N PRO C 322 -20.89 -15.77 -5.14
CA PRO C 322 -20.71 -14.66 -6.11
C PRO C 322 -21.99 -14.31 -6.83
N GLU C 323 -22.79 -15.29 -7.24
CA GLU C 323 -24.01 -14.96 -7.96
C GLU C 323 -25.00 -14.21 -7.08
N ASP C 324 -25.03 -14.52 -5.79
CA ASP C 324 -25.97 -13.82 -4.91
C ASP C 324 -25.56 -12.38 -4.70
N VAL C 325 -24.27 -12.15 -4.46
CA VAL C 325 -23.75 -10.79 -4.33
C VAL C 325 -23.93 -10.03 -5.63
N GLN C 326 -23.80 -10.73 -6.77
CA GLN C 326 -23.98 -10.07 -8.06
C GLN C 326 -25.39 -9.54 -8.21
N GLU C 327 -26.39 -10.34 -7.83
CA GLU C 327 -27.77 -9.88 -7.87
C GLU C 327 -28.00 -8.70 -6.93
N TYR C 328 -27.34 -8.70 -5.78
CA TYR C 328 -27.47 -7.56 -4.89
C TYR C 328 -26.86 -6.30 -5.54
N LEU C 329 -25.69 -6.43 -6.16
CA LEU C 329 -25.08 -5.27 -6.81
C LEU C 329 -25.96 -4.74 -7.93
N THR C 330 -26.64 -5.65 -8.63
CA THR C 330 -27.58 -5.23 -9.66
C THR C 330 -28.73 -4.42 -9.06
N CYS C 331 -29.23 -4.82 -7.88
CA CYS C 331 -30.26 -4.04 -7.20
C CYS C 331 -29.76 -2.65 -6.85
N VAL C 332 -28.50 -2.54 -6.43
CA VAL C 332 -27.92 -1.24 -6.11
C VAL C 332 -27.85 -0.37 -7.36
N GLN C 333 -27.38 -0.95 -8.47
CA GLN C 333 -27.21 -0.20 -9.73
C GLN C 333 -28.56 0.28 -10.27
N LYS C 334 -29.57 -0.58 -10.20
CA LYS C 334 -30.92 -0.29 -10.67
C LYS C 334 -31.62 0.79 -9.83
N ASN C 335 -31.19 1.01 -8.59
CA ASN C 335 -31.79 2.00 -7.70
C ASN C 335 -30.90 3.23 -7.51
N GLN C 336 -30.05 3.52 -8.50
CA GLN C 336 -29.05 4.62 -8.53
C GLN C 336 -27.82 4.24 -7.71
N THR D 9 -23.65 -19.63 49.34
CA THR D 9 -24.37 -20.84 49.75
C THR D 9 -23.73 -22.10 49.15
N ASP D 10 -24.51 -23.18 49.08
CA ASP D 10 -23.99 -24.46 48.59
C ASP D 10 -24.06 -24.53 47.08
N MET D 11 -23.09 -25.23 46.50
CA MET D 11 -23.03 -25.54 45.08
C MET D 11 -23.82 -26.82 44.82
N LEU D 12 -24.83 -26.73 43.97
CA LEU D 12 -25.71 -27.86 43.71
C LEU D 12 -25.53 -28.30 42.27
N THR D 13 -25.34 -29.61 42.08
CA THR D 13 -25.37 -30.24 40.79
C THR D 13 -26.79 -30.67 40.49
N LEU D 14 -27.05 -30.97 39.21
CA LEU D 14 -28.42 -31.26 38.80
C LEU D 14 -28.95 -32.47 39.53
N THR D 15 -28.16 -33.55 39.56
CA THR D 15 -28.64 -34.79 40.14
C THR D 15 -28.81 -34.70 41.66
N ARG D 16 -27.96 -33.93 42.33
CA ARG D 16 -28.23 -33.69 43.75
C ARG D 16 -29.51 -32.89 43.94
N TYR D 17 -29.70 -31.86 43.12
CA TYR D 17 -30.89 -31.01 43.22
C TYR D 17 -32.16 -31.81 42.99
N VAL D 18 -32.15 -32.73 42.02
CA VAL D 18 -33.31 -33.56 41.79
C VAL D 18 -33.50 -34.54 42.93
N MET D 19 -32.41 -35.17 43.41
CA MET D 19 -32.55 -36.14 44.49
C MET D 19 -33.24 -35.53 45.70
N GLU D 20 -32.85 -34.31 46.09
CA GLU D 20 -33.45 -33.70 47.27
C GLU D 20 -34.96 -33.51 47.08
N LYS D 21 -35.39 -33.04 45.90
CA LYS D 21 -36.81 -32.85 45.64
C LYS D 21 -37.56 -34.18 45.63
N GLY D 22 -37.00 -35.18 44.95
CA GLY D 22 -37.64 -36.49 44.92
C GLY D 22 -37.67 -37.15 46.28
N ARG D 23 -36.70 -36.86 47.13
CA ARG D 23 -36.70 -37.39 48.48
C ARG D 23 -37.77 -36.72 49.32
N GLN D 24 -37.78 -35.38 49.32
CA GLN D 24 -38.74 -34.66 50.15
C GLN D 24 -40.18 -34.94 49.72
N ALA D 25 -40.39 -35.26 48.45
CA ALA D 25 -41.71 -35.69 47.99
C ALA D 25 -41.97 -37.17 48.27
N LYS D 26 -40.98 -37.88 48.81
CA LYS D 26 -41.13 -39.28 49.18
C LYS D 26 -41.61 -40.13 48.00
N GLY D 27 -41.11 -39.82 46.79
CA GLY D 27 -41.40 -40.62 45.61
C GLY D 27 -40.56 -41.90 45.54
N THR D 28 -40.88 -42.75 44.55
CA THR D 28 -40.25 -44.06 44.41
C THR D 28 -38.78 -44.00 43.94
N GLY D 29 -38.35 -42.88 43.37
CA GLY D 29 -37.03 -42.78 42.79
C GLY D 29 -36.95 -42.95 41.28
N GLU D 30 -38.06 -43.33 40.66
CA GLU D 30 -38.01 -43.71 39.25
C GLU D 30 -37.83 -42.50 38.33
N LEU D 31 -38.44 -41.36 38.68
CA LEU D 31 -38.22 -40.16 37.87
C LEU D 31 -36.76 -39.72 37.98
N THR D 32 -36.23 -39.70 39.21
CA THR D 32 -34.83 -39.33 39.43
C THR D 32 -33.91 -40.22 38.62
N GLN D 33 -34.19 -41.52 38.61
CA GLN D 33 -33.36 -42.45 37.86
C GLN D 33 -33.50 -42.23 36.35
N LEU D 34 -34.71 -41.91 35.88
CA LEU D 34 -34.88 -41.58 34.46
C LEU D 34 -34.09 -40.31 34.11
N LEU D 35 -34.25 -39.26 34.90
CA LEU D 35 -33.55 -38.01 34.62
C LEU D 35 -32.03 -38.19 34.67
N ASN D 36 -31.53 -38.94 35.65
CA ASN D 36 -30.08 -39.14 35.74
C ASN D 36 -29.56 -39.81 34.46
N SER D 37 -30.31 -40.78 33.91
CA SER D 37 -29.91 -41.43 32.66
C SER D 37 -29.99 -40.48 31.48
N MET D 38 -31.01 -39.63 31.45
CA MET D 38 -31.12 -38.67 30.36
C MET D 38 -29.93 -37.71 30.38
N LEU D 39 -29.54 -37.27 31.57
CA LEU D 39 -28.41 -36.36 31.69
C LEU D 39 -27.11 -37.05 31.27
N THR D 40 -26.97 -38.34 31.52
CA THR D 40 -25.80 -39.06 31.05
C THR D 40 -25.76 -39.08 29.54
N ALA D 41 -26.92 -39.29 28.90
CA ALA D 41 -26.97 -39.22 27.45
C ALA D 41 -26.57 -37.84 26.96
N ILE D 42 -27.05 -36.80 27.64
CA ILE D 42 -26.76 -35.43 27.23
C ILE D 42 -25.27 -35.11 27.34
N LYS D 43 -24.63 -35.55 28.43
CA LYS D 43 -23.20 -35.34 28.53
C LYS D 43 -22.47 -36.04 27.38
N ALA D 44 -22.89 -37.26 27.05
CA ALA D 44 -22.26 -37.99 25.96
C ALA D 44 -22.51 -37.31 24.62
N ILE D 45 -23.71 -36.75 24.43
CA ILE D 45 -24.02 -36.06 23.19
C ILE D 45 -23.15 -34.81 23.08
N SER D 46 -23.09 -34.04 24.16
CA SER D 46 -22.26 -32.84 24.20
C SER D 46 -20.82 -33.13 23.85
N SER D 47 -20.26 -34.20 24.43
CA SER D 47 -18.87 -34.54 24.14
C SER D 47 -18.68 -34.87 22.66
N ALA D 48 -19.62 -35.61 22.06
CA ALA D 48 -19.53 -35.94 20.64
C ALA D 48 -19.74 -34.71 19.77
N VAL D 49 -20.65 -33.83 20.15
CA VAL D 49 -20.91 -32.62 19.37
C VAL D 49 -19.68 -31.72 19.32
N ARG D 50 -18.95 -31.61 20.43
CA ARG D 50 -17.71 -30.84 20.48
C ARG D 50 -16.56 -31.55 19.74
N LYS D 51 -16.83 -32.73 19.18
CA LYS D 51 -15.92 -33.44 18.28
C LYS D 51 -14.77 -34.12 19.02
N ALA D 52 -14.95 -34.49 20.28
CA ALA D 52 -13.92 -35.28 20.95
C ALA D 52 -13.63 -36.55 20.16
N GLY D 53 -12.35 -36.83 19.98
CA GLY D 53 -11.91 -38.00 19.26
C GLY D 53 -11.83 -37.84 17.76
N LEU D 54 -12.11 -36.64 17.25
CA LEU D 54 -12.08 -36.41 15.82
C LEU D 54 -10.71 -36.74 15.21
N ALA D 55 -9.61 -36.51 15.93
CA ALA D 55 -8.29 -36.81 15.37
C ALA D 55 -8.14 -38.30 15.03
N HIS D 56 -8.82 -39.19 15.76
CA HIS D 56 -8.72 -40.62 15.43
C HIS D 56 -9.48 -40.95 14.16
N LEU D 57 -10.52 -40.18 13.84
CA LEU D 57 -11.20 -40.33 12.57
C LEU D 57 -10.30 -39.89 11.42
N TYR D 58 -9.39 -38.96 11.67
CA TYR D 58 -8.54 -38.43 10.62
C TYR D 58 -7.17 -39.08 10.58
N GLY D 59 -7.01 -40.24 11.24
CA GLY D 59 -5.86 -41.10 11.04
C GLY D 59 -4.66 -40.84 11.91
N ILE D 60 -4.85 -40.32 13.13
CA ILE D 60 -3.70 -40.02 13.97
C ILE D 60 -2.94 -41.31 14.32
N ALA D 61 -3.66 -42.43 14.43
CA ALA D 61 -3.02 -43.70 14.70
C ALA D 61 -2.85 -44.55 13.44
N GLY D 62 -3.07 -43.97 12.26
CA GLY D 62 -2.86 -44.67 11.00
C GLY D 62 -4.08 -45.25 10.30
N SER D 63 -5.28 -45.11 10.85
CA SER D 63 -6.49 -45.64 10.20
C SER D 63 -7.36 -44.46 9.80
N VAL D 64 -7.31 -44.06 8.53
CA VAL D 64 -8.14 -42.96 8.05
C VAL D 64 -9.54 -43.48 7.74
N ASN D 65 -10.56 -42.81 8.32
CA ASN D 65 -11.98 -43.15 8.22
C ASN D 65 -12.79 -41.85 8.43
N VAL D 66 -12.63 -40.91 7.49
CA VAL D 66 -13.25 -39.60 7.58
C VAL D 66 -14.76 -39.68 7.34
N LYS D 73 -24.40 -39.26 10.93
CA LYS D 73 -23.72 -39.92 12.03
C LYS D 73 -24.09 -39.32 13.40
N LEU D 74 -24.09 -37.98 13.51
CA LEU D 74 -24.38 -37.35 14.79
C LEU D 74 -25.85 -37.49 15.15
N ASP D 75 -26.73 -37.49 14.14
CA ASP D 75 -28.14 -37.73 14.40
C ASP D 75 -28.37 -39.13 14.94
N VAL D 76 -27.66 -40.10 14.37
CA VAL D 76 -27.82 -41.49 14.74
C VAL D 76 -27.26 -41.78 16.12
N LEU D 77 -26.06 -41.24 16.40
CA LEU D 77 -25.40 -41.48 17.68
C LEU D 77 -26.20 -40.90 18.84
N SER D 78 -26.66 -39.66 18.70
CA SER D 78 -27.51 -39.03 19.70
C SER D 78 -28.71 -39.91 20.04
N ASN D 79 -29.37 -40.40 18.99
CA ASN D 79 -30.56 -41.22 19.15
C ASN D 79 -30.25 -42.48 19.92
N SER D 80 -29.16 -43.17 19.56
CA SER D 80 -28.77 -44.39 20.28
C SER D 80 -28.38 -44.08 21.72
N LEU D 81 -27.66 -42.97 21.94
CA LEU D 81 -27.31 -42.60 23.31
C LEU D 81 -28.54 -42.41 24.17
N VAL D 82 -29.54 -41.65 23.67
CA VAL D 82 -30.75 -41.42 24.45
C VAL D 82 -31.53 -42.72 24.66
N ILE D 83 -31.76 -43.49 23.58
CA ILE D 83 -32.58 -44.69 23.70
C ILE D 83 -31.94 -45.68 24.68
N ASN D 84 -30.63 -45.88 24.55
CA ASN D 84 -29.93 -46.82 25.42
C ASN D 84 -29.92 -46.36 26.88
N MET D 85 -29.67 -45.08 27.12
CA MET D 85 -29.64 -44.61 28.51
C MET D 85 -31.03 -44.66 29.12
N LEU D 86 -32.08 -44.35 28.34
CA LEU D 86 -33.43 -44.37 28.88
C LEU D 86 -33.89 -45.80 29.15
N GLN D 87 -33.66 -46.70 28.20
CA GLN D 87 -34.07 -48.09 28.39
C GLN D 87 -33.34 -48.72 29.57
N SER D 88 -32.04 -48.44 29.72
CA SER D 88 -31.24 -48.98 30.81
C SER D 88 -31.59 -48.36 32.16
N SER D 89 -32.38 -47.28 32.19
CA SER D 89 -32.79 -46.67 33.45
C SER D 89 -33.82 -47.50 34.19
N TYR D 90 -34.44 -48.47 33.52
CA TYR D 90 -35.54 -49.28 34.05
C TYR D 90 -36.76 -48.42 34.41
N SER D 91 -36.87 -47.23 33.82
CA SER D 91 -37.93 -46.28 34.16
C SER D 91 -38.94 -46.07 33.03
N THR D 92 -38.76 -46.73 31.89
CA THR D 92 -39.52 -46.41 30.69
C THR D 92 -40.35 -47.59 30.21
N CYS D 93 -41.44 -47.25 29.55
CA CYS D 93 -42.22 -48.24 28.82
C CYS D 93 -42.37 -47.91 27.34
N VAL D 94 -42.44 -46.62 26.98
CA VAL D 94 -42.63 -46.19 25.60
C VAL D 94 -41.75 -44.97 25.34
N LEU D 95 -41.02 -45.00 24.23
CA LEU D 95 -40.22 -43.88 23.76
C LEU D 95 -40.72 -43.44 22.40
N VAL D 96 -40.78 -42.13 22.19
CA VAL D 96 -41.04 -41.57 20.87
C VAL D 96 -39.86 -40.69 20.53
N SER D 97 -39.22 -40.97 19.40
CA SER D 97 -38.06 -40.21 18.94
C SER D 97 -38.38 -39.57 17.60
N GLU D 98 -37.86 -38.35 17.42
CA GLU D 98 -37.87 -37.68 16.12
C GLU D 98 -37.33 -38.58 15.02
N GLU D 99 -36.45 -39.53 15.38
CA GLU D 99 -35.69 -40.33 14.44
C GLU D 99 -36.35 -41.67 14.08
N ASN D 100 -37.42 -42.05 14.74
CA ASN D 100 -38.02 -43.37 14.54
C ASN D 100 -39.47 -43.23 14.12
N LYS D 101 -39.81 -43.95 13.05
CA LYS D 101 -41.14 -43.91 12.46
C LYS D 101 -42.18 -44.32 13.48
N ASP D 102 -41.92 -45.41 14.20
CA ASP D 102 -42.82 -46.00 15.19
C ASP D 102 -42.33 -45.72 16.60
N ALA D 103 -43.26 -45.81 17.56
CA ALA D 103 -42.88 -45.76 18.96
C ALA D 103 -42.02 -46.97 19.33
N ILE D 104 -41.16 -46.78 20.31
CA ILE D 104 -40.25 -47.82 20.77
C ILE D 104 -40.71 -48.30 22.14
N ILE D 105 -41.16 -49.54 22.23
CA ILE D 105 -41.65 -50.11 23.48
C ILE D 105 -40.49 -50.79 24.19
N THR D 106 -40.29 -50.43 25.46
CA THR D 106 -39.24 -51.04 26.25
C THR D 106 -39.54 -52.50 26.49
N ALA D 107 -38.50 -53.33 26.48
CA ALA D 107 -38.61 -54.74 26.85
C ALA D 107 -39.09 -54.90 28.29
N LYS D 108 -39.86 -55.97 28.54
CA LYS D 108 -40.49 -56.14 29.86
C LYS D 108 -39.48 -56.14 31.00
N GLU D 109 -38.30 -56.73 30.80
CA GLU D 109 -37.39 -56.77 31.93
C GLU D 109 -36.80 -55.40 32.25
N LYS D 110 -36.93 -54.42 31.35
CA LYS D 110 -36.45 -53.06 31.61
C LYS D 110 -37.59 -52.06 31.74
N ARG D 111 -38.84 -52.54 31.76
CA ARG D 111 -39.99 -51.65 31.74
C ARG D 111 -40.14 -50.91 33.06
N GLY D 112 -40.41 -49.61 32.97
CA GLY D 112 -40.83 -48.76 34.08
C GLY D 112 -42.10 -48.01 33.71
N LYS D 113 -42.47 -46.97 34.46
CA LYS D 113 -43.81 -46.39 34.31
C LYS D 113 -43.87 -45.14 33.43
N TYR D 114 -42.76 -44.72 32.81
CA TYR D 114 -42.74 -43.42 32.13
C TYR D 114 -42.61 -43.55 30.62
N VAL D 115 -43.24 -42.60 29.95
CA VAL D 115 -43.20 -42.40 28.50
C VAL D 115 -42.33 -41.18 28.25
N VAL D 116 -41.40 -41.27 27.29
CA VAL D 116 -40.52 -40.16 26.97
C VAL D 116 -40.58 -39.85 25.49
N CYS D 117 -40.86 -38.58 25.16
CA CYS D 117 -40.83 -38.06 23.80
C CYS D 117 -39.63 -37.13 23.67
N PHE D 118 -38.79 -37.36 22.68
CA PHE D 118 -37.56 -36.58 22.58
C PHE D 118 -37.14 -36.36 21.14
N ASP D 119 -36.50 -35.23 20.90
CA ASP D 119 -35.74 -35.01 19.69
C ASP D 119 -34.26 -35.08 20.09
N PRO D 120 -33.52 -36.14 19.70
CA PRO D 120 -32.17 -36.30 20.24
C PRO D 120 -31.21 -35.23 19.76
N LEU D 121 -31.41 -34.69 18.55
CA LEU D 121 -30.54 -33.64 18.02
C LEU D 121 -31.39 -32.68 17.17
N ASP D 122 -31.94 -31.68 17.84
CA ASP D 122 -32.71 -30.63 17.20
C ASP D 122 -31.82 -29.64 16.47
N GLY D 123 -32.30 -29.15 15.33
CA GLY D 123 -31.61 -28.15 14.55
C GLY D 123 -30.64 -28.81 13.60
N SER D 124 -31.07 -29.89 12.94
CA SER D 124 -30.14 -30.74 12.22
C SER D 124 -29.52 -30.04 11.02
N SER D 125 -30.23 -29.08 10.40
CA SER D 125 -29.65 -28.30 9.32
C SER D 125 -28.49 -27.42 9.79
N ASN D 126 -28.28 -27.28 11.10
CA ASN D 126 -27.21 -26.48 11.67
C ASN D 126 -25.99 -27.30 12.09
N ILE D 127 -26.01 -28.61 11.89
CA ILE D 127 -24.93 -29.46 12.37
C ILE D 127 -23.63 -29.16 11.63
N ASP D 128 -23.71 -29.07 10.30
CA ASP D 128 -22.51 -28.92 9.48
C ASP D 128 -21.90 -27.52 9.54
N CYS D 129 -22.67 -26.50 9.88
CA CYS D 129 -22.12 -25.16 9.97
C CYS D 129 -21.75 -24.80 11.41
N LEU D 130 -21.91 -25.76 12.32
CA LEU D 130 -21.46 -25.69 13.72
C LEU D 130 -22.24 -24.67 14.51
N ALA D 131 -23.45 -24.31 14.06
CA ALA D 131 -24.31 -23.47 14.85
C ALA D 131 -24.96 -24.30 15.96
N SER D 132 -25.67 -23.61 16.85
CA SER D 132 -26.21 -24.28 18.02
C SER D 132 -27.20 -25.36 17.62
N ILE D 133 -27.14 -26.48 18.33
CA ILE D 133 -28.11 -27.56 18.22
C ILE D 133 -28.47 -27.99 19.63
N GLY D 134 -29.41 -28.92 19.76
CA GLY D 134 -29.89 -29.24 21.09
C GLY D 134 -30.60 -30.58 21.14
N THR D 135 -31.07 -30.90 22.36
CA THR D 135 -31.83 -32.11 22.66
C THR D 135 -33.06 -31.67 23.43
N ILE D 136 -34.23 -32.22 23.08
CA ILE D 136 -35.50 -31.82 23.67
C ILE D 136 -36.20 -33.08 24.18
N PHE D 137 -36.85 -32.99 25.34
CA PHE D 137 -37.55 -34.15 25.88
C PHE D 137 -38.75 -33.74 26.72
N ALA D 138 -39.75 -34.62 26.74
CA ALA D 138 -40.93 -34.49 27.59
C ALA D 138 -41.29 -35.86 28.16
N ILE D 139 -41.60 -35.90 29.45
CA ILE D 139 -41.79 -37.14 30.18
C ILE D 139 -43.24 -37.21 30.67
N TYR D 140 -43.90 -38.33 30.39
CA TYR D 140 -45.27 -38.57 30.87
C TYR D 140 -45.34 -39.87 31.67
N ARG D 141 -46.32 -39.94 32.57
CA ARG D 141 -46.64 -41.24 33.18
C ARG D 141 -47.60 -42.01 32.30
N LYS D 142 -47.32 -43.29 32.12
CA LYS D 142 -48.29 -44.17 31.47
C LYS D 142 -49.57 -44.15 32.28
N THR D 143 -50.68 -43.85 31.62
CA THR D 143 -51.97 -43.80 32.30
C THR D 143 -52.89 -44.95 31.94
N SER D 144 -52.75 -45.53 30.74
CA SER D 144 -53.55 -46.67 30.34
C SER D 144 -53.20 -47.90 31.18
N GLU D 145 -54.20 -48.76 31.35
CA GLU D 145 -54.02 -50.05 32.00
C GLU D 145 -53.59 -51.16 31.03
N ASP D 146 -53.66 -50.91 29.73
CA ASP D 146 -53.39 -51.94 28.72
C ASP D 146 -51.90 -52.26 28.63
N GLU D 147 -51.50 -52.90 27.54
CA GLU D 147 -50.10 -53.10 27.24
C GLU D 147 -49.49 -51.78 26.75
N PRO D 148 -48.21 -51.52 27.03
CA PRO D 148 -47.59 -50.32 26.48
C PRO D 148 -47.71 -50.29 24.96
N SER D 149 -48.17 -49.15 24.44
CA SER D 149 -48.24 -48.92 23.01
C SER D 149 -48.01 -47.45 22.77
N GLU D 150 -47.99 -47.06 21.48
CA GLU D 150 -47.80 -45.67 21.14
C GLU D 150 -48.93 -44.77 21.64
N LYS D 151 -50.10 -45.34 21.97
CA LYS D 151 -51.16 -44.50 22.52
C LYS D 151 -50.76 -43.91 23.86
N ASP D 152 -49.82 -44.54 24.56
CA ASP D 152 -49.38 -43.97 25.82
C ASP D 152 -48.62 -42.67 25.63
N ALA D 153 -48.09 -42.44 24.43
CA ALA D 153 -47.42 -41.20 24.09
C ALA D 153 -48.37 -40.13 23.57
N LEU D 154 -49.65 -40.45 23.38
CA LEU D 154 -50.59 -39.48 22.84
C LEU D 154 -51.31 -38.67 23.92
N GLN D 155 -50.66 -38.41 25.05
CA GLN D 155 -51.24 -37.52 26.04
C GLN D 155 -50.94 -36.07 25.69
N CYS D 156 -51.85 -35.18 26.07
CA CYS D 156 -51.60 -33.78 25.78
C CYS D 156 -50.66 -33.19 26.83
N GLY D 157 -50.04 -32.06 26.47
CA GLY D 157 -48.98 -31.47 27.28
C GLY D 157 -49.39 -31.13 28.69
N ARG D 158 -50.70 -31.05 28.96
CA ARG D 158 -51.12 -30.86 30.33
C ARG D 158 -50.68 -32.00 31.25
N ASN D 159 -50.38 -33.18 30.69
CA ASN D 159 -49.98 -34.35 31.49
C ASN D 159 -48.46 -34.51 31.62
N ILE D 160 -47.68 -33.51 31.23
CA ILE D 160 -46.22 -33.63 31.33
C ILE D 160 -45.84 -33.77 32.80
N VAL D 161 -45.02 -34.78 33.07
CA VAL D 161 -44.44 -34.94 34.40
C VAL D 161 -43.21 -34.03 34.55
N ALA D 162 -42.31 -34.06 33.56
CA ALA D 162 -41.14 -33.19 33.51
C ALA D 162 -40.78 -32.99 32.04
N ALA D 163 -40.19 -31.85 31.72
CA ALA D 163 -39.73 -31.57 30.37
C ALA D 163 -38.52 -30.64 30.43
N GLY D 164 -37.75 -30.64 29.36
CA GLY D 164 -36.60 -29.76 29.29
C GLY D 164 -35.87 -29.91 27.98
N TYR D 165 -34.73 -29.24 27.91
CA TYR D 165 -33.90 -29.33 26.73
C TYR D 165 -32.44 -29.13 27.13
N ALA D 166 -31.55 -29.64 26.28
CA ALA D 166 -30.13 -29.33 26.33
C ALA D 166 -29.78 -28.44 25.14
N LEU D 167 -29.03 -27.39 25.40
CA LEU D 167 -28.52 -26.50 24.35
C LEU D 167 -27.02 -26.73 24.25
N TYR D 168 -26.57 -27.26 23.11
CA TYR D 168 -25.13 -27.37 22.84
C TYR D 168 -24.76 -26.13 22.02
N GLY D 169 -24.57 -25.02 22.73
CA GLY D 169 -24.21 -23.77 22.10
C GLY D 169 -22.77 -23.38 22.38
N SER D 170 -22.50 -22.10 22.64
CA SER D 170 -21.15 -21.74 23.02
C SER D 170 -20.74 -22.44 24.30
N ALA D 171 -21.72 -22.74 25.18
CA ALA D 171 -21.55 -23.69 26.27
C ALA D 171 -22.75 -24.63 26.28
N THR D 172 -22.71 -25.65 27.13
CA THR D 172 -23.78 -26.65 27.22
C THR D 172 -24.66 -26.36 28.43
N LEU D 173 -25.95 -26.17 28.18
CA LEU D 173 -26.91 -25.82 29.21
C LEU D 173 -28.08 -26.78 29.15
N VAL D 174 -28.68 -27.03 30.32
CA VAL D 174 -29.95 -27.74 30.41
C VAL D 174 -30.97 -26.84 31.12
N ALA D 175 -32.14 -26.73 30.54
CA ALA D 175 -33.30 -26.14 31.20
C ALA D 175 -34.24 -27.27 31.58
N LEU D 176 -34.77 -27.23 32.80
CA LEU D 176 -35.57 -28.32 33.32
C LEU D 176 -36.73 -27.75 34.13
N SER D 177 -37.91 -28.35 33.97
CA SER D 177 -39.06 -28.04 34.81
C SER D 177 -39.77 -29.32 35.22
N THR D 178 -40.14 -29.41 36.50
CA THR D 178 -41.02 -30.47 36.99
C THR D 178 -42.38 -29.93 37.42
N GLY D 179 -42.71 -28.70 37.08
CA GLY D 179 -44.01 -28.13 37.38
C GLY D 179 -43.95 -26.95 38.32
N GLN D 180 -42.78 -26.59 38.82
CA GLN D 180 -42.63 -25.53 39.80
C GLN D 180 -41.70 -24.45 39.27
N GLY D 181 -41.85 -24.10 37.99
CA GLY D 181 -40.97 -23.15 37.33
C GLY D 181 -39.87 -23.85 36.56
N VAL D 182 -38.95 -23.03 36.02
CA VAL D 182 -37.86 -23.46 35.16
C VAL D 182 -36.53 -23.20 35.86
N ASP D 183 -35.66 -24.23 35.92
CA ASP D 183 -34.30 -24.08 36.43
C ASP D 183 -33.29 -24.29 35.32
N LEU D 184 -32.19 -23.53 35.38
CA LEU D 184 -31.11 -23.60 34.40
C LEU D 184 -29.84 -24.15 35.04
N PHE D 185 -29.17 -25.04 34.31
CA PHE D 185 -27.93 -25.70 34.73
C PHE D 185 -26.92 -25.61 33.61
N MET D 186 -25.65 -25.37 33.97
CA MET D 186 -24.54 -25.32 33.03
C MET D 186 -23.61 -26.49 33.26
N LEU D 187 -23.18 -27.12 32.17
CA LEU D 187 -22.19 -28.18 32.25
C LEU D 187 -20.81 -27.55 32.50
N ASP D 188 -20.19 -27.88 33.64
CA ASP D 188 -18.79 -27.52 33.85
C ASP D 188 -17.95 -28.66 33.31
N PRO D 189 -17.34 -28.49 32.13
CA PRO D 189 -16.64 -29.61 31.50
C PRO D 189 -15.45 -30.11 32.30
N ALA D 190 -14.86 -29.29 33.17
CA ALA D 190 -13.75 -29.71 34.01
C ALA D 190 -14.23 -30.56 35.19
N LEU D 191 -15.47 -30.37 35.62
CA LEU D 191 -16.07 -31.21 36.64
C LEU D 191 -16.81 -32.40 36.04
N GLY D 192 -17.40 -32.23 34.87
CA GLY D 192 -18.23 -33.27 34.28
C GLY D 192 -19.66 -33.31 34.79
N GLU D 193 -20.14 -32.22 35.38
CA GLU D 193 -21.48 -32.21 35.94
C GLU D 193 -22.16 -30.87 35.68
N PHE D 194 -23.49 -30.93 35.65
CA PHE D 194 -24.28 -29.72 35.47
C PHE D 194 -24.44 -29.03 36.81
N VAL D 195 -24.10 -27.75 36.84
CA VAL D 195 -24.19 -26.93 38.04
C VAL D 195 -25.43 -26.05 37.92
N LEU D 196 -26.22 -25.98 38.98
CA LEU D 196 -27.39 -25.11 39.00
C LEU D 196 -26.98 -23.65 38.99
N VAL D 197 -27.38 -22.89 37.96
CA VAL D 197 -26.96 -21.50 37.88
C VAL D 197 -28.10 -20.52 38.04
N GLU D 198 -29.34 -20.95 37.84
CA GLU D 198 -30.46 -20.04 38.04
C GLU D 198 -31.72 -20.82 38.39
N LYS D 199 -32.36 -20.41 39.48
CA LYS D 199 -33.56 -21.04 39.97
C LYS D 199 -34.77 -20.22 39.54
N ASP D 200 -35.80 -20.91 39.04
CA ASP D 200 -37.11 -20.31 38.78
C ASP D 200 -37.03 -19.06 37.87
N VAL D 201 -36.54 -19.28 36.64
CA VAL D 201 -36.38 -18.20 35.68
C VAL D 201 -37.73 -17.70 35.22
N LYS D 202 -37.87 -16.39 35.05
CA LYS D 202 -39.12 -15.79 34.58
C LYS D 202 -38.88 -15.02 33.29
N ILE D 203 -39.68 -15.31 32.28
CA ILE D 203 -39.56 -14.59 31.02
C ILE D 203 -40.14 -13.19 31.21
N LYS D 204 -39.54 -12.21 30.51
CA LYS D 204 -40.03 -10.82 30.50
C LYS D 204 -41.46 -10.73 29.98
N LYS D 205 -42.21 -9.74 30.50
CA LYS D 205 -43.58 -9.53 30.03
C LYS D 205 -43.61 -9.23 28.54
N LYS D 206 -42.67 -8.44 28.08
CA LYS D 206 -42.56 -8.02 26.69
C LYS D 206 -41.08 -7.93 26.33
N GLY D 207 -40.73 -8.44 25.17
CA GLY D 207 -39.38 -8.38 24.67
C GLY D 207 -39.24 -7.42 23.51
N LYS D 208 -38.09 -7.49 22.85
CA LYS D 208 -37.78 -6.64 21.70
C LYS D 208 -37.13 -7.42 20.55
N ILE D 209 -37.29 -8.73 20.52
CA ILE D 209 -36.74 -9.58 19.47
C ILE D 209 -37.87 -10.44 18.95
N TYR D 210 -37.99 -10.53 17.62
CA TYR D 210 -38.92 -11.46 17.00
C TYR D 210 -38.10 -12.42 16.16
N SER D 211 -38.54 -13.68 16.13
CA SER D 211 -37.75 -14.80 15.63
C SER D 211 -38.62 -15.72 14.78
N LEU D 212 -38.44 -15.70 13.46
CA LEU D 212 -39.11 -16.65 12.56
C LEU D 212 -38.39 -16.61 11.23
N ASN D 213 -38.60 -17.65 10.43
CA ASN D 213 -38.04 -17.73 9.08
C ASN D 213 -38.90 -16.88 8.15
N GLU D 214 -38.42 -15.67 7.79
CA GLU D 214 -39.17 -14.80 6.88
C GLU D 214 -39.08 -15.22 5.41
N GLY D 215 -38.28 -16.24 5.09
CA GLY D 215 -38.27 -16.81 3.75
C GLY D 215 -39.57 -17.46 3.34
N TYR D 216 -40.54 -17.59 4.24
CA TYR D 216 -41.87 -18.10 3.92
C TYR D 216 -42.89 -16.98 3.77
N ALA D 217 -42.43 -15.73 3.62
CA ALA D 217 -43.32 -14.58 3.65
C ALA D 217 -44.41 -14.66 2.60
N LYS D 218 -44.12 -15.22 1.41
CA LYS D 218 -45.14 -15.32 0.40
C LYS D 218 -46.17 -16.40 0.72
N TYR D 219 -45.91 -17.24 1.72
CA TYR D 219 -46.83 -18.30 2.10
C TYR D 219 -47.55 -18.01 3.40
N PHE D 220 -47.26 -16.88 4.05
CA PHE D 220 -47.85 -16.53 5.33
C PHE D 220 -49.34 -16.25 5.19
N ASP D 221 -50.07 -16.43 6.28
CA ASP D 221 -51.43 -15.89 6.26
C ASP D 221 -51.35 -14.40 6.55
N ALA D 222 -52.49 -13.73 6.50
CA ALA D 222 -52.49 -12.27 6.63
C ALA D 222 -52.09 -11.84 8.02
N ALA D 223 -52.47 -12.64 9.03
CA ALA D 223 -52.17 -12.28 10.42
C ALA D 223 -50.67 -12.29 10.70
N THR D 224 -49.97 -13.31 10.21
CA THR D 224 -48.52 -13.35 10.32
C THR D 224 -47.90 -12.18 9.57
N THR D 225 -48.35 -11.95 8.34
CA THR D 225 -47.86 -10.83 7.54
C THR D 225 -48.04 -9.50 8.26
N GLU D 226 -49.22 -9.28 8.86
CA GLU D 226 -49.46 -8.04 9.57
C GLU D 226 -48.56 -7.92 10.79
N TYR D 227 -48.44 -9.01 11.55
CA TYR D 227 -47.65 -8.96 12.77
C TYR D 227 -46.20 -8.64 12.45
N VAL D 228 -45.62 -9.29 11.42
CA VAL D 228 -44.23 -8.99 11.07
C VAL D 228 -44.09 -7.53 10.67
N GLN D 229 -45.07 -7.01 9.91
CA GLN D 229 -45.09 -5.59 9.56
C GLN D 229 -45.11 -4.69 10.79
N LYS D 230 -45.92 -5.04 11.80
CA LYS D 230 -45.93 -4.23 13.03
C LYS D 230 -44.58 -4.26 13.74
N LYS D 231 -43.84 -5.37 13.67
CA LYS D 231 -42.54 -5.39 14.35
C LYS D 231 -41.53 -4.48 13.65
N LYS D 232 -41.63 -4.35 12.33
CA LYS D 232 -40.71 -3.52 11.56
C LYS D 232 -41.16 -2.06 11.51
N PHE D 233 -42.47 -1.82 11.47
CA PHE D 233 -43.01 -0.46 11.38
C PHE D 233 -43.98 -0.26 12.54
N PRO D 234 -43.47 -0.04 13.75
CA PRO D 234 -44.36 0.11 14.92
C PRO D 234 -45.28 1.31 14.77
N GLU D 235 -46.51 1.17 15.26
CA GLU D 235 -47.50 2.22 15.16
C GLU D 235 -47.42 3.22 16.30
N ASP D 236 -46.34 3.21 17.09
CA ASP D 236 -46.32 3.98 18.33
C ASP D 236 -44.94 4.58 18.55
N GLY D 237 -44.38 5.16 17.50
CA GLY D 237 -43.03 5.70 17.53
C GLY D 237 -41.93 4.91 18.21
N SER D 238 -42.22 3.79 18.88
CA SER D 238 -41.16 3.01 19.48
C SER D 238 -40.32 2.36 18.38
N ALA D 239 -39.09 1.98 18.75
CA ALA D 239 -38.15 1.42 17.78
C ALA D 239 -38.59 0.02 17.34
N PRO D 240 -38.27 -0.37 16.11
CA PRO D 240 -38.63 -1.70 15.64
C PRO D 240 -37.89 -2.79 16.42
N TYR D 241 -38.49 -3.98 16.46
CA TYR D 241 -37.83 -5.12 17.10
C TYR D 241 -36.61 -5.52 16.30
N GLY D 242 -35.61 -6.07 17.00
CA GLY D 242 -34.55 -6.77 16.31
C GLY D 242 -34.99 -8.17 15.90
N ALA D 243 -34.35 -8.70 14.87
CA ALA D 243 -34.66 -10.03 14.37
C ALA D 243 -33.52 -10.99 14.67
N ARG D 244 -33.87 -12.21 15.06
CA ARG D 244 -32.89 -13.29 15.24
C ARG D 244 -33.54 -14.59 14.80
N TYR D 245 -32.83 -15.40 14.02
CA TYR D 245 -33.34 -16.73 13.70
C TYR D 245 -32.13 -17.64 13.48
N VAL D 246 -31.74 -18.33 14.55
CA VAL D 246 -30.61 -19.24 14.53
C VAL D 246 -30.86 -20.41 13.61
N GLY D 247 -32.12 -20.85 13.51
CA GLY D 247 -32.47 -22.05 12.77
C GLY D 247 -32.53 -23.32 13.58
N SER D 248 -32.23 -23.24 14.88
CA SER D 248 -32.45 -24.31 15.84
C SER D 248 -33.50 -23.86 16.84
N MET D 249 -34.62 -24.58 16.87
CA MET D 249 -35.72 -24.25 17.78
C MET D 249 -35.23 -24.10 19.21
N VAL D 250 -34.38 -25.04 19.66
CA VAL D 250 -33.90 -25.00 21.03
C VAL D 250 -33.11 -23.73 21.28
N ALA D 251 -32.25 -23.36 20.33
CA ALA D 251 -31.43 -22.15 20.48
C ALA D 251 -32.30 -20.91 20.50
N ASP D 252 -33.25 -20.80 19.55
CA ASP D 252 -34.13 -19.64 19.46
C ASP D 252 -35.08 -19.56 20.64
N VAL D 253 -35.61 -20.69 21.11
CA VAL D 253 -36.54 -20.69 22.24
C VAL D 253 -35.83 -20.30 23.52
N HIS D 254 -34.62 -20.83 23.73
CA HIS D 254 -33.87 -20.49 24.92
C HIS D 254 -33.52 -19.00 24.96
N ARG D 255 -33.13 -18.42 23.81
CA ARG D 255 -32.96 -16.97 23.74
C ARG D 255 -34.25 -16.24 24.12
N THR D 256 -35.37 -16.71 23.56
CA THR D 256 -36.67 -16.12 23.91
C THR D 256 -36.88 -16.19 25.41
N LEU D 257 -36.55 -17.33 26.02
CA LEU D 257 -36.71 -17.48 27.47
C LEU D 257 -35.86 -16.46 28.23
N VAL D 258 -34.56 -16.36 27.90
CA VAL D 258 -33.70 -15.52 28.74
C VAL D 258 -33.64 -14.06 28.31
N TYR D 259 -34.00 -13.73 27.06
CA TYR D 259 -34.02 -12.31 26.65
C TYR D 259 -35.42 -11.73 26.50
N GLY D 260 -36.47 -12.56 26.40
CA GLY D 260 -37.79 -12.07 26.05
C GLY D 260 -37.98 -11.95 24.55
N GLY D 261 -39.21 -11.65 24.16
CA GLY D 261 -39.56 -11.59 22.75
C GLY D 261 -40.49 -12.70 22.35
N ILE D 262 -40.46 -13.04 21.06
CA ILE D 262 -41.40 -14.01 20.50
C ILE D 262 -40.68 -14.90 19.50
N PHE D 263 -41.05 -16.19 19.49
CA PHE D 263 -40.60 -17.14 18.49
C PHE D 263 -41.82 -17.69 17.78
N LEU D 264 -41.76 -17.79 16.45
CA LEU D 264 -42.90 -18.19 15.63
C LEU D 264 -42.50 -19.23 14.60
N TYR D 265 -43.26 -20.33 14.51
CA TYR D 265 -43.27 -21.16 13.31
C TYR D 265 -44.73 -21.41 12.98
N PRO D 266 -45.40 -20.42 12.41
CA PRO D 266 -46.83 -20.55 12.11
C PRO D 266 -47.05 -21.45 10.90
N ALA D 267 -48.32 -21.77 10.67
CA ALA D 267 -48.71 -22.39 9.42
C ALA D 267 -48.41 -21.47 8.23
N ASN D 268 -48.14 -22.10 7.09
CA ASN D 268 -48.07 -21.36 5.84
C ASN D 268 -48.60 -22.27 4.73
N GLN D 269 -48.71 -21.72 3.53
CA GLN D 269 -49.32 -22.48 2.44
C GLN D 269 -48.66 -23.83 2.24
N LYS D 270 -47.35 -23.89 2.42
CA LYS D 270 -46.61 -25.12 2.20
C LYS D 270 -46.58 -26.03 3.41
N SER D 271 -46.80 -25.49 4.61
CA SER D 271 -46.90 -26.26 5.85
C SER D 271 -48.18 -25.85 6.57
N PRO D 272 -49.34 -26.35 6.10
CA PRO D 272 -50.63 -25.83 6.61
C PRO D 272 -50.94 -26.23 8.05
N LYS D 273 -50.27 -27.24 8.60
CA LYS D 273 -50.38 -27.49 10.03
C LYS D 273 -49.09 -27.15 10.76
N GLY D 274 -48.24 -26.33 10.15
CA GLY D 274 -46.94 -26.04 10.71
C GLY D 274 -45.90 -27.08 10.35
N LYS D 275 -44.69 -26.82 10.81
CA LYS D 275 -43.58 -27.75 10.61
C LYS D 275 -43.22 -28.52 11.86
N LEU D 276 -43.20 -27.86 13.01
CA LEU D 276 -42.63 -28.42 14.22
C LEU D 276 -43.55 -29.48 14.82
N ARG D 277 -42.94 -30.45 15.50
CA ARG D 277 -43.63 -31.64 15.97
C ARG D 277 -44.21 -31.41 17.35
N LEU D 278 -45.47 -31.80 17.52
CA LEU D 278 -46.18 -31.54 18.77
C LEU D 278 -45.58 -32.31 19.94
N LEU D 279 -45.27 -33.59 19.74
CA LEU D 279 -44.94 -34.43 20.88
C LEU D 279 -43.59 -34.07 21.49
N TYR D 280 -42.56 -33.94 20.65
CA TYR D 280 -41.20 -33.83 21.13
C TYR D 280 -40.53 -32.52 20.72
N GLU D 281 -41.27 -31.59 20.13
CA GLU D 281 -40.73 -30.24 19.92
C GLU D 281 -41.60 -29.18 20.59
N CYS D 282 -42.87 -29.07 20.21
CA CYS D 282 -43.69 -27.95 20.69
C CYS D 282 -44.10 -28.12 22.15
N ASN D 283 -44.58 -29.31 22.53
CA ASN D 283 -44.99 -29.53 23.91
C ASN D 283 -43.87 -29.29 24.92
N PRO D 284 -42.67 -29.84 24.76
CA PRO D 284 -41.64 -29.55 25.77
C PRO D 284 -41.31 -28.07 25.88
N VAL D 285 -41.12 -27.36 24.76
CA VAL D 285 -40.77 -25.95 24.90
C VAL D 285 -41.97 -25.14 25.34
N ALA D 286 -43.18 -25.56 24.97
CA ALA D 286 -44.39 -24.90 25.50
C ALA D 286 -44.47 -25.07 27.01
N TYR D 287 -44.21 -26.28 27.50
CA TYR D 287 -44.17 -26.48 28.93
C TYR D 287 -43.15 -25.55 29.59
N ILE D 288 -41.93 -25.50 29.06
CA ILE D 288 -40.89 -24.66 29.65
C ILE D 288 -41.33 -23.19 29.66
N ILE D 289 -41.80 -22.71 28.50
CA ILE D 289 -42.10 -21.28 28.39
C ILE D 289 -43.25 -20.91 29.31
N GLU D 290 -44.27 -21.77 29.41
CA GLU D 290 -45.37 -21.45 30.31
C GLU D 290 -44.94 -21.51 31.76
N GLN D 291 -44.12 -22.50 32.12
CA GLN D 291 -43.62 -22.58 33.49
C GLN D 291 -42.85 -21.32 33.87
N ALA D 292 -42.24 -20.63 32.89
CA ALA D 292 -41.52 -19.39 33.13
C ALA D 292 -42.40 -18.16 33.02
N GLY D 293 -43.71 -18.35 32.87
CA GLY D 293 -44.65 -17.25 32.83
C GLY D 293 -44.94 -16.69 31.46
N GLY D 294 -44.60 -17.41 30.39
CA GLY D 294 -44.90 -17.01 29.04
C GLY D 294 -46.11 -17.75 28.48
N LEU D 295 -46.34 -17.55 27.19
CA LEU D 295 -47.44 -18.19 26.48
C LEU D 295 -46.92 -19.02 25.33
N ALA D 296 -47.67 -20.08 25.01
CA ALA D 296 -47.37 -20.91 23.84
C ALA D 296 -48.69 -21.35 23.22
N THR D 297 -48.95 -20.86 22.02
CA THR D 297 -50.21 -21.07 21.36
C THR D 297 -49.96 -21.64 19.97
N THR D 298 -50.95 -22.38 19.48
CA THR D 298 -51.04 -22.76 18.07
C THR D 298 -51.71 -21.68 17.25
N GLY D 299 -52.16 -20.60 17.90
CA GLY D 299 -53.00 -19.59 17.30
C GLY D 299 -54.48 -19.77 17.58
N THR D 300 -54.92 -20.97 17.92
CA THR D 300 -56.31 -21.18 18.31
C THR D 300 -56.48 -21.79 19.70
N GLN D 301 -55.45 -22.41 20.26
CA GLN D 301 -55.52 -22.93 21.63
C GLN D 301 -54.10 -23.03 22.17
N PRO D 302 -53.93 -23.14 23.48
CA PRO D 302 -52.59 -23.40 24.03
C PRO D 302 -52.05 -24.71 23.49
N VAL D 303 -50.76 -24.71 23.17
CA VAL D 303 -50.10 -25.91 22.67
C VAL D 303 -50.30 -27.08 23.62
N LEU D 304 -50.17 -26.82 24.92
CA LEU D 304 -50.27 -27.90 25.90
C LEU D 304 -51.67 -28.53 25.95
N ASP D 305 -52.69 -27.87 25.37
CA ASP D 305 -54.05 -28.38 25.31
C ASP D 305 -54.34 -29.19 24.05
N VAL D 306 -53.45 -29.18 23.07
CA VAL D 306 -53.72 -29.93 21.85
C VAL D 306 -53.75 -31.41 22.18
N LYS D 307 -54.83 -32.09 21.76
CA LYS D 307 -54.92 -33.53 21.93
C LYS D 307 -54.18 -34.20 20.77
N PRO D 308 -53.07 -34.88 21.03
CA PRO D 308 -52.31 -35.51 19.95
C PRO D 308 -53.13 -36.63 19.29
N GLU D 309 -52.95 -36.78 17.99
CA GLU D 309 -53.62 -37.85 17.25
C GLU D 309 -52.65 -38.84 16.61
N ALA D 310 -51.44 -38.41 16.29
CA ALA D 310 -50.38 -39.29 15.82
C ALA D 310 -49.07 -38.79 16.42
N ILE D 311 -48.11 -39.69 16.58
CA ILE D 311 -46.93 -39.33 17.36
C ILE D 311 -46.09 -38.28 16.65
N HIS D 312 -46.15 -38.22 15.32
CA HIS D 312 -45.38 -37.25 14.56
C HIS D 312 -46.24 -36.09 14.06
N GLN D 313 -47.36 -35.84 14.73
CA GLN D 313 -48.25 -34.74 14.37
C GLN D 313 -47.51 -33.40 14.45
N ARG D 314 -47.76 -32.54 13.46
CA ARG D 314 -47.26 -31.18 13.41
C ARG D 314 -48.31 -30.20 13.97
N VAL D 315 -47.83 -29.03 14.39
CA VAL D 315 -48.73 -28.02 14.94
C VAL D 315 -48.06 -26.65 14.76
N PRO D 316 -48.81 -25.57 14.55
CA PRO D 316 -48.19 -24.25 14.55
C PRO D 316 -47.72 -23.90 15.95
N LEU D 317 -46.67 -23.08 16.03
CA LEU D 317 -46.08 -22.73 17.33
C LEU D 317 -45.74 -21.25 17.33
N ILE D 318 -46.31 -20.53 18.30
CA ILE D 318 -45.99 -19.13 18.56
C ILE D 318 -45.83 -19.01 20.08
N LEU D 319 -44.64 -18.59 20.54
CA LEU D 319 -44.41 -18.57 21.98
C LEU D 319 -43.47 -17.43 22.38
N GLY D 320 -43.47 -17.14 23.67
CA GLY D 320 -42.53 -16.17 24.22
C GLY D 320 -43.14 -15.30 25.28
N SER D 321 -42.64 -14.07 25.38
CA SER D 321 -43.17 -13.11 26.35
C SER D 321 -44.67 -12.93 26.16
N PRO D 322 -45.45 -12.86 27.26
CA PRO D 322 -46.92 -12.86 27.10
C PRO D 322 -47.48 -11.68 26.32
N GLU D 323 -46.99 -10.44 26.52
CA GLU D 323 -47.58 -9.35 25.73
C GLU D 323 -47.30 -9.52 24.25
N ASP D 324 -46.16 -10.10 23.90
CA ASP D 324 -45.86 -10.28 22.49
C ASP D 324 -46.78 -11.31 21.88
N VAL D 325 -46.97 -12.43 22.58
CA VAL D 325 -47.91 -13.44 22.10
C VAL D 325 -49.33 -12.86 22.08
N GLN D 326 -49.66 -12.01 23.05
CA GLN D 326 -50.98 -11.39 23.03
C GLN D 326 -51.17 -10.55 21.78
N GLU D 327 -50.14 -9.77 21.42
CA GLU D 327 -50.22 -8.98 20.18
C GLU D 327 -50.34 -9.86 18.94
N TYR D 328 -49.67 -11.02 18.91
CA TYR D 328 -49.84 -11.89 17.76
C TYR D 328 -51.27 -12.40 17.67
N LEU D 329 -51.83 -12.86 18.81
CA LEU D 329 -53.19 -13.34 18.86
C LEU D 329 -54.19 -12.25 18.43
N THR D 330 -53.90 -11.00 18.75
CA THR D 330 -54.74 -9.91 18.26
C THR D 330 -54.70 -9.83 16.74
N CYS D 331 -53.53 -10.00 16.13
CA CYS D 331 -53.43 -10.04 14.68
C CYS D 331 -54.20 -11.23 14.11
N VAL D 332 -54.16 -12.38 14.80
CA VAL D 332 -54.87 -13.55 14.30
C VAL D 332 -56.36 -13.25 14.23
N GLN D 333 -56.90 -12.73 15.33
CA GLN D 333 -58.31 -12.43 15.44
C GLN D 333 -58.71 -11.27 14.53
N LYS D 334 -57.86 -10.27 14.38
CA LYS D 334 -58.17 -9.15 13.51
C LYS D 334 -58.35 -9.58 12.06
N ASN D 335 -57.76 -10.70 11.67
CA ASN D 335 -57.87 -11.24 10.31
C ASN D 335 -58.73 -12.50 10.27
N GLN D 336 -59.54 -12.72 11.32
CA GLN D 336 -60.37 -13.91 11.57
C GLN D 336 -59.52 -15.10 12.07
N THR E 9 -0.55 36.74 -4.13
CA THR E 9 0.82 36.75 -3.63
C THR E 9 1.81 37.07 -4.75
N ASP E 10 3.03 36.57 -4.58
CA ASP E 10 4.16 36.80 -5.48
C ASP E 10 4.16 35.79 -6.63
N MET E 11 4.83 36.19 -7.72
CA MET E 11 5.02 35.32 -8.88
C MET E 11 6.18 34.37 -8.58
N LEU E 12 5.90 33.07 -8.67
CA LEU E 12 6.85 32.05 -8.29
C LEU E 12 7.21 31.21 -9.52
N THR E 13 8.51 30.99 -9.72
CA THR E 13 8.96 30.01 -10.70
C THR E 13 9.12 28.66 -10.03
N LEU E 14 9.19 27.60 -10.85
CA LEU E 14 9.25 26.24 -10.32
C LEU E 14 10.47 26.04 -9.44
N THR E 15 11.66 26.46 -9.92
CA THR E 15 12.89 26.24 -9.17
C THR E 15 12.95 27.08 -7.90
N ARG E 16 12.36 28.28 -7.90
CA ARG E 16 12.21 29.01 -6.64
C ARG E 16 11.25 28.29 -5.69
N TYR E 17 10.10 27.83 -6.21
CA TYR E 17 9.10 27.16 -5.39
C TYR E 17 9.68 25.94 -4.71
N VAL E 18 10.47 25.15 -5.44
CA VAL E 18 11.08 23.95 -4.84
C VAL E 18 12.11 24.33 -3.80
N MET E 19 12.95 25.34 -4.09
CA MET E 19 13.96 25.77 -3.12
C MET E 19 13.34 26.21 -1.80
N GLU E 20 12.25 26.99 -1.86
CA GLU E 20 11.58 27.46 -0.65
C GLU E 20 11.09 26.28 0.19
N LYS E 21 10.48 25.28 -0.45
CA LYS E 21 10.08 24.08 0.27
C LYS E 21 11.29 23.30 0.77
N GLY E 22 12.32 23.17 -0.08
CA GLY E 22 13.53 22.47 0.34
C GLY E 22 14.26 23.21 1.45
N ARG E 23 14.12 24.53 1.52
CA ARG E 23 14.73 25.28 2.61
C ARG E 23 13.98 25.05 3.92
N GLN E 24 12.65 25.24 3.91
CA GLN E 24 11.90 25.09 5.16
C GLN E 24 11.95 23.65 5.67
N ALA E 25 12.14 22.68 4.78
CA ALA E 25 12.36 21.30 5.22
C ALA E 25 13.81 21.04 5.61
N LYS E 26 14.71 22.01 5.42
CA LYS E 26 16.11 21.89 5.85
C LYS E 26 16.77 20.62 5.32
N GLY E 27 16.45 20.25 4.08
CA GLY E 27 17.07 19.11 3.43
C GLY E 27 18.47 19.41 2.91
N THR E 28 19.12 18.37 2.39
CA THR E 28 20.50 18.48 1.92
C THR E 28 20.63 19.28 0.62
N GLY E 29 19.54 19.46 -0.14
CA GLY E 29 19.61 20.09 -1.44
C GLY E 29 19.63 19.14 -2.61
N GLU E 30 19.72 17.82 -2.39
CA GLU E 30 19.98 16.91 -3.49
C GLU E 30 18.76 16.70 -4.39
N LEU E 31 17.56 16.65 -3.80
CA LEU E 31 16.35 16.52 -4.61
C LEU E 31 16.11 17.78 -5.44
N THR E 32 16.30 18.97 -4.84
CA THR E 32 16.22 20.21 -5.60
C THR E 32 17.15 20.21 -6.79
N GLN E 33 18.38 19.71 -6.60
CA GLN E 33 19.31 19.68 -7.73
C GLN E 33 18.86 18.69 -8.80
N LEU E 34 18.27 17.57 -8.39
CA LEU E 34 17.76 16.61 -9.37
C LEU E 34 16.62 17.21 -10.18
N LEU E 35 15.62 17.80 -9.51
CA LEU E 35 14.46 18.35 -10.20
C LEU E 35 14.86 19.49 -11.14
N ASN E 36 15.78 20.34 -10.70
CA ASN E 36 16.26 21.43 -11.55
C ASN E 36 16.84 20.88 -12.84
N SER E 37 17.63 19.81 -12.73
CA SER E 37 18.22 19.20 -13.91
C SER E 37 17.16 18.55 -14.80
N MET E 38 16.16 17.90 -14.18
CA MET E 38 15.08 17.27 -14.93
C MET E 38 14.27 18.32 -15.68
N LEU E 39 13.98 19.44 -15.03
CA LEU E 39 13.23 20.52 -15.70
C LEU E 39 14.05 21.13 -16.82
N THR E 40 15.38 21.19 -16.69
CA THR E 40 16.19 21.68 -17.79
C THR E 40 16.07 20.76 -18.99
N ALA E 41 16.07 19.44 -18.75
CA ALA E 41 15.85 18.49 -19.83
C ALA E 41 14.48 18.70 -20.45
N ILE E 42 13.47 18.94 -19.62
CA ILE E 42 12.12 19.10 -20.12
C ILE E 42 12.00 20.34 -21.00
N LYS E 43 12.64 21.46 -20.59
CA LYS E 43 12.65 22.65 -21.44
C LYS E 43 13.29 22.36 -22.80
N ALA E 44 14.40 21.61 -22.79
CA ALA E 44 15.08 21.30 -24.05
C ALA E 44 14.24 20.36 -24.92
N ILE E 45 13.54 19.41 -24.31
CA ILE E 45 12.66 18.54 -25.07
C ILE E 45 11.53 19.34 -25.68
N SER E 46 10.93 20.23 -24.87
CA SER E 46 9.84 21.06 -25.38
C SER E 46 10.29 21.85 -26.59
N SER E 47 11.48 22.46 -26.51
CA SER E 47 11.99 23.22 -27.64
C SER E 47 12.19 22.34 -28.87
N ALA E 48 12.68 21.11 -28.69
CA ALA E 48 12.83 20.19 -29.83
C ALA E 48 11.49 19.73 -30.37
N VAL E 49 10.53 19.47 -29.48
CA VAL E 49 9.19 19.04 -29.88
C VAL E 49 8.48 20.13 -30.70
N ARG E 50 8.68 21.40 -30.34
CA ARG E 50 8.08 22.47 -31.13
C ARG E 50 8.80 22.72 -32.45
N LYS E 51 9.85 21.94 -32.75
CA LYS E 51 10.54 21.95 -34.05
C LYS E 51 11.47 23.15 -34.21
N ALA E 52 12.05 23.64 -33.10
CA ALA E 52 13.10 24.64 -33.23
C ALA E 52 14.23 24.12 -34.11
N GLY E 53 14.68 24.94 -35.06
CA GLY E 53 15.76 24.58 -35.96
C GLY E 53 15.38 23.77 -37.18
N LEU E 54 14.09 23.52 -37.39
CA LEU E 54 13.64 22.73 -38.54
C LEU E 54 14.09 23.33 -39.87
N ALA E 55 14.18 24.67 -39.96
CA ALA E 55 14.63 25.30 -41.21
C ALA E 55 16.04 24.88 -41.60
N HIS E 56 16.91 24.56 -40.63
CA HIS E 56 18.25 24.11 -41.00
C HIS E 56 18.22 22.67 -41.53
N LEU E 57 17.25 21.87 -41.07
CA LEU E 57 17.08 20.53 -41.64
C LEU E 57 16.61 20.57 -43.08
N TYR E 58 15.89 21.61 -43.48
CA TYR E 58 15.36 21.67 -44.83
C TYR E 58 16.21 22.57 -45.73
N GLY E 59 17.45 22.85 -45.33
CA GLY E 59 18.44 23.45 -46.21
C GLY E 59 18.49 24.95 -46.27
N ILE E 60 18.09 25.66 -45.21
CA ILE E 60 18.09 27.12 -45.27
C ILE E 60 19.51 27.65 -45.46
N ALA E 61 20.50 26.94 -44.93
CA ALA E 61 21.91 27.29 -45.08
C ALA E 61 22.62 26.41 -46.10
N GLY E 62 21.88 25.62 -46.88
CA GLY E 62 22.44 24.79 -47.92
C GLY E 62 22.65 23.33 -47.56
N SER E 63 22.31 22.92 -46.33
CA SER E 63 22.46 21.53 -45.88
C SER E 63 21.09 20.92 -45.60
N VAL E 64 20.58 20.15 -46.56
CA VAL E 64 19.33 19.41 -46.38
C VAL E 64 19.63 18.09 -45.69
N ASN E 65 18.89 17.80 -44.61
CA ASN E 65 19.06 16.60 -43.82
C ASN E 65 17.72 16.27 -43.16
N VAL E 66 16.73 15.92 -43.99
CA VAL E 66 15.40 15.59 -43.49
C VAL E 66 15.44 14.26 -42.77
N THR E 67 14.92 14.22 -41.54
CA THR E 67 14.94 13.00 -40.75
C THR E 67 13.82 12.06 -41.20
N GLY E 68 14.10 10.77 -41.13
CA GLY E 68 13.21 9.75 -41.66
C GLY E 68 12.28 9.10 -40.65
N ASP E 69 12.82 8.75 -39.48
CA ASP E 69 12.01 8.25 -38.37
C ASP E 69 11.87 9.41 -37.38
N GLU E 70 10.74 10.12 -37.45
CA GLU E 70 10.53 11.26 -36.57
C GLU E 70 10.38 10.82 -35.12
N VAL E 71 9.80 9.65 -34.87
CA VAL E 71 9.65 9.18 -33.50
C VAL E 71 10.97 8.63 -32.94
N LYS E 72 11.88 8.16 -33.80
CA LYS E 72 13.15 7.64 -33.27
C LYS E 72 14.16 8.75 -33.02
N LYS E 73 14.18 9.80 -33.85
CA LYS E 73 15.08 10.92 -33.60
C LYS E 73 14.72 11.62 -32.30
N LEU E 74 13.41 11.84 -32.07
CA LEU E 74 12.95 12.50 -30.86
C LEU E 74 13.05 11.57 -29.64
N ASP E 75 12.82 10.26 -29.83
CA ASP E 75 12.98 9.34 -28.70
C ASP E 75 14.44 9.25 -28.25
N VAL E 76 15.36 9.27 -29.21
CA VAL E 76 16.78 9.24 -28.85
C VAL E 76 17.22 10.57 -28.23
N LEU E 77 16.79 11.69 -28.82
CA LEU E 77 17.18 12.99 -28.28
C LEU E 77 16.59 13.22 -26.90
N SER E 78 15.29 12.95 -26.74
CA SER E 78 14.64 13.03 -25.43
C SER E 78 15.41 12.23 -24.39
N ASN E 79 15.67 10.95 -24.73
CA ASN E 79 16.35 10.05 -23.81
C ASN E 79 17.73 10.59 -23.43
N SER E 80 18.47 11.08 -24.43
CA SER E 80 19.79 11.62 -24.15
C SER E 80 19.71 12.84 -23.24
N LEU E 81 18.73 13.72 -23.48
CA LEU E 81 18.59 14.91 -22.65
C LEU E 81 18.33 14.54 -21.20
N VAL E 82 17.37 13.64 -20.97
CA VAL E 82 17.04 13.25 -19.60
C VAL E 82 18.24 12.58 -18.93
N ILE E 83 18.85 11.62 -19.63
CA ILE E 83 19.95 10.88 -19.02
C ILE E 83 21.10 11.82 -18.67
N ASN E 84 21.50 12.67 -19.60
CA ASN E 84 22.65 13.55 -19.35
C ASN E 84 22.37 14.56 -18.25
N MET E 85 21.18 15.15 -18.25
CA MET E 85 20.87 16.12 -17.21
C MET E 85 20.79 15.45 -15.83
N LEU E 86 20.24 14.23 -15.78
CA LEU E 86 20.13 13.56 -14.49
C LEU E 86 21.48 13.10 -13.99
N GLN E 87 22.28 12.48 -14.87
CA GLN E 87 23.59 12.00 -14.43
C GLN E 87 24.45 13.14 -13.96
N SER E 88 24.43 14.26 -14.69
CA SER E 88 25.24 15.41 -14.33
C SER E 88 24.75 16.15 -13.10
N SER E 89 23.53 15.84 -12.62
CA SER E 89 23.02 16.51 -11.42
C SER E 89 23.72 16.06 -10.14
N TYR E 90 24.48 14.96 -10.20
CA TYR E 90 25.13 14.32 -9.06
C TYR E 90 24.14 13.83 -8.01
N SER E 91 22.88 13.63 -8.41
CA SER E 91 21.83 13.26 -7.48
C SER E 91 21.31 11.85 -7.69
N THR E 92 21.82 11.12 -8.69
CA THR E 92 21.23 9.85 -9.08
C THR E 92 22.25 8.72 -8.94
N CYS E 93 21.73 7.53 -8.69
CA CYS E 93 22.51 6.30 -8.74
C CYS E 93 21.99 5.29 -9.74
N VAL E 94 20.67 5.22 -9.96
CA VAL E 94 20.06 4.27 -10.90
C VAL E 94 18.99 4.98 -11.70
N LEU E 95 19.04 4.82 -13.04
CA LEU E 95 18.01 5.29 -13.95
C LEU E 95 17.44 4.12 -14.74
N VAL E 96 16.12 4.10 -14.88
CA VAL E 96 15.42 3.19 -15.79
C VAL E 96 14.67 4.03 -16.80
N SER E 97 14.88 3.75 -18.07
CA SER E 97 14.27 4.50 -19.15
C SER E 97 13.43 3.57 -20.02
N GLU E 98 12.30 4.09 -20.50
CA GLU E 98 11.50 3.35 -21.49
C GLU E 98 12.37 2.92 -22.67
N GLU E 99 13.45 3.65 -22.94
CA GLU E 99 14.28 3.47 -24.13
C GLU E 99 15.48 2.56 -23.93
N ASN E 100 15.76 2.11 -22.70
CA ASN E 100 16.96 1.36 -22.40
C ASN E 100 16.60 0.00 -21.83
N LYS E 101 17.20 -1.03 -22.43
CA LYS E 101 16.92 -2.41 -22.08
C LYS E 101 17.27 -2.67 -20.62
N ASP E 102 18.46 -2.23 -20.20
CA ASP E 102 18.95 -2.40 -18.85
C ASP E 102 18.86 -1.09 -18.09
N ALA E 103 18.89 -1.20 -16.76
CA ALA E 103 18.99 -0.03 -15.93
C ALA E 103 20.33 0.65 -16.17
N ILE E 104 20.35 1.95 -15.95
CA ILE E 104 21.53 2.76 -16.21
C ILE E 104 22.10 3.17 -14.86
N ILE E 105 23.30 2.66 -14.55
CA ILE E 105 23.95 2.94 -13.28
C ILE E 105 24.84 4.16 -13.43
N THR E 106 24.62 5.15 -12.56
CA THR E 106 25.42 6.35 -12.59
C THR E 106 26.86 6.00 -12.23
N ALA E 107 27.80 6.69 -12.87
CA ALA E 107 29.21 6.54 -12.53
C ALA E 107 29.45 6.88 -11.06
N LYS E 108 30.44 6.20 -10.47
CA LYS E 108 30.66 6.30 -9.03
C LYS E 108 30.90 7.74 -8.61
N GLU E 109 31.62 8.51 -9.42
CA GLU E 109 31.95 9.90 -9.09
C GLU E 109 30.77 10.85 -9.26
N LYS E 110 29.70 10.43 -9.92
CA LYS E 110 28.49 11.24 -10.06
C LYS E 110 27.33 10.67 -9.25
N ARG E 111 27.58 9.64 -8.44
CA ARG E 111 26.52 8.93 -7.74
C ARG E 111 25.88 9.80 -6.66
N GLY E 112 24.55 9.78 -6.62
CA GLY E 112 23.78 10.40 -5.56
C GLY E 112 22.81 9.39 -4.98
N LYS E 113 21.82 9.84 -4.23
CA LYS E 113 21.00 8.91 -3.46
C LYS E 113 19.66 8.56 -4.10
N TYR E 114 19.38 9.03 -5.31
CA TYR E 114 18.05 8.89 -5.89
C TYR E 114 18.03 7.97 -7.11
N VAL E 115 16.93 7.23 -7.25
CA VAL E 115 16.62 6.38 -8.40
C VAL E 115 15.52 7.08 -9.18
N VAL E 116 15.66 7.16 -10.51
CA VAL E 116 14.64 7.81 -11.34
C VAL E 116 14.23 6.89 -12.49
N CYS E 117 12.93 6.61 -12.57
CA CYS E 117 12.33 5.85 -13.67
C CYS E 117 11.53 6.80 -14.54
N PHE E 118 11.76 6.78 -15.85
CA PHE E 118 11.10 7.74 -16.73
C PHE E 118 10.79 7.20 -18.12
N ASP E 119 9.72 7.72 -18.72
CA ASP E 119 9.47 7.60 -20.15
C ASP E 119 9.81 8.96 -20.75
N PRO E 120 10.90 9.07 -21.51
CA PRO E 120 11.33 10.41 -21.98
C PRO E 120 10.40 11.02 -23.02
N LEU E 121 9.69 10.22 -23.79
CA LEU E 121 8.73 10.73 -24.79
C LEU E 121 7.53 9.78 -24.83
N ASP E 122 6.53 10.07 -23.99
CA ASP E 122 5.30 9.30 -23.98
C ASP E 122 4.39 9.72 -25.13
N GLY E 123 3.70 8.74 -25.71
CA GLY E 123 2.75 9.00 -26.76
C GLY E 123 3.38 9.04 -28.13
N SER E 124 4.30 8.11 -28.39
CA SER E 124 5.12 8.21 -29.60
C SER E 124 4.28 8.06 -30.87
N SER E 125 3.17 7.32 -30.83
CA SER E 125 2.34 7.25 -32.03
C SER E 125 1.70 8.59 -32.38
N ASN E 126 1.76 9.59 -31.50
CA ASN E 126 1.21 10.90 -31.79
C ASN E 126 2.25 11.90 -32.31
N ILE E 127 3.50 11.48 -32.51
CA ILE E 127 4.58 12.41 -32.88
C ILE E 127 4.36 12.91 -34.31
N ASP E 128 4.07 12.01 -35.24
CA ASP E 128 3.97 12.35 -36.66
C ASP E 128 2.70 13.11 -37.02
N CYS E 129 1.66 13.02 -36.22
CA CYS E 129 0.47 13.80 -36.51
C CYS E 129 0.35 15.02 -35.60
N LEU E 130 1.33 15.25 -34.73
CA LEU E 130 1.47 16.47 -33.92
C LEU E 130 0.43 16.59 -32.82
N ALA E 131 -0.16 15.47 -32.37
CA ALA E 131 -0.97 15.55 -31.16
C ALA E 131 -0.07 15.64 -29.94
N SER E 132 -0.68 15.82 -28.77
CA SER E 132 0.09 16.04 -27.55
C SER E 132 0.96 14.84 -27.23
N ILE E 133 2.17 15.10 -26.72
CA ILE E 133 3.07 14.06 -26.22
C ILE E 133 3.68 14.57 -24.91
N GLY E 134 4.49 13.73 -24.26
CA GLY E 134 4.90 14.07 -22.92
C GLY E 134 6.10 13.29 -22.40
N THR E 135 6.45 13.60 -21.15
CA THR E 135 7.55 12.98 -20.41
C THR E 135 7.06 12.60 -19.01
N ILE E 136 7.39 11.39 -18.55
CA ILE E 136 6.88 10.89 -17.27
C ILE E 136 8.04 10.44 -16.41
N PHE E 137 7.98 10.74 -15.12
CA PHE E 137 9.05 10.31 -14.22
C PHE E 137 8.53 10.09 -12.80
N ALA E 138 9.19 9.17 -12.11
CA ALA E 138 8.96 8.92 -10.70
C ALA E 138 10.32 8.77 -10.02
N ILE E 139 10.46 9.38 -8.85
CA ILE E 139 11.73 9.42 -8.15
C ILE E 139 11.59 8.67 -6.83
N TYR E 140 12.53 7.76 -6.58
CA TYR E 140 12.59 7.01 -5.33
C TYR E 140 13.94 7.26 -4.65
N ARG E 141 13.95 7.09 -3.33
CA ARG E 141 15.22 7.05 -2.61
C ARG E 141 15.79 5.65 -2.67
N LYS E 142 17.08 5.54 -2.99
CA LYS E 142 17.77 4.26 -2.86
C LYS E 142 17.77 3.81 -1.41
N THR E 143 17.29 2.59 -1.16
CA THR E 143 17.24 2.05 0.18
C THR E 143 18.23 0.93 0.45
N SER E 144 18.64 0.19 -0.58
CA SER E 144 19.62 -0.86 -0.40
C SER E 144 20.97 -0.28 -0.01
N GLU E 145 21.72 -1.04 0.79
CA GLU E 145 23.07 -0.64 1.18
C GLU E 145 24.15 -1.17 0.23
N ASP E 146 23.81 -2.09 -0.66
CA ASP E 146 24.79 -2.75 -1.53
C ASP E 146 25.27 -1.80 -2.62
N GLU E 147 25.83 -2.35 -3.68
CA GLU E 147 26.15 -1.54 -4.85
C GLU E 147 24.83 -1.14 -5.53
N PRO E 148 24.78 0.06 -6.10
CA PRO E 148 23.58 0.45 -6.86
C PRO E 148 23.30 -0.55 -7.98
N SER E 149 22.06 -1.01 -8.04
CA SER E 149 21.65 -1.91 -9.10
C SER E 149 20.18 -1.72 -9.44
N GLU E 150 19.74 -2.41 -10.49
CA GLU E 150 18.37 -2.27 -10.97
C GLU E 150 17.33 -2.71 -9.94
N LYS E 151 17.73 -3.46 -8.91
CA LYS E 151 16.78 -3.79 -7.85
C LYS E 151 16.31 -2.54 -7.11
N ASP E 152 17.09 -1.47 -7.14
CA ASP E 152 16.68 -0.23 -6.47
C ASP E 152 15.51 0.44 -7.16
N ALA E 153 15.27 0.13 -8.44
CA ALA E 153 14.13 0.67 -9.17
C ALA E 153 12.88 -0.17 -9.00
N LEU E 154 12.98 -1.32 -8.33
CA LEU E 154 11.85 -2.22 -8.16
C LEU E 154 11.08 -1.95 -6.88
N GLN E 155 11.05 -0.70 -6.42
CA GLN E 155 10.21 -0.35 -5.29
C GLN E 155 8.78 -0.12 -5.73
N CYS E 156 7.84 -0.42 -4.85
CA CYS E 156 6.47 -0.19 -5.23
C CYS E 156 6.12 1.29 -5.07
N GLY E 157 5.08 1.71 -5.79
CA GLY E 157 4.78 3.13 -5.97
C GLY E 157 4.49 3.89 -4.69
N ARG E 158 4.18 3.18 -3.60
CA ARG E 158 4.01 3.84 -2.32
C ARG E 158 5.28 4.55 -1.86
N ASN E 159 6.45 4.14 -2.35
CA ASN E 159 7.72 4.68 -1.86
C ASN E 159 8.22 5.86 -2.69
N ILE E 160 7.38 6.44 -3.54
CA ILE E 160 7.79 7.56 -4.39
C ILE E 160 8.14 8.77 -3.54
N VAL E 161 9.29 9.38 -3.83
CA VAL E 161 9.61 10.66 -3.21
C VAL E 161 8.92 11.81 -3.94
N ALA E 162 9.06 11.85 -5.27
CA ALA E 162 8.39 12.83 -6.09
C ALA E 162 8.16 12.22 -7.46
N ALA E 163 7.06 12.63 -8.10
CA ALA E 163 6.74 12.17 -9.44
C ALA E 163 6.04 13.29 -10.18
N GLY E 164 6.07 13.20 -11.49
CA GLY E 164 5.37 14.18 -12.28
C GLY E 164 5.49 13.88 -13.75
N TYR E 165 4.98 14.80 -14.55
CA TYR E 165 5.04 14.67 -15.99
C TYR E 165 5.14 16.06 -16.61
N ALA E 166 5.67 16.08 -17.83
CA ALA E 166 5.59 17.22 -18.74
C ALA E 166 4.61 16.88 -19.87
N LEU E 167 3.72 17.83 -20.17
CA LEU E 167 2.79 17.69 -21.28
C LEU E 167 3.18 18.72 -22.34
N TYR E 168 3.62 18.25 -23.51
CA TYR E 168 3.89 19.13 -24.64
C TYR E 168 2.61 19.16 -25.48
N GLY E 169 1.67 19.97 -25.04
CA GLY E 169 0.38 20.08 -25.71
C GLY E 169 0.26 21.40 -26.44
N SER E 170 -0.92 22.03 -26.39
CA SER E 170 -1.03 23.35 -26.98
C SER E 170 -0.09 24.34 -26.29
N ALA E 171 0.18 24.11 -25.00
CA ALA E 171 1.28 24.71 -24.26
C ALA E 171 2.01 23.60 -23.53
N THR E 172 3.13 23.95 -22.89
CA THR E 172 3.93 23.01 -22.11
C THR E 172 3.62 23.17 -20.62
N LEU E 173 3.21 22.07 -19.99
CA LEU E 173 2.86 22.08 -18.58
C LEU E 173 3.64 20.98 -17.87
N VAL E 174 3.99 21.25 -16.61
CA VAL E 174 4.54 20.22 -15.73
C VAL E 174 3.65 20.09 -14.50
N ALA E 175 3.25 18.86 -14.20
CA ALA E 175 2.60 18.51 -12.95
C ALA E 175 3.61 17.82 -12.07
N LEU E 176 3.61 18.17 -10.79
CA LEU E 176 4.64 17.71 -9.86
C LEU E 176 3.99 17.48 -8.51
N SER E 177 4.35 16.37 -7.86
CA SER E 177 3.90 16.07 -6.51
C SER E 177 5.03 15.51 -5.69
N THR E 178 5.20 16.03 -4.46
CA THR E 178 6.15 15.49 -3.51
C THR E 178 5.48 14.83 -2.30
N GLY E 179 4.17 14.68 -2.33
CA GLY E 179 3.43 14.08 -1.23
C GLY E 179 2.40 14.97 -0.59
N GLN E 180 2.27 16.23 -1.00
CA GLN E 180 1.33 17.16 -0.42
C GLN E 180 0.38 17.70 -1.49
N GLY E 181 -0.09 16.82 -2.36
CA GLY E 181 -0.92 17.21 -3.47
C GLY E 181 -0.13 17.40 -4.75
N VAL E 182 -0.83 17.89 -5.76
CA VAL E 182 -0.28 18.07 -7.09
C VAL E 182 -0.24 19.55 -7.40
N ASP E 183 0.91 20.03 -7.87
CA ASP E 183 1.02 21.42 -8.32
C ASP E 183 1.26 21.47 -9.83
N LEU E 184 0.67 22.48 -10.48
CA LEU E 184 0.74 22.65 -11.91
C LEU E 184 1.58 23.87 -12.27
N PHE E 185 2.45 23.69 -13.26
CA PHE E 185 3.35 24.72 -13.76
C PHE E 185 3.24 24.82 -15.27
N MET E 186 3.27 26.05 -15.78
CA MET E 186 3.24 26.32 -17.20
C MET E 186 4.56 26.93 -17.63
N LEU E 187 5.09 26.45 -18.75
CA LEU E 187 6.29 27.04 -19.35
C LEU E 187 5.93 28.33 -20.08
N ASP E 188 6.50 29.46 -19.63
CA ASP E 188 6.39 30.71 -20.40
C ASP E 188 7.55 30.75 -21.38
N PRO E 189 7.31 30.46 -22.65
CA PRO E 189 8.43 30.39 -23.60
C PRO E 189 9.20 31.68 -23.76
N ALA E 190 8.57 32.86 -23.49
CA ALA E 190 9.29 34.15 -23.58
C ALA E 190 10.21 34.42 -22.39
N LEU E 191 9.92 33.85 -21.24
CA LEU E 191 10.74 33.91 -20.05
C LEU E 191 11.74 32.76 -19.97
N GLY E 192 11.34 31.57 -20.44
CA GLY E 192 12.18 30.39 -20.34
C GLY E 192 12.11 29.68 -19.02
N GLU E 193 11.06 29.93 -18.23
CA GLU E 193 10.94 29.32 -16.92
C GLU E 193 9.49 28.91 -16.71
N PHE E 194 9.29 27.89 -15.86
CA PHE E 194 7.95 27.43 -15.51
C PHE E 194 7.37 28.29 -14.40
N VAL E 195 6.14 28.77 -14.60
CA VAL E 195 5.44 29.59 -13.62
C VAL E 195 4.45 28.70 -12.87
N LEU E 196 4.48 28.78 -11.55
CA LEU E 196 3.50 28.07 -10.72
C LEU E 196 2.12 28.65 -10.99
N VAL E 197 1.22 27.78 -11.48
CA VAL E 197 -0.07 28.23 -11.94
C VAL E 197 -1.23 27.70 -11.10
N GLU E 198 -1.05 26.59 -10.39
CA GLU E 198 -2.12 26.07 -9.55
C GLU E 198 -1.51 25.21 -8.44
N LYS E 199 -1.92 25.46 -7.21
CA LYS E 199 -1.43 24.72 -6.06
C LYS E 199 -2.46 23.67 -5.66
N ASP E 200 -1.99 22.46 -5.37
CA ASP E 200 -2.80 21.40 -4.76
C ASP E 200 -4.10 21.14 -5.52
N VAL E 201 -3.96 20.68 -6.76
CA VAL E 201 -5.13 20.36 -7.56
C VAL E 201 -5.86 19.17 -6.97
N LYS E 202 -7.20 19.22 -7.00
CA LYS E 202 -8.07 18.18 -6.46
C LYS E 202 -8.98 17.66 -7.55
N ILE E 203 -8.94 16.34 -7.80
CA ILE E 203 -9.76 15.74 -8.83
C ILE E 203 -11.22 15.69 -8.38
N LYS E 204 -12.13 15.77 -9.34
CA LYS E 204 -13.55 15.63 -9.03
C LYS E 204 -13.85 14.24 -8.45
N LYS E 205 -14.84 14.20 -7.56
CA LYS E 205 -15.25 12.91 -7.00
C LYS E 205 -15.76 11.97 -8.07
N LYS E 206 -16.50 12.50 -9.03
CA LYS E 206 -17.08 11.76 -10.14
C LYS E 206 -17.02 12.66 -11.37
N GLY E 207 -16.66 12.07 -12.51
CA GLY E 207 -16.55 12.81 -13.74
C GLY E 207 -17.66 12.48 -14.72
N LYS E 208 -17.48 12.98 -15.95
CA LYS E 208 -18.43 12.74 -17.04
C LYS E 208 -17.70 12.40 -18.33
N ILE E 209 -16.44 11.98 -18.25
CA ILE E 209 -15.64 11.61 -19.41
C ILE E 209 -15.02 10.24 -19.14
N TYR E 210 -15.11 9.34 -20.11
CA TYR E 210 -14.41 8.07 -20.03
C TYR E 210 -13.44 7.98 -21.20
N SER E 211 -12.26 7.41 -20.94
CA SER E 211 -11.14 7.50 -21.86
C SER E 211 -10.45 6.15 -21.99
N LEU E 212 -10.64 5.50 -23.12
CA LEU E 212 -9.94 4.26 -23.41
C LEU E 212 -10.05 3.99 -24.91
N ASN E 213 -9.16 3.12 -25.39
CA ASN E 213 -9.18 2.68 -26.78
C ASN E 213 -10.26 1.61 -26.93
N GLU E 214 -11.42 1.96 -27.51
CA GLU E 214 -12.52 1.02 -27.74
C GLU E 214 -12.30 0.13 -28.96
N GLY E 215 -11.24 0.35 -29.74
CA GLY E 215 -10.92 -0.58 -30.80
C GLY E 215 -10.49 -1.95 -30.33
N TYR E 216 -10.30 -2.13 -29.02
CA TYR E 216 -9.98 -3.44 -28.46
C TYR E 216 -11.20 -4.14 -27.88
N ALA E 217 -12.41 -3.68 -28.22
CA ALA E 217 -13.62 -4.17 -27.56
C ALA E 217 -13.77 -5.69 -27.71
N LYS E 218 -13.37 -6.24 -28.86
CA LYS E 218 -13.51 -7.67 -29.05
C LYS E 218 -12.55 -8.46 -28.18
N TYR E 219 -11.62 -7.78 -27.53
CA TYR E 219 -10.65 -8.39 -26.64
C TYR E 219 -10.90 -8.05 -25.17
N PHE E 220 -11.93 -7.26 -24.89
CA PHE E 220 -12.20 -6.88 -23.51
C PHE E 220 -12.66 -8.06 -22.68
N ASP E 221 -12.39 -7.99 -21.38
CA ASP E 221 -13.06 -8.91 -20.48
C ASP E 221 -14.48 -8.41 -20.23
N ALA E 222 -15.26 -9.23 -19.53
CA ALA E 222 -16.67 -8.89 -19.38
C ALA E 222 -16.84 -7.62 -18.56
N ALA E 223 -15.96 -7.40 -17.60
CA ALA E 223 -16.07 -6.24 -16.72
C ALA E 223 -15.85 -4.93 -17.48
N THR E 224 -14.84 -4.88 -18.34
CA THR E 224 -14.63 -3.69 -19.15
C THR E 224 -15.80 -3.46 -20.09
N THR E 225 -16.25 -4.53 -20.75
CA THR E 225 -17.40 -4.42 -21.65
C THR E 225 -18.62 -3.86 -20.91
N GLU E 226 -18.89 -4.34 -19.69
CA GLU E 226 -20.04 -3.85 -18.94
C GLU E 226 -19.86 -2.40 -18.50
N TYR E 227 -18.67 -2.04 -17.97
CA TYR E 227 -18.46 -0.67 -17.52
C TYR E 227 -18.63 0.31 -18.67
N VAL E 228 -18.04 -0.01 -19.83
CA VAL E 228 -18.19 0.87 -20.99
C VAL E 228 -19.65 1.01 -21.39
N GLN E 229 -20.39 -0.12 -21.39
CA GLN E 229 -21.81 -0.08 -21.75
C GLN E 229 -22.60 0.81 -20.80
N LYS E 230 -22.30 0.77 -19.49
CA LYS E 230 -22.95 1.70 -18.56
C LYS E 230 -22.65 3.15 -18.87
N LYS E 231 -21.45 3.46 -19.35
CA LYS E 231 -21.11 4.85 -19.63
C LYS E 231 -21.94 5.39 -20.78
N LYS E 232 -22.28 4.52 -21.74
CA LYS E 232 -23.08 4.92 -22.90
C LYS E 232 -24.58 4.81 -22.61
N PHE E 233 -25.01 3.80 -21.85
CA PHE E 233 -26.43 3.54 -21.61
C PHE E 233 -26.72 3.46 -20.11
N PRO E 234 -26.74 4.61 -19.42
CA PRO E 234 -27.00 4.59 -17.97
C PRO E 234 -28.41 4.13 -17.66
N GLU E 235 -28.53 3.36 -16.57
CA GLU E 235 -29.82 2.85 -16.10
C GLU E 235 -30.48 3.73 -15.05
N ASP E 236 -30.12 5.01 -14.98
CA ASP E 236 -30.58 5.88 -13.90
C ASP E 236 -30.87 7.27 -14.44
N GLY E 237 -31.58 7.33 -15.57
CA GLY E 237 -31.85 8.56 -16.30
C GLY E 237 -30.77 9.61 -16.51
N SER E 238 -29.58 9.43 -15.95
CA SER E 238 -28.51 10.42 -16.15
C SER E 238 -28.01 10.39 -17.59
N ALA E 239 -27.36 11.49 -17.97
CA ALA E 239 -26.79 11.60 -19.30
C ALA E 239 -25.57 10.68 -19.42
N PRO E 240 -25.33 10.12 -20.61
CA PRO E 240 -24.13 9.30 -20.82
C PRO E 240 -22.86 10.13 -20.75
N TYR E 241 -21.77 9.46 -20.42
CA TYR E 241 -20.47 10.11 -20.42
C TYR E 241 -20.03 10.50 -21.83
N GLY E 242 -19.23 11.55 -21.92
CA GLY E 242 -18.49 11.81 -23.14
C GLY E 242 -17.24 10.95 -23.21
N ALA E 243 -16.79 10.69 -24.43
CA ALA E 243 -15.57 9.93 -24.68
C ALA E 243 -14.48 10.85 -25.18
N ARG E 244 -13.25 10.61 -24.72
CA ARG E 244 -12.04 11.27 -25.21
C ARG E 244 -10.90 10.25 -25.14
N TYR E 245 -10.10 10.16 -26.19
CA TYR E 245 -8.91 9.31 -26.13
C TYR E 245 -7.88 9.93 -27.06
N VAL E 246 -6.97 10.74 -26.49
CA VAL E 246 -5.93 11.37 -27.28
C VAL E 246 -4.98 10.34 -27.84
N GLY E 247 -4.70 9.28 -27.09
CA GLY E 247 -3.69 8.32 -27.50
C GLY E 247 -2.33 8.57 -26.91
N SER E 248 -2.17 9.64 -26.14
CA SER E 248 -1.00 9.86 -25.29
C SER E 248 -1.45 9.80 -23.85
N MET E 249 -0.88 8.85 -23.11
CA MET E 249 -1.24 8.70 -21.72
C MET E 249 -1.14 10.03 -20.97
N VAL E 250 -0.06 10.81 -21.18
CA VAL E 250 0.11 12.05 -20.41
C VAL E 250 -1.03 13.02 -20.69
N ALA E 251 -1.41 13.17 -21.97
CA ALA E 251 -2.51 14.07 -22.30
C ALA E 251 -3.81 13.57 -21.69
N ASP E 252 -4.11 12.28 -21.85
CA ASP E 252 -5.38 11.75 -21.34
C ASP E 252 -5.43 11.79 -19.82
N VAL E 253 -4.32 11.44 -19.15
CA VAL E 253 -4.31 11.44 -17.68
C VAL E 253 -4.39 12.86 -17.14
N HIS E 254 -3.71 13.80 -17.78
CA HIS E 254 -3.81 15.19 -17.35
C HIS E 254 -5.24 15.71 -17.48
N ARG E 255 -5.89 15.43 -18.61
CA ARG E 255 -7.31 15.77 -18.76
C ARG E 255 -8.15 15.11 -17.67
N THR E 256 -7.88 13.85 -17.37
CA THR E 256 -8.59 13.20 -16.27
C THR E 256 -8.42 14.01 -14.99
N LEU E 257 -7.20 14.45 -14.71
CA LEU E 257 -6.93 15.21 -13.48
C LEU E 257 -7.74 16.50 -13.41
N VAL E 258 -7.70 17.32 -14.48
CA VAL E 258 -8.29 18.64 -14.37
C VAL E 258 -9.77 18.69 -14.72
N TYR E 259 -10.29 17.72 -15.49
CA TYR E 259 -11.71 17.68 -15.84
C TYR E 259 -12.49 16.62 -15.08
N GLY E 260 -11.82 15.65 -14.46
CA GLY E 260 -12.49 14.53 -13.87
C GLY E 260 -12.74 13.42 -14.88
N GLY E 261 -13.21 12.29 -14.38
CA GLY E 261 -13.48 11.15 -15.23
C GLY E 261 -12.56 9.98 -14.96
N ILE E 262 -12.41 9.12 -15.97
CA ILE E 262 -11.70 7.86 -15.83
C ILE E 262 -10.88 7.61 -17.08
N PHE E 263 -9.68 7.05 -16.90
CA PHE E 263 -8.82 6.65 -18.01
C PHE E 263 -8.50 5.17 -17.82
N LEU E 264 -8.60 4.40 -18.90
CA LEU E 264 -8.47 2.95 -18.78
C LEU E 264 -7.55 2.40 -19.84
N TYR E 265 -6.61 1.55 -19.43
CA TYR E 265 -5.93 0.64 -20.34
C TYR E 265 -5.92 -0.70 -19.63
N PRO E 266 -7.03 -1.40 -19.61
CA PRO E 266 -7.08 -2.69 -18.93
C PRO E 266 -6.38 -3.74 -19.77
N ALA E 267 -6.14 -4.89 -19.15
CA ALA E 267 -5.72 -6.05 -19.91
C ALA E 267 -6.79 -6.42 -20.92
N ASN E 268 -6.36 -7.03 -22.02
CA ASN E 268 -7.28 -7.56 -23.01
C ASN E 268 -6.63 -8.81 -23.58
N GLN E 269 -7.38 -9.53 -24.42
CA GLN E 269 -6.89 -10.82 -24.93
C GLN E 269 -5.52 -10.70 -25.56
N LYS E 270 -5.25 -9.59 -26.26
CA LYS E 270 -3.96 -9.42 -26.91
C LYS E 270 -2.90 -8.84 -26.00
N SER E 271 -3.28 -8.13 -24.93
CA SER E 271 -2.35 -7.58 -23.93
C SER E 271 -2.79 -8.09 -22.57
N PRO E 272 -2.52 -9.36 -22.26
CA PRO E 272 -3.12 -9.97 -21.06
C PRO E 272 -2.61 -9.40 -19.75
N LYS E 273 -1.47 -8.72 -19.75
CA LYS E 273 -1.01 -8.04 -18.55
C LYS E 273 -1.11 -6.54 -18.68
N GLY E 274 -1.87 -6.05 -19.66
CA GLY E 274 -1.89 -4.64 -19.99
C GLY E 274 -0.77 -4.31 -20.95
N LYS E 275 -0.73 -3.04 -21.35
CA LYS E 275 0.32 -2.49 -22.19
C LYS E 275 1.26 -1.54 -21.45
N LEU E 276 0.72 -0.70 -20.58
CA LEU E 276 1.49 0.37 -19.98
C LEU E 276 2.48 -0.18 -18.95
N ARG E 277 3.60 0.53 -18.79
CA ARG E 277 4.70 0.05 -17.97
C ARG E 277 4.56 0.51 -16.53
N LEU E 278 4.80 -0.42 -15.60
CA LEU E 278 4.61 -0.15 -14.18
C LEU E 278 5.58 0.91 -13.68
N LEU E 279 6.87 0.81 -14.05
CA LEU E 279 7.89 1.62 -13.39
C LEU E 279 7.76 3.09 -13.74
N TYR E 280 7.66 3.39 -15.03
CA TYR E 280 7.81 4.76 -15.50
C TYR E 280 6.58 5.30 -16.22
N GLU E 281 5.48 4.55 -16.24
CA GLU E 281 4.21 5.10 -16.72
C GLU E 281 3.14 5.02 -15.65
N CYS E 282 2.80 3.81 -15.17
CA CYS E 282 1.65 3.68 -14.29
C CYS E 282 1.92 4.22 -12.90
N ASN E 283 3.08 3.88 -12.32
CA ASN E 283 3.40 4.38 -10.99
C ASN E 283 3.40 5.91 -10.91
N PRO E 284 4.09 6.63 -11.81
CA PRO E 284 4.07 8.10 -11.71
C PRO E 284 2.67 8.69 -11.79
N VAL E 285 1.84 8.23 -12.75
CA VAL E 285 0.51 8.85 -12.86
C VAL E 285 -0.43 8.36 -11.77
N ALA E 286 -0.25 7.13 -11.29
CA ALA E 286 -1.03 6.67 -10.14
C ALA E 286 -0.74 7.54 -8.91
N TYR E 287 0.55 7.81 -8.67
CA TYR E 287 0.93 8.70 -7.57
C TYR E 287 0.27 10.07 -7.72
N ILE E 288 0.38 10.68 -8.91
CA ILE E 288 -0.18 12.01 -9.15
C ILE E 288 -1.69 11.98 -8.92
N ILE E 289 -2.37 11.01 -9.51
CA ILE E 289 -3.83 10.95 -9.42
C ILE E 289 -4.27 10.69 -7.99
N GLU E 290 -3.54 9.84 -7.25
CA GLU E 290 -3.94 9.58 -5.86
C GLU E 290 -3.68 10.79 -4.97
N GLN E 291 -2.58 11.51 -5.21
CA GLN E 291 -2.33 12.73 -4.45
C GLN E 291 -3.45 13.75 -4.62
N ALA E 292 -4.16 13.72 -5.75
CA ALA E 292 -5.26 14.65 -6.02
C ALA E 292 -6.61 14.14 -5.53
N GLY E 293 -6.63 13.03 -4.81
CA GLY E 293 -7.86 12.49 -4.27
C GLY E 293 -8.55 11.49 -5.16
N GLY E 294 -7.82 10.90 -6.13
CA GLY E 294 -8.38 9.87 -6.97
C GLY E 294 -7.84 8.51 -6.59
N LEU E 295 -8.26 7.51 -7.39
CA LEU E 295 -7.87 6.12 -7.23
C LEU E 295 -7.21 5.62 -8.50
N ALA E 296 -6.29 4.68 -8.34
CA ALA E 296 -5.55 4.09 -9.46
C ALA E 296 -5.40 2.60 -9.21
N THR E 297 -6.01 1.78 -10.06
CA THR E 297 -6.08 0.34 -9.83
C THR E 297 -5.62 -0.41 -11.07
N THR E 298 -5.09 -1.61 -10.84
CA THR E 298 -4.86 -2.55 -11.93
C THR E 298 -6.12 -3.33 -12.26
N GLY E 299 -7.19 -3.15 -11.49
CA GLY E 299 -8.35 -3.99 -11.53
C GLY E 299 -8.38 -5.08 -10.47
N THR E 300 -7.23 -5.45 -9.91
CA THR E 300 -7.19 -6.39 -8.80
C THR E 300 -6.55 -5.83 -7.53
N GLN E 301 -5.76 -4.77 -7.64
CA GLN E 301 -5.16 -4.15 -6.48
C GLN E 301 -4.79 -2.72 -6.84
N PRO E 302 -4.56 -1.85 -5.85
CA PRO E 302 -4.04 -0.51 -6.16
C PRO E 302 -2.69 -0.57 -6.87
N VAL E 303 -2.52 0.29 -7.89
CA VAL E 303 -1.27 0.31 -8.66
C VAL E 303 -0.07 0.55 -7.76
N LEU E 304 -0.17 1.49 -6.83
CA LEU E 304 0.99 1.83 -6.02
C LEU E 304 1.43 0.70 -5.10
N ASP E 305 0.58 -0.33 -4.89
CA ASP E 305 0.89 -1.48 -4.04
C ASP E 305 1.48 -2.66 -4.79
N VAL E 306 1.52 -2.62 -6.13
CA VAL E 306 2.10 -3.72 -6.89
C VAL E 306 3.60 -3.76 -6.63
N LYS E 307 4.11 -4.93 -6.28
CA LYS E 307 5.55 -5.10 -6.11
C LYS E 307 6.19 -5.42 -7.47
N PRO E 308 7.00 -4.52 -8.01
CA PRO E 308 7.60 -4.77 -9.33
C PRO E 308 8.55 -5.96 -9.29
N GLU E 309 8.61 -6.67 -10.41
CA GLU E 309 9.49 -7.81 -10.57
C GLU E 309 10.53 -7.62 -11.66
N ALA E 310 10.25 -6.78 -12.66
CA ALA E 310 11.20 -6.44 -13.70
C ALA E 310 11.02 -4.98 -14.05
N ILE E 311 12.09 -4.34 -14.53
CA ILE E 311 12.03 -2.90 -14.73
C ILE E 311 11.05 -2.52 -15.84
N HIS E 312 10.83 -3.41 -16.80
CA HIS E 312 9.91 -3.16 -17.90
C HIS E 312 8.60 -3.94 -17.76
N GLN E 313 8.21 -4.30 -16.55
CA GLN E 313 6.93 -4.99 -16.32
C GLN E 313 5.74 -4.16 -16.79
N ARG E 314 4.76 -4.82 -17.40
CA ARG E 314 3.51 -4.18 -17.76
C ARG E 314 2.46 -4.41 -16.70
N VAL E 315 1.47 -3.52 -16.67
CA VAL E 315 0.40 -3.67 -15.68
C VAL E 315 -0.85 -3.01 -16.26
N PRO E 316 -2.04 -3.55 -15.99
CA PRO E 316 -3.28 -2.84 -16.34
C PRO E 316 -3.45 -1.58 -15.50
N LEU E 317 -4.15 -0.59 -16.07
CA LEU E 317 -4.28 0.70 -15.43
C LEU E 317 -5.70 1.23 -15.59
N ILE E 318 -6.33 1.55 -14.45
CA ILE E 318 -7.62 2.24 -14.42
C ILE E 318 -7.51 3.31 -13.33
N LEU E 319 -7.68 4.59 -13.71
CA LEU E 319 -7.51 5.65 -12.73
C LEU E 319 -8.42 6.84 -13.02
N GLY E 320 -8.57 7.70 -12.02
CA GLY E 320 -9.37 8.90 -12.18
C GLY E 320 -10.20 9.24 -10.96
N SER E 321 -11.37 9.85 -11.19
CA SER E 321 -12.26 10.20 -10.08
C SER E 321 -12.59 8.97 -9.25
N PRO E 322 -12.52 9.05 -7.91
CA PRO E 322 -12.67 7.82 -7.09
C PRO E 322 -13.99 7.12 -7.27
N GLU E 323 -15.09 7.87 -7.34
CA GLU E 323 -16.39 7.25 -7.56
C GLU E 323 -16.46 6.55 -8.91
N ASP E 324 -15.75 7.07 -9.92
CA ASP E 324 -15.74 6.40 -11.23
C ASP E 324 -14.93 5.12 -11.19
N VAL E 325 -13.75 5.16 -10.58
CA VAL E 325 -12.92 3.96 -10.47
C VAL E 325 -13.62 2.91 -9.61
N GLN E 326 -14.33 3.35 -8.57
CA GLN E 326 -15.08 2.41 -7.73
C GLN E 326 -16.16 1.70 -8.52
N GLU E 327 -16.88 2.43 -9.40
CA GLU E 327 -17.86 1.77 -10.27
C GLU E 327 -17.18 0.77 -11.19
N TYR E 328 -15.96 1.06 -11.62
CA TYR E 328 -15.23 0.08 -12.44
C TYR E 328 -14.91 -1.16 -11.62
N LEU E 329 -14.43 -0.97 -10.38
CA LEU E 329 -14.10 -2.10 -9.51
C LEU E 329 -15.32 -2.97 -9.21
N THR E 330 -16.49 -2.35 -9.06
CA THR E 330 -17.72 -3.11 -8.91
C THR E 330 -18.01 -3.95 -10.14
N CYS E 331 -17.77 -3.40 -11.34
CA CYS E 331 -17.97 -4.20 -12.54
C CYS E 331 -17.02 -5.39 -12.56
N VAL E 332 -15.80 -5.20 -12.06
CA VAL E 332 -14.86 -6.33 -12.00
C VAL E 332 -15.43 -7.43 -11.11
N GLN E 333 -15.92 -7.04 -9.92
CA GLN E 333 -16.49 -8.04 -9.03
C GLN E 333 -17.74 -8.69 -9.60
N LYS E 334 -18.59 -7.89 -10.24
CA LYS E 334 -19.84 -8.45 -10.76
C LYS E 334 -19.59 -9.50 -11.82
N ASN E 335 -18.40 -9.50 -12.44
CA ASN E 335 -18.04 -10.48 -13.47
C ASN E 335 -16.97 -11.46 -12.99
N GLN E 336 -16.89 -11.71 -11.69
CA GLN E 336 -15.88 -12.58 -11.02
C GLN E 336 -14.57 -11.83 -10.82
N THR F 9 17.21 19.96 -52.63
CA THR F 9 16.71 21.16 -53.28
C THR F 9 16.74 22.38 -52.35
N ASP F 10 15.90 23.37 -52.65
CA ASP F 10 15.84 24.63 -51.91
C ASP F 10 14.91 24.56 -50.71
N MET F 11 15.23 25.38 -49.71
CA MET F 11 14.38 25.59 -48.54
C MET F 11 13.37 26.68 -48.89
N LEU F 12 12.07 26.34 -48.84
CA LEU F 12 11.01 27.27 -49.21
C LEU F 12 10.12 27.56 -48.01
N THR F 13 9.84 28.85 -47.78
CA THR F 13 8.87 29.25 -46.77
C THR F 13 7.47 29.36 -47.38
N LEU F 14 6.46 29.41 -46.50
CA LEU F 14 5.10 29.39 -46.99
C LEU F 14 4.83 30.58 -47.91
N THR F 15 5.14 31.79 -47.44
CA THR F 15 4.84 32.98 -48.23
C THR F 15 5.70 33.06 -49.47
N ARG F 16 6.93 32.54 -49.44
CA ARG F 16 7.68 32.44 -50.68
C ARG F 16 7.03 31.46 -51.65
N TYR F 17 6.61 30.29 -51.15
CA TYR F 17 5.98 29.27 -51.97
C TYR F 17 4.71 29.79 -52.64
N VAL F 18 3.92 30.55 -51.88
CA VAL F 18 2.69 31.13 -52.44
C VAL F 18 3.00 32.19 -53.48
N MET F 19 3.97 33.07 -53.20
CA MET F 19 4.35 34.10 -54.16
C MET F 19 4.75 33.50 -55.50
N GLU F 20 5.54 32.42 -55.49
CA GLU F 20 5.98 31.82 -56.74
C GLU F 20 4.79 31.35 -57.58
N LYS F 21 3.80 30.73 -56.93
CA LYS F 21 2.59 30.31 -57.63
C LYS F 21 1.73 31.50 -58.08
N GLY F 22 1.58 32.50 -57.22
CA GLY F 22 0.81 33.67 -57.60
C GLY F 22 1.45 34.44 -58.74
N ARG F 23 2.77 34.38 -58.84
CA ARG F 23 3.44 35.02 -59.97
C ARG F 23 3.22 34.24 -61.25
N GLN F 24 3.48 32.92 -61.23
CA GLN F 24 3.34 32.15 -62.47
C GLN F 24 1.90 32.16 -62.97
N ALA F 25 0.91 32.29 -62.07
CA ALA F 25 -0.47 32.46 -62.49
C ALA F 25 -0.80 33.90 -62.84
N LYS F 26 0.15 34.81 -62.65
CA LYS F 26 0.01 36.20 -63.05
C LYS F 26 -1.27 36.82 -62.50
N GLY F 27 -1.60 36.47 -61.25
CA GLY F 27 -2.73 37.06 -60.57
C GLY F 27 -2.43 38.45 -60.02
N THR F 28 -3.46 39.07 -59.45
CA THR F 28 -3.34 40.43 -58.96
C THR F 28 -2.51 40.54 -57.68
N GLY F 29 -2.33 39.44 -56.93
CA GLY F 29 -1.67 39.49 -55.64
C GLY F 29 -2.61 39.49 -54.45
N GLU F 30 -3.92 39.58 -54.68
CA GLU F 30 -4.84 39.81 -53.58
C GLU F 30 -4.98 38.57 -52.69
N LEU F 31 -4.94 37.38 -53.29
CA LEU F 31 -4.97 36.16 -52.50
C LEU F 31 -3.66 35.99 -51.71
N THR F 32 -2.52 36.23 -52.37
CA THR F 32 -1.22 36.20 -51.68
C THR F 32 -1.22 37.14 -50.48
N GLN F 33 -1.75 38.34 -50.66
CA GLN F 33 -1.80 39.27 -49.55
C GLN F 33 -2.78 38.79 -48.48
N LEU F 34 -3.91 38.22 -48.89
CA LEU F 34 -4.84 37.69 -47.91
C LEU F 34 -4.17 36.58 -47.09
N LEU F 35 -3.57 35.61 -47.77
CA LEU F 35 -2.95 34.49 -47.07
C LEU F 35 -1.81 34.95 -46.17
N ASN F 36 -0.98 35.88 -46.65
CA ASN F 36 0.11 36.39 -45.83
C ASN F 36 -0.43 37.00 -44.54
N SER F 37 -1.54 37.72 -44.64
CA SER F 37 -2.16 38.32 -43.47
C SER F 37 -2.70 37.26 -42.54
N MET F 38 -3.30 36.21 -43.09
CA MET F 38 -3.85 35.12 -42.30
C MET F 38 -2.75 34.38 -41.53
N LEU F 39 -1.60 34.16 -42.19
CA LEU F 39 -0.48 33.44 -41.60
C LEU F 39 0.16 34.22 -40.45
N THR F 40 0.14 35.54 -40.57
CA THR F 40 0.61 36.39 -39.49
C THR F 40 -0.30 36.26 -38.28
N ALA F 41 -1.61 36.22 -38.51
CA ALA F 41 -2.54 35.99 -37.41
C ALA F 41 -2.28 34.63 -36.79
N ILE F 42 -2.02 33.61 -37.62
CA ILE F 42 -1.78 32.26 -37.11
C ILE F 42 -0.52 32.20 -36.25
N LYS F 43 0.58 32.82 -36.71
CA LYS F 43 1.79 32.88 -35.86
C LYS F 43 1.48 33.56 -34.54
N ALA F 44 0.69 34.63 -34.57
CA ALA F 44 0.33 35.36 -33.36
C ALA F 44 -0.55 34.51 -32.44
N ILE F 45 -1.46 33.74 -33.00
CA ILE F 45 -2.29 32.85 -32.19
C ILE F 45 -1.44 31.76 -31.56
N SER F 46 -0.55 31.14 -32.36
CA SER F 46 0.34 30.12 -31.84
C SER F 46 1.18 30.63 -30.67
N SER F 47 1.73 31.85 -30.77
CA SER F 47 2.54 32.37 -29.67
C SER F 47 1.72 32.52 -28.39
N ALA F 48 0.49 33.02 -28.51
CA ALA F 48 -0.38 33.17 -27.35
C ALA F 48 -0.85 31.82 -26.83
N VAL F 49 -1.14 30.86 -27.71
CA VAL F 49 -1.58 29.54 -27.26
C VAL F 49 -0.50 28.86 -26.43
N ARG F 50 0.77 29.02 -26.84
CA ARG F 50 1.92 28.47 -26.13
C ARG F 50 2.23 29.24 -24.84
N LYS F 51 1.45 30.27 -24.52
CA LYS F 51 1.50 30.99 -23.25
C LYS F 51 2.71 31.93 -23.16
N ALA F 52 3.19 32.44 -24.30
CA ALA F 52 4.19 33.49 -24.24
C ALA F 52 3.62 34.63 -23.41
N GLY F 53 4.44 35.16 -22.50
CA GLY F 53 4.03 36.26 -21.65
C GLY F 53 3.23 35.89 -20.42
N LEU F 54 3.02 34.60 -20.16
CA LEU F 54 2.21 34.19 -19.01
C LEU F 54 2.78 34.72 -17.68
N ALA F 55 4.13 34.84 -17.57
CA ALA F 55 4.71 35.32 -16.32
C ALA F 55 4.23 36.71 -15.95
N HIS F 56 3.91 37.55 -16.95
CA HIS F 56 3.41 38.88 -16.63
C HIS F 56 1.97 38.84 -16.13
N LEU F 57 1.18 37.83 -16.52
CA LEU F 57 -0.14 37.68 -15.89
C LEU F 57 -0.04 37.27 -14.43
N TYR F 58 1.04 36.60 -14.04
CA TYR F 58 1.17 36.15 -12.66
C TYR F 58 2.02 37.10 -11.82
N GLY F 59 2.23 38.32 -12.32
CA GLY F 59 2.77 39.39 -11.51
C GLY F 59 4.27 39.50 -11.45
N ILE F 60 4.99 39.08 -12.50
CA ILE F 60 6.45 39.13 -12.46
C ILE F 60 6.93 40.56 -12.32
N ALA F 61 6.18 41.53 -12.86
CA ALA F 61 6.51 42.94 -12.71
C ALA F 61 5.67 43.61 -11.63
N GLY F 62 4.93 42.82 -10.84
CA GLY F 62 4.14 43.32 -9.75
C GLY F 62 2.65 43.46 -10.01
N SER F 63 2.18 43.09 -11.19
CA SER F 63 0.76 43.20 -11.53
C SER F 63 0.22 41.78 -11.66
N VAL F 64 -0.45 41.31 -10.60
CA VAL F 64 -1.06 39.98 -10.63
C VAL F 64 -2.38 40.10 -11.40
N ASN F 65 -2.54 39.23 -12.39
CA ASN F 65 -3.68 39.29 -13.31
C ASN F 65 -3.95 37.88 -13.83
N VAL F 66 -4.31 36.97 -12.93
CA VAL F 66 -4.57 35.58 -13.29
C VAL F 66 -5.90 35.53 -14.02
N THR F 67 -5.86 35.30 -15.33
CA THR F 67 -7.07 35.35 -16.15
C THR F 67 -8.07 34.29 -15.72
N GLY F 68 -9.32 34.70 -15.54
CA GLY F 68 -10.38 33.81 -15.09
C GLY F 68 -10.67 32.68 -16.05
N ASP F 69 -11.33 32.99 -17.16
CA ASP F 69 -11.60 32.01 -18.21
C ASP F 69 -10.50 32.10 -19.26
N GLU F 70 -9.77 31.00 -19.45
CA GLU F 70 -8.71 31.00 -20.44
C GLU F 70 -9.24 30.74 -21.85
N VAL F 71 -10.38 30.05 -21.95
CA VAL F 71 -10.96 29.78 -23.27
C VAL F 71 -11.53 31.06 -23.88
N LYS F 72 -12.14 31.92 -23.05
CA LYS F 72 -12.76 33.14 -23.59
C LYS F 72 -11.72 34.19 -23.96
N LYS F 73 -10.70 34.40 -23.14
CA LYS F 73 -9.63 35.32 -23.54
C LYS F 73 -8.94 34.82 -24.80
N LEU F 74 -8.68 33.51 -24.88
CA LEU F 74 -7.98 32.99 -26.04
C LEU F 74 -8.90 32.97 -27.26
N ASP F 75 -10.21 32.76 -27.08
CA ASP F 75 -11.14 32.81 -28.20
C ASP F 75 -11.30 34.24 -28.74
N VAL F 76 -11.35 35.21 -27.82
CA VAL F 76 -11.51 36.61 -28.23
C VAL F 76 -10.23 37.14 -28.87
N LEU F 77 -9.08 36.81 -28.27
CA LEU F 77 -7.81 37.27 -28.82
C LEU F 77 -7.56 36.69 -30.20
N SER F 78 -7.76 35.37 -30.35
CA SER F 78 -7.66 34.71 -31.65
C SER F 78 -8.54 35.42 -32.66
N ASN F 79 -9.82 35.60 -32.30
CA ASN F 79 -10.78 36.22 -33.20
C ASN F 79 -10.33 37.61 -33.60
N SER F 80 -9.84 38.39 -32.64
CA SER F 80 -9.36 39.74 -32.95
C SER F 80 -8.15 39.72 -33.88
N LEU F 81 -7.22 38.79 -33.63
CA LEU F 81 -6.05 38.68 -34.49
C LEU F 81 -6.46 38.38 -35.93
N VAL F 82 -7.35 37.39 -36.13
CA VAL F 82 -7.77 37.04 -37.48
C VAL F 82 -8.55 38.18 -38.13
N ILE F 83 -9.51 38.77 -37.41
CA ILE F 83 -10.33 39.82 -38.01
C ILE F 83 -9.47 41.01 -38.42
N ASN F 84 -8.58 41.45 -37.53
CA ASN F 84 -7.75 42.61 -37.84
C ASN F 84 -6.76 42.34 -38.96
N MET F 85 -6.13 41.17 -38.96
CA MET F 85 -5.17 40.88 -40.03
C MET F 85 -5.87 40.75 -41.38
N LEU F 86 -7.04 40.12 -41.41
CA LEU F 86 -7.74 39.93 -42.67
C LEU F 86 -8.30 41.24 -43.19
N GLN F 87 -8.91 42.03 -42.31
CA GLN F 87 -9.43 43.31 -42.75
C GLN F 87 -8.33 44.24 -43.26
N SER F 88 -7.19 44.28 -42.56
CA SER F 88 -6.10 45.16 -42.96
C SER F 88 -5.39 44.68 -44.22
N SER F 89 -5.68 43.47 -44.71
CA SER F 89 -5.04 42.99 -45.93
C SER F 89 -5.55 43.71 -47.17
N TYR F 90 -6.66 44.44 -47.05
CA TYR F 90 -7.36 45.08 -48.16
C TYR F 90 -7.85 44.08 -49.17
N SER F 91 -7.99 42.82 -48.76
CA SER F 91 -8.35 41.75 -49.67
C SER F 91 -9.73 41.19 -49.41
N THR F 92 -10.47 41.70 -48.42
CA THR F 92 -11.69 41.06 -47.97
C THR F 92 -12.89 41.98 -48.13
N CYS F 93 -14.07 41.38 -48.29
CA CYS F 93 -15.32 42.12 -48.24
C CYS F 93 -16.28 41.63 -47.17
N VAL F 94 -16.29 40.34 -46.87
CA VAL F 94 -17.19 39.74 -45.88
C VAL F 94 -16.41 38.71 -45.07
N LEU F 95 -16.55 38.75 -43.75
CA LEU F 95 -16.01 37.72 -42.87
C LEU F 95 -17.13 37.05 -42.11
N VAL F 96 -17.04 35.73 -41.95
CA VAL F 96 -17.88 34.98 -41.04
C VAL F 96 -16.95 34.29 -40.05
N SER F 97 -17.18 34.54 -38.76
CA SER F 97 -16.41 33.95 -37.68
C SER F 97 -17.30 33.10 -36.78
N GLU F 98 -16.75 31.97 -36.33
CA GLU F 98 -17.42 31.15 -35.32
C GLU F 98 -17.84 31.97 -34.11
N GLU F 99 -17.13 33.06 -33.85
CA GLU F 99 -17.33 33.84 -32.64
C GLU F 99 -18.36 34.96 -32.78
N ASN F 100 -18.87 35.22 -33.97
CA ASN F 100 -19.74 36.38 -34.21
C ASN F 100 -21.06 35.93 -34.80
N LYS F 101 -22.14 36.46 -34.23
CA LYS F 101 -23.50 36.11 -34.67
C LYS F 101 -23.72 36.48 -36.13
N ASP F 102 -23.35 37.70 -36.50
CA ASP F 102 -23.58 38.21 -37.85
C ASP F 102 -22.28 38.21 -38.64
N ALA F 103 -22.44 38.23 -39.96
CA ALA F 103 -21.28 38.40 -40.83
C ALA F 103 -20.68 39.78 -40.60
N ILE F 104 -19.37 39.88 -40.82
CA ILE F 104 -18.61 41.10 -40.61
C ILE F 104 -18.24 41.63 -41.99
N ILE F 105 -18.84 42.77 -42.36
CA ILE F 105 -18.59 43.38 -43.66
C ILE F 105 -17.44 44.36 -43.53
N THR F 106 -16.45 44.22 -44.40
CA THR F 106 -15.29 45.10 -44.37
C THR F 106 -15.67 46.53 -44.74
N ALA F 107 -15.07 47.50 -44.06
CA ALA F 107 -15.29 48.90 -44.41
C ALA F 107 -14.93 49.15 -45.85
N LYS F 108 -15.67 50.08 -46.50
CA LYS F 108 -15.53 50.26 -47.93
C LYS F 108 -14.09 50.54 -48.35
N GLU F 109 -13.38 51.35 -47.55
CA GLU F 109 -12.01 51.71 -47.94
C GLU F 109 -11.02 50.58 -47.76
N LYS F 110 -11.37 49.50 -47.08
CA LYS F 110 -10.51 48.34 -46.97
C LYS F 110 -11.04 47.16 -47.78
N ARG F 111 -12.09 47.38 -48.57
CA ARG F 111 -12.77 46.30 -49.26
C ARG F 111 -11.89 45.66 -50.34
N GLY F 112 -11.90 44.33 -50.36
CA GLY F 112 -11.32 43.54 -51.42
C GLY F 112 -12.34 42.55 -51.96
N LYS F 113 -11.89 41.56 -52.72
CA LYS F 113 -12.81 40.71 -53.46
C LYS F 113 -13.10 39.37 -52.78
N TYR F 114 -12.57 39.12 -51.59
CA TYR F 114 -12.62 37.79 -51.00
C TYR F 114 -13.48 37.72 -49.75
N VAL F 115 -14.14 36.57 -49.58
CA VAL F 115 -14.92 36.23 -48.39
C VAL F 115 -14.15 35.17 -47.64
N VAL F 116 -14.03 35.32 -46.33
CA VAL F 116 -13.32 34.34 -45.50
C VAL F 116 -14.24 33.91 -44.38
N CYS F 117 -14.46 32.61 -44.28
CA CYS F 117 -15.16 31.94 -43.18
C CYS F 117 -14.10 31.21 -42.36
N PHE F 118 -14.08 31.45 -41.06
CA PHE F 118 -13.02 30.88 -40.24
C PHE F 118 -13.53 30.58 -38.84
N ASP F 119 -12.97 29.52 -38.25
CA ASP F 119 -13.08 29.26 -36.81
C ASP F 119 -11.75 29.65 -36.21
N PRO F 120 -11.67 30.74 -35.44
CA PRO F 120 -10.34 31.21 -35.01
C PRO F 120 -9.65 30.31 -33.99
N LEU F 121 -10.39 29.64 -33.11
CA LEU F 121 -9.78 28.77 -32.10
C LEU F 121 -10.69 27.56 -31.92
N ASP F 122 -10.48 26.56 -32.75
CA ASP F 122 -11.25 25.34 -32.71
C ASP F 122 -10.74 24.39 -31.62
N GLY F 123 -11.67 23.72 -30.95
CA GLY F 123 -11.35 22.77 -29.90
C GLY F 123 -11.33 23.43 -28.53
N SER F 124 -12.33 24.26 -28.25
CA SER F 124 -12.27 25.07 -27.04
C SER F 124 -12.37 24.21 -25.79
N SER F 125 -13.07 23.07 -25.86
CA SER F 125 -13.13 22.18 -24.70
C SER F 125 -11.76 21.59 -24.35
N ASN F 126 -10.77 21.69 -25.24
CA ASN F 126 -9.42 21.20 -25.01
C ASN F 126 -8.46 22.31 -24.57
N ILE F 127 -8.94 23.56 -24.43
CA ILE F 127 -8.03 24.66 -24.12
C ILE F 127 -7.45 24.51 -22.71
N ASP F 128 -8.31 24.20 -21.73
CA ASP F 128 -7.90 24.14 -20.32
C ASP F 128 -7.10 22.90 -19.96
N CYS F 129 -7.22 21.81 -20.71
CA CYS F 129 -6.42 20.63 -20.42
C CYS F 129 -5.21 20.53 -21.34
N LEU F 130 -5.02 21.54 -22.19
CA LEU F 130 -3.84 21.75 -23.02
C LEU F 130 -3.68 20.72 -24.14
N ALA F 131 -4.76 20.06 -24.57
CA ALA F 131 -4.67 19.24 -25.77
C ALA F 131 -4.68 20.13 -27.02
N SER F 132 -4.44 19.51 -28.18
CA SER F 132 -4.26 20.27 -29.40
C SER F 132 -5.52 21.06 -29.73
N ILE F 133 -5.33 22.26 -30.27
CA ILE F 133 -6.39 23.12 -30.74
C ILE F 133 -5.94 23.73 -32.06
N GLY F 134 -6.82 24.49 -32.71
CA GLY F 134 -6.48 24.92 -34.05
C GLY F 134 -7.32 26.07 -34.58
N THR F 135 -7.03 26.43 -35.83
CA THR F 135 -7.68 27.51 -36.58
C THR F 135 -8.07 26.96 -37.96
N ILE F 136 -9.30 27.22 -38.41
CA ILE F 136 -9.79 26.68 -39.68
C ILE F 136 -10.33 27.81 -40.54
N PHE F 137 -10.06 27.78 -41.83
CA PHE F 137 -10.52 28.86 -42.69
C PHE F 137 -10.80 28.34 -44.10
N ALA F 138 -11.74 29.01 -44.76
CA ALA F 138 -12.06 28.77 -46.15
C ALA F 138 -12.26 30.12 -46.81
N ILE F 139 -11.76 30.26 -48.03
CA ILE F 139 -11.73 31.53 -48.75
C ILE F 139 -12.55 31.40 -50.01
N TYR F 140 -13.48 32.35 -50.22
CA TYR F 140 -14.31 32.41 -51.42
C TYR F 140 -14.13 33.76 -52.11
N ARG F 141 -14.35 33.75 -53.43
CA ARG F 141 -14.50 35.00 -54.16
C ARG F 141 -15.94 35.49 -54.09
N LYS F 142 -16.11 36.78 -53.84
CA LYS F 142 -17.43 37.41 -53.91
C LYS F 142 -18.02 37.23 -55.31
N THR F 143 -19.24 36.71 -55.37
CA THR F 143 -19.88 36.49 -56.67
C THR F 143 -21.03 37.47 -56.94
N SER F 144 -21.69 37.95 -55.91
CA SER F 144 -22.77 38.91 -56.10
C SER F 144 -22.24 40.24 -56.62
N GLU F 145 -23.07 40.93 -57.41
CA GLU F 145 -22.74 42.29 -57.85
C GLU F 145 -23.20 43.35 -56.88
N ASP F 146 -24.04 43.00 -55.90
CA ASP F 146 -24.63 43.96 -54.98
C ASP F 146 -23.61 44.46 -53.96
N GLU F 147 -24.12 45.03 -52.86
CA GLU F 147 -23.27 45.37 -51.75
C GLU F 147 -22.86 44.10 -51.01
N PRO F 148 -21.66 44.07 -50.42
CA PRO F 148 -21.26 42.90 -49.62
C PRO F 148 -22.27 42.60 -48.52
N SER F 149 -22.66 41.33 -48.44
CA SER F 149 -23.56 40.88 -47.38
C SER F 149 -23.25 39.43 -47.05
N GLU F 150 -23.93 38.92 -46.01
CA GLU F 150 -23.71 37.55 -45.58
C GLU F 150 -24.08 36.54 -46.64
N LYS F 151 -24.87 36.94 -47.64
CA LYS F 151 -25.19 36.04 -48.74
C LYS F 151 -23.95 35.62 -49.49
N ASP F 152 -22.89 36.43 -49.44
CA ASP F 152 -21.63 36.08 -50.09
C ASP F 152 -20.90 34.92 -49.38
N ALA F 153 -21.19 34.70 -48.11
CA ALA F 153 -20.63 33.57 -47.38
C ALA F 153 -21.47 32.31 -47.54
N LEU F 154 -22.63 32.41 -48.20
CA LEU F 154 -23.50 31.25 -48.37
C LEU F 154 -23.27 30.52 -49.68
N GLN F 155 -22.04 30.53 -50.18
CA GLN F 155 -21.72 29.70 -51.32
C GLN F 155 -21.38 28.30 -50.85
N CYS F 156 -21.68 27.32 -51.70
CA CYS F 156 -21.38 25.95 -51.32
C CYS F 156 -19.88 25.66 -51.54
N GLY F 157 -19.40 24.62 -50.84
CA GLY F 157 -17.97 24.39 -50.76
C GLY F 157 -17.28 24.12 -52.10
N ARG F 158 -18.04 23.73 -53.12
CA ARG F 158 -17.43 23.57 -54.44
C ARG F 158 -16.79 24.86 -54.94
N ASN F 159 -17.20 26.01 -54.42
CA ASN F 159 -16.69 27.29 -54.89
C ASN F 159 -15.50 27.80 -54.09
N ILE F 160 -14.89 26.94 -53.27
CA ILE F 160 -13.77 27.36 -52.45
C ILE F 160 -12.58 27.77 -53.33
N VAL F 161 -12.04 28.94 -53.06
CA VAL F 161 -10.81 29.36 -53.72
C VAL F 161 -9.59 28.78 -53.01
N ALA F 162 -9.56 28.89 -51.68
CA ALA F 162 -8.49 28.33 -50.89
C ALA F 162 -9.04 27.97 -49.52
N ALA F 163 -8.48 26.93 -48.92
CA ALA F 163 -8.87 26.57 -47.55
C ALA F 163 -7.68 25.94 -46.84
N GLY F 164 -7.73 25.99 -45.52
CA GLY F 164 -6.69 25.36 -44.74
C GLY F 164 -6.98 25.44 -43.25
N TYR F 165 -6.02 24.94 -42.49
CA TYR F 165 -6.11 24.98 -41.05
C TYR F 165 -4.71 25.08 -40.47
N ALA F 166 -4.65 25.62 -39.27
CA ALA F 166 -3.46 25.56 -38.43
C ALA F 166 -3.76 24.63 -37.26
N LEU F 167 -2.82 23.74 -36.97
CA LEU F 167 -2.87 22.85 -35.82
C LEU F 167 -1.83 23.33 -34.81
N TYR F 168 -2.29 23.75 -33.63
CA TYR F 168 -1.41 24.09 -32.52
C TYR F 168 -1.33 22.83 -31.65
N GLY F 169 -0.48 21.91 -32.06
CA GLY F 169 -0.29 20.66 -31.34
C GLY F 169 1.06 20.60 -30.64
N SER F 170 1.71 19.43 -30.67
CA SER F 170 3.07 19.37 -30.13
C SER F 170 4.00 20.31 -30.89
N ALA F 171 3.74 20.51 -32.18
CA ALA F 171 4.30 21.61 -32.96
C ALA F 171 3.15 22.28 -33.69
N THR F 172 3.46 23.38 -34.37
CA THR F 172 2.45 24.12 -35.12
C THR F 172 2.58 23.83 -36.60
N LEU F 173 1.50 23.35 -37.20
CA LEU F 173 1.48 23.01 -38.61
C LEU F 173 0.34 23.74 -39.31
N VAL F 174 0.52 24.07 -40.58
CA VAL F 174 -0.54 24.57 -41.44
C VAL F 174 -0.69 23.65 -42.65
N ALA F 175 -1.93 23.26 -42.93
CA ALA F 175 -2.28 22.62 -44.20
C ALA F 175 -3.01 23.63 -45.05
N LEU F 176 -2.64 23.71 -46.32
CA LEU F 176 -3.15 24.74 -47.21
C LEU F 176 -3.40 24.09 -48.57
N SER F 177 -4.53 24.43 -49.18
CA SER F 177 -4.82 24.03 -50.55
C SER F 177 -5.43 25.21 -51.30
N THR F 178 -4.96 25.40 -52.53
CA THR F 178 -5.58 26.33 -53.46
C THR F 178 -6.24 25.61 -54.62
N GLY F 179 -6.37 24.28 -54.57
CA GLY F 179 -7.04 23.51 -55.61
C GLY F 179 -6.16 22.50 -56.31
N GLN F 180 -4.89 22.39 -55.95
CA GLN F 180 -3.94 21.50 -56.61
C GLN F 180 -3.32 20.53 -55.62
N GLY F 181 -4.14 20.01 -54.72
CA GLY F 181 -3.65 19.14 -53.67
C GLY F 181 -3.44 19.90 -52.37
N VAL F 182 -2.87 19.19 -51.40
CA VAL F 182 -2.65 19.69 -50.04
C VAL F 182 -1.16 19.75 -49.78
N ASP F 183 -0.68 20.90 -49.31
CA ASP F 183 0.69 21.10 -48.87
C ASP F 183 0.71 21.32 -47.38
N LEU F 184 1.76 20.81 -46.72
CA LEU F 184 1.93 20.94 -45.28
C LEU F 184 3.16 21.81 -44.99
N PHE F 185 3.01 22.69 -44.00
CA PHE F 185 4.06 23.61 -43.57
C PHE F 185 4.18 23.52 -42.05
N MET F 186 5.42 23.54 -41.56
CA MET F 186 5.71 23.54 -40.13
C MET F 186 6.30 24.87 -39.71
N LEU F 187 5.83 25.40 -38.59
CA LEU F 187 6.41 26.61 -38.01
C LEU F 187 7.71 26.26 -37.28
N ASP F 188 8.82 26.86 -37.73
CA ASP F 188 10.08 26.80 -37.00
C ASP F 188 10.08 27.98 -36.03
N PRO F 189 9.90 27.77 -34.73
CA PRO F 189 9.80 28.92 -33.83
C PRO F 189 11.07 29.76 -33.77
N ALA F 190 12.25 29.18 -34.04
CA ALA F 190 13.49 29.93 -33.99
C ALA F 190 13.66 30.85 -35.21
N LEU F 191 13.05 30.49 -36.34
CA LEU F 191 13.04 31.32 -37.54
C LEU F 191 11.85 32.26 -37.59
N GLY F 192 10.70 31.82 -37.06
CA GLY F 192 9.48 32.59 -37.13
C GLY F 192 8.73 32.46 -38.43
N GLU F 193 9.02 31.43 -39.21
CA GLU F 193 8.35 31.28 -40.49
C GLU F 193 7.96 29.82 -40.70
N PHE F 194 6.93 29.63 -41.51
CA PHE F 194 6.48 28.30 -41.87
C PHE F 194 7.32 27.75 -43.01
N VAL F 195 7.87 26.57 -42.81
CA VAL F 195 8.70 25.88 -43.79
C VAL F 195 7.88 24.81 -44.49
N LEU F 196 7.93 24.78 -45.82
CA LEU F 196 7.25 23.75 -46.59
C LEU F 196 7.89 22.41 -46.32
N VAL F 197 7.10 21.48 -45.79
CA VAL F 197 7.62 20.20 -45.35
C VAL F 197 7.09 19.03 -46.19
N GLU F 198 5.90 19.13 -46.76
CA GLU F 198 5.39 18.05 -47.59
C GLU F 198 4.45 18.59 -48.66
N LYS F 199 4.72 18.25 -49.91
CA LYS F 199 3.94 18.72 -51.05
C LYS F 199 3.00 17.64 -51.53
N ASP F 200 1.77 18.04 -51.84
CA ASP F 200 0.77 17.19 -52.48
C ASP F 200 0.58 15.87 -51.73
N VAL F 201 0.17 16.02 -50.47
CA VAL F 201 -0.10 14.88 -49.61
C VAL F 201 -1.34 14.14 -50.12
N LYS F 202 -1.28 12.82 -50.09
CA LYS F 202 -2.40 11.98 -50.50
C LYS F 202 -2.78 11.06 -49.35
N ILE F 203 -4.05 11.08 -48.96
CA ILE F 203 -4.52 10.22 -47.88
C ILE F 203 -4.45 8.77 -48.33
N LYS F 204 -4.25 7.86 -47.36
CA LYS F 204 -4.29 6.42 -47.65
C LYS F 204 -5.67 6.04 -48.17
N LYS F 205 -5.70 5.07 -49.08
CA LYS F 205 -7.00 4.61 -49.61
C LYS F 205 -7.86 3.99 -48.52
N LYS F 206 -7.22 3.26 -47.59
CA LYS F 206 -7.88 2.59 -46.48
C LYS F 206 -7.02 2.75 -45.24
N GLY F 207 -7.65 3.04 -44.11
CA GLY F 207 -6.96 3.24 -42.87
C GLY F 207 -7.17 2.13 -41.85
N LYS F 208 -6.73 2.41 -40.63
CA LYS F 208 -6.87 1.48 -39.51
C LYS F 208 -7.29 2.19 -38.22
N ILE F 209 -7.80 3.43 -38.31
CA ILE F 209 -8.22 4.23 -37.16
C ILE F 209 -9.60 4.80 -37.43
N TYR F 210 -10.49 4.71 -36.46
CA TYR F 210 -11.79 5.37 -36.55
C TYR F 210 -11.91 6.33 -35.38
N SER F 211 -12.52 7.47 -35.63
CA SER F 211 -12.44 8.60 -34.72
C SER F 211 -13.81 9.25 -34.63
N LEU F 212 -14.48 9.04 -33.49
CA LEU F 212 -15.75 9.68 -33.16
C LEU F 212 -15.99 9.53 -31.67
N ASN F 213 -16.88 10.38 -31.15
CA ASN F 213 -17.27 10.35 -29.74
C ASN F 213 -18.31 9.26 -29.54
N GLU F 214 -17.89 8.11 -29.01
CA GLU F 214 -18.83 7.02 -28.81
C GLU F 214 -19.73 7.22 -27.60
N GLY F 215 -19.50 8.26 -26.81
CA GLY F 215 -20.43 8.59 -25.75
C GLY F 215 -21.82 8.97 -26.21
N TYR F 216 -22.03 9.07 -27.52
CA TYR F 216 -23.36 9.32 -28.07
C TYR F 216 -24.01 8.05 -28.62
N ALA F 217 -23.49 6.87 -28.26
CA ALA F 217 -23.95 5.63 -28.89
C ALA F 217 -25.47 5.43 -28.75
N LYS F 218 -26.05 5.80 -27.60
CA LYS F 218 -27.49 5.63 -27.45
C LYS F 218 -28.28 6.59 -28.33
N TYR F 219 -27.63 7.55 -28.97
CA TYR F 219 -28.29 8.48 -29.86
C TYR F 219 -27.94 8.25 -31.31
N PHE F 220 -27.06 7.29 -31.62
CA PHE F 220 -26.66 7.07 -33.01
C PHE F 220 -27.84 6.53 -33.82
N ASP F 221 -27.80 6.79 -35.13
CA ASP F 221 -28.73 6.07 -35.99
C ASP F 221 -28.22 4.65 -36.20
N ALA F 222 -29.03 3.84 -36.88
CA ALA F 222 -28.68 2.43 -37.07
C ALA F 222 -27.45 2.28 -37.95
N ALA F 223 -27.26 3.18 -38.92
CA ALA F 223 -26.10 3.07 -39.79
C ALA F 223 -24.80 3.30 -39.03
N THR F 224 -24.76 4.34 -38.20
CA THR F 224 -23.58 4.62 -37.39
C THR F 224 -23.31 3.47 -36.44
N THR F 225 -24.36 2.99 -35.76
CA THR F 225 -24.21 1.86 -34.86
C THR F 225 -23.64 0.64 -35.58
N GLU F 226 -24.13 0.37 -36.79
CA GLU F 226 -23.62 -0.78 -37.53
C GLU F 226 -22.15 -0.61 -37.92
N TYR F 227 -21.79 0.59 -38.42
CA TYR F 227 -20.42 0.81 -38.87
C TYR F 227 -19.41 0.68 -37.73
N VAL F 228 -19.71 1.28 -36.58
CA VAL F 228 -18.80 1.19 -35.45
C VAL F 228 -18.61 -0.27 -35.03
N GLN F 229 -19.71 -1.02 -35.02
CA GLN F 229 -19.66 -2.45 -34.69
C GLN F 229 -18.79 -3.22 -35.69
N LYS F 230 -18.91 -2.91 -36.99
CA LYS F 230 -18.06 -3.57 -37.98
C LYS F 230 -16.59 -3.29 -37.76
N LYS F 231 -16.25 -2.10 -37.24
CA LYS F 231 -14.85 -1.75 -37.01
C LYS F 231 -14.24 -2.50 -35.84
N LYS F 232 -15.02 -2.80 -34.81
CA LYS F 232 -14.53 -3.51 -33.64
C LYS F 232 -14.56 -5.02 -33.83
N PHE F 233 -15.57 -5.52 -34.55
CA PHE F 233 -15.79 -6.93 -34.74
C PHE F 233 -15.82 -7.25 -36.22
N PRO F 234 -14.67 -7.31 -36.88
CA PRO F 234 -14.70 -7.63 -38.32
C PRO F 234 -15.25 -9.03 -38.52
N GLU F 235 -16.06 -9.17 -39.57
CA GLU F 235 -16.74 -10.41 -39.95
C GLU F 235 -15.73 -11.18 -40.79
N ASP F 236 -14.48 -10.91 -40.49
CA ASP F 236 -13.32 -11.24 -41.28
C ASP F 236 -12.24 -11.70 -40.32
N GLY F 237 -11.10 -12.11 -40.88
CA GLY F 237 -9.99 -12.49 -40.03
C GLY F 237 -9.15 -11.31 -39.62
N SER F 238 -9.43 -10.14 -40.19
CA SER F 238 -8.64 -8.93 -39.96
C SER F 238 -8.82 -8.36 -38.55
N ALA F 239 -7.80 -7.60 -38.14
CA ALA F 239 -7.78 -6.96 -36.84
C ALA F 239 -8.77 -5.80 -36.79
N PRO F 240 -9.37 -5.53 -35.63
CA PRO F 240 -10.25 -4.36 -35.52
C PRO F 240 -9.43 -3.08 -35.65
N TYR F 241 -10.10 -2.01 -36.07
CA TYR F 241 -9.47 -0.71 -36.12
C TYR F 241 -9.14 -0.21 -34.71
N GLY F 242 -8.08 0.59 -34.60
CA GLY F 242 -7.87 1.37 -33.40
C GLY F 242 -8.77 2.59 -33.36
N ALA F 243 -9.01 3.08 -32.14
CA ALA F 243 -9.80 4.27 -31.89
C ALA F 243 -8.93 5.44 -31.41
N ARG F 244 -9.23 6.63 -31.89
CA ARG F 244 -8.61 7.88 -31.44
C ARG F 244 -9.66 8.97 -31.48
N TYR F 245 -9.74 9.80 -30.45
CA TYR F 245 -10.63 10.96 -30.51
C TYR F 245 -10.08 12.03 -29.56
N VAL F 246 -9.29 12.94 -30.13
CA VAL F 246 -8.71 14.03 -29.36
C VAL F 246 -9.80 14.94 -28.86
N GLY F 247 -10.88 15.09 -29.63
CA GLY F 247 -11.89 16.05 -29.25
C GLY F 247 -11.69 17.44 -29.84
N SER F 248 -10.62 17.63 -30.61
CA SER F 248 -10.42 18.83 -31.42
C SER F 248 -10.48 18.41 -32.87
N MET F 249 -11.44 18.98 -33.60
CA MET F 249 -11.65 18.59 -34.98
C MET F 249 -10.35 18.70 -35.78
N VAL F 250 -9.62 19.80 -35.62
CA VAL F 250 -8.42 20.01 -36.44
C VAL F 250 -7.42 18.89 -36.20
N ALA F 251 -7.23 18.50 -34.93
CA ALA F 251 -6.26 17.45 -34.60
C ALA F 251 -6.70 16.10 -35.17
N ASP F 252 -7.96 15.74 -34.96
CA ASP F 252 -8.44 14.44 -35.43
C ASP F 252 -8.45 14.38 -36.95
N VAL F 253 -8.86 15.47 -37.61
CA VAL F 253 -8.87 15.50 -39.07
C VAL F 253 -7.46 15.43 -39.63
N HIS F 254 -6.52 16.18 -39.04
CA HIS F 254 -5.15 16.13 -39.53
C HIS F 254 -4.54 14.74 -39.35
N ARG F 255 -4.73 14.12 -38.18
CA ARG F 255 -4.32 12.72 -38.01
C ARG F 255 -4.94 11.85 -39.08
N THR F 256 -6.25 12.04 -39.35
CA THR F 256 -6.88 11.31 -40.43
C THR F 256 -6.17 11.55 -41.77
N LEU F 257 -5.81 12.80 -42.05
CA LEU F 257 -5.11 13.09 -43.31
C LEU F 257 -3.80 12.34 -43.40
N VAL F 258 -2.97 12.41 -42.35
CA VAL F 258 -1.60 11.89 -42.47
C VAL F 258 -1.43 10.42 -42.10
N TYR F 259 -2.34 9.85 -41.30
CA TYR F 259 -2.28 8.43 -40.98
C TYR F 259 -3.30 7.59 -41.75
N GLY F 260 -4.34 8.20 -42.30
CA GLY F 260 -5.43 7.45 -42.89
C GLY F 260 -6.48 7.10 -41.87
N GLY F 261 -7.61 6.60 -42.39
CA GLY F 261 -8.74 6.26 -41.54
C GLY F 261 -9.96 7.15 -41.76
N ILE F 262 -10.78 7.28 -40.71
CA ILE F 262 -12.07 7.94 -40.81
C ILE F 262 -12.29 8.79 -39.58
N PHE F 263 -12.93 9.94 -39.77
CA PHE F 263 -13.39 10.80 -38.69
C PHE F 263 -14.89 11.02 -38.85
N LEU F 264 -15.62 10.92 -37.74
CA LEU F 264 -17.08 11.01 -37.81
C LEU F 264 -17.62 11.93 -36.75
N TYR F 265 -18.54 12.83 -37.16
CA TYR F 265 -19.49 13.48 -36.26
C TYR F 265 -20.85 13.44 -36.97
N PRO F 266 -21.51 12.30 -36.93
CA PRO F 266 -22.81 12.17 -37.60
C PRO F 266 -23.88 12.90 -36.82
N ALA F 267 -25.04 13.05 -37.47
CA ALA F 267 -26.22 13.44 -36.73
C ALA F 267 -26.53 12.38 -35.68
N ASN F 268 -27.14 12.82 -34.58
CA ASN F 268 -27.67 11.88 -33.60
C ASN F 268 -28.92 12.50 -33.01
N GLN F 269 -29.63 11.75 -32.15
CA GLN F 269 -30.92 12.22 -31.65
C GLN F 269 -30.82 13.60 -31.01
N LYS F 270 -29.75 13.86 -30.25
CA LYS F 270 -29.63 15.15 -29.58
C LYS F 270 -29.07 16.22 -30.49
N SER F 271 -28.39 15.84 -31.57
CA SER F 271 -27.86 16.76 -32.57
C SER F 271 -28.36 16.29 -33.93
N PRO F 272 -29.64 16.53 -34.24
CA PRO F 272 -30.25 15.91 -35.44
C PRO F 272 -29.68 16.45 -36.74
N LYS F 273 -29.03 17.60 -36.73
CA LYS F 273 -28.35 18.11 -37.92
C LYS F 273 -26.84 18.04 -37.77
N GLY F 274 -26.35 17.25 -36.84
CA GLY F 274 -24.94 17.23 -36.53
C GLY F 274 -24.58 18.38 -35.61
N LYS F 275 -23.33 18.40 -35.19
CA LYS F 275 -22.84 19.48 -34.34
C LYS F 275 -21.96 20.49 -35.08
N LEU F 276 -21.09 20.01 -35.97
CA LEU F 276 -20.06 20.84 -36.58
C LEU F 276 -20.68 21.78 -37.62
N ARG F 277 -20.00 22.92 -37.81
CA ARG F 277 -20.51 24.03 -38.61
C ARG F 277 -20.10 23.91 -40.07
N LEU F 278 -21.06 24.13 -40.96
CA LEU F 278 -20.83 23.92 -42.39
C LEU F 278 -19.79 24.90 -42.93
N LEU F 279 -19.92 26.19 -42.59
CA LEU F 279 -19.16 27.24 -43.31
C LEU F 279 -17.67 27.21 -42.98
N TYR F 280 -17.33 27.15 -41.70
CA TYR F 280 -15.96 27.36 -41.24
C TYR F 280 -15.37 26.16 -40.48
N GLU F 281 -16.07 25.03 -40.45
CA GLU F 281 -15.48 23.79 -39.95
C GLU F 281 -15.53 22.70 -41.00
N CYS F 282 -16.72 22.34 -41.48
CA CYS F 282 -16.87 21.18 -42.35
C CYS F 282 -16.43 21.46 -43.79
N ASN F 283 -16.87 22.57 -44.39
CA ASN F 283 -16.44 22.85 -45.76
C ASN F 283 -14.92 22.94 -45.87
N PRO F 284 -14.20 23.69 -45.03
CA PRO F 284 -12.72 23.73 -45.16
C PRO F 284 -12.04 22.36 -45.02
N VAL F 285 -12.41 21.52 -44.04
CA VAL F 285 -11.70 20.25 -43.95
C VAL F 285 -12.15 19.27 -45.03
N ALA F 286 -13.39 19.37 -45.48
CA ALA F 286 -13.85 18.58 -46.61
C ALA F 286 -13.05 18.90 -47.87
N TYR F 287 -12.86 20.19 -48.15
CA TYR F 287 -11.98 20.59 -49.25
C TYR F 287 -10.60 19.98 -49.10
N ILE F 288 -9.99 20.11 -47.90
CA ILE F 288 -8.66 19.57 -47.68
C ILE F 288 -8.63 18.06 -47.94
N ILE F 289 -9.55 17.32 -47.30
CA ILE F 289 -9.52 15.88 -47.44
C ILE F 289 -9.79 15.46 -48.89
N GLU F 290 -10.72 16.15 -49.56
CA GLU F 290 -10.97 15.79 -50.95
C GLU F 290 -9.77 16.14 -51.83
N GLN F 291 -9.13 17.31 -51.59
CA GLN F 291 -7.92 17.63 -52.36
C GLN F 291 -6.83 16.59 -52.18
N ALA F 292 -6.77 15.93 -51.02
CA ALA F 292 -5.78 14.89 -50.81
C ALA F 292 -6.26 13.51 -51.27
N GLY F 293 -7.40 13.43 -51.96
CA GLY F 293 -7.86 12.16 -52.48
C GLY F 293 -8.76 11.36 -51.56
N GLY F 294 -9.33 11.98 -50.53
CA GLY F 294 -10.28 11.33 -49.67
C GLY F 294 -11.71 11.75 -50.00
N LEU F 295 -12.64 11.32 -49.14
CA LEU F 295 -14.06 11.63 -49.27
C LEU F 295 -14.56 12.35 -48.01
N ALA F 296 -15.55 13.22 -48.19
CA ALA F 296 -16.17 13.94 -47.08
C ALA F 296 -17.67 14.05 -47.34
N THR F 297 -18.48 13.43 -46.49
CA THR F 297 -19.91 13.31 -46.75
C THR F 297 -20.68 13.73 -45.51
N THR F 298 -21.93 14.13 -45.72
CA THR F 298 -22.90 14.25 -44.63
C THR F 298 -23.58 12.94 -44.32
N GLY F 299 -23.28 11.89 -45.09
CA GLY F 299 -24.03 10.65 -45.06
C GLY F 299 -25.07 10.53 -46.16
N THR F 300 -25.52 11.65 -46.72
CA THR F 300 -26.41 11.64 -47.87
C THR F 300 -25.88 12.40 -49.09
N GLN F 301 -24.87 13.26 -48.93
CA GLN F 301 -24.28 13.93 -50.08
C GLN F 301 -22.90 14.44 -49.70
N PRO F 302 -22.05 14.77 -50.68
CA PRO F 302 -20.76 15.39 -50.35
C PRO F 302 -20.98 16.70 -49.62
N VAL F 303 -20.15 16.93 -48.59
CA VAL F 303 -20.20 18.16 -47.82
C VAL F 303 -20.06 19.38 -48.72
N LEU F 304 -19.15 19.31 -49.69
CA LEU F 304 -18.92 20.48 -50.55
C LEU F 304 -20.13 20.80 -51.43
N ASP F 305 -21.09 19.86 -51.59
CA ASP F 305 -22.28 20.10 -52.40
C ASP F 305 -23.45 20.63 -51.60
N VAL F 306 -23.34 20.71 -50.28
CA VAL F 306 -24.41 21.30 -49.49
C VAL F 306 -24.48 22.79 -49.79
N LYS F 307 -25.65 23.27 -50.16
CA LYS F 307 -25.86 24.69 -50.35
C LYS F 307 -26.19 25.35 -49.01
N PRO F 308 -25.31 26.20 -48.49
CA PRO F 308 -25.58 26.79 -47.16
C PRO F 308 -26.84 27.65 -47.17
N GLU F 309 -27.53 27.66 -46.03
CA GLU F 309 -28.71 28.49 -45.85
C GLU F 309 -28.58 29.52 -44.73
N ALA F 310 -27.74 29.28 -43.73
CA ALA F 310 -27.43 30.30 -42.73
C ALA F 310 -25.96 30.15 -42.33
N ILE F 311 -25.34 31.26 -41.92
CA ILE F 311 -23.89 31.24 -41.77
C ILE F 311 -23.45 30.28 -40.66
N HIS F 312 -24.31 30.02 -39.67
CA HIS F 312 -23.98 29.11 -38.59
C HIS F 312 -24.69 27.77 -38.70
N GLN F 313 -25.09 27.39 -39.90
CA GLN F 313 -25.75 26.10 -40.12
C GLN F 313 -24.88 24.94 -39.67
N ARG F 314 -25.50 23.95 -39.05
CA ARG F 314 -24.79 22.72 -38.72
C ARG F 314 -24.99 21.67 -39.81
N VAL F 315 -24.08 20.70 -39.86
CA VAL F 315 -24.18 19.63 -40.83
C VAL F 315 -23.46 18.40 -40.27
N PRO F 316 -23.93 17.18 -40.54
CA PRO F 316 -23.15 16.00 -40.14
C PRO F 316 -21.88 15.91 -40.98
N LEU F 317 -20.84 15.27 -40.41
CA LEU F 317 -19.54 15.20 -41.08
C LEU F 317 -18.94 13.81 -40.94
N ILE F 318 -18.64 13.17 -42.08
CA ILE F 318 -17.92 11.89 -42.10
C ILE F 318 -16.84 12.00 -43.17
N LEU F 319 -15.57 11.88 -42.77
CA LEU F 319 -14.53 12.07 -43.78
C LEU F 319 -13.34 11.18 -43.51
N GLY F 320 -12.50 11.04 -44.54
CA GLY F 320 -11.27 10.27 -44.43
C GLY F 320 -10.95 9.48 -45.67
N SER F 321 -10.29 8.35 -45.48
CA SER F 321 -9.92 7.47 -46.58
C SER F 321 -11.13 7.04 -47.40
N PRO F 322 -11.02 7.00 -48.73
CA PRO F 322 -12.21 6.72 -49.55
C PRO F 322 -12.83 5.36 -49.27
N GLU F 323 -12.02 4.31 -49.10
CA GLU F 323 -12.60 2.99 -48.84
C GLU F 323 -13.34 2.95 -47.51
N ASP F 324 -12.86 3.72 -46.51
CA ASP F 324 -13.52 3.78 -45.22
C ASP F 324 -14.84 4.55 -45.29
N VAL F 325 -14.83 5.70 -45.96
CA VAL F 325 -16.05 6.48 -46.09
C VAL F 325 -17.07 5.71 -46.93
N GLN F 326 -16.59 4.97 -47.93
CA GLN F 326 -17.51 4.17 -48.71
C GLN F 326 -18.20 3.09 -47.86
N GLU F 327 -17.45 2.47 -46.96
CA GLU F 327 -18.05 1.48 -46.06
C GLU F 327 -19.10 2.14 -45.17
N TYR F 328 -18.87 3.39 -44.75
CA TYR F 328 -19.87 4.09 -43.95
C TYR F 328 -21.11 4.39 -44.76
N LEU F 329 -20.94 4.87 -45.99
CA LEU F 329 -22.06 5.17 -46.87
C LEU F 329 -22.86 3.90 -47.17
N THR F 330 -22.18 2.76 -47.26
CA THR F 330 -22.88 1.50 -47.45
C THR F 330 -23.80 1.20 -46.28
N CYS F 331 -23.36 1.47 -45.07
CA CYS F 331 -24.23 1.32 -43.91
C CYS F 331 -25.41 2.28 -43.98
N VAL F 332 -25.16 3.49 -44.48
CA VAL F 332 -26.24 4.49 -44.58
C VAL F 332 -27.32 4.02 -45.55
N GLN F 333 -26.94 3.61 -46.77
CA GLN F 333 -27.96 3.20 -47.75
C GLN F 333 -28.66 1.92 -47.32
N LYS F 334 -27.91 0.99 -46.72
CA LYS F 334 -28.52 -0.26 -46.27
C LYS F 334 -29.58 -0.05 -45.22
N ASN F 335 -29.45 0.97 -44.37
CA ASN F 335 -30.42 1.16 -43.30
C ASN F 335 -31.45 2.23 -43.63
N GLN F 336 -31.61 2.54 -44.92
CA GLN F 336 -32.53 3.54 -45.48
C GLN F 336 -32.00 4.94 -45.25
N THR G 9 33.35 18.28 -20.50
CA THR G 9 32.69 18.07 -19.22
C THR G 9 31.17 18.16 -19.36
N ASP G 10 30.50 18.45 -18.25
CA ASP G 10 29.05 18.52 -18.19
C ASP G 10 28.55 19.88 -18.62
N MET G 11 27.32 19.92 -19.15
CA MET G 11 26.66 21.18 -19.46
C MET G 11 25.96 21.68 -18.20
N LEU G 12 26.39 22.84 -17.71
CA LEU G 12 25.87 23.41 -16.47
C LEU G 12 25.22 24.75 -16.75
N THR G 13 24.03 24.94 -16.18
CA THR G 13 23.32 26.21 -16.16
C THR G 13 23.73 27.01 -14.92
N LEU G 14 23.40 28.30 -14.93
CA LEU G 14 23.82 29.18 -13.84
C LEU G 14 23.29 28.71 -12.50
N THR G 15 21.99 28.39 -12.43
CA THR G 15 21.37 28.02 -11.15
C THR G 15 21.87 26.67 -10.63
N ARG G 16 22.19 25.72 -11.50
CA ARG G 16 22.85 24.52 -11.01
C ARG G 16 24.22 24.85 -10.45
N TYR G 17 24.99 25.66 -11.20
CA TYR G 17 26.33 26.05 -10.79
C TYR G 17 26.30 26.77 -9.45
N VAL G 18 25.32 27.65 -9.27
CA VAL G 18 25.19 28.34 -7.98
C VAL G 18 24.73 27.36 -6.90
N MET G 19 23.78 26.48 -7.21
CA MET G 19 23.33 25.49 -6.23
C MET G 19 24.47 24.61 -5.73
N GLU G 20 25.34 24.16 -6.64
CA GLU G 20 26.48 23.33 -6.28
C GLU G 20 27.41 24.05 -5.31
N LYS G 21 27.72 25.32 -5.60
CA LYS G 21 28.60 26.08 -4.71
C LYS G 21 27.94 26.34 -3.37
N GLY G 22 26.66 26.74 -3.38
CA GLY G 22 25.96 27.01 -2.13
C GLY G 22 25.76 25.79 -1.27
N ARG G 23 25.68 24.60 -1.89
CA ARG G 23 25.56 23.36 -1.13
C ARG G 23 26.87 22.98 -0.48
N GLN G 24 27.98 23.00 -1.23
CA GLN G 24 29.25 22.60 -0.63
C GLN G 24 29.67 23.56 0.47
N ALA G 25 29.25 24.82 0.39
CA ALA G 25 29.50 25.75 1.49
C ALA G 25 28.47 25.59 2.60
N LYS G 26 27.48 24.73 2.42
CA LYS G 26 26.49 24.40 3.45
C LYS G 26 25.83 25.66 4.02
N GLY G 27 25.56 26.63 3.13
CA GLY G 27 24.85 27.83 3.51
C GLY G 27 23.34 27.64 3.62
N THR G 28 22.67 28.70 4.08
CA THR G 28 21.23 28.64 4.31
C THR G 28 20.41 28.59 3.03
N GLY G 29 20.98 28.94 1.88
CA GLY G 29 20.21 29.03 0.65
C GLY G 29 19.79 30.43 0.28
N GLU G 30 20.04 31.41 1.15
CA GLU G 30 19.44 32.71 0.94
C GLU G 30 20.06 33.44 -0.24
N LEU G 31 21.37 33.26 -0.42
CA LEU G 31 22.06 33.88 -1.56
C LEU G 31 21.62 33.24 -2.88
N THR G 32 21.56 31.91 -2.91
CA THR G 32 21.09 31.20 -4.09
C THR G 32 19.67 31.63 -4.47
N GLN G 33 18.79 31.79 -3.49
CA GLN G 33 17.43 32.19 -3.84
C GLN G 33 17.40 33.60 -4.38
N LEU G 34 18.20 34.51 -3.81
CA LEU G 34 18.26 35.88 -4.29
C LEU G 34 18.77 35.92 -5.74
N LEU G 35 19.88 35.22 -6.01
CA LEU G 35 20.44 35.21 -7.35
C LEU G 35 19.46 34.63 -8.36
N ASN G 36 18.79 33.55 -7.98
CA ASN G 36 17.83 32.94 -8.88
C ASN G 36 16.72 33.92 -9.25
N SER G 37 16.27 34.72 -8.28
CA SER G 37 15.28 35.76 -8.57
C SER G 37 15.87 36.85 -9.46
N MET G 38 17.12 37.25 -9.22
CA MET G 38 17.79 38.26 -10.04
C MET G 38 17.93 37.78 -11.49
N LEU G 39 18.28 36.50 -11.69
CA LEU G 39 18.40 35.93 -13.03
C LEU G 39 17.06 35.86 -13.74
N THR G 40 15.98 35.64 -12.98
CA THR G 40 14.66 35.63 -13.57
C THR G 40 14.29 37.01 -14.10
N ALA G 41 14.61 38.06 -13.34
CA ALA G 41 14.39 39.42 -13.82
C ALA G 41 15.22 39.70 -15.08
N ILE G 42 16.47 39.24 -15.10
CA ILE G 42 17.32 39.49 -16.26
C ILE G 42 16.74 38.82 -17.51
N LYS G 43 16.26 37.57 -17.39
CA LYS G 43 15.60 36.93 -18.52
C LYS G 43 14.36 37.70 -18.96
N ALA G 44 13.58 38.23 -18.01
CA ALA G 44 12.42 39.02 -18.40
C ALA G 44 12.85 40.33 -19.06
N ILE G 45 13.90 40.97 -18.57
CA ILE G 45 14.37 42.21 -19.17
C ILE G 45 14.86 41.95 -20.60
N SER G 46 15.69 40.92 -20.76
CA SER G 46 16.22 40.57 -22.07
C SER G 46 15.12 40.38 -23.09
N SER G 47 14.07 39.66 -22.70
CA SER G 47 12.97 39.40 -23.62
C SER G 47 12.26 40.69 -24.01
N ALA G 48 12.06 41.59 -23.04
CA ALA G 48 11.44 42.87 -23.36
C ALA G 48 12.39 43.76 -24.15
N VAL G 49 13.70 43.70 -23.83
CA VAL G 49 14.66 44.50 -24.57
C VAL G 49 14.69 44.08 -26.03
N ARG G 50 14.60 42.76 -26.30
CA ARG G 50 14.54 42.29 -27.69
C ARG G 50 13.18 42.56 -28.34
N LYS G 51 12.24 43.17 -27.62
CA LYS G 51 10.96 43.65 -28.16
C LYS G 51 9.95 42.53 -28.39
N ALA G 52 10.01 41.45 -27.63
CA ALA G 52 8.94 40.46 -27.66
C ALA G 52 7.62 41.16 -27.39
N GLY G 53 6.63 40.86 -28.24
CA GLY G 53 5.31 41.45 -28.13
C GLY G 53 5.13 42.82 -28.78
N LEU G 54 6.15 43.33 -29.47
CA LEU G 54 6.03 44.64 -30.10
C LEU G 54 4.85 44.70 -31.07
N ALA G 55 4.56 43.59 -31.76
CA ALA G 55 3.46 43.59 -32.73
C ALA G 55 2.13 43.94 -32.07
N HIS G 56 1.94 43.59 -30.80
CA HIS G 56 0.72 43.97 -30.10
C HIS G 56 0.69 45.47 -29.78
N LEU G 57 1.86 46.08 -29.56
CA LEU G 57 1.88 47.54 -29.38
C LEU G 57 1.47 48.26 -30.65
N TYR G 58 1.70 47.65 -31.82
CA TYR G 58 1.37 48.28 -33.08
C TYR G 58 0.05 47.78 -33.67
N GLY G 59 -0.78 47.12 -32.87
CA GLY G 59 -2.17 46.88 -33.25
C GLY G 59 -2.46 45.61 -34.02
N ILE G 60 -1.68 44.54 -33.81
CA ILE G 60 -1.92 43.30 -34.54
C ILE G 60 -3.29 42.73 -34.21
N ALA G 61 -3.76 42.97 -33.00
CA ALA G 61 -5.08 42.57 -32.56
C ALA G 61 -6.07 43.73 -32.52
N GLY G 62 -5.70 44.88 -33.11
CA GLY G 62 -6.61 46.00 -33.26
C GLY G 62 -6.50 47.16 -32.27
N SER G 63 -5.58 47.10 -31.30
CA SER G 63 -5.40 48.17 -30.32
C SER G 63 -4.02 48.80 -30.51
N VAL G 64 -3.97 49.97 -31.16
CA VAL G 64 -2.70 50.67 -31.36
C VAL G 64 -2.31 51.40 -30.08
N ASN G 65 -1.08 51.16 -29.60
CA ASN G 65 -0.56 51.70 -28.35
C ASN G 65 0.97 51.80 -28.44
N VAL G 66 1.48 52.63 -29.35
CA VAL G 66 2.93 52.75 -29.54
C VAL G 66 3.53 53.49 -28.36
N THR G 67 4.55 52.91 -27.75
CA THR G 67 5.19 53.52 -26.59
C THR G 67 5.85 54.84 -26.99
N GLY G 68 5.41 55.92 -26.38
CA GLY G 68 5.99 57.23 -26.62
C GLY G 68 7.45 57.29 -26.20
N ASP G 69 7.71 57.27 -24.90
CA ASP G 69 9.06 57.34 -24.37
C ASP G 69 9.60 55.92 -24.20
N GLU G 70 10.51 55.51 -25.10
CA GLU G 70 11.03 54.16 -25.10
C GLU G 70 12.02 53.94 -23.96
N VAL G 71 12.89 54.92 -23.72
CA VAL G 71 13.82 54.84 -22.60
C VAL G 71 13.06 54.83 -21.29
N LYS G 72 11.95 55.57 -21.19
CA LYS G 72 11.17 55.59 -19.96
C LYS G 72 10.37 54.30 -19.77
N LYS G 73 9.82 53.73 -20.85
CA LYS G 73 8.99 52.54 -20.68
C LYS G 73 9.84 51.34 -20.29
N LEU G 74 10.99 51.17 -20.93
CA LEU G 74 11.80 49.98 -20.71
C LEU G 74 12.52 50.01 -19.37
N ASP G 75 13.07 51.17 -18.97
CA ASP G 75 13.75 51.19 -17.67
C ASP G 75 12.76 51.13 -16.50
N VAL G 76 11.55 51.66 -16.67
CA VAL G 76 10.54 51.50 -15.63
C VAL G 76 10.15 50.04 -15.52
N LEU G 77 9.98 49.36 -16.66
CA LEU G 77 9.65 47.94 -16.62
C LEU G 77 10.81 47.15 -16.02
N SER G 78 12.02 47.41 -16.49
CA SER G 78 13.20 46.77 -15.91
C SER G 78 13.24 46.98 -14.41
N ASN G 79 13.10 48.23 -13.96
CA ASN G 79 13.15 48.52 -12.53
C ASN G 79 12.08 47.75 -11.77
N SER G 80 10.85 47.71 -12.30
CA SER G 80 9.78 46.97 -11.63
C SER G 80 10.13 45.49 -11.54
N LEU G 81 10.68 44.94 -12.63
CA LEU G 81 11.04 43.52 -12.65
C LEU G 81 12.06 43.19 -11.58
N VAL G 82 13.15 43.96 -11.50
CA VAL G 82 14.19 43.67 -10.52
C VAL G 82 13.64 43.80 -9.12
N ILE G 83 12.92 44.88 -8.86
CA ILE G 83 12.39 45.13 -7.52
C ILE G 83 11.45 44.01 -7.10
N ASN G 84 10.52 43.63 -7.97
CA ASN G 84 9.54 42.61 -7.60
C ASN G 84 10.18 41.24 -7.42
N MET G 85 11.06 40.85 -8.34
CA MET G 85 11.67 39.53 -8.19
C MET G 85 12.56 39.47 -6.96
N LEU G 86 13.30 40.54 -6.67
CA LEU G 86 14.20 40.53 -5.52
C LEU G 86 13.41 40.51 -4.21
N GLN G 87 12.37 41.34 -4.11
CA GLN G 87 11.56 41.34 -2.90
C GLN G 87 10.89 39.99 -2.70
N SER G 88 10.36 39.40 -3.76
CA SER G 88 9.68 38.11 -3.61
C SER G 88 10.65 36.98 -3.31
N SER G 89 11.97 37.20 -3.43
CA SER G 89 12.92 36.14 -3.11
C SER G 89 13.01 35.87 -1.62
N TYR G 90 12.46 36.76 -0.79
CA TYR G 90 12.55 36.70 0.67
C TYR G 90 14.00 36.79 1.15
N SER G 91 14.89 37.37 0.35
CA SER G 91 16.30 37.45 0.69
C SER G 91 16.80 38.87 0.92
N THR G 92 15.96 39.89 0.77
CA THR G 92 16.41 41.27 0.76
C THR G 92 15.77 42.09 1.88
N CYS G 93 16.49 43.10 2.32
CA CYS G 93 15.97 44.09 3.25
C CYS G 93 16.00 45.52 2.71
N VAL G 94 16.99 45.87 1.90
CA VAL G 94 17.13 47.21 1.34
C VAL G 94 17.58 47.09 -0.11
N LEU G 95 16.91 47.81 -1.00
CA LEU G 95 17.32 47.87 -2.38
C LEU G 95 17.64 49.33 -2.70
N VAL G 96 18.72 49.55 -3.45
CA VAL G 96 19.00 50.86 -4.01
C VAL G 96 18.97 50.71 -5.52
N SER G 97 18.14 51.50 -6.17
CA SER G 97 17.99 51.43 -7.61
C SER G 97 18.39 52.76 -8.23
N GLU G 98 19.07 52.69 -9.36
CA GLU G 98 19.36 53.86 -10.16
C GLU G 98 18.11 54.70 -10.40
N GLU G 99 16.94 54.04 -10.43
CA GLU G 99 15.68 54.68 -10.81
C GLU G 99 14.89 55.26 -9.63
N ASN G 100 15.32 55.05 -8.40
CA ASN G 100 14.57 55.49 -7.23
C ASN G 100 15.41 56.42 -6.38
N LYS G 101 14.82 57.57 -6.03
CA LYS G 101 15.54 58.59 -5.27
C LYS G 101 15.97 58.05 -3.91
N ASP G 102 15.06 57.36 -3.25
CA ASP G 102 15.32 56.87 -1.91
C ASP G 102 15.53 55.37 -1.94
N ALA G 103 16.20 54.87 -0.92
CA ALA G 103 16.34 53.42 -0.78
C ALA G 103 14.97 52.78 -0.61
N ILE G 104 14.87 51.52 -1.03
CA ILE G 104 13.63 50.76 -0.98
C ILE G 104 13.78 49.73 0.12
N ILE G 105 13.06 49.91 1.21
CA ILE G 105 13.14 48.97 2.33
C ILE G 105 12.08 47.90 2.14
N THR G 106 12.52 46.64 2.17
CA THR G 106 11.60 45.53 2.03
C THR G 106 10.63 45.49 3.20
N ALA G 107 9.36 45.18 2.91
CA ALA G 107 8.36 44.99 3.95
C ALA G 107 8.77 43.89 4.91
N LYS G 108 8.32 44.02 6.16
CA LYS G 108 8.82 43.18 7.25
C LYS G 108 8.67 41.69 6.96
N GLU G 109 7.55 41.28 6.37
CA GLU G 109 7.30 39.86 6.18
C GLU G 109 8.13 39.23 5.07
N LYS G 110 8.76 40.03 4.21
CA LYS G 110 9.60 39.51 3.14
C LYS G 110 11.08 39.77 3.37
N ARG G 111 11.44 40.27 4.55
CA ARG G 111 12.82 40.67 4.83
C ARG G 111 13.76 39.47 4.87
N GLY G 112 14.91 39.62 4.24
CA GLY G 112 16.02 38.69 4.35
C GLY G 112 17.28 39.45 4.73
N LYS G 113 18.45 38.85 4.57
CA LYS G 113 19.67 39.42 5.14
C LYS G 113 20.51 40.21 4.15
N TYR G 114 20.05 40.40 2.90
CA TYR G 114 20.90 40.97 1.87
C TYR G 114 20.41 42.33 1.39
N VAL G 115 21.38 43.19 1.05
CA VAL G 115 21.18 44.49 0.43
C VAL G 115 21.66 44.40 -1.01
N VAL G 116 20.88 44.94 -1.94
CA VAL G 116 21.24 44.91 -3.35
C VAL G 116 21.21 46.30 -3.95
N CYS G 117 22.32 46.71 -4.56
CA CYS G 117 22.40 47.95 -5.32
C CYS G 117 22.42 47.59 -6.78
N PHE G 118 21.51 48.18 -7.56
CA PHE G 118 21.44 47.76 -8.95
C PHE G 118 21.05 48.93 -9.84
N ASP G 119 21.56 48.90 -11.07
CA ASP G 119 21.09 49.70 -12.19
C ASP G 119 20.30 48.79 -13.10
N PRO G 120 18.98 48.94 -13.17
CA PRO G 120 18.19 47.96 -13.95
C PRO G 120 18.40 48.05 -15.46
N LEU G 121 18.68 49.24 -16.00
CA LEU G 121 18.91 49.36 -17.45
C LEU G 121 19.97 50.45 -17.68
N ASP G 122 21.23 50.04 -17.64
CA ASP G 122 22.34 50.96 -17.84
C ASP G 122 22.53 51.22 -19.33
N GLY G 123 22.91 52.46 -19.68
CA GLY G 123 23.13 52.82 -21.05
C GLY G 123 21.87 53.33 -21.73
N SER G 124 21.13 54.22 -21.05
CA SER G 124 19.81 54.61 -21.55
C SER G 124 19.89 55.46 -22.82
N SER G 125 20.98 56.24 -22.99
CA SER G 125 21.15 57.00 -24.24
C SER G 125 21.33 56.10 -25.46
N ASN G 126 21.57 54.81 -25.27
CA ASN G 126 21.71 53.83 -26.35
C ASN G 126 20.45 53.04 -26.64
N ILE G 127 19.33 53.30 -25.94
CA ILE G 127 18.13 52.48 -26.10
C ILE G 127 17.50 52.68 -27.47
N ASP G 128 17.36 53.93 -27.92
CA ASP G 128 16.66 54.23 -29.16
C ASP G 128 17.46 53.89 -30.41
N CYS G 129 18.79 53.82 -30.31
CA CYS G 129 19.59 53.42 -31.47
C CYS G 129 19.99 51.94 -31.41
N LEU G 130 19.51 51.18 -30.41
CA LEU G 130 19.65 49.73 -30.34
C LEU G 130 21.09 49.27 -30.11
N ALA G 131 21.95 50.12 -29.56
CA ALA G 131 23.24 49.59 -29.15
C ALA G 131 23.11 48.84 -27.82
N SER G 132 24.19 48.17 -27.42
CA SER G 132 24.13 47.30 -26.25
C SER G 132 23.77 48.09 -25.00
N ILE G 133 22.97 47.47 -24.12
CA ILE G 133 22.59 48.00 -22.82
C ILE G 133 22.67 46.86 -21.81
N GLY G 134 22.41 47.18 -20.52
CA GLY G 134 22.67 46.17 -19.51
C GLY G 134 22.03 46.40 -18.16
N THR G 135 22.28 45.46 -17.26
CA THR G 135 21.80 45.47 -15.89
C THR G 135 23.00 45.21 -15.00
N ILE G 136 23.18 46.00 -13.95
CA ILE G 136 24.34 45.90 -13.07
C ILE G 136 23.85 45.75 -11.64
N PHE G 137 24.54 44.91 -10.87
CA PHE G 137 24.12 44.69 -9.49
C PHE G 137 25.31 44.33 -8.60
N ALA G 138 25.17 44.66 -7.32
CA ALA G 138 26.08 44.26 -6.26
C ALA G 138 25.26 43.88 -5.02
N ILE G 139 25.68 42.80 -4.36
CA ILE G 139 24.95 42.24 -3.22
C ILE G 139 25.83 42.31 -1.99
N TYR G 140 25.30 42.89 -0.92
CA TYR G 140 25.98 42.96 0.37
C TYR G 140 25.14 42.30 1.45
N ARG G 141 25.81 41.75 2.47
CA ARG G 141 25.10 41.34 3.66
C ARG G 141 24.91 42.53 4.59
N LYS G 142 23.67 42.70 5.07
CA LYS G 142 23.41 43.70 6.09
C LYS G 142 24.22 43.39 7.34
N THR G 143 24.99 44.36 7.79
CA THR G 143 25.85 44.18 8.96
C THR G 143 25.39 44.93 10.19
N SER G 144 24.67 46.05 10.03
CA SER G 144 24.12 46.75 11.18
C SER G 144 23.03 45.92 11.83
N GLU G 145 22.90 46.06 13.15
CA GLU G 145 21.87 45.37 13.91
C GLU G 145 20.55 46.13 13.95
N ASP G 146 20.53 47.40 13.53
CA ASP G 146 19.36 48.25 13.67
C ASP G 146 18.24 47.87 12.73
N GLU G 147 17.30 48.79 12.52
CA GLU G 147 16.30 48.62 11.49
C GLU G 147 16.93 48.85 10.12
N PRO G 148 16.50 48.12 9.09
CA PRO G 148 17.02 48.37 7.74
C PRO G 148 16.75 49.80 7.30
N SER G 149 17.78 50.46 6.79
CA SER G 149 17.67 51.80 6.21
C SER G 149 18.75 51.95 5.15
N GLU G 150 18.73 53.11 4.48
CA GLU G 150 19.68 53.35 3.40
C GLU G 150 21.13 53.32 3.84
N LYS G 151 21.40 53.45 5.13
CA LYS G 151 22.78 53.33 5.60
C LYS G 151 23.33 51.94 5.33
N ASP G 152 22.46 50.95 5.18
CA ASP G 152 22.93 49.60 4.92
C ASP G 152 23.57 49.44 3.53
N ALA G 153 23.29 50.35 2.59
CA ALA G 153 23.87 50.32 1.25
C ALA G 153 25.19 51.05 1.13
N LEU G 154 25.63 51.74 2.20
CA LEU G 154 26.83 52.56 2.17
C LEU G 154 28.08 51.81 2.61
N GLN G 155 28.13 50.50 2.37
CA GLN G 155 29.33 49.72 2.61
C GLN G 155 30.26 49.87 1.42
N CYS G 156 31.56 49.79 1.67
CA CYS G 156 32.47 49.95 0.54
C CYS G 156 32.60 48.64 -0.22
N GLY G 157 33.10 48.76 -1.46
CA GLY G 157 33.11 47.66 -2.40
C GLY G 157 33.88 46.44 -1.95
N ARG G 158 34.77 46.60 -0.97
CA ARG G 158 35.44 45.45 -0.38
C ARG G 158 34.47 44.49 0.29
N ASN G 159 33.28 44.94 0.68
CA ASN G 159 32.35 44.08 1.40
C ASN G 159 31.38 43.35 0.48
N ILE G 160 31.60 43.36 -0.84
CA ILE G 160 30.66 42.73 -1.76
C ILE G 160 30.60 41.23 -1.51
N VAL G 161 29.39 40.71 -1.37
CA VAL G 161 29.24 39.25 -1.32
C VAL G 161 29.27 38.69 -2.74
N ALA G 162 28.45 39.24 -3.63
CA ALA G 162 28.44 38.88 -5.04
C ALA G 162 28.04 40.09 -5.88
N ALA G 163 28.58 40.16 -7.08
CA ALA G 163 28.28 41.24 -8.00
C ALA G 163 28.35 40.71 -9.42
N GLY G 164 27.69 41.42 -10.33
CA GLY G 164 27.76 41.04 -11.72
C GLY G 164 26.96 41.96 -12.59
N TYR G 165 26.87 41.60 -13.86
CA TYR G 165 26.09 42.38 -14.80
C TYR G 165 25.50 41.45 -15.84
N ALA G 166 24.42 41.90 -16.45
CA ALA G 166 23.87 41.30 -17.66
C ALA G 166 24.15 42.27 -18.81
N LEU G 167 24.60 41.72 -19.94
CA LEU G 167 24.82 42.49 -21.17
C LEU G 167 23.80 42.07 -22.21
N TYR G 168 22.93 43.01 -22.61
CA TYR G 168 21.97 42.78 -23.70
C TYR G 168 22.56 43.36 -24.98
N GLY G 169 23.48 42.61 -25.58
CA GLY G 169 24.10 43.02 -26.83
C GLY G 169 23.64 42.15 -27.99
N SER G 170 24.55 41.80 -28.90
CA SER G 170 24.21 40.87 -29.96
C SER G 170 23.71 39.53 -29.38
N ALA G 171 24.21 39.13 -28.22
CA ALA G 171 23.58 38.10 -27.40
C ALA G 171 23.52 38.60 -25.97
N THR G 172 22.83 37.83 -25.12
CA THR G 172 22.68 38.16 -23.70
C THR G 172 23.66 37.34 -22.87
N LEU G 173 24.51 38.05 -22.12
CA LEU G 173 25.56 37.45 -21.31
C LEU G 173 25.43 37.94 -19.88
N VAL G 174 25.79 37.09 -18.92
CA VAL G 174 25.94 37.51 -17.54
C VAL G 174 27.34 37.18 -17.06
N ALA G 175 28.00 38.16 -16.45
CA ALA G 175 29.25 37.95 -15.74
C ALA G 175 28.94 37.98 -14.25
N LEU G 176 29.50 37.02 -13.51
CA LEU G 176 29.18 36.85 -12.10
C LEU G 176 30.43 36.50 -11.32
N SER G 177 30.55 37.09 -10.15
CA SER G 177 31.60 36.73 -9.22
C SER G 177 31.02 36.69 -7.82
N THR G 178 31.39 35.65 -7.09
CA THR G 178 31.08 35.57 -5.68
C THR G 178 32.33 35.67 -4.82
N GLY G 179 33.46 36.04 -5.42
CA GLY G 179 34.72 36.21 -4.72
C GLY G 179 35.85 35.31 -5.19
N GLN G 180 35.61 34.41 -6.14
CA GLN G 180 36.61 33.44 -6.58
C GLN G 180 36.87 33.53 -8.08
N GLY G 181 36.97 34.74 -8.60
CA GLY G 181 37.13 34.96 -10.04
C GLY G 181 35.83 35.31 -10.72
N VAL G 182 35.90 35.39 -12.05
CA VAL G 182 34.78 35.82 -12.88
C VAL G 182 34.34 34.66 -13.77
N ASP G 183 33.04 34.37 -13.77
CA ASP G 183 32.47 33.40 -14.69
C ASP G 183 31.50 34.11 -15.64
N LEU G 184 31.49 33.64 -16.89
CA LEU G 184 30.64 34.17 -17.93
C LEU G 184 29.59 33.13 -18.30
N PHE G 185 28.36 33.59 -18.49
CA PHE G 185 27.23 32.76 -18.89
C PHE G 185 26.52 33.41 -20.07
N MET G 186 26.08 32.59 -21.02
CA MET G 186 25.32 33.03 -22.19
C MET G 186 23.89 32.54 -22.07
N LEU G 187 22.94 33.41 -22.36
CA LEU G 187 21.56 32.98 -22.41
C LEU G 187 21.34 32.22 -23.70
N ASP G 188 20.93 30.95 -23.60
CA ASP G 188 20.46 30.23 -24.76
C ASP G 188 18.97 30.48 -24.90
N PRO G 189 18.53 31.30 -25.86
CA PRO G 189 17.10 31.65 -25.92
C PRO G 189 16.19 30.47 -26.22
N ALA G 190 16.69 29.43 -26.90
CA ALA G 190 15.86 28.26 -27.20
C ALA G 190 15.67 27.37 -25.97
N LEU G 191 16.62 27.41 -25.05
CA LEU G 191 16.49 26.69 -23.79
C LEU G 191 15.83 27.55 -22.71
N GLY G 192 16.09 28.87 -22.73
CA GLY G 192 15.59 29.74 -21.68
C GLY G 192 16.43 29.76 -20.43
N GLU G 193 17.68 29.32 -20.50
CA GLU G 193 18.57 29.28 -19.34
C GLU G 193 19.96 29.74 -19.73
N PHE G 194 20.69 30.26 -18.73
CA PHE G 194 22.07 30.69 -18.93
C PHE G 194 23.02 29.50 -18.81
N VAL G 195 23.89 29.34 -19.81
CA VAL G 195 24.84 28.25 -19.86
C VAL G 195 26.22 28.78 -19.50
N LEU G 196 26.91 28.07 -18.60
CA LEU G 196 28.29 28.45 -18.24
C LEU G 196 29.19 28.23 -19.45
N VAL G 197 29.81 29.30 -19.95
CA VAL G 197 30.61 29.22 -21.16
C VAL G 197 32.08 29.49 -20.90
N GLU G 198 32.43 30.14 -19.79
CA GLU G 198 33.83 30.38 -19.47
C GLU G 198 33.99 30.58 -17.97
N LYS G 199 34.91 29.81 -17.38
CA LYS G 199 35.20 29.84 -15.96
C LYS G 199 36.47 30.63 -15.73
N ASP G 200 36.47 31.44 -14.66
CA ASP G 200 37.66 32.11 -14.15
C ASP G 200 38.35 32.94 -15.25
N VAL G 201 37.61 33.93 -15.77
CA VAL G 201 38.14 34.82 -16.80
C VAL G 201 39.24 35.71 -16.23
N LYS G 202 40.30 35.89 -17.00
CA LYS G 202 41.41 36.73 -16.58
C LYS G 202 41.68 37.78 -17.63
N ILE G 203 41.70 39.04 -17.21
CA ILE G 203 42.01 40.12 -18.12
C ILE G 203 43.49 40.09 -18.49
N LYS G 204 43.81 40.53 -19.70
CA LYS G 204 45.20 40.70 -20.11
C LYS G 204 45.88 41.70 -19.19
N LYS G 205 47.19 41.48 -18.99
CA LYS G 205 47.98 42.39 -18.15
C LYS G 205 48.02 43.79 -18.77
N LYS G 206 48.12 43.84 -20.10
CA LYS G 206 48.17 45.09 -20.86
C LYS G 206 47.36 44.89 -22.12
N GLY G 207 46.54 45.89 -22.46
CA GLY G 207 45.69 45.82 -23.63
C GLY G 207 46.19 46.73 -24.72
N LYS G 208 45.35 46.88 -25.75
CA LYS G 208 45.65 47.75 -26.89
C LYS G 208 44.43 48.58 -27.30
N ILE G 209 43.47 48.76 -26.41
CA ILE G 209 42.26 49.53 -26.66
C ILE G 209 42.07 50.52 -25.51
N TYR G 210 41.79 51.78 -25.85
CA TYR G 210 41.45 52.75 -24.83
C TYR G 210 40.04 53.26 -25.12
N SER G 211 39.28 53.49 -24.07
CA SER G 211 37.84 53.70 -24.21
C SER G 211 37.41 54.83 -23.29
N LEU G 212 37.07 55.98 -23.88
CA LEU G 212 36.52 57.10 -23.13
C LEU G 212 35.88 58.07 -24.11
N ASN G 213 35.01 58.93 -23.58
CA ASN G 213 34.34 59.97 -24.36
C ASN G 213 35.30 61.13 -24.55
N GLU G 214 35.94 61.20 -25.71
CA GLU G 214 36.88 62.27 -25.94
C GLU G 214 36.20 63.60 -26.24
N GLY G 215 34.87 63.63 -26.36
CA GLY G 215 34.17 64.89 -26.47
C GLY G 215 34.28 65.79 -25.25
N TYR G 216 34.85 65.30 -24.15
CA TYR G 216 35.09 66.16 -23.00
C TYR G 216 36.54 66.61 -22.91
N ALA G 217 37.30 66.46 -24.02
CA ALA G 217 38.73 66.72 -24.00
C ALA G 217 39.06 68.14 -23.52
N LYS G 218 38.21 69.12 -23.84
CA LYS G 218 38.49 70.46 -23.35
C LYS G 218 38.25 70.59 -21.86
N TYR G 219 37.66 69.59 -21.23
CA TYR G 219 37.38 69.62 -19.80
C TYR G 219 38.28 68.70 -19.01
N PHE G 220 39.16 67.95 -19.68
CA PHE G 220 40.04 67.01 -19.00
C PHE G 220 41.06 67.75 -18.13
N ASP G 221 41.52 67.06 -17.10
CA ASP G 221 42.70 67.52 -16.38
C ASP G 221 43.95 67.15 -17.18
N ALA G 222 45.11 67.59 -16.68
CA ALA G 222 46.35 67.46 -17.43
C ALA G 222 46.78 66.01 -17.55
N ALA G 223 46.53 65.23 -16.50
CA ALA G 223 46.91 63.82 -16.51
C ALA G 223 46.10 63.01 -17.52
N THR G 224 44.79 63.26 -17.58
CA THR G 224 43.97 62.57 -18.59
C THR G 224 44.42 62.96 -19.98
N THR G 225 44.62 64.24 -20.19
CA THR G 225 45.06 64.73 -21.50
C THR G 225 46.36 64.07 -21.91
N GLU G 226 47.33 63.98 -20.98
CA GLU G 226 48.61 63.38 -21.30
C GLU G 226 48.46 61.91 -21.60
N TYR G 227 47.63 61.20 -20.81
CA TYR G 227 47.45 59.78 -21.03
C TYR G 227 46.85 59.50 -22.40
N VAL G 228 45.81 60.25 -22.78
CA VAL G 228 45.21 60.04 -24.09
C VAL G 228 46.22 60.33 -25.20
N GLN G 229 47.00 61.40 -25.03
CA GLN G 229 48.03 61.74 -26.02
C GLN G 229 49.04 60.60 -26.18
N LYS G 230 49.44 59.99 -25.07
CA LYS G 230 50.35 58.83 -25.13
C LYS G 230 49.73 57.65 -25.86
N LYS G 231 48.40 57.46 -25.76
CA LYS G 231 47.79 56.33 -26.44
C LYS G 231 47.80 56.52 -27.95
N LYS G 232 47.70 57.75 -28.42
CA LYS G 232 47.69 58.06 -29.84
C LYS G 232 49.07 58.22 -30.44
N PHE G 233 50.02 58.77 -29.68
CA PHE G 233 51.37 59.03 -30.18
C PHE G 233 52.40 58.38 -29.25
N PRO G 234 52.56 57.06 -29.31
CA PRO G 234 53.51 56.40 -28.40
C PRO G 234 54.94 56.84 -28.67
N GLU G 235 55.70 57.03 -27.59
CA GLU G 235 57.10 57.47 -27.67
C GLU G 235 58.10 56.33 -27.63
N ASP G 236 57.68 55.11 -27.99
CA ASP G 236 58.54 53.95 -27.81
C ASP G 236 58.47 52.97 -28.97
N GLY G 237 58.04 53.44 -30.16
CA GLY G 237 57.89 52.62 -31.34
C GLY G 237 56.69 51.70 -31.39
N SER G 238 55.94 51.58 -30.31
CA SER G 238 54.75 50.75 -30.31
C SER G 238 53.63 51.40 -31.13
N ALA G 239 52.70 50.56 -31.58
CA ALA G 239 51.57 51.06 -32.33
C ALA G 239 50.60 51.78 -31.40
N PRO G 240 49.92 52.82 -31.87
CA PRO G 240 48.95 53.50 -31.02
C PRO G 240 47.79 52.58 -30.70
N TYR G 241 47.16 52.82 -29.55
CA TYR G 241 46.00 52.01 -29.19
C TYR G 241 44.85 52.29 -30.14
N GLY G 242 43.99 51.29 -30.31
CA GLY G 242 42.71 51.54 -30.93
C GLY G 242 41.73 52.17 -29.96
N ALA G 243 40.75 52.88 -30.53
CA ALA G 243 39.69 53.49 -29.73
C ALA G 243 38.37 52.75 -29.92
N ARG G 244 37.62 52.60 -28.80
CA ARG G 244 36.26 52.09 -28.79
C ARG G 244 35.48 52.81 -27.68
N TYR G 245 34.26 53.28 -27.98
CA TYR G 245 33.42 53.84 -26.91
C TYR G 245 31.97 53.61 -27.30
N VAL G 246 31.38 52.53 -26.79
CA VAL G 246 29.99 52.24 -27.11
C VAL G 246 29.06 53.29 -26.51
N GLY G 247 29.39 53.80 -25.32
CA GLY G 247 28.51 54.71 -24.62
C GLY G 247 27.58 54.01 -23.63
N SER G 248 27.65 52.68 -23.53
CA SER G 248 27.02 51.91 -22.48
C SER G 248 28.14 51.31 -21.65
N MET G 249 28.16 51.68 -20.37
CA MET G 249 29.24 51.24 -19.49
C MET G 249 29.39 49.73 -19.50
N VAL G 250 28.27 48.99 -19.48
CA VAL G 250 28.35 47.54 -19.41
C VAL G 250 29.05 47.00 -20.65
N ALA G 251 28.69 47.52 -21.82
CA ALA G 251 29.30 47.06 -23.05
C ALA G 251 30.79 47.40 -23.09
N ASP G 252 31.16 48.64 -22.74
CA ASP G 252 32.57 49.02 -22.79
C ASP G 252 33.37 48.27 -21.73
N VAL G 253 32.82 48.12 -20.52
CA VAL G 253 33.53 47.41 -19.47
C VAL G 253 33.69 45.93 -19.83
N HIS G 254 32.65 45.33 -20.42
CA HIS G 254 32.77 43.93 -20.78
C HIS G 254 33.81 43.70 -21.86
N ARG G 255 33.82 44.54 -22.90
CA ARG G 255 34.89 44.44 -23.89
C ARG G 255 36.25 44.60 -23.24
N THR G 256 36.38 45.53 -22.30
CA THR G 256 37.64 45.70 -21.61
C THR G 256 38.06 44.40 -20.92
N LEU G 257 37.11 43.72 -20.27
CA LEU G 257 37.40 42.47 -19.59
C LEU G 257 37.93 41.42 -20.58
N VAL G 258 37.22 41.22 -21.69
CA VAL G 258 37.52 40.09 -22.56
C VAL G 258 38.57 40.39 -23.62
N TYR G 259 38.79 41.66 -23.96
CA TYR G 259 39.83 42.00 -24.92
C TYR G 259 41.05 42.66 -24.30
N GLY G 260 40.94 43.15 -23.06
CA GLY G 260 42.01 43.93 -22.47
C GLY G 260 41.94 45.39 -22.86
N GLY G 261 42.75 46.20 -22.18
CA GLY G 261 42.77 47.64 -22.41
C GLY G 261 42.26 48.45 -21.23
N ILE G 262 41.75 49.65 -21.49
CA ILE G 262 41.38 50.58 -20.43
C ILE G 262 40.08 51.28 -20.80
N PHE G 263 39.24 51.51 -19.79
CA PHE G 263 38.02 52.29 -19.88
C PHE G 263 38.08 53.40 -18.85
N LEU G 264 37.75 54.62 -19.25
CA LEU G 264 37.87 55.75 -18.34
C LEU G 264 36.59 56.58 -18.38
N TYR G 265 36.11 56.97 -17.21
CA TYR G 265 35.21 58.11 -17.09
C TYR G 265 35.75 58.94 -15.95
N PRO G 266 36.80 59.71 -16.22
CA PRO G 266 37.41 60.51 -15.16
C PRO G 266 36.54 61.71 -14.81
N ALA G 267 36.89 62.35 -13.72
CA ALA G 267 36.34 63.67 -13.46
C ALA G 267 36.78 64.64 -14.55
N ASN G 268 35.93 65.63 -14.82
CA ASN G 268 36.30 66.72 -15.72
C ASN G 268 35.63 67.99 -15.22
N GLN G 269 35.98 69.11 -15.84
CA GLN G 269 35.48 70.42 -15.39
C GLN G 269 33.96 70.46 -15.30
N LYS G 270 33.27 69.83 -16.24
CA LYS G 270 31.82 69.85 -16.20
C LYS G 270 31.22 68.78 -15.29
N SER G 271 31.95 67.70 -15.00
CA SER G 271 31.50 66.67 -14.05
C SER G 271 32.60 66.45 -13.01
N PRO G 272 32.77 67.39 -12.08
CA PRO G 272 33.96 67.38 -11.21
C PRO G 272 34.04 66.24 -10.22
N LYS G 273 32.95 65.51 -10.00
CA LYS G 273 32.96 64.30 -9.19
C LYS G 273 32.85 63.05 -10.05
N GLY G 274 33.07 63.18 -11.36
CA GLY G 274 32.79 62.11 -12.29
C GLY G 274 31.31 62.06 -12.66
N LYS G 275 30.97 61.13 -13.54
CA LYS G 275 29.57 60.91 -13.87
C LYS G 275 29.01 59.64 -13.26
N LEU G 276 29.76 58.55 -13.30
CA LEU G 276 29.21 57.24 -12.97
C LEU G 276 28.98 57.09 -11.46
N ARG G 277 28.00 56.24 -11.11
CA ARG G 277 27.53 56.07 -9.74
C ARG G 277 28.31 54.97 -9.01
N LEU G 278 28.73 55.27 -7.77
CA LEU G 278 29.59 54.38 -7.02
C LEU G 278 28.88 53.06 -6.66
N LEU G 279 27.64 53.17 -6.17
CA LEU G 279 26.99 52.02 -5.55
C LEU G 279 26.64 50.94 -6.58
N TYR G 280 25.97 51.32 -7.66
CA TYR G 280 25.37 50.36 -8.58
C TYR G 280 25.94 50.46 -9.99
N GLU G 281 27.00 51.25 -10.20
CA GLU G 281 27.73 51.21 -11.46
C GLU G 281 29.21 50.89 -11.23
N CYS G 282 29.94 51.72 -10.47
CA CYS G 282 31.39 51.59 -10.38
C CYS G 282 31.83 50.44 -9.48
N ASN G 283 31.25 50.32 -8.28
CA ASN G 283 31.62 49.20 -7.41
C ASN G 283 31.36 47.85 -8.07
N PRO G 284 30.20 47.58 -8.68
CA PRO G 284 30.01 46.26 -9.29
C PRO G 284 31.02 45.91 -10.37
N VAL G 285 31.31 46.82 -11.30
CA VAL G 285 32.27 46.50 -12.35
C VAL G 285 33.70 46.56 -11.82
N ALA G 286 33.97 47.39 -10.82
CA ALA G 286 35.28 47.36 -10.18
C ALA G 286 35.53 45.98 -9.56
N TYR G 287 34.52 45.47 -8.86
CA TYR G 287 34.60 44.15 -8.29
C TYR G 287 34.90 43.10 -9.36
N ILE G 288 34.14 43.13 -10.47
CA ILE G 288 34.36 42.16 -11.54
C ILE G 288 35.77 42.26 -12.10
N ILE G 289 36.21 43.49 -12.43
CA ILE G 289 37.50 43.68 -13.09
C ILE G 289 38.64 43.26 -12.16
N GLU G 290 38.55 43.58 -10.88
CA GLU G 290 39.61 43.17 -9.97
C GLU G 290 39.61 41.65 -9.78
N GLN G 291 38.42 41.04 -9.65
CA GLN G 291 38.34 39.59 -9.52
C GLN G 291 39.00 38.89 -10.70
N ALA G 292 39.01 39.54 -11.85
CA ALA G 292 39.64 39.05 -13.06
C ALA G 292 41.10 39.47 -13.18
N GLY G 293 41.66 40.10 -12.15
CA GLY G 293 43.07 40.45 -12.13
C GLY G 293 43.41 41.81 -12.70
N GLY G 294 42.43 42.70 -12.85
CA GLY G 294 42.66 44.06 -13.27
C GLY G 294 42.59 45.04 -12.12
N LEU G 295 42.68 46.31 -12.46
CA LEU G 295 42.66 47.39 -11.49
C LEU G 295 41.50 48.33 -11.77
N ALA G 296 40.97 48.95 -10.73
CA ALA G 296 39.89 49.91 -10.85
C ALA G 296 40.11 51.04 -9.84
N THR G 297 40.36 52.25 -10.35
CA THR G 297 40.71 53.38 -9.52
C THR G 297 39.83 54.57 -9.85
N THR G 298 39.68 55.45 -8.86
CA THR G 298 39.13 56.78 -9.07
C THR G 298 40.19 57.76 -9.50
N GLY G 299 41.44 57.33 -9.55
CA GLY G 299 42.54 58.25 -9.73
C GLY G 299 43.23 58.65 -8.43
N THR G 300 42.57 58.46 -7.29
CA THR G 300 43.22 58.69 -6.02
C THR G 300 43.20 57.49 -5.09
N GLN G 301 42.31 56.52 -5.31
CA GLN G 301 42.23 55.32 -4.49
C GLN G 301 41.50 54.25 -5.28
N PRO G 302 41.61 52.98 -4.88
CA PRO G 302 40.80 51.94 -5.51
C PRO G 302 39.30 52.23 -5.34
N VAL G 303 38.52 51.96 -6.39
CA VAL G 303 37.07 52.18 -6.31
C VAL G 303 36.48 51.42 -5.13
N LEU G 304 36.90 50.17 -4.95
CA LEU G 304 36.32 49.33 -3.92
C LEU G 304 36.63 49.81 -2.50
N ASP G 305 37.60 50.72 -2.33
CA ASP G 305 37.97 51.25 -1.02
C ASP G 305 37.29 52.56 -0.68
N VAL G 306 36.58 53.19 -1.61
CA VAL G 306 35.90 54.45 -1.33
C VAL G 306 34.78 54.21 -0.34
N LYS G 307 34.72 55.02 0.72
CA LYS G 307 33.61 54.90 1.65
C LYS G 307 32.41 55.68 1.13
N PRO G 308 31.31 55.01 0.79
CA PRO G 308 30.15 55.72 0.25
C PRO G 308 29.57 56.69 1.26
N GLU G 309 29.06 57.80 0.75
CA GLU G 309 28.43 58.79 1.60
C GLU G 309 26.97 59.04 1.30
N ALA G 310 26.54 58.81 0.06
CA ALA G 310 25.14 58.90 -0.31
C ALA G 310 24.85 57.84 -1.37
N ILE G 311 23.59 57.40 -1.43
CA ILE G 311 23.30 56.26 -2.29
C ILE G 311 23.53 56.59 -3.76
N HIS G 312 23.40 57.85 -4.15
CA HIS G 312 23.60 58.26 -5.54
C HIS G 312 24.90 59.03 -5.75
N GLN G 313 25.89 58.78 -4.90
CA GLN G 313 27.19 59.40 -5.04
C GLN G 313 27.83 59.05 -6.38
N ARG G 314 28.43 60.06 -7.02
CA ARG G 314 29.21 59.84 -8.23
C ARG G 314 30.67 59.69 -7.86
N VAL G 315 31.43 59.07 -8.75
CA VAL G 315 32.85 58.86 -8.49
C VAL G 315 33.55 58.73 -9.85
N PRO G 316 34.79 59.19 -9.99
CA PRO G 316 35.54 58.91 -11.21
C PRO G 316 35.87 57.43 -11.30
N LEU G 317 36.00 56.94 -12.54
CA LEU G 317 36.23 55.53 -12.78
C LEU G 317 37.26 55.34 -13.87
N ILE G 318 38.35 54.63 -13.54
CA ILE G 318 39.37 54.18 -14.49
C ILE G 318 39.66 52.71 -14.19
N LEU G 319 39.41 51.83 -15.16
CA LEU G 319 39.59 50.39 -14.91
C LEU G 319 40.06 49.69 -16.17
N GLY G 320 40.54 48.46 -15.98
CA GLY G 320 40.96 47.63 -17.09
C GLY G 320 42.20 46.80 -16.81
N SER G 321 43.00 46.57 -17.83
CA SER G 321 44.26 45.84 -17.70
C SER G 321 45.17 46.49 -16.67
N PRO G 322 45.83 45.71 -15.80
CA PRO G 322 46.58 46.32 -14.69
C PRO G 322 47.69 47.24 -15.16
N GLU G 323 48.44 46.87 -16.19
CA GLU G 323 49.52 47.73 -16.64
C GLU G 323 49.00 49.03 -17.23
N ASP G 324 47.82 49.01 -17.87
CA ASP G 324 47.27 50.23 -18.44
C ASP G 324 46.77 51.17 -17.36
N VAL G 325 46.04 50.65 -16.36
CA VAL G 325 45.56 51.49 -15.28
C VAL G 325 46.74 52.07 -14.51
N GLN G 326 47.81 51.28 -14.35
CA GLN G 326 49.00 51.76 -13.66
C GLN G 326 49.67 52.91 -14.41
N GLU G 327 49.76 52.81 -15.75
CA GLU G 327 50.29 53.93 -16.53
C GLU G 327 49.44 55.19 -16.37
N TYR G 328 48.12 55.03 -16.23
CA TYR G 328 47.26 56.20 -16.00
C TYR G 328 47.56 56.82 -14.64
N LEU G 329 47.68 55.97 -13.61
CA LEU G 329 47.99 56.44 -12.27
C LEU G 329 49.34 57.16 -12.25
N THR G 330 50.30 56.66 -13.04
CA THR G 330 51.59 57.33 -13.14
C THR G 330 51.45 58.73 -13.73
N CYS G 331 50.58 58.90 -14.74
CA CYS G 331 50.30 60.25 -15.22
C CYS G 331 49.65 61.11 -14.16
N VAL G 332 48.79 60.52 -13.33
CA VAL G 332 48.11 61.32 -12.32
C VAL G 332 49.13 61.92 -11.35
N GLN G 333 50.06 61.10 -10.81
CA GLN G 333 51.04 61.61 -9.84
C GLN G 333 51.96 62.65 -10.48
N LYS G 334 52.34 62.44 -11.74
CA LYS G 334 53.26 63.34 -12.42
C LYS G 334 52.70 64.75 -12.57
N ASN G 335 51.38 64.90 -12.59
CA ASN G 335 50.73 66.19 -12.79
C ASN G 335 50.13 66.77 -11.51
N GLN G 336 50.64 66.32 -10.35
CA GLN G 336 50.25 66.76 -8.98
C GLN G 336 48.93 66.18 -8.49
N THR H 9 -2.49 53.94 -38.08
CA THR H 9 -2.82 53.04 -39.17
C THR H 9 -2.96 51.59 -38.68
N ASP H 10 -2.80 50.67 -39.62
CA ASP H 10 -2.86 49.23 -39.43
C ASP H 10 -1.49 48.70 -39.01
N MET H 11 -1.47 47.51 -38.43
CA MET H 11 -0.20 46.87 -38.14
C MET H 11 0.32 46.21 -39.41
N LEU H 12 1.47 46.66 -39.86
CA LEU H 12 2.05 46.22 -41.12
C LEU H 12 3.38 45.52 -40.86
N THR H 13 3.55 44.35 -41.45
CA THR H 13 4.81 43.65 -41.49
C THR H 13 5.58 44.05 -42.74
N LEU H 14 6.89 43.74 -42.75
CA LEU H 14 7.74 44.19 -43.85
C LEU H 14 7.27 43.61 -45.20
N THR H 15 7.01 42.30 -45.25
CA THR H 15 6.66 41.66 -46.53
C THR H 15 5.28 42.07 -47.03
N ARG H 16 4.34 42.31 -46.12
CA ARG H 16 3.07 42.90 -46.51
C ARG H 16 3.27 44.31 -47.06
N TYR H 17 4.06 45.12 -46.36
CA TYR H 17 4.35 46.48 -46.78
C TYR H 17 5.01 46.49 -48.16
N VAL H 18 5.96 45.57 -48.39
CA VAL H 18 6.59 45.55 -49.69
C VAL H 18 5.61 45.10 -50.77
N MET H 19 4.81 44.06 -50.48
CA MET H 19 3.84 43.56 -51.47
C MET H 19 2.89 44.66 -51.94
N GLU H 20 2.36 45.47 -51.01
CA GLU H 20 1.47 46.55 -51.39
C GLU H 20 2.14 47.53 -52.35
N LYS H 21 3.41 47.89 -52.08
CA LYS H 21 4.11 48.81 -52.99
C LYS H 21 4.39 48.16 -54.34
N GLY H 22 4.82 46.91 -54.35
CA GLY H 22 5.05 46.22 -55.60
C GLY H 22 3.78 45.98 -56.40
N ARG H 23 2.64 45.85 -55.72
CA ARG H 23 1.37 45.70 -56.41
C ARG H 23 0.94 47.00 -57.06
N GLN H 24 0.97 48.10 -56.30
CA GLN H 24 0.52 49.38 -56.81
C GLN H 24 1.38 49.85 -57.98
N ALA H 25 2.66 49.45 -58.01
CA ALA H 25 3.53 49.68 -59.14
C ALA H 25 3.42 48.62 -60.22
N LYS H 26 2.64 47.57 -59.97
CA LYS H 26 2.35 46.51 -60.94
C LYS H 26 3.63 45.92 -61.51
N GLY H 27 4.64 45.74 -60.66
CA GLY H 27 5.88 45.09 -61.05
C GLY H 27 5.73 43.58 -61.14
N THR H 28 6.79 42.93 -61.60
CA THR H 28 6.75 41.50 -61.82
C THR H 28 6.67 40.67 -60.54
N GLY H 29 7.03 41.25 -59.39
CA GLY H 29 7.12 40.48 -58.16
C GLY H 29 8.51 40.00 -57.81
N GLU H 30 9.47 40.18 -58.73
CA GLU H 30 10.80 39.59 -58.56
C GLU H 30 11.57 40.27 -57.44
N LEU H 31 11.41 41.59 -57.29
CA LEU H 31 12.06 42.28 -56.19
C LEU H 31 11.48 41.85 -54.85
N THR H 32 10.15 41.80 -54.75
CA THR H 32 9.49 41.36 -53.53
C THR H 32 9.97 39.96 -53.14
N GLN H 33 10.15 39.10 -54.13
CA GLN H 33 10.59 37.76 -53.83
C GLN H 33 12.02 37.76 -53.32
N LEU H 34 12.85 38.61 -53.91
CA LEU H 34 14.21 38.74 -53.44
C LEU H 34 14.23 39.26 -52.01
N LEU H 35 13.49 40.36 -51.75
CA LEU H 35 13.51 40.93 -50.42
C LEU H 35 13.01 39.94 -49.38
N ASN H 36 11.93 39.21 -49.72
CA ASN H 36 11.41 38.22 -48.81
C ASN H 36 12.44 37.15 -48.49
N SER H 37 13.20 36.71 -49.50
CA SER H 37 14.26 35.74 -49.24
C SER H 37 15.38 36.35 -48.41
N MET H 38 15.72 37.62 -48.65
CA MET H 38 16.78 38.26 -47.88
C MET H 38 16.40 38.35 -46.40
N LEU H 39 15.15 38.74 -46.12
CA LEU H 39 14.69 38.87 -44.75
C LEU H 39 14.64 37.52 -44.03
N THR H 40 14.39 36.44 -44.76
CA THR H 40 14.43 35.12 -44.16
C THR H 40 15.83 34.79 -43.68
N ALA H 41 16.84 35.13 -44.48
CA ALA H 41 18.22 34.92 -44.05
C ALA H 41 18.54 35.77 -42.83
N ILE H 42 18.04 36.99 -42.80
CA ILE H 42 18.31 37.89 -41.70
C ILE H 42 17.70 37.34 -40.42
N LYS H 43 16.48 36.81 -40.49
CA LYS H 43 15.87 36.20 -39.31
C LYS H 43 16.71 35.03 -38.81
N ALA H 44 17.20 34.18 -39.72
CA ALA H 44 18.03 33.07 -39.28
C ALA H 44 19.37 33.56 -38.73
N ILE H 45 19.93 34.62 -39.32
CA ILE H 45 21.17 35.17 -38.80
C ILE H 45 20.96 35.72 -37.40
N SER H 46 19.88 36.50 -37.21
CA SER H 46 19.58 37.04 -35.89
C SER H 46 19.46 35.93 -34.86
N SER H 47 18.76 34.85 -35.21
CA SER H 47 18.58 33.75 -34.27
C SER H 47 19.92 33.09 -33.92
N ALA H 48 20.79 32.91 -34.91
CA ALA H 48 22.11 32.33 -34.63
C ALA H 48 22.99 33.30 -33.83
N VAL H 49 22.90 34.61 -34.13
CA VAL H 49 23.68 35.60 -33.39
C VAL H 49 23.27 35.63 -31.93
N ARG H 50 21.97 35.53 -31.63
CA ARG H 50 21.51 35.50 -30.24
C ARG H 50 21.80 34.17 -29.54
N LYS H 51 22.45 33.21 -30.24
CA LYS H 51 22.96 31.97 -29.66
C LYS H 51 21.88 30.93 -29.36
N ALA H 52 20.78 30.91 -30.09
CA ALA H 52 19.84 29.78 -29.95
C ALA H 52 20.58 28.48 -30.23
N GLY H 53 20.36 27.49 -29.37
CA GLY H 53 20.97 26.18 -29.48
C GLY H 53 22.34 26.03 -28.86
N LEU H 54 22.86 27.08 -28.21
CA LEU H 54 24.19 27.02 -27.59
C LEU H 54 24.29 25.91 -26.56
N ALA H 55 23.20 25.60 -25.85
CA ALA H 55 23.24 24.52 -24.86
C ALA H 55 23.62 23.19 -25.51
N HIS H 56 23.24 22.98 -26.78
CA HIS H 56 23.65 21.75 -27.46
C HIS H 56 25.12 21.77 -27.84
N LEU H 57 25.69 22.95 -28.10
CA LEU H 57 27.14 23.00 -28.30
C LEU H 57 27.90 22.68 -27.02
N TYR H 58 27.34 22.98 -25.86
CA TYR H 58 28.02 22.77 -24.59
C TYR H 58 27.61 21.47 -23.88
N GLY H 59 26.98 20.54 -24.61
CA GLY H 59 26.80 19.18 -24.15
C GLY H 59 25.54 18.86 -23.37
N ILE H 60 24.44 19.58 -23.60
CA ILE H 60 23.22 19.32 -22.86
C ILE H 60 22.67 17.93 -23.16
N ALA H 61 22.88 17.44 -24.38
CA ALA H 61 22.44 16.11 -24.78
C ALA H 61 23.60 15.10 -24.81
N GLY H 62 24.75 15.48 -24.24
CA GLY H 62 25.90 14.61 -24.16
C GLY H 62 26.96 14.82 -25.23
N SER H 63 26.74 15.76 -26.15
CA SER H 63 27.67 16.07 -27.25
C SER H 63 28.20 17.49 -27.09
N VAL H 64 29.42 17.62 -26.56
CA VAL H 64 30.07 18.93 -26.47
C VAL H 64 30.72 19.25 -27.81
N ASN H 65 30.45 20.47 -28.31
CA ASN H 65 30.93 20.94 -29.59
C ASN H 65 31.11 22.45 -29.50
N VAL H 66 32.02 22.89 -28.62
CA VAL H 66 32.26 24.31 -28.42
C VAL H 66 33.01 24.87 -29.62
N THR H 67 32.56 26.02 -30.12
CA THR H 67 33.12 26.59 -31.34
C THR H 67 34.44 27.30 -31.05
N GLY H 68 35.40 27.15 -31.98
CA GLY H 68 36.76 27.61 -31.78
C GLY H 68 37.02 29.06 -32.15
N ASP H 69 36.65 29.45 -33.37
CA ASP H 69 36.66 30.85 -33.80
C ASP H 69 35.21 31.30 -33.92
N GLU H 70 34.75 32.10 -32.97
CA GLU H 70 33.34 32.52 -32.97
C GLU H 70 33.04 33.44 -34.13
N VAL H 71 34.02 34.20 -34.61
CA VAL H 71 33.77 35.05 -35.77
C VAL H 71 33.71 34.21 -37.04
N LYS H 72 34.46 33.09 -37.11
CA LYS H 72 34.48 32.28 -38.32
C LYS H 72 33.18 31.47 -38.49
N LYS H 73 32.79 30.70 -37.47
CA LYS H 73 31.53 29.97 -37.54
C LYS H 73 30.37 30.89 -37.90
N LEU H 74 30.31 32.07 -37.28
CA LEU H 74 29.20 32.98 -37.54
C LEU H 74 29.33 33.64 -38.90
N ASP H 75 30.56 33.95 -39.34
CA ASP H 75 30.75 34.55 -40.66
C ASP H 75 30.41 33.56 -41.77
N VAL H 76 30.74 32.29 -41.56
CA VAL H 76 30.45 31.26 -42.56
C VAL H 76 28.95 30.98 -42.62
N LEU H 77 28.30 30.87 -41.46
CA LEU H 77 26.88 30.55 -41.43
C LEU H 77 26.08 31.69 -42.05
N SER H 78 26.38 32.92 -41.65
CA SER H 78 25.76 34.12 -42.22
C SER H 78 25.86 34.12 -43.73
N ASN H 79 27.09 33.99 -44.24
CA ASN H 79 27.30 34.05 -45.67
C ASN H 79 26.50 32.95 -46.38
N SER H 80 26.52 31.73 -45.83
CA SER H 80 25.77 30.62 -46.43
C SER H 80 24.27 30.88 -46.40
N LEU H 81 23.76 31.44 -45.31
CA LEU H 81 22.35 31.78 -45.23
C LEU H 81 21.97 32.76 -46.32
N VAL H 82 22.72 33.85 -46.45
CA VAL H 82 22.39 34.86 -47.46
C VAL H 82 22.47 34.25 -48.85
N ILE H 83 23.55 33.52 -49.12
CA ILE H 83 23.75 33.00 -50.48
C ILE H 83 22.61 32.06 -50.84
N ASN H 84 22.30 31.12 -49.96
CA ASN H 84 21.29 30.12 -50.27
C ASN H 84 19.91 30.73 -50.40
N MET H 85 19.56 31.67 -49.51
CA MET H 85 18.24 32.28 -49.61
C MET H 85 18.12 33.13 -50.87
N LEU H 86 19.16 33.87 -51.22
CA LEU H 86 19.09 34.74 -52.40
C LEU H 86 19.08 33.91 -53.67
N GLN H 87 19.95 32.92 -53.77
CA GLN H 87 19.95 32.08 -54.96
C GLN H 87 18.60 31.39 -55.14
N SER H 88 18.03 30.86 -54.05
CA SER H 88 16.77 30.13 -54.12
C SER H 88 15.58 31.04 -54.40
N SER H 89 15.73 32.35 -54.31
CA SER H 89 14.62 33.25 -54.58
C SER H 89 14.27 33.29 -56.06
N TYR H 90 15.17 32.79 -56.91
CA TYR H 90 15.06 32.86 -58.36
C TYR H 90 15.07 34.30 -58.88
N SER H 91 15.63 35.22 -58.10
CA SER H 91 15.64 36.62 -58.48
C SER H 91 17.04 37.16 -58.80
N THR H 92 18.09 36.35 -58.66
CA THR H 92 19.46 36.87 -58.73
C THR H 92 20.23 36.25 -59.88
N CYS H 93 21.20 36.99 -60.38
CA CYS H 93 22.17 36.48 -61.34
C CYS H 93 23.62 36.58 -60.87
N VAL H 94 23.98 37.61 -60.09
CA VAL H 94 25.34 37.81 -59.60
C VAL H 94 25.29 38.26 -58.15
N LEU H 95 26.09 37.62 -57.30
CA LEU H 95 26.23 38.02 -55.91
C LEU H 95 27.68 38.38 -55.65
N VAL H 96 27.89 39.46 -54.89
CA VAL H 96 29.19 39.84 -54.38
C VAL H 96 29.10 39.86 -52.88
N SER H 97 29.97 39.10 -52.22
CA SER H 97 29.99 39.02 -50.77
C SER H 97 31.34 39.43 -50.21
N GLU H 98 31.30 40.09 -49.06
CA GLU H 98 32.52 40.34 -48.29
C GLU H 98 33.33 39.08 -48.06
N GLU H 99 32.68 37.91 -48.05
CA GLU H 99 33.32 36.66 -47.67
C GLU H 99 33.88 35.87 -48.85
N ASN H 100 33.64 36.30 -50.09
CA ASN H 100 34.05 35.53 -51.26
C ASN H 100 34.97 36.36 -52.14
N LYS H 101 36.10 35.78 -52.51
CA LYS H 101 37.11 36.45 -53.33
C LYS H 101 36.54 36.85 -54.68
N ASP H 102 35.83 35.95 -55.33
CA ASP H 102 35.24 36.17 -56.65
C ASP H 102 33.73 36.36 -56.53
N ALA H 103 33.15 36.99 -57.55
CA ALA H 103 31.70 37.08 -57.62
C ALA H 103 31.07 35.70 -57.75
N ILE H 104 29.84 35.58 -57.28
CA ILE H 104 29.12 34.31 -57.29
C ILE H 104 28.03 34.41 -58.34
N ILE H 105 28.14 33.64 -59.42
CA ILE H 105 27.17 33.71 -60.50
C ILE H 105 26.08 32.68 -60.22
N THR H 106 24.83 33.14 -60.19
CA THR H 106 23.72 32.22 -59.96
C THR H 106 23.64 31.20 -61.10
N ALA H 107 23.35 29.95 -60.74
CA ALA H 107 23.18 28.90 -61.73
C ALA H 107 22.08 29.26 -62.71
N LYS H 108 22.24 28.76 -63.94
CA LYS H 108 21.38 29.19 -65.04
C LYS H 108 19.91 28.98 -64.72
N GLU H 109 19.56 27.84 -64.12
CA GLU H 109 18.13 27.55 -63.90
C GLU H 109 17.52 28.39 -62.80
N LYS H 110 18.31 29.07 -61.98
CA LYS H 110 17.79 29.91 -60.90
C LYS H 110 17.98 31.39 -61.18
N ARG H 111 18.40 31.76 -62.38
CA ARG H 111 18.76 33.13 -62.69
C ARG H 111 17.56 34.07 -62.66
N GLY H 112 17.74 35.21 -62.03
CA GLY H 112 16.80 36.30 -62.09
C GLY H 112 17.54 37.55 -62.55
N LYS H 113 16.93 38.72 -62.42
CA LYS H 113 17.46 39.92 -63.06
C LYS H 113 18.25 40.84 -62.11
N TYR H 114 18.48 40.46 -60.85
CA TYR H 114 19.05 41.37 -59.88
C TYR H 114 20.44 40.94 -59.41
N VAL H 115 21.27 41.94 -59.11
CA VAL H 115 22.59 41.78 -58.52
C VAL H 115 22.51 42.23 -57.08
N VAL H 116 23.11 41.47 -56.16
CA VAL H 116 23.10 41.86 -54.74
C VAL H 116 24.53 41.86 -54.23
N CYS H 117 24.95 42.99 -53.66
CA CYS H 117 26.24 43.11 -52.98
C CYS H 117 25.97 43.18 -51.49
N PHE H 118 26.65 42.32 -50.72
CA PHE H 118 26.32 42.26 -49.30
C PHE H 118 27.52 41.91 -48.45
N ASP H 119 27.50 42.43 -47.23
CA ASP H 119 28.33 41.93 -46.15
C ASP H 119 27.44 41.13 -45.21
N PRO H 120 27.59 39.81 -45.13
CA PRO H 120 26.63 39.02 -44.33
C PRO H 120 26.73 39.29 -42.84
N LEU H 121 27.91 39.61 -42.32
CA LEU H 121 28.04 39.88 -40.88
C LEU H 121 29.10 40.98 -40.69
N ASP H 122 28.62 42.21 -40.67
CA ASP H 122 29.47 43.37 -40.43
C ASP H 122 29.81 43.56 -38.96
N GLY H 123 31.03 44.02 -38.69
CA GLY H 123 31.45 44.34 -37.34
C GLY H 123 32.03 43.13 -36.65
N SER H 124 32.87 42.40 -37.37
CA SER H 124 33.32 41.09 -36.90
C SER H 124 34.17 41.19 -35.65
N SER H 125 34.91 42.29 -35.46
CA SER H 125 35.69 42.47 -34.25
C SER H 125 34.82 42.64 -33.01
N ASN H 126 33.51 42.81 -33.16
CA ASN H 126 32.60 42.94 -32.03
C ASN H 126 31.89 41.65 -31.67
N ILE H 127 32.16 40.55 -32.38
CA ILE H 127 31.43 39.30 -32.15
C ILE H 127 31.76 38.72 -30.77
N ASP H 128 33.05 38.66 -30.43
CA ASP H 128 33.45 37.99 -29.19
C ASP H 128 33.08 38.77 -27.92
N CYS H 129 32.90 40.09 -28.01
CA CYS H 129 32.48 40.88 -26.85
C CYS H 129 31.00 41.22 -26.89
N LEU H 130 30.25 40.70 -27.87
CA LEU H 130 28.79 40.78 -27.92
C LEU H 130 28.28 42.19 -28.19
N ALA H 131 29.08 43.03 -28.82
CA ALA H 131 28.56 44.31 -29.26
C ALA H 131 27.74 44.14 -30.55
N SER H 132 27.07 45.22 -30.95
CA SER H 132 26.15 45.14 -32.08
C SER H 132 26.91 44.77 -33.35
N ILE H 133 26.27 43.98 -34.19
CA ILE H 133 26.79 43.60 -35.49
C ILE H 133 25.61 43.64 -36.46
N GLY H 134 25.89 43.42 -37.74
CA GLY H 134 24.83 43.68 -38.69
C GLY H 134 25.07 43.01 -40.03
N THR H 135 24.11 43.22 -40.93
CA THR H 135 24.12 42.70 -42.29
C THR H 135 23.80 43.86 -43.22
N ILE H 136 24.55 44.00 -44.30
CA ILE H 136 24.40 45.14 -45.21
C ILE H 136 24.21 44.62 -46.62
N PHE H 137 23.35 45.29 -47.39
CA PHE H 137 23.10 44.83 -48.75
C PHE H 137 22.67 45.98 -49.64
N ALA H 138 23.01 45.87 -50.93
CA ALA H 138 22.57 46.80 -51.95
C ALA H 138 22.19 45.97 -53.16
N ILE H 139 21.08 46.35 -53.80
CA ILE H 139 20.49 45.57 -54.89
C ILE H 139 20.51 46.41 -56.16
N TYR H 140 21.03 45.82 -57.23
CA TYR H 140 21.05 46.43 -58.55
C TYR H 140 20.34 45.55 -59.57
N ARG H 141 19.79 46.18 -60.61
CA ARG H 141 19.33 45.44 -61.78
C ARG H 141 20.50 45.19 -62.72
N LYS H 142 20.62 43.96 -63.23
CA LYS H 142 21.59 43.70 -64.28
C LYS H 142 21.24 44.56 -65.49
N THR H 143 22.22 45.31 -65.97
CA THR H 143 21.99 46.18 -67.12
C THR H 143 22.69 45.71 -68.38
N SER H 144 23.79 44.97 -68.24
CA SER H 144 24.46 44.45 -69.41
C SER H 144 23.59 43.40 -70.11
N GLU H 145 23.75 43.32 -71.42
CA GLU H 145 23.06 42.32 -72.22
C GLU H 145 23.81 41.00 -72.27
N ASP H 146 25.07 40.98 -71.83
CA ASP H 146 25.93 39.82 -71.95
C ASP H 146 25.60 38.71 -70.97
N GLU H 147 26.56 37.80 -70.76
CA GLU H 147 26.45 36.79 -69.73
C GLU H 147 26.65 37.45 -68.37
N PRO H 148 25.98 36.95 -67.33
CA PRO H 148 26.24 37.46 -65.98
C PRO H 148 27.71 37.31 -65.61
N SER H 149 28.30 38.39 -65.12
CA SER H 149 29.67 38.38 -64.64
C SER H 149 29.81 39.43 -63.55
N GLU H 150 31.00 39.49 -62.95
CA GLU H 150 31.24 40.44 -61.87
C GLU H 150 31.16 41.89 -62.33
N LYS H 151 31.25 42.16 -63.63
CA LYS H 151 31.09 43.54 -64.09
C LYS H 151 29.69 44.08 -63.80
N ASP H 152 28.70 43.20 -63.66
CA ASP H 152 27.35 43.65 -63.34
C ASP H 152 27.26 44.24 -61.93
N ALA H 153 28.19 43.88 -61.04
CA ALA H 153 28.25 44.41 -59.68
C ALA H 153 29.06 45.69 -59.56
N LEU H 154 29.71 46.15 -60.64
CA LEU H 154 30.51 47.37 -60.59
C LEU H 154 29.74 48.60 -61.03
N GLN H 155 28.44 48.65 -60.81
CA GLN H 155 27.66 49.85 -61.06
C GLN H 155 27.82 50.81 -59.89
N CYS H 156 27.74 52.09 -60.18
CA CYS H 156 27.89 53.00 -59.06
C CYS H 156 26.57 53.13 -58.29
N GLY H 157 26.69 53.62 -57.05
CA GLY H 157 25.57 53.59 -56.12
C GLY H 157 24.34 54.34 -56.58
N ARG H 158 24.48 55.27 -57.54
CA ARG H 158 23.31 55.95 -58.08
C ARG H 158 22.32 54.98 -58.74
N ASN H 159 22.75 53.79 -59.14
CA ASN H 159 21.86 52.82 -59.79
C ASN H 159 21.23 51.83 -58.81
N ILE H 160 21.31 52.08 -57.49
CA ILE H 160 20.76 51.15 -56.52
C ILE H 160 19.25 51.07 -56.70
N VAL H 161 18.74 49.84 -56.78
CA VAL H 161 17.29 49.64 -56.79
C VAL H 161 16.74 49.65 -55.37
N ALA H 162 17.37 48.87 -54.48
CA ALA H 162 17.03 48.87 -53.07
C ALA H 162 18.28 48.54 -52.26
N ALA H 163 18.35 49.10 -51.05
CA ALA H 163 19.46 48.82 -50.16
C ALA H 163 18.99 48.93 -48.72
N GLY H 164 19.74 48.31 -47.81
CA GLY H 164 19.39 48.41 -46.42
C GLY H 164 20.38 47.67 -45.54
N TYR H 165 20.03 47.61 -44.27
CA TYR H 165 20.86 46.89 -43.34
C TYR H 165 19.98 46.27 -42.28
N ALA H 166 20.51 45.22 -41.68
CA ALA H 166 19.97 44.64 -40.46
C ALA H 166 20.94 44.97 -39.33
N LEU H 167 20.42 45.43 -38.22
CA LEU H 167 21.19 45.68 -37.01
C LEU H 167 20.80 44.65 -35.95
N TYR H 168 21.78 43.84 -35.54
CA TYR H 168 21.61 42.89 -34.43
C TYR H 168 22.18 43.54 -33.16
N GLY H 169 21.39 44.45 -32.58
CA GLY H 169 21.76 45.17 -31.38
C GLY H 169 20.98 44.73 -30.15
N SER H 170 20.54 45.68 -29.30
CA SER H 170 19.72 45.28 -28.17
C SER H 170 18.42 44.62 -28.63
N ALA H 171 17.92 45.05 -29.78
CA ALA H 171 16.90 44.33 -30.55
C ALA H 171 17.36 44.29 -31.99
N THR H 172 16.63 43.55 -32.82
CA THR H 172 16.98 43.43 -34.22
C THR H 172 16.11 44.35 -35.05
N LEU H 173 16.76 45.21 -35.85
CA LEU H 173 16.10 46.20 -36.69
C LEU H 173 16.57 46.07 -38.14
N VAL H 174 15.67 46.38 -39.08
CA VAL H 174 16.07 46.52 -40.46
C VAL H 174 15.71 47.92 -40.96
N ALA H 175 16.67 48.58 -41.61
CA ALA H 175 16.43 49.80 -42.35
C ALA H 175 16.42 49.46 -43.83
N LEU H 176 15.43 50.00 -44.55
CA LEU H 176 15.23 49.63 -45.95
C LEU H 176 14.79 50.84 -46.74
N SER H 177 15.38 51.00 -47.92
CA SER H 177 14.97 52.03 -48.87
C SER H 177 14.93 51.43 -50.26
N THR H 178 13.86 51.75 -50.99
CA THR H 178 13.72 51.45 -52.41
C THR H 178 13.75 52.72 -53.27
N GLY H 179 14.07 53.87 -52.68
CA GLY H 179 14.15 55.09 -53.43
C GLY H 179 13.21 56.19 -52.97
N GLN H 180 12.38 55.96 -51.95
CA GLN H 180 11.41 56.94 -51.48
C GLN H 180 11.60 57.22 -49.99
N GLY H 181 12.84 57.38 -49.56
CA GLY H 181 13.12 57.56 -48.14
C GLY H 181 13.49 56.23 -47.50
N VAL H 182 13.60 56.26 -46.17
CA VAL H 182 14.05 55.14 -45.35
C VAL H 182 12.94 54.71 -44.40
N ASP H 183 12.63 53.42 -44.38
CA ASP H 183 11.70 52.85 -43.43
C ASP H 183 12.45 51.93 -42.46
N LEU H 184 12.01 51.92 -41.20
CA LEU H 184 12.61 51.11 -40.15
C LEU H 184 11.62 50.04 -39.69
N PHE H 185 12.15 48.82 -39.48
CA PHE H 185 11.36 47.68 -39.04
C PHE H 185 12.08 47.00 -37.87
N MET H 186 11.31 46.58 -36.87
CA MET H 186 11.82 45.84 -35.72
C MET H 186 11.33 44.40 -35.78
N LEU H 187 12.23 43.45 -35.50
CA LEU H 187 11.83 42.05 -35.40
C LEU H 187 11.11 41.82 -34.07
N ASP H 188 9.84 41.38 -34.13
CA ASP H 188 9.16 40.90 -32.92
C ASP H 188 9.45 39.40 -32.81
N PRO H 189 10.34 39.00 -31.90
CA PRO H 189 10.78 37.60 -31.89
C PRO H 189 9.68 36.63 -31.52
N ALA H 190 8.65 37.08 -30.80
CA ALA H 190 7.50 36.26 -30.45
C ALA H 190 6.55 36.05 -31.64
N LEU H 191 6.55 37.00 -32.58
CA LEU H 191 5.78 36.87 -33.80
C LEU H 191 6.60 36.23 -34.92
N GLY H 192 7.92 36.46 -34.96
CA GLY H 192 8.73 35.98 -36.05
C GLY H 192 8.69 36.83 -37.31
N GLU H 193 8.25 38.09 -37.20
CA GLU H 193 8.15 38.95 -38.37
C GLU H 193 8.57 40.37 -38.01
N PHE H 194 9.03 41.10 -39.02
CA PHE H 194 9.42 42.48 -38.85
C PHE H 194 8.20 43.38 -38.91
N VAL H 195 8.05 44.24 -37.91
CA VAL H 195 6.96 45.21 -37.84
C VAL H 195 7.49 46.58 -38.23
N LEU H 196 6.77 47.26 -39.11
CA LEU H 196 7.10 48.64 -39.49
C LEU H 196 6.88 49.56 -38.30
N VAL H 197 7.94 50.25 -37.88
CA VAL H 197 7.86 51.13 -36.73
C VAL H 197 8.03 52.60 -37.11
N GLU H 198 8.66 52.90 -38.24
CA GLU H 198 8.82 54.30 -38.62
C GLU H 198 8.95 54.42 -40.12
N LYS H 199 8.12 55.29 -40.70
CA LYS H 199 8.07 55.53 -42.14
C LYS H 199 8.83 56.81 -42.47
N ASP H 200 9.63 56.77 -43.53
CA ASP H 200 10.29 57.98 -44.06
C ASP H 200 11.08 58.73 -42.98
N VAL H 201 12.10 58.05 -42.42
CA VAL H 201 12.94 58.64 -41.39
C VAL H 201 13.78 59.77 -41.97
N LYS H 202 13.91 60.85 -41.23
CA LYS H 202 14.70 62.00 -41.68
C LYS H 202 15.77 62.34 -40.65
N ILE H 203 17.02 62.38 -41.11
CA ILE H 203 18.15 62.71 -40.27
C ILE H 203 18.15 64.21 -39.94
N LYS H 204 18.66 64.56 -38.76
CA LYS H 204 18.84 65.96 -38.40
C LYS H 204 19.77 66.67 -39.38
N LYS H 205 19.49 67.96 -39.62
CA LYS H 205 20.37 68.74 -40.50
C LYS H 205 21.78 68.84 -39.91
N LYS H 206 21.88 69.00 -38.59
CA LYS H 206 23.13 69.10 -37.87
C LYS H 206 22.96 68.35 -36.56
N GLY H 207 23.95 67.52 -36.23
CA GLY H 207 23.94 66.74 -35.01
C GLY H 207 24.92 67.27 -33.97
N LYS H 208 25.11 66.45 -32.94
CA LYS H 208 26.03 66.80 -31.86
C LYS H 208 26.90 65.61 -31.46
N ILE H 209 27.06 64.62 -32.35
CA ILE H 209 27.89 63.45 -32.10
C ILE H 209 28.85 63.26 -33.28
N TYR H 210 30.11 63.02 -32.99
CA TYR H 210 31.09 62.66 -34.01
C TYR H 210 31.63 61.27 -33.67
N SER H 211 31.86 60.47 -34.71
CA SER H 211 32.09 59.05 -34.56
C SER H 211 33.22 58.64 -35.50
N LEU H 212 34.38 58.35 -34.93
CA LEU H 212 35.50 57.79 -35.69
C LEU H 212 36.48 57.19 -34.71
N ASN H 213 37.32 56.29 -35.21
CA ASN H 213 38.38 55.69 -34.41
C ASN H 213 39.53 56.67 -34.31
N GLU H 214 39.64 57.36 -33.16
CA GLU H 214 40.72 58.34 -32.99
C GLU H 214 42.08 57.70 -32.68
N GLY H 215 42.15 56.39 -32.50
CA GLY H 215 43.43 55.76 -32.40
C GLY H 215 44.29 55.87 -33.64
N TYR H 216 43.77 56.44 -34.73
CA TYR H 216 44.57 56.70 -35.92
C TYR H 216 44.98 58.16 -36.04
N ALA H 217 44.86 58.94 -34.96
CA ALA H 217 45.10 60.38 -35.03
C ALA H 217 46.48 60.68 -35.60
N LYS H 218 47.46 59.83 -35.27
CA LYS H 218 48.79 60.05 -35.79
C LYS H 218 48.90 59.76 -37.28
N TYR H 219 47.87 59.21 -37.91
CA TYR H 219 47.86 58.94 -39.34
C TYR H 219 46.89 59.82 -40.11
N PHE H 220 46.14 60.67 -39.43
CA PHE H 220 45.13 61.49 -40.09
C PHE H 220 45.79 62.52 -41.00
N ASP H 221 45.06 62.94 -42.03
CA ASP H 221 45.49 64.10 -42.76
C ASP H 221 45.13 65.35 -41.97
N ALA H 222 45.54 66.51 -42.49
CA ALA H 222 45.37 67.76 -41.74
C ALA H 222 43.91 68.13 -41.60
N ALA H 223 43.13 67.89 -42.65
CA ALA H 223 41.72 68.25 -42.61
C ALA H 223 40.99 67.44 -41.55
N THR H 224 41.27 66.14 -41.49
CA THR H 224 40.66 65.34 -40.45
C THR H 224 41.11 65.81 -39.09
N THR H 225 42.41 66.08 -38.94
CA THR H 225 42.93 66.57 -37.67
C THR H 225 42.23 67.85 -37.25
N GLU H 226 42.04 68.78 -38.20
CA GLU H 226 41.39 70.05 -37.86
C GLU H 226 39.92 69.85 -37.51
N TYR H 227 39.20 69.03 -38.29
CA TYR H 227 37.77 68.83 -38.04
C TYR H 227 37.51 68.19 -36.66
N VAL H 228 38.30 67.18 -36.29
CA VAL H 228 38.14 66.58 -34.96
C VAL H 228 38.42 67.61 -33.88
N GLN H 229 39.48 68.42 -34.05
CA GLN H 229 39.82 69.45 -33.08
C GLN H 229 38.69 70.47 -32.92
N LYS H 230 38.03 70.85 -34.03
CA LYS H 230 36.84 71.70 -33.99
C LYS H 230 35.68 71.06 -33.25
N LYS H 231 35.53 69.73 -33.33
CA LYS H 231 34.43 69.12 -32.59
C LYS H 231 34.69 69.19 -31.10
N LYS H 232 35.95 69.09 -30.68
CA LYS H 232 36.26 69.12 -29.26
C LYS H 232 36.40 70.54 -28.73
N PHE H 233 36.91 71.46 -29.53
CA PHE H 233 37.15 72.84 -29.08
C PHE H 233 36.47 73.82 -30.03
N PRO H 234 35.16 73.94 -29.95
CA PRO H 234 34.44 74.86 -30.85
C PRO H 234 34.89 76.31 -30.62
N GLU H 235 35.03 77.05 -31.72
CA GLU H 235 35.45 78.44 -31.66
C GLU H 235 34.29 79.41 -31.62
N ASP H 236 33.09 78.96 -31.26
CA ASP H 236 31.89 79.78 -31.39
C ASP H 236 30.94 79.56 -30.22
N GLY H 237 31.49 79.59 -29.01
CA GLY H 237 30.75 79.30 -27.79
C GLY H 237 29.81 78.10 -27.74
N SER H 238 29.60 77.38 -28.85
CA SER H 238 28.76 76.18 -28.76
C SER H 238 29.47 75.08 -27.98
N ALA H 239 28.69 74.16 -27.45
CA ALA H 239 29.26 73.05 -26.69
C ALA H 239 29.97 72.07 -27.61
N PRO H 240 31.06 71.45 -27.14
CA PRO H 240 31.74 70.43 -27.96
C PRO H 240 30.84 69.22 -28.19
N TYR H 241 31.07 68.53 -29.31
CA TYR H 241 30.31 67.33 -29.62
C TYR H 241 30.64 66.19 -28.67
N GLY H 242 29.66 65.31 -28.47
CA GLY H 242 29.94 64.04 -27.85
C GLY H 242 30.55 63.07 -28.84
N ALA H 243 31.34 62.13 -28.30
CA ALA H 243 31.97 61.09 -29.09
C ALA H 243 31.27 59.75 -28.81
N ARG H 244 31.09 58.96 -29.87
CA ARG H 244 30.64 57.58 -29.84
C ARG H 244 31.37 56.85 -30.95
N TYR H 245 31.84 55.64 -30.66
CA TYR H 245 32.41 54.79 -31.71
C TYR H 245 32.25 53.34 -31.28
N VAL H 246 31.16 52.71 -31.72
CA VAL H 246 30.91 51.32 -31.37
C VAL H 246 31.96 50.39 -31.97
N GLY H 247 32.47 50.71 -33.16
CA GLY H 247 33.36 49.81 -33.85
C GLY H 247 32.67 48.89 -34.84
N SER H 248 31.34 48.94 -34.93
CA SER H 248 30.58 48.28 -35.98
C SER H 248 29.91 49.34 -36.81
N MET H 249 30.26 49.36 -38.10
CA MET H 249 29.74 50.37 -39.01
C MET H 249 28.21 50.44 -38.97
N VAL H 250 27.53 49.29 -38.98
CA VAL H 250 26.08 49.31 -39.00
C VAL H 250 25.54 50.03 -37.78
N ALA H 251 26.11 49.74 -36.60
CA ALA H 251 25.67 50.38 -35.36
C ALA H 251 25.98 51.90 -35.37
N ASP H 252 27.18 52.28 -35.77
CA ASP H 252 27.50 53.70 -35.76
C ASP H 252 26.70 54.44 -36.82
N VAL H 253 26.52 53.83 -38.00
CA VAL H 253 25.76 54.48 -39.05
C VAL H 253 24.29 54.59 -38.66
N HIS H 254 23.73 53.54 -38.05
CA HIS H 254 22.33 53.62 -37.62
C HIS H 254 22.14 54.69 -36.55
N ARG H 255 23.04 54.75 -35.56
CA ARG H 255 22.96 55.82 -34.58
C ARG H 255 23.05 57.17 -35.26
N THR H 256 23.96 57.31 -36.23
CA THR H 256 24.03 58.56 -36.97
C THR H 256 22.68 58.87 -37.62
N LEU H 257 22.02 57.86 -38.20
CA LEU H 257 20.72 58.09 -38.82
C LEU H 257 19.71 58.62 -37.83
N VAL H 258 19.55 57.92 -36.68
CA VAL H 258 18.44 58.24 -35.78
C VAL H 258 18.76 59.33 -34.77
N TYR H 259 20.04 59.59 -34.48
CA TYR H 259 20.37 60.68 -33.58
C TYR H 259 20.96 61.90 -34.27
N GLY H 260 21.45 61.75 -35.49
CA GLY H 260 22.18 62.83 -36.14
C GLY H 260 23.65 62.86 -35.77
N GLY H 261 24.38 63.71 -36.47
CA GLY H 261 25.82 63.82 -36.28
C GLY H 261 26.61 63.33 -37.48
N ILE H 262 27.84 62.87 -37.28
CA ILE H 262 28.73 62.53 -38.38
C ILE H 262 29.45 61.22 -38.04
N PHE H 263 29.69 60.41 -39.06
CA PHE H 263 30.49 59.20 -38.90
C PHE H 263 31.60 59.25 -39.95
N LEU H 264 32.83 58.95 -39.53
CA LEU H 264 33.99 59.08 -40.39
C LEU H 264 34.83 57.83 -40.32
N TYR H 265 35.22 57.33 -41.49
CA TYR H 265 36.36 56.44 -41.62
C TYR H 265 37.17 56.97 -42.80
N PRO H 266 37.93 58.04 -42.58
CA PRO H 266 38.71 58.62 -43.68
C PRO H 266 39.93 57.78 -44.02
N ALA H 267 40.53 58.11 -45.15
CA ALA H 267 41.84 57.57 -45.47
C ALA H 267 42.84 58.07 -44.42
N ASN H 268 43.87 57.26 -44.17
CA ASN H 268 44.96 57.65 -43.28
C ASN H 268 46.23 56.99 -43.79
N GLN H 269 47.37 57.30 -43.16
CA GLN H 269 48.65 56.80 -43.66
C GLN H 269 48.68 55.28 -43.80
N LYS H 270 48.08 54.56 -42.86
CA LYS H 270 48.11 53.11 -42.92
C LYS H 270 47.01 52.52 -43.78
N SER H 271 45.92 53.26 -44.03
CA SER H 271 44.84 52.82 -44.89
C SER H 271 44.63 53.90 -45.94
N PRO H 272 45.55 54.02 -46.90
CA PRO H 272 45.53 55.20 -47.77
C PRO H 272 44.34 55.24 -48.71
N LYS H 273 43.65 54.13 -48.95
CA LYS H 273 42.43 54.15 -49.74
C LYS H 273 41.20 53.99 -48.86
N GLY H 274 41.34 54.20 -47.55
CA GLY H 274 40.30 53.92 -46.58
C GLY H 274 40.28 52.44 -46.22
N LYS H 275 39.40 52.09 -45.27
CA LYS H 275 39.20 50.69 -44.93
C LYS H 275 37.91 50.10 -45.48
N LEU H 276 36.82 50.85 -45.41
CA LEU H 276 35.51 50.29 -45.69
C LEU H 276 35.33 49.99 -47.18
N ARG H 277 34.51 48.99 -47.49
CA ARG H 277 34.35 48.49 -48.84
C ARG H 277 33.23 49.24 -49.57
N LEU H 278 33.51 49.60 -50.82
CA LEU H 278 32.59 50.44 -51.58
C LEU H 278 31.29 49.71 -51.90
N LEU H 279 31.37 48.47 -52.38
CA LEU H 279 30.21 47.81 -52.96
C LEU H 279 29.17 47.45 -51.90
N TYR H 280 29.60 46.81 -50.82
CA TYR H 280 28.68 46.17 -49.88
C TYR H 280 28.80 46.75 -48.48
N GLU H 281 29.56 47.82 -48.30
CA GLU H 281 29.52 48.57 -47.06
C GLU H 281 29.12 50.01 -47.30
N CYS H 282 29.92 50.76 -48.07
CA CYS H 282 29.76 52.21 -48.18
C CYS H 282 28.57 52.59 -49.07
N ASN H 283 28.46 51.99 -50.26
CA ASN H 283 27.33 52.34 -51.13
C ASN H 283 26.00 52.10 -50.44
N PRO H 284 25.73 50.94 -49.82
CA PRO H 284 24.42 50.75 -49.16
C PRO H 284 24.11 51.77 -48.08
N VAL H 285 25.05 52.08 -47.19
CA VAL H 285 24.76 53.05 -46.14
C VAL H 285 24.74 54.46 -46.68
N ALA H 286 25.53 54.77 -47.72
CA ALA H 286 25.44 56.08 -48.35
C ALA H 286 24.05 56.29 -48.92
N TYR H 287 23.53 55.27 -49.60
CA TYR H 287 22.16 55.33 -50.12
C TYR H 287 21.16 55.62 -49.00
N ILE H 288 21.24 54.87 -47.89
CA ILE H 288 20.31 55.06 -46.78
C ILE H 288 20.41 56.48 -46.23
N ILE H 289 21.64 56.92 -45.96
CA ILE H 289 21.79 58.25 -45.37
C ILE H 289 21.34 59.32 -46.36
N GLU H 290 21.65 59.16 -47.64
CA GLU H 290 21.15 60.16 -48.58
C GLU H 290 19.64 60.09 -48.73
N GLN H 291 19.05 58.87 -48.79
CA GLN H 291 17.60 58.77 -48.86
C GLN H 291 16.93 59.46 -47.67
N ALA H 292 17.62 59.52 -46.53
CA ALA H 292 17.09 60.17 -45.35
C ALA H 292 17.46 61.65 -45.25
N GLY H 293 18.05 62.22 -46.29
CA GLY H 293 18.36 63.63 -46.31
C GLY H 293 19.73 64.01 -45.79
N GLY H 294 20.64 63.06 -45.65
CA GLY H 294 22.00 63.34 -45.25
C GLY H 294 22.94 63.30 -46.45
N LEU H 295 24.22 63.42 -46.16
CA LEU H 295 25.27 63.39 -47.19
C LEU H 295 26.25 62.28 -46.87
N ALA H 296 26.87 61.75 -47.93
CA ALA H 296 27.88 60.70 -47.82
C ALA H 296 28.94 60.99 -48.85
N THR H 297 30.17 61.28 -48.40
CA THR H 297 31.24 61.68 -49.29
C THR H 297 32.46 60.83 -48.99
N THR H 298 33.33 60.69 -50.00
CA THR H 298 34.68 60.19 -49.77
C THR H 298 35.63 61.30 -49.33
N GLY H 299 35.19 62.54 -49.28
CA GLY H 299 36.10 63.65 -49.14
C GLY H 299 36.48 64.31 -50.45
N THR H 300 36.30 63.62 -51.60
CA THR H 300 36.51 64.26 -52.89
C THR H 300 35.29 64.22 -53.82
N GLN H 301 34.32 63.31 -53.60
CA GLN H 301 33.09 63.22 -54.38
C GLN H 301 32.06 62.43 -53.57
N PRO H 302 30.77 62.53 -53.92
CA PRO H 302 29.75 61.69 -53.25
C PRO H 302 30.07 60.22 -53.43
N VAL H 303 29.85 59.44 -52.36
CA VAL H 303 30.12 58.00 -52.44
C VAL H 303 29.34 57.36 -53.57
N LEU H 304 28.06 57.72 -53.71
CA LEU H 304 27.20 57.08 -54.70
C LEU H 304 27.63 57.37 -56.13
N ASP H 305 28.49 58.37 -56.35
CA ASP H 305 28.97 58.68 -57.69
C ASP H 305 30.30 58.01 -58.03
N VAL H 306 30.94 57.36 -57.07
CA VAL H 306 32.20 56.67 -57.33
C VAL H 306 31.95 55.52 -58.30
N LYS H 307 32.74 55.48 -59.38
CA LYS H 307 32.62 54.39 -60.33
C LYS H 307 33.47 53.23 -59.83
N PRO H 308 32.86 52.11 -59.43
CA PRO H 308 33.64 51.00 -58.88
C PRO H 308 34.58 50.43 -59.93
N GLU H 309 35.73 49.98 -59.47
CA GLU H 309 36.69 49.35 -60.36
C GLU H 309 36.99 47.90 -60.02
N ALA H 310 36.84 47.51 -58.76
CA ALA H 310 37.00 46.12 -58.34
C ALA H 310 35.97 45.82 -57.26
N ILE H 311 35.55 44.55 -57.19
CA ILE H 311 34.41 44.23 -56.32
C ILE H 311 34.74 44.47 -54.86
N HIS H 312 36.02 44.36 -54.47
CA HIS H 312 36.47 44.57 -53.11
C HIS H 312 37.21 45.89 -52.92
N GLN H 313 36.96 46.85 -53.79
CA GLN H 313 37.60 48.16 -53.67
C GLN H 313 37.25 48.80 -52.32
N ARG H 314 38.22 49.48 -51.74
CA ARG H 314 38.01 50.27 -50.53
C ARG H 314 37.80 51.74 -50.89
N VAL H 315 37.19 52.50 -49.97
CA VAL H 315 36.96 53.92 -50.23
C VAL H 315 36.87 54.65 -48.89
N PRO H 316 37.30 55.90 -48.78
CA PRO H 316 37.05 56.68 -47.56
C PRO H 316 35.55 56.95 -47.41
N LEU H 317 35.10 57.09 -46.17
CA LEU H 317 33.68 57.27 -45.89
C LEU H 317 33.47 58.33 -44.83
N ILE H 318 32.72 59.37 -45.18
CA ILE H 318 32.28 60.41 -44.27
C ILE H 318 30.80 60.64 -44.56
N LEU H 319 29.95 60.37 -43.58
CA LEU H 319 28.52 60.49 -43.84
C LEU H 319 27.82 60.97 -42.58
N GLY H 320 26.58 61.43 -42.78
CA GLY H 320 25.74 61.85 -41.68
C GLY H 320 24.91 63.08 -41.99
N SER H 321 24.64 63.85 -40.94
CA SER H 321 23.88 65.08 -41.04
C SER H 321 24.53 66.03 -42.05
N PRO H 322 23.74 66.67 -42.93
CA PRO H 322 24.34 67.41 -44.05
C PRO H 322 25.22 68.56 -43.61
N GLU H 323 24.79 69.33 -42.60
CA GLU H 323 25.62 70.43 -42.15
C GLU H 323 26.93 69.95 -41.56
N ASP H 324 26.93 68.78 -40.91
CA ASP H 324 28.18 68.27 -40.35
C ASP H 324 29.12 67.78 -41.44
N VAL H 325 28.58 67.05 -42.43
CA VAL H 325 29.43 66.60 -43.53
C VAL H 325 29.99 67.79 -44.30
N GLN H 326 29.18 68.84 -44.49
CA GLN H 326 29.64 70.03 -45.22
C GLN H 326 30.78 70.74 -44.50
N GLU H 327 30.70 70.85 -43.17
CA GLU H 327 31.81 71.45 -42.42
C GLU H 327 33.07 70.63 -42.57
N TYR H 328 32.95 69.31 -42.67
CA TYR H 328 34.11 68.47 -42.91
C TYR H 328 34.70 68.74 -44.28
N LEU H 329 33.84 68.78 -45.30
CA LEU H 329 34.31 69.04 -46.67
C LEU H 329 34.97 70.41 -46.75
N THR H 330 34.42 71.38 -46.03
CA THR H 330 35.03 72.70 -45.99
C THR H 330 36.45 72.65 -45.43
N CYS H 331 36.68 71.84 -44.38
CA CYS H 331 38.05 71.61 -43.91
C CYS H 331 38.92 70.93 -44.95
N VAL H 332 38.34 70.03 -45.75
CA VAL H 332 39.13 69.35 -46.77
C VAL H 332 39.66 70.35 -47.78
N GLN H 333 38.79 71.22 -48.32
CA GLN H 333 39.25 72.22 -49.29
C GLN H 333 40.24 73.20 -48.66
N LYS H 334 40.02 73.57 -47.40
CA LYS H 334 40.92 74.50 -46.73
C LYS H 334 42.33 73.95 -46.61
N ASN H 335 42.52 72.62 -46.61
CA ASN H 335 43.84 72.04 -46.50
C ASN H 335 44.34 71.45 -47.81
N GLN H 336 43.77 71.86 -48.95
CA GLN H 336 44.11 71.41 -50.32
C GLN H 336 43.58 70.03 -50.73
C7 96G I . 14.32 -24.86 13.43
C9 96G I . 16.83 -26.34 17.96
C3 96G I . 13.18 -22.80 12.73
C2 96G I . 15.86 -26.80 15.70
C11 96G I . 11.23 -21.53 13.17
C14 96G I . 12.06 -20.99 12.27
C13 96G I . 15.48 -26.66 18.04
C12 96G I . 14.90 -26.94 16.71
C17 96G I . 17.77 -26.00 19.03
C19 96G I . 19.04 -25.52 18.71
C20 96G I . 17.43 -26.13 20.37
C22 96G I . 19.61 -25.31 21.02
C23 96G I . 18.34 -25.80 21.37
C24 96G I . 19.95 -25.18 19.69
C26 96G I . 21.75 -24.27 21.44
N10 96G I . 13.18 -21.73 12.00
N4 96G I . 15.39 -25.65 13.16
N8 96G I . 14.18 -23.72 12.63
O15 96G I . 16.91 -27.55 13.50
O16 96G I . 14.47 -27.75 13.79
O18 96G I . 13.55 -25.16 14.33
O25 96G I . 20.56 -24.95 21.94
S1 96G I . 15.68 -27.01 13.99
S5 96G I . 11.80 -23.01 13.76
S6 96G I . 17.35 -26.37 16.32
BR21 96G I . 9.61 -20.84 13.80
P1 FDP J . 7.78 -53.34 32.65
O1P FDP J . 6.94 -53.50 33.92
O2P FDP J . 8.55 -54.58 32.26
O3P FDP J . 7.06 -52.58 31.56
O1 FDP J . 9.84 -51.45 30.67
C1 FDP J . 10.58 -52.25 31.58
C2 FDP J . 10.15 -52.05 33.10
O2 FDP J . 8.86 -52.26 33.30
C3 FDP J . 10.65 -50.64 33.61
O3 FDP J . 9.74 -49.57 33.49
C4 FDP J . 10.81 -50.91 35.10
O4 FDP J . 11.71 -49.96 35.56
C5 FDP J . 11.37 -52.36 35.08
O5 FDP J . 10.90 -52.94 33.89
C6 FDP J . 10.93 -53.14 36.38
O6 FDP J . 11.00 -54.47 36.18
P2 FDP J . 11.01 -55.52 37.40
O4P FDP J . 11.38 -54.70 38.63
O5P FDP J . 9.57 -56.05 37.43
O6P FDP J . 12.07 -56.52 36.99
C7 96G K . -31.67 -44.77 49.01
C9 96G K . -27.95 -48.63 49.72
C3 96G K . -33.38 -44.38 47.26
C2 96G K . -28.99 -46.42 50.26
C11 96G K . -33.63 -43.60 45.02
C14 96G K . -34.76 -43.96 45.61
C13 96G K . -27.44 -47.62 48.93
C12 96G K . -28.04 -46.30 49.24
C17 96G K . -27.65 -50.08 49.73
C19 96G K . -28.44 -50.94 50.50
C20 96G K . -26.61 -50.62 48.97
C22 96G K . -27.15 -52.83 49.77
C23 96G K . -26.36 -51.99 48.98
C24 96G K . -28.19 -52.30 50.52
C26 96G K . -28.11 -55.02 50.06
N10 96G K . -34.64 -44.40 46.91
N4 96G K . -31.48 -45.15 50.32
N8 96G K . -32.99 -44.76 48.55
O15 96G K . -30.19 -45.58 52.36
O16 96G K . -29.43 -43.92 50.69
O18 96G K . -30.70 -44.46 48.32
O25 96G K . -26.96 -54.19 49.83
S1 96G K . -29.99 -45.19 51.00
S5 96G K . -32.28 -43.80 46.05
S6 96G K . -29.13 -47.98 50.79
BR21 96G K . -33.37 -42.95 43.28
P1 FDP L . 2.68 -39.63 52.90
O1P FDP L . 3.35 -39.71 54.25
O2P FDP L . 3.63 -39.63 51.72
O3P FDP L . 1.54 -38.64 52.72
O1 FDP L . -0.40 -40.52 53.92
C1 FDP L . 0.54 -41.41 54.51
C2 FDP L . 1.61 -42.04 53.49
O2 FDP L . 2.04 -41.13 52.65
C3 FDP L . 0.98 -43.31 52.78
O3 FDP L . 0.35 -43.02 51.58
C4 FDP L . 2.23 -44.15 52.44
O4 FDP L . 1.80 -45.51 52.33
C5 FDP L . 3.12 -43.87 53.68
O5 FDP L . 2.69 -42.61 54.20
C6 FDP L . 4.64 -43.92 53.25
O6 FDP L . 5.45 -43.54 54.28
P2 FDP L . 7.03 -43.84 54.29
O4P FDP L . 7.39 -43.87 55.75
O5P FDP L . 7.67 -42.72 53.48
O6P FDP L . 7.14 -45.18 53.56
C7 96G M . 8.50 -19.84 8.62
C9 96G M . 4.15 -19.33 5.31
C3 96G M . 9.95 -21.71 9.24
C2 96G M . 5.70 -18.53 7.10
C11 96G M . 10.05 -23.59 10.70
C14 96G M . 11.22 -23.24 10.16
C13 96G M . 3.71 -19.69 6.57
C12 96G M . 4.61 -19.23 7.63
C17 96G M . 3.54 -19.60 4.00
C19 96G M . 4.17 -19.16 2.84
C20 96G M . 2.35 -20.32 3.90
C22 96G M . 2.43 -20.13 1.50
C23 96G M . 1.80 -20.58 2.66
C24 96G M . 3.62 -19.42 1.59
C26 96G M . 2.66 -20.15 -0.90
N10 96G M . 11.17 -22.16 9.32
N4 96G M . 8.34 -18.76 7.81
N8 96G M . 9.65 -20.60 8.47
O15 96G M . 7.41 -16.65 7.16
O16 96G M . 6.68 -17.65 9.28
O18 96G M . 7.63 -20.10 9.45
O25 96G M . 1.87 -20.39 0.27
S1 96G M . 7.03 -17.80 7.91
S5 96G M . 8.78 -22.56 10.19
S6 96G M . 5.64 -18.44 5.42
BR21 96G M . 9.69 -24.99 11.87
P1 FDP N . -22.74 -7.81 18.68
O1P FDP N . -23.79 -8.76 19.26
O2P FDP N . -23.23 -6.40 18.41
O3P FDP N . -21.39 -7.95 19.37
O1 FDP N . -19.84 -7.68 17.00
C1 FDP N . -20.89 -7.04 16.26
C2 FDP N . -22.19 -7.98 16.09
O2 FDP N . -22.58 -8.51 17.24
C3 FDP N . -21.93 -9.02 14.94
O3 FDP N . -21.43 -10.25 15.42
C4 FDP N . -23.35 -9.29 14.42
O4 FDP N . -23.23 -9.75 13.10
C5 FDP N . -23.97 -7.86 14.55
O5 FDP N . -23.22 -7.19 15.54
C6 FDP N . -25.52 -7.91 14.86
O6 FDP N . -25.99 -6.63 15.01
P2 FDP N . -27.58 -6.33 15.13
O4P FDP N . -28.00 -6.75 16.52
O5P FDP N . -27.75 -4.85 14.82
O6P FDP N . -28.06 -7.27 14.03
C7 96G O . -37.48 -40.03 44.20
C9 96G O . -39.43 -35.45 42.12
C3 96G O . -36.01 -40.48 46.05
C2 96G O . -39.02 -37.89 42.06
C11 96G O . -33.73 -40.49 46.63
C14 96G O . -34.51 -41.20 47.45
C13 96G O . -38.26 -35.75 41.48
C12 96G O . -38.01 -37.17 41.43
C17 96G O . -40.06 -34.16 42.39
C19 96G O . -41.22 -34.09 43.18
C20 96G O . -39.53 -32.98 41.87
C22 96G O . -41.30 -31.72 42.92
C23 96G O . -40.15 -31.76 42.13
C24 96G O . -41.83 -32.88 43.44
C26 96G O . -43.09 -30.66 44.15
N10 96G O . -35.83 -41.21 47.11
N4 96G O . -38.79 -39.98 43.80
N8 96G O . -37.24 -40.37 45.53
O15 96G O . -40.58 -39.91 42.16
O16 96G O . -38.25 -40.22 41.41
O18 96G O . -36.59 -39.76 43.39
O25 96G O . -41.98 -30.56 43.23
S1 96G O . -39.18 -39.59 42.28
S5 96G O . -34.61 -39.77 45.38
S6 96G O . -40.20 -36.90 42.68
BR21 96G O . -31.89 -40.23 46.74
P1 FDP P . -34.10 -28.59 11.26
O1P FDP P . -33.53 -29.86 11.86
O2P FDP P . -35.19 -28.69 10.24
O3P FDP P . -32.98 -27.62 10.90
O1 FDP P . -35.89 -29.89 13.74
C1 FDP P . -36.75 -28.94 13.15
C2 FDP P . -36.03 -27.60 12.86
O2 FDP P . -34.76 -27.78 12.50
C3 FDP P . -36.15 -26.65 14.12
O3 FDP P . -35.08 -26.78 15.02
C4 FDP P . -36.01 -25.28 13.46
O4 FDP P . -36.57 -24.34 14.35
C5 FDP P . -36.84 -25.51 12.16
O5 FDP P . -36.78 -26.89 11.89
C6 FDP P . -36.26 -24.63 10.98
O6 FDP P . -37.05 -24.80 9.93
P2 FDP P . -36.97 -23.92 8.65
O4P FDP P . -36.95 -22.49 9.20
O5P FDP P . -35.70 -24.38 7.98
O6P FDP P . -38.25 -24.24 7.91
C7 96G Q . 16.86 21.14 -0.24
C9 96G Q . 11.92 19.28 -0.80
C3 96G Q . 17.60 23.42 0.29
C2 96G Q . 14.39 18.97 -1.03
C11 96G Q . 18.07 25.54 -0.71
C14 96G Q . 18.62 25.35 0.50
C13 96G Q . 12.35 19.47 -2.09
C12 96G Q . 13.79 19.30 -2.23
C17 96G Q . 10.56 19.35 -0.24
C19 96G Q . 10.34 19.07 1.11
C20 96G Q . 9.48 19.71 -1.04
C22 96G Q . 8.00 19.49 0.84
C23 96G Q . 8.20 19.78 -0.50
C24 96G Q . 9.07 19.14 1.65
C26 96G Q . 6.69 19.87 2.80
N10 96G Q . 18.36 24.13 1.07
N4 96G Q . 16.51 19.91 0.27
N8 96G Q . 17.21 22.14 0.66
O15 96G Q . 16.12 17.48 0.09
O16 96G Q . 16.76 18.69 -1.93
O18 96G Q . 16.84 21.32 -1.45
O25 96G Q . 6.75 19.55 1.42
S1 96G Q . 16.07 18.66 -0.69
S5 96G Q . 17.17 24.17 -1.21
S6 96G Q . 13.26 18.88 0.22
BR21 96G Q . 18.19 27.03 -1.81
P1 FDP R . 2.55 4.91 -27.53
O1P FDP R . 3.92 5.48 -27.18
O2P FDP R . 2.43 3.41 -27.57
O3P FDP R . 1.94 5.60 -28.72
O1 FDP R . 3.72 5.06 -24.52
C1 FDP R . 2.56 4.24 -24.41
C2 FDP R . 1.27 4.81 -25.14
O2 FDP R . 1.54 5.39 -26.32
C3 FDP R . 0.47 5.71 -24.14
O3 FDP R . 0.84 7.06 -24.17
C4 FDP R . -0.96 5.61 -24.69
O4 FDP R . -1.82 5.84 -23.60
C5 FDP R . -0.97 4.14 -25.23
O5 FDP R . 0.37 3.72 -25.31
C6 FDP R . -1.77 4.03 -26.59
O6 FDP R . -1.83 2.73 -26.98
P2 FDP R . -2.98 2.16 -27.94
O4P FDP R . -4.23 2.89 -27.44
O5P FDP R . -2.59 2.51 -29.37
O6P FDP R . -3.00 0.67 -27.63
C7 96G S . -0.50 36.98 -57.05
C9 96G S . -2.33 31.83 -56.78
C3 96G S . 1.66 37.95 -57.58
C2 96G S . -2.51 34.27 -56.37
C11 96G S . 3.78 38.40 -56.60
C14 96G S . 3.51 39.13 -57.69
C13 96G S . -1.81 32.18 -55.54
C12 96G S . -1.91 33.61 -55.29
C17 96G S . -2.42 30.50 -57.41
C19 96G S . -3.07 30.36 -58.64
C20 96G S . -1.86 29.38 -56.81
C22 96G S . -2.61 28.01 -58.65
C23 96G S . -1.95 28.14 -57.42
C24 96G S . -3.16 29.12 -59.25
C26 96G S . -2.81 26.82 -60.74
N10 96G S . 2.28 38.88 -58.25
N4 96G S . -1.72 36.62 -57.53
N8 96G S . 0.40 37.55 -57.94
O15 96G S . -4.02 36.05 -57.39
O16 96G S . -2.90 36.52 -55.26
O18 96G S . -0.25 36.78 -55.87
O25 96G S . -2.73 26.80 -59.30
S1 96G S . -2.85 35.96 -56.57
S5 96G S . 2.51 37.33 -56.21
S6 96G S . -2.92 33.24 -57.60
BR21 96G S . 5.33 38.43 -55.55
P1 FDP T . -15.53 22.22 -29.18
O1P FDP T . -17.01 22.01 -29.03
O2P FDP T . -14.69 21.64 -28.05
O3P FDP T . -15.05 23.60 -29.59
O1 FDP T . -15.68 23.30 -32.19
C1 FDP T . -16.39 22.08 -32.27
C2 FDP T . -15.67 20.88 -31.53
O2 FDP T . -15.06 21.23 -30.39
C3 FDP T . -14.70 20.17 -32.56
O3 FDP T . -13.41 20.69 -32.47
C4 FDP T . -14.64 18.74 -31.99
O4 FDP T . -14.30 17.87 -33.02
C5 FDP T . -16.12 18.55 -31.49
O5 FDP T . -16.64 19.87 -31.30
C6 FDP T . -16.15 17.66 -30.21
O6 FDP T . -17.39 17.72 -29.67
P2 FDP T . -17.96 16.61 -28.59
O4P FDP T . -17.51 17.05 -27.21
O5P FDP T . -19.44 16.70 -28.86
O6P FDP T . -17.29 15.30 -29.04
C7 96G U . 22.95 27.84 -0.25
C9 96G U . 27.34 30.26 -2.09
C3 96G U . 22.21 25.57 -0.50
C2 96G U . 25.08 30.34 -1.06
C11 96G U . 21.01 24.15 -1.98
C14 96G U . 21.08 23.70 -0.72
C13 96G U . 26.36 30.55 -3.02
C12 96G U . 25.04 30.61 -2.42
C17 96G U . 28.79 30.12 -2.28
C19 96G U . 29.62 29.93 -1.18
C20 96G U . 29.36 30.20 -3.55
C22 96G U . 31.55 29.88 -2.60
C23 96G U . 30.73 30.09 -3.71
C24 96G U . 30.99 29.80 -1.34
C26 96G U . 33.74 30.27 -1.71
N10 96G U . 21.77 24.52 0.15
N4 96G U . 23.69 28.72 0.50
N8 96G U . 22.92 26.53 0.16
O15 96G U . 24.26 30.99 1.24
O16 96G U . 22.61 30.75 -0.56
O18 96G U . 22.36 28.24 -1.24
O25 96G U . 32.90 29.78 -2.76
S1 96G U . 23.79 30.29 0.09
S5 96G U . 21.81 25.64 -2.18
S6 96G U . 26.63 30.05 -0.53
BR21 96G U . 20.17 23.35 -3.43
P1 FDP V . 23.53 56.87 -19.85
O1P FDP V . 23.83 58.16 -19.12
O2P FDP V . 23.43 57.01 -21.36
O3P FDP V . 22.45 55.98 -19.26
O1 FDP V . 24.86 56.81 -16.74
C1 FDP V . 25.08 55.64 -17.48
C2 FDP V . 25.81 55.90 -18.84
O2 FDP V . 24.91 55.97 -19.79
C3 FDP V . 26.93 54.77 -18.99
O3 FDP V . 26.43 53.60 -19.52
C4 FDP V . 27.91 55.39 -20.00
O4 FDP V . 29.18 54.82 -19.84
C5 FDP V . 27.84 56.91 -19.62
O5 FDP V . 26.60 57.10 -18.89
C6 FDP V . 28.04 57.76 -20.96
O6 FDP V . 27.96 59.08 -20.75
P2 FDP V . 28.56 60.16 -21.81
O4P FDP V . 28.91 61.37 -20.96
O5P FDP V . 27.48 60.42 -22.85
O6P FDP V . 29.77 59.41 -22.34
C7 96G W . 5.88 43.27 -57.25
C9 96G W . 8.42 47.80 -55.56
C3 96G W . 3.61 42.47 -56.92
C2 96G W . 8.41 45.47 -56.56
C11 96G W . 2.25 41.26 -55.40
C14 96G W . 1.73 41.39 -56.61
C13 96G W . 8.66 46.81 -54.60
C12 96G W . 8.67 45.41 -55.20
C17 96G W . 8.32 49.25 -55.40
C19 96G W . 7.77 50.02 -56.42
C20 96G W . 8.78 49.90 -54.24
C22 96G W . 8.11 52.03 -55.16
C23 96G W . 8.67 51.28 -54.12
C24 96G W . 7.67 51.40 -56.31
C26 96G W . 6.96 53.96 -56.00
N10 96G W . 2.50 42.09 -57.50
N4 96G W . 6.71 44.01 -58.06
N8 96G W . 4.56 43.18 -57.63
O15 96G W . 8.80 44.68 -58.95
O16 96G W . 8.90 43.02 -57.15
O18 96G W . 6.34 42.73 -56.25
O25 96G W . 7.96 53.39 -55.15
S1 96G W . 8.29 44.19 -57.72
S5 96G W . 3.78 42.01 -55.27
S6 96G W . 8.19 47.08 -57.10
BR21 96G W . 1.52 40.39 -53.91
P1 FDP X . 35.37 44.77 -38.55
O1P FDP X . 35.22 44.74 -37.04
O2P FDP X . 36.79 44.96 -39.05
O3P FDP X . 34.51 43.71 -39.22
O1 FDP X . 33.44 45.48 -41.41
C1 FDP X . 34.58 46.32 -41.19
C2 FDP X . 34.61 47.05 -39.77
O2 FDP X . 34.62 46.17 -38.75
C3 FDP X . 33.39 48.07 -39.64
O3 FDP X . 32.24 47.48 -39.08
C4 FDP X . 33.94 49.06 -38.58
O4 FDP X . 33.32 50.29 -38.76
C5 FDP X . 35.46 49.08 -38.94
O5 FDP X . 35.73 47.94 -39.72
C6 FDP X . 36.31 49.19 -37.64
O6 FDP X . 37.61 49.37 -37.99
P2 FDP X . 38.72 49.87 -36.96
O4P FDP X . 38.02 51.09 -36.32
O5P FDP X . 38.95 48.70 -36.01
O6P FDP X . 39.92 50.27 -37.81
#